data_6HPI
#
_entry.id   6HPI
#
_entity_poly.entity_id   1
_entity_poly.type   'polypeptide(L)'
_entity_poly.pdbx_seq_one_letter_code
;MEKALKIDTPQQGSIQDINHRVWVLQDQTLIAVPRKDRMSPVTIALISCRHVETLEKDRGNPIYLGLNGLNLCLMCAKVG
DQPTLQLKEKDIMDLYNQPEPVKSFLFYHSQSGRNSTFESVAFPGWFIAVSSEGGCPLILTQELGKANTTDFGLTMLF
;
_entity_poly.pdbx_strand_id   A
#
# COMPACT_ATOMS: atom_id res chain seq x y z
N MET A 1 0.59 -22.81 -4.88
CA MET A 1 1.07 -22.70 -3.50
C MET A 1 2.42 -21.99 -3.49
N GLU A 2 2.80 -21.37 -2.37
CA GLU A 2 4.07 -20.67 -2.26
C GLU A 2 5.26 -21.64 -2.41
N LYS A 3 6.47 -21.09 -2.61
CA LYS A 3 7.68 -21.90 -2.74
C LYS A 3 8.14 -22.32 -1.32
N ALA A 4 9.03 -21.58 -0.66
CA ALA A 4 9.53 -21.88 0.68
C ALA A 4 9.96 -20.58 1.37
N LEU A 5 9.03 -19.99 2.13
CA LEU A 5 9.15 -18.76 2.89
C LEU A 5 8.60 -18.94 4.30
N LYS A 6 8.72 -17.94 5.18
CA LYS A 6 8.26 -17.97 6.57
C LYS A 6 7.40 -16.75 6.95
N ILE A 7 6.92 -16.00 5.96
CA ILE A 7 6.12 -14.80 6.12
C ILE A 7 4.86 -14.86 5.22
N ASP A 8 4.39 -16.08 4.91
CA ASP A 8 3.21 -16.29 4.07
C ASP A 8 1.94 -15.80 4.75
N THR A 9 1.84 -16.02 6.07
CA THR A 9 0.68 -15.60 6.84
C THR A 9 0.46 -14.10 6.71
N PRO A 10 -0.79 -13.63 6.61
CA PRO A 10 -1.07 -12.21 6.48
C PRO A 10 -0.62 -11.47 7.73
N GLN A 11 -0.01 -10.30 7.54
CA GLN A 11 0.44 -9.48 8.66
C GLN A 11 -0.36 -8.21 8.60
N GLN A 12 -1.27 -8.01 9.57
CA GLN A 12 -2.14 -6.85 9.65
C GLN A 12 -1.73 -5.99 10.87
N GLY A 13 -1.63 -4.68 10.69
CA GLY A 13 -1.25 -3.73 11.73
C GLY A 13 -1.57 -2.32 11.28
N SER A 14 -0.63 -1.37 11.27
CA SER A 14 -0.94 0.00 10.87
C SER A 14 0.28 0.79 10.40
N ILE A 15 0.17 2.13 10.30
CA ILE A 15 1.25 3.04 9.89
C ILE A 15 1.11 4.35 10.68
N GLN A 16 -0.03 4.59 11.34
CA GLN A 16 -0.26 5.78 12.11
C GLN A 16 0.83 6.02 13.15
N ASP A 17 1.42 4.95 13.69
CA ASP A 17 2.47 4.98 14.71
C ASP A 17 3.67 5.85 14.29
N ILE A 18 3.83 6.13 12.99
CA ILE A 18 4.91 6.95 12.45
C ILE A 18 4.88 8.39 12.92
N ASN A 19 3.75 9.07 12.78
CA ASN A 19 3.66 10.47 13.19
C ASN A 19 2.25 10.77 13.67
N HIS A 20 1.56 9.79 14.25
CA HIS A 20 0.18 9.93 14.76
C HIS A 20 -0.81 10.32 13.63
N ARG A 21 -0.51 9.99 12.37
CA ARG A 21 -1.36 10.29 11.21
C ARG A 21 -2.38 9.16 11.06
N VAL A 22 -3.61 9.31 11.55
CA VAL A 22 -4.62 8.25 11.40
C VAL A 22 -5.12 8.32 9.95
N TRP A 23 -5.45 7.17 9.35
CA TRP A 23 -5.94 7.06 7.98
C TRP A 23 -7.44 6.77 8.02
N VAL A 24 -8.25 7.47 7.23
CA VAL A 24 -9.69 7.23 7.21
C VAL A 24 -10.18 7.25 5.76
N LEU A 25 -10.92 6.22 5.34
CA LEU A 25 -11.50 6.19 4.01
C LEU A 25 -12.64 7.20 4.15
N GLN A 26 -12.55 8.33 3.47
CA GLN A 26 -13.50 9.43 3.48
C GLN A 26 -13.82 9.77 2.04
N ASP A 27 -15.10 9.67 1.69
CA ASP A 27 -15.65 9.97 0.38
C ASP A 27 -14.77 9.35 -0.73
N GLN A 28 -14.63 8.02 -0.63
CA GLN A 28 -13.87 7.16 -1.53
C GLN A 28 -12.39 7.52 -1.69
N THR A 29 -11.83 8.27 -0.74
CA THR A 29 -10.44 8.69 -0.75
C THR A 29 -9.82 8.46 0.63
N LEU A 30 -8.56 8.06 0.73
CA LEU A 30 -7.93 7.85 2.02
C LEU A 30 -7.29 9.16 2.38
N ILE A 31 -7.64 9.68 3.54
CA ILE A 31 -7.13 10.95 4.03
C ILE A 31 -6.65 10.80 5.45
N ALA A 32 -5.50 11.39 5.71
CA ALA A 32 -4.85 11.40 7.00
C ALA A 32 -5.60 12.42 7.86
N VAL A 33 -5.89 12.10 9.11
CA VAL A 33 -6.58 12.98 10.05
C VAL A 33 -5.68 13.12 11.30
N PRO A 34 -4.51 13.79 11.21
CA PRO A 34 -3.60 13.96 12.35
C PRO A 34 -4.11 14.82 13.52
N ARG A 35 -5.28 15.46 13.38
CA ARG A 35 -5.89 16.30 14.41
C ARG A 35 -7.38 16.44 14.13
N LYS A 36 -8.19 15.43 14.47
CA LYS A 36 -9.62 15.53 14.23
C LYS A 36 -10.37 14.69 15.24
N ASP A 37 -11.45 15.26 15.77
CA ASP A 37 -12.32 14.61 16.75
C ASP A 37 -13.04 13.44 16.06
N ARG A 38 -13.37 13.60 14.78
CA ARG A 38 -14.07 12.60 13.98
C ARG A 38 -13.12 11.58 13.35
N MET A 39 -11.99 11.28 14.00
CA MET A 39 -11.04 10.29 13.50
C MET A 39 -11.62 8.89 13.69
N SER A 40 -11.01 7.88 13.06
CA SER A 40 -11.41 6.49 13.15
C SER A 40 -10.17 5.65 12.89
N PRO A 41 -9.73 4.77 13.80
CA PRO A 41 -8.57 3.93 13.55
C PRO A 41 -8.95 2.85 12.54
N VAL A 42 -7.96 2.41 11.78
CA VAL A 42 -8.11 1.38 10.78
C VAL A 42 -6.96 0.39 10.96
N THR A 43 -6.85 -0.57 10.06
CA THR A 43 -5.82 -1.60 10.09
C THR A 43 -5.30 -1.74 8.66
N ILE A 44 -4.06 -2.20 8.49
CA ILE A 44 -3.37 -2.39 7.22
C ILE A 44 -2.86 -3.81 7.17
N ALA A 45 -3.42 -4.63 6.29
CA ALA A 45 -3.07 -6.02 6.05
C ALA A 45 -2.08 -6.06 4.90
N LEU A 46 -0.97 -6.76 5.06
CA LEU A 46 0.11 -6.93 4.10
C LEU A 46 0.38 -8.41 3.87
N ILE A 47 0.45 -8.84 2.61
CA ILE A 47 0.67 -10.24 2.21
C ILE A 47 1.44 -10.29 0.90
N SER A 48 2.28 -11.32 0.78
CA SER A 48 3.07 -11.63 -0.38
C SER A 48 2.17 -12.18 -1.49
N CYS A 49 2.60 -12.07 -2.75
CA CYS A 49 1.84 -12.57 -3.89
C CYS A 49 2.34 -13.98 -4.15
N ARG A 50 1.54 -15.01 -3.81
CA ARG A 50 1.98 -16.38 -4.00
C ARG A 50 2.11 -16.80 -5.46
N HIS A 51 1.56 -16.04 -6.40
CA HIS A 51 1.64 -16.37 -7.82
C HIS A 51 2.75 -15.57 -8.52
N VAL A 52 3.82 -15.23 -7.79
CA VAL A 52 4.98 -14.47 -8.28
C VAL A 52 5.76 -15.19 -9.38
N GLU A 53 5.40 -16.44 -9.68
CA GLU A 53 6.06 -17.25 -10.70
C GLU A 53 6.06 -16.57 -12.08
N THR A 54 4.99 -15.84 -12.42
CA THR A 54 4.84 -15.13 -13.71
C THR A 54 5.20 -13.64 -13.59
N LEU A 55 5.60 -13.16 -12.42
CA LEU A 55 5.93 -11.77 -12.20
C LEU A 55 7.41 -11.56 -12.45
N GLU A 56 7.77 -10.29 -12.45
CA GLU A 56 9.11 -9.82 -12.63
C GLU A 56 9.87 -10.08 -11.34
N LYS A 57 11.20 -10.16 -11.44
CA LYS A 57 12.07 -10.41 -10.29
C LYS A 57 13.19 -9.36 -10.27
N ASP A 58 13.75 -9.01 -11.43
CA ASP A 58 14.85 -8.04 -11.58
C ASP A 58 14.57 -6.71 -10.87
N ARG A 59 13.44 -6.08 -11.17
CA ARG A 59 13.03 -4.80 -10.59
C ARG A 59 12.88 -4.88 -9.07
N GLY A 60 12.50 -6.04 -8.57
CA GLY A 60 12.29 -6.33 -7.17
C GLY A 60 11.00 -7.13 -7.00
N ASN A 61 10.81 -7.64 -5.79
CA ASN A 61 9.71 -8.48 -5.34
C ASN A 61 8.34 -7.79 -5.24
N PRO A 62 7.34 -8.13 -6.09
CA PRO A 62 6.00 -7.53 -6.04
C PRO A 62 5.16 -8.22 -4.95
N ILE A 63 4.48 -7.44 -4.10
CA ILE A 63 3.61 -7.94 -3.01
C ILE A 63 2.35 -7.07 -3.00
N TYR A 64 1.37 -7.34 -2.11
CA TYR A 64 0.13 -6.56 -2.05
C TYR A 64 -0.26 -6.20 -0.62
N LEU A 65 -1.01 -5.11 -0.44
CA LEU A 65 -1.46 -4.60 0.84
C LEU A 65 -2.84 -3.97 0.71
N GLY A 66 -3.56 -3.89 1.82
CA GLY A 66 -4.89 -3.33 1.84
C GLY A 66 -5.26 -2.89 3.25
N LEU A 67 -6.43 -2.28 3.35
CA LEU A 67 -6.98 -1.80 4.62
C LEU A 67 -7.89 -2.92 5.11
N ASN A 68 -7.90 -3.18 6.42
CA ASN A 68 -8.74 -4.24 6.97
C ASN A 68 -9.87 -3.56 7.72
N GLY A 69 -11.11 -3.80 7.29
CA GLY A 69 -12.27 -3.21 7.89
C GLY A 69 -13.46 -3.23 6.95
N LEU A 70 -13.48 -2.35 5.95
CA LEU A 70 -14.58 -2.22 4.99
C LEU A 70 -14.35 -2.92 3.65
N ASN A 71 -13.42 -3.88 3.54
CA ASN A 71 -13.10 -4.62 2.30
C ASN A 71 -12.61 -3.64 1.23
N LEU A 72 -11.38 -3.14 1.42
CA LEU A 72 -10.76 -2.16 0.56
C LEU A 72 -9.25 -2.39 0.50
N CYS A 73 -8.63 -2.34 -0.68
CA CYS A 73 -7.19 -2.53 -0.82
C CYS A 73 -6.64 -1.63 -1.93
N LEU A 74 -5.31 -1.53 -2.05
CA LEU A 74 -4.67 -0.68 -3.06
C LEU A 74 -5.20 -1.02 -4.45
N MET A 75 -5.26 -0.01 -5.31
CA MET A 75 -5.78 -0.17 -6.66
C MET A 75 -5.26 0.98 -7.50
N CYS A 76 -4.53 0.73 -8.57
CA CYS A 76 -4.06 1.83 -9.40
C CYS A 76 -5.20 2.22 -10.35
N ALA A 77 -5.40 3.52 -10.53
CA ALA A 77 -6.41 4.13 -11.39
C ALA A 77 -5.71 5.27 -12.14
N LYS A 78 -6.43 6.03 -12.96
CA LYS A 78 -5.86 7.14 -13.70
C LYS A 78 -6.90 8.22 -13.75
N VAL A 79 -6.49 9.47 -13.60
CA VAL A 79 -7.42 10.59 -13.65
C VAL A 79 -7.56 11.07 -15.11
N GLY A 80 -7.32 10.20 -16.09
CA GLY A 80 -7.37 10.54 -17.52
C GLY A 80 -6.21 11.44 -17.93
N ASP A 81 -5.28 11.67 -16.99
CA ASP A 81 -4.10 12.51 -17.15
C ASP A 81 -2.86 11.78 -16.67
N GLN A 82 -2.87 11.36 -15.41
CA GLN A 82 -1.77 10.66 -14.76
C GLN A 82 -2.31 9.60 -13.78
N PRO A 83 -1.52 8.56 -13.44
CA PRO A 83 -1.92 7.49 -12.52
C PRO A 83 -2.15 7.99 -11.08
N THR A 84 -3.05 7.31 -10.37
CA THR A 84 -3.46 7.60 -8.99
C THR A 84 -3.86 6.32 -8.27
N LEU A 85 -4.02 6.40 -6.94
CA LEU A 85 -4.43 5.30 -6.08
C LEU A 85 -5.92 5.39 -5.83
N GLN A 86 -6.57 4.25 -5.64
CA GLN A 86 -8.00 4.14 -5.40
C GLN A 86 -8.21 3.00 -4.41
N LEU A 87 -7.97 3.20 -3.12
CA LEU A 87 -8.14 2.14 -2.11
C LEU A 87 -9.59 2.27 -1.64
N LYS A 88 -10.51 1.51 -2.22
CA LYS A 88 -11.94 1.60 -1.86
C LYS A 88 -12.66 0.27 -1.95
N GLU A 89 -12.48 -0.42 -3.07
CA GLU A 89 -13.10 -1.68 -3.39
C GLU A 89 -12.02 -2.59 -3.97
N LYS A 90 -11.56 -3.57 -3.20
CA LYS A 90 -10.57 -4.55 -3.62
C LYS A 90 -10.39 -5.48 -2.44
N ASP A 91 -9.96 -6.71 -2.72
CA ASP A 91 -9.71 -7.73 -1.72
C ASP A 91 -8.31 -8.27 -1.94
N ILE A 92 -7.58 -8.51 -0.87
CA ILE A 92 -6.20 -9.00 -0.86
C ILE A 92 -6.13 -10.52 -0.73
N MET A 93 -6.96 -11.13 0.12
CA MET A 93 -6.95 -12.59 0.31
C MET A 93 -7.43 -13.27 -0.97
N ASP A 94 -8.19 -12.57 -1.83
CA ASP A 94 -8.68 -13.16 -3.08
C ASP A 94 -7.51 -13.32 -4.05
N LEU A 95 -6.74 -12.26 -4.31
CA LEU A 95 -5.59 -12.32 -5.25
C LEU A 95 -4.53 -13.32 -4.80
N TYR A 96 -4.49 -13.56 -3.50
CA TYR A 96 -3.58 -14.52 -2.91
C TYR A 96 -4.16 -15.92 -3.21
N ASN A 97 -5.45 -16.15 -2.91
CA ASN A 97 -6.13 -17.42 -3.11
C ASN A 97 -6.15 -17.85 -4.57
N GLN A 98 -6.48 -16.96 -5.48
CA GLN A 98 -6.53 -17.29 -6.91
C GLN A 98 -5.27 -16.80 -7.62
N PRO A 99 -4.82 -17.49 -8.68
CA PRO A 99 -3.63 -17.09 -9.44
C PRO A 99 -3.99 -15.89 -10.34
N GLU A 100 -4.26 -14.73 -9.75
CA GLU A 100 -4.60 -13.48 -10.41
C GLU A 100 -3.68 -12.37 -9.88
N PRO A 101 -2.37 -12.41 -10.19
CA PRO A 101 -1.44 -11.40 -9.75
C PRO A 101 -1.64 -10.19 -10.68
N VAL A 102 -2.63 -9.37 -10.37
CA VAL A 102 -2.98 -8.21 -11.16
C VAL A 102 -1.99 -7.11 -10.83
N LYS A 103 -1.03 -6.88 -11.73
CA LYS A 103 0.00 -5.86 -11.56
C LYS A 103 -0.59 -4.50 -11.24
N SER A 104 -1.80 -4.19 -11.72
CA SER A 104 -2.46 -2.91 -11.45
C SER A 104 -2.72 -2.71 -9.96
N PHE A 105 -2.63 -3.76 -9.14
CA PHE A 105 -2.84 -3.70 -7.70
C PHE A 105 -1.55 -4.10 -6.97
N LEU A 106 -0.56 -4.74 -7.62
CA LEU A 106 0.68 -5.16 -6.97
C LEU A 106 1.69 -4.01 -6.91
N PHE A 107 2.58 -4.04 -5.92
CA PHE A 107 3.63 -3.02 -5.71
C PHE A 107 4.94 -3.69 -5.30
N TYR A 108 6.05 -3.36 -5.98
CA TYR A 108 7.39 -3.85 -5.71
C TYR A 108 7.79 -3.22 -4.37
N HIS A 109 8.17 -4.03 -3.39
CA HIS A 109 8.60 -3.54 -2.09
C HIS A 109 10.11 -3.43 -2.07
N SER A 110 10.64 -2.33 -1.54
CA SER A 110 12.05 -2.04 -1.44
C SER A 110 12.37 -1.48 -0.05
N GLN A 111 13.63 -1.13 0.18
CA GLN A 111 14.11 -0.57 1.42
C GLN A 111 15.41 0.17 1.19
N SER A 112 15.61 1.24 1.95
CA SER A 112 16.82 2.05 1.83
C SER A 112 17.20 2.69 3.18
N GLY A 113 17.79 1.92 4.11
CA GLY A 113 18.22 2.41 5.40
C GLY A 113 17.07 2.57 6.38
N ARG A 114 16.61 1.47 6.98
CA ARG A 114 15.49 1.43 7.95
C ARG A 114 14.20 2.00 7.37
N ASN A 115 14.14 2.20 6.06
CA ASN A 115 12.98 2.73 5.37
C ASN A 115 12.56 1.71 4.34
N SER A 116 11.27 1.68 4.01
CA SER A 116 10.67 0.82 3.02
C SER A 116 9.94 1.72 2.02
N THR A 117 9.90 1.28 0.78
CA THR A 117 9.24 1.97 -0.33
C THR A 117 8.41 0.94 -1.08
N PHE A 118 7.38 1.40 -1.80
CA PHE A 118 6.47 0.57 -2.57
C PHE A 118 6.20 1.27 -3.89
N GLU A 119 6.59 0.64 -5.00
CA GLU A 119 6.42 1.15 -6.36
C GLU A 119 5.42 0.30 -7.13
N SER A 120 4.49 0.96 -7.80
CA SER A 120 3.44 0.38 -8.63
C SER A 120 4.04 -0.59 -9.67
N VAL A 121 3.64 -1.87 -9.71
CA VAL A 121 4.19 -2.83 -10.67
C VAL A 121 3.67 -2.57 -12.07
N ALA A 122 2.36 -2.35 -12.25
CA ALA A 122 1.85 -2.08 -13.58
C ALA A 122 2.42 -0.78 -14.15
N PHE A 123 2.73 0.19 -13.29
CA PHE A 123 3.25 1.48 -13.69
C PHE A 123 4.44 1.87 -12.82
N PRO A 124 5.64 1.36 -13.12
CA PRO A 124 6.84 1.72 -12.37
C PRO A 124 7.10 3.21 -12.59
N GLY A 125 7.88 3.81 -11.68
CA GLY A 125 8.23 5.22 -11.74
C GLY A 125 7.55 6.03 -10.63
N TRP A 126 6.49 5.49 -10.04
CA TRP A 126 5.70 6.09 -8.97
C TRP A 126 5.75 5.24 -7.71
N PHE A 127 5.81 5.90 -6.56
CA PHE A 127 5.84 5.39 -5.21
C PHE A 127 4.63 5.86 -4.39
N ILE A 128 4.10 4.97 -3.53
CA ILE A 128 2.96 5.27 -2.64
C ILE A 128 3.45 6.28 -1.59
N ALA A 129 2.69 7.34 -1.31
CA ALA A 129 3.07 8.31 -0.29
C ALA A 129 2.22 8.12 0.97
N VAL A 130 2.81 7.71 2.10
CA VAL A 130 2.09 7.48 3.35
C VAL A 130 1.46 8.74 3.94
N SER A 131 1.89 9.94 3.54
CA SER A 131 1.38 11.25 3.98
C SER A 131 1.51 11.55 5.49
N SER A 132 2.75 11.62 5.95
CA SER A 132 3.11 11.90 7.32
C SER A 132 3.63 13.32 7.54
N GLU A 133 3.58 14.17 6.50
CA GLU A 133 3.98 15.57 6.54
C GLU A 133 2.82 16.38 7.16
N GLY A 134 2.08 17.16 6.36
CA GLY A 134 0.98 17.97 6.86
C GLY A 134 -0.24 17.14 7.25
N GLY A 135 -0.71 16.29 6.33
CA GLY A 135 -1.87 15.43 6.49
C GLY A 135 -2.58 15.41 5.14
N CYS A 136 -1.88 14.90 4.13
CA CYS A 136 -2.39 14.82 2.78
C CYS A 136 -3.05 13.45 2.52
N PRO A 137 -3.81 13.28 1.43
CA PRO A 137 -4.46 12.02 1.09
C PRO A 137 -3.44 11.01 0.57
N LEU A 138 -3.76 9.73 0.65
CA LEU A 138 -2.89 8.67 0.18
C LEU A 138 -2.98 8.62 -1.33
N ILE A 139 -1.87 9.00 -1.95
CA ILE A 139 -1.69 9.10 -3.38
C ILE A 139 -0.36 8.45 -3.80
N LEU A 140 -0.10 8.47 -5.10
CA LEU A 140 1.14 7.97 -5.68
C LEU A 140 1.88 9.21 -6.17
N THR A 141 3.19 9.24 -6.09
CA THR A 141 4.03 10.35 -6.55
C THR A 141 5.18 9.71 -7.31
N GLN A 142 5.76 10.41 -8.27
CA GLN A 142 6.87 9.86 -9.04
C GLN A 142 8.14 10.56 -8.60
N GLU A 143 7.98 11.82 -8.24
CA GLU A 143 9.02 12.70 -7.80
C GLU A 143 8.30 13.68 -6.91
N LEU A 144 8.96 13.96 -5.80
CA LEU A 144 8.54 14.89 -4.78
C LEU A 144 9.72 15.76 -4.44
N GLY A 145 9.38 16.94 -3.94
CA GLY A 145 10.31 17.97 -3.54
C GLY A 145 10.16 18.10 -2.04
N LYS A 146 10.54 17.02 -1.36
CA LYS A 146 10.49 16.83 0.10
C LYS A 146 9.19 17.38 0.68
N ALA A 147 8.09 17.07 -0.01
CA ALA A 147 6.77 17.52 0.37
C ALA A 147 5.85 16.35 0.73
N ASN A 148 6.25 15.11 0.45
CA ASN A 148 5.46 13.94 0.77
C ASN A 148 6.36 12.93 1.46
N THR A 149 5.81 11.79 1.83
CA THR A 149 6.53 10.74 2.56
C THR A 149 6.48 9.42 1.80
N THR A 150 7.50 9.11 1.01
CA THR A 150 7.55 7.85 0.26
C THR A 150 8.41 6.84 1.02
N ASP A 151 9.45 7.31 1.74
CA ASP A 151 10.40 6.51 2.49
C ASP A 151 9.97 6.32 3.95
N PHE A 152 9.32 5.19 4.28
CA PHE A 152 8.90 4.94 5.67
C PHE A 152 8.67 3.46 5.95
N GLY A 153 8.37 3.09 7.20
CA GLY A 153 8.15 1.70 7.59
C GLY A 153 6.65 1.43 7.67
N LEU A 154 6.31 0.29 8.27
CA LEU A 154 4.95 -0.16 8.49
C LEU A 154 4.94 -0.73 9.91
N THR A 155 3.75 -0.87 10.49
CA THR A 155 3.55 -1.38 11.85
C THR A 155 2.68 -2.63 11.74
N MET A 156 2.84 -3.41 10.66
CA MET A 156 2.08 -4.63 10.43
C MET A 156 2.45 -5.61 11.55
N LEU A 157 1.49 -6.36 12.07
CA LEU A 157 1.67 -7.33 13.15
C LEU A 157 1.18 -8.67 12.61
N PHE A 158 1.49 -9.78 13.28
CA PHE A 158 1.05 -11.10 12.88
C PHE A 158 0.62 -11.84 14.12
N MET A 1 12.24 -11.72 -5.10
CA MET A 1 12.77 -12.18 -3.81
C MET A 1 11.66 -12.15 -2.76
N GLU A 2 11.87 -12.78 -1.60
CA GLU A 2 10.92 -12.84 -0.48
C GLU A 2 11.65 -12.50 0.82
N LYS A 3 10.90 -12.23 1.89
CA LYS A 3 11.42 -11.90 3.22
C LYS A 3 11.96 -13.11 4.00
N ALA A 4 12.47 -14.14 3.31
CA ALA A 4 13.01 -15.38 3.87
C ALA A 4 12.05 -16.08 4.84
N LEU A 5 10.77 -16.09 4.46
CA LEU A 5 9.68 -16.71 5.19
C LEU A 5 9.30 -18.01 4.46
N LYS A 6 8.18 -18.62 4.87
CA LYS A 6 7.65 -19.88 4.30
C LYS A 6 6.16 -20.04 4.55
N ILE A 7 5.75 -19.56 5.71
CA ILE A 7 4.42 -19.54 6.27
C ILE A 7 3.42 -18.75 5.42
N ASP A 8 3.85 -17.66 4.80
CA ASP A 8 3.08 -16.75 3.93
C ASP A 8 1.72 -16.33 4.54
N THR A 9 1.60 -16.32 5.88
CA THR A 9 0.36 -15.95 6.54
C THR A 9 0.09 -14.46 6.34
N PRO A 10 -1.18 -14.05 6.35
CA PRO A 10 -1.53 -12.64 6.17
C PRO A 10 -1.13 -11.89 7.43
N GLN A 11 -0.41 -10.78 7.32
CA GLN A 11 0.02 -9.99 8.47
C GLN A 11 -0.75 -8.69 8.45
N GLN A 12 -1.61 -8.47 9.46
CA GLN A 12 -2.43 -7.27 9.56
C GLN A 12 -1.98 -6.41 10.75
N GLY A 13 -1.87 -5.09 10.57
CA GLY A 13 -1.48 -4.17 11.63
C GLY A 13 -1.73 -2.75 11.19
N SER A 14 -0.75 -1.84 11.22
CA SER A 14 -0.96 -0.46 10.83
C SER A 14 0.32 0.25 10.41
N ILE A 15 0.22 1.55 10.16
CA ILE A 15 1.32 2.44 9.77
C ILE A 15 1.11 3.80 10.45
N GLN A 16 -0.11 4.11 10.91
CA GLN A 16 -0.44 5.37 11.54
C GLN A 16 0.55 5.80 12.62
N ASP A 17 1.02 4.84 13.41
CA ASP A 17 1.98 5.01 14.52
C ASP A 17 3.26 5.77 14.15
N ILE A 18 3.74 5.61 12.91
CA ILE A 18 4.93 6.23 12.34
C ILE A 18 5.04 7.69 12.75
N ASN A 19 3.99 8.47 12.46
CA ASN A 19 3.95 9.89 12.79
C ASN A 19 2.55 10.27 13.28
N HIS A 20 1.81 9.30 13.84
CA HIS A 20 0.45 9.41 14.37
C HIS A 20 -0.58 9.83 13.30
N ARG A 21 -0.29 9.56 12.03
CA ARG A 21 -1.10 9.89 10.84
C ARG A 21 -2.15 8.79 10.69
N VAL A 22 -3.30 8.89 11.37
CA VAL A 22 -4.33 7.87 11.26
C VAL A 22 -4.95 7.96 9.86
N TRP A 23 -5.18 6.82 9.22
CA TRP A 23 -5.74 6.73 7.88
C TRP A 23 -7.25 6.50 7.93
N VAL A 24 -8.04 7.21 7.11
CA VAL A 24 -9.49 7.03 7.07
C VAL A 24 -9.92 7.15 5.61
N LEU A 25 -10.73 6.20 5.14
CA LEU A 25 -11.25 6.19 3.77
C LEU A 25 -12.37 7.26 3.75
N GLN A 26 -12.09 8.49 3.35
CA GLN A 26 -13.06 9.57 3.29
C GLN A 26 -13.41 9.85 1.83
N ASP A 27 -14.68 9.70 1.47
CA ASP A 27 -15.20 9.91 0.11
C ASP A 27 -14.27 9.31 -0.95
N GLN A 28 -14.16 7.98 -0.91
CA GLN A 28 -13.35 7.16 -1.82
C GLN A 28 -11.85 7.52 -1.83
N THR A 29 -11.36 8.38 -0.94
CA THR A 29 -9.97 8.83 -0.88
C THR A 29 -9.40 8.57 0.51
N LEU A 30 -8.20 8.01 0.60
CA LEU A 30 -7.61 7.77 1.91
C LEU A 30 -6.97 9.05 2.37
N ILE A 31 -7.37 9.58 3.52
CA ILE A 31 -6.82 10.83 4.03
C ILE A 31 -6.30 10.62 5.44
N ALA A 32 -5.20 11.30 5.77
CA ALA A 32 -4.57 11.23 7.08
C ALA A 32 -5.27 12.23 8.00
N VAL A 33 -5.62 11.80 9.21
CA VAL A 33 -6.30 12.56 10.25
C VAL A 33 -5.56 12.48 11.59
N PRO A 34 -4.32 13.00 11.69
CA PRO A 34 -3.59 12.97 12.95
C PRO A 34 -4.36 13.69 14.07
N ARG A 35 -4.72 14.96 13.92
CA ARG A 35 -5.46 15.73 14.92
C ARG A 35 -6.81 16.14 14.34
N LYS A 36 -7.91 15.56 14.81
CA LYS A 36 -9.27 15.84 14.35
C LYS A 36 -10.27 15.21 15.32
N ASP A 37 -11.52 15.06 14.88
CA ASP A 37 -12.63 14.47 15.63
C ASP A 37 -13.14 13.32 14.77
N ARG A 38 -13.41 13.58 13.48
CA ARG A 38 -13.89 12.63 12.46
C ARG A 38 -12.88 11.52 12.09
N MET A 39 -11.90 11.23 12.94
CA MET A 39 -10.92 10.19 12.68
C MET A 39 -11.58 8.81 12.88
N SER A 40 -10.82 7.74 12.71
CA SER A 40 -11.24 6.37 12.89
C SER A 40 -9.99 5.50 12.72
N PRO A 41 -9.66 4.59 13.65
CA PRO A 41 -8.50 3.75 13.49
C PRO A 41 -8.85 2.68 12.44
N VAL A 42 -7.88 2.26 11.64
CA VAL A 42 -8.07 1.25 10.61
C VAL A 42 -6.91 0.28 10.75
N THR A 43 -7.00 -0.83 10.02
CA THR A 43 -5.97 -1.86 10.03
C THR A 43 -5.43 -1.98 8.61
N ILE A 44 -4.27 -2.61 8.43
CA ILE A 44 -3.56 -2.81 7.18
C ILE A 44 -3.18 -4.28 7.06
N ALA A 45 -3.80 -5.06 6.19
CA ALA A 45 -3.53 -6.47 5.97
C ALA A 45 -2.64 -6.61 4.75
N LEU A 46 -1.50 -7.27 4.91
CA LEU A 46 -0.48 -7.52 3.89
C LEU A 46 -0.37 -9.02 3.67
N ILE A 47 -0.26 -9.42 2.41
CA ILE A 47 -0.11 -10.80 1.96
C ILE A 47 0.85 -10.82 0.78
N SER A 48 1.61 -11.90 0.69
CA SER A 48 2.56 -12.10 -0.36
C SER A 48 1.84 -12.69 -1.57
N CYS A 49 2.28 -12.31 -2.77
CA CYS A 49 1.68 -12.79 -3.99
C CYS A 49 1.94 -14.29 -4.15
N ARG A 50 0.93 -15.14 -3.98
CA ARG A 50 1.11 -16.60 -4.16
C ARG A 50 1.06 -16.99 -5.65
N HIS A 51 1.03 -16.03 -6.56
CA HIS A 51 0.95 -16.18 -8.02
C HIS A 51 2.03 -15.38 -8.79
N VAL A 52 3.21 -15.15 -8.20
CA VAL A 52 4.31 -14.40 -8.83
C VAL A 52 4.95 -15.11 -10.03
N GLU A 53 4.59 -16.36 -10.32
CA GLU A 53 5.14 -17.11 -11.43
C GLU A 53 5.14 -16.32 -12.74
N THR A 54 3.99 -15.75 -13.12
CA THR A 54 3.82 -14.97 -14.36
C THR A 54 4.28 -13.51 -14.19
N LEU A 55 4.82 -13.13 -13.04
CA LEU A 55 5.29 -11.79 -12.74
C LEU A 55 6.82 -11.70 -12.77
N GLU A 56 7.31 -10.48 -12.58
CA GLU A 56 8.73 -10.19 -12.57
C GLU A 56 9.25 -10.24 -11.14
N LYS A 57 10.52 -10.57 -10.98
CA LYS A 57 11.22 -10.68 -9.70
C LYS A 57 12.45 -9.77 -9.69
N ASP A 58 13.01 -9.48 -10.87
CA ASP A 58 14.19 -8.61 -11.01
C ASP A 58 13.90 -7.20 -10.50
N ARG A 59 12.61 -6.82 -10.42
CA ARG A 59 12.17 -5.52 -9.93
C ARG A 59 12.26 -5.45 -8.39
N GLY A 60 12.30 -6.58 -7.68
CA GLY A 60 12.39 -6.69 -6.23
C GLY A 60 11.47 -7.77 -5.69
N ASN A 61 10.33 -7.39 -5.10
CA ASN A 61 9.38 -8.33 -4.52
C ASN A 61 7.92 -7.89 -4.69
N PRO A 62 7.16 -8.42 -5.66
CA PRO A 62 5.75 -8.04 -5.85
C PRO A 62 4.88 -8.64 -4.73
N ILE A 63 4.02 -7.84 -4.10
CA ILE A 63 3.14 -8.28 -3.00
C ILE A 63 1.78 -7.55 -3.12
N TYR A 64 0.87 -7.82 -2.19
CA TYR A 64 -0.44 -7.20 -2.13
C TYR A 64 -0.78 -6.80 -0.69
N LEU A 65 -1.30 -5.60 -0.51
CA LEU A 65 -1.70 -5.04 0.77
C LEU A 65 -3.02 -4.30 0.61
N GLY A 66 -3.79 -4.24 1.70
CA GLY A 66 -5.07 -3.57 1.74
C GLY A 66 -5.40 -3.15 3.16
N LEU A 67 -6.51 -2.43 3.31
CA LEU A 67 -7.00 -1.95 4.59
C LEU A 67 -7.91 -3.07 5.10
N ASN A 68 -7.84 -3.37 6.40
CA ASN A 68 -8.64 -4.43 7.00
C ASN A 68 -9.67 -3.74 7.87
N GLY A 69 -10.91 -3.66 7.38
CA GLY A 69 -12.02 -3.00 8.06
C GLY A 69 -13.27 -2.87 7.19
N LEU A 70 -13.15 -2.82 5.84
CA LEU A 70 -14.29 -2.69 4.94
C LEU A 70 -14.06 -3.29 3.53
N ASN A 71 -13.09 -4.19 3.35
CA ASN A 71 -12.78 -4.87 2.08
C ASN A 71 -12.35 -3.86 1.02
N LEU A 72 -11.23 -3.18 1.31
CA LEU A 72 -10.66 -2.14 0.47
C LEU A 72 -9.15 -2.33 0.39
N CYS A 73 -8.56 -2.26 -0.79
CA CYS A 73 -7.11 -2.42 -0.98
C CYS A 73 -6.54 -1.40 -1.94
N LEU A 74 -5.22 -1.36 -2.11
CA LEU A 74 -4.56 -0.41 -3.00
C LEU A 74 -4.96 -0.65 -4.47
N MET A 75 -4.96 0.41 -5.28
CA MET A 75 -5.34 0.30 -6.69
C MET A 75 -4.81 1.52 -7.42
N CYS A 76 -4.38 1.35 -8.67
CA CYS A 76 -3.85 2.44 -9.49
C CYS A 76 -4.82 2.76 -10.61
N ALA A 77 -5.29 4.02 -10.70
CA ALA A 77 -6.21 4.47 -11.73
C ALA A 77 -5.86 5.90 -12.16
N LYS A 78 -5.86 6.14 -13.47
CA LYS A 78 -5.57 7.43 -14.07
C LYS A 78 -6.72 8.35 -13.75
N VAL A 79 -6.46 9.43 -13.02
CA VAL A 79 -7.52 10.37 -12.67
C VAL A 79 -8.00 11.13 -13.90
N GLY A 80 -7.13 11.24 -14.91
CA GLY A 80 -7.39 11.93 -16.14
C GLY A 80 -6.06 11.95 -16.87
N ASP A 81 -5.10 12.73 -16.38
CA ASP A 81 -3.79 12.84 -17.01
C ASP A 81 -2.69 11.97 -16.41
N GLN A 82 -2.83 11.54 -15.15
CA GLN A 82 -1.82 10.73 -14.47
C GLN A 82 -2.44 9.72 -13.49
N PRO A 83 -1.70 8.65 -13.11
CA PRO A 83 -2.19 7.63 -12.18
C PRO A 83 -2.33 8.18 -10.77
N THR A 84 -3.30 7.65 -10.03
CA THR A 84 -3.64 8.00 -8.67
C THR A 84 -4.11 6.74 -7.94
N LEU A 85 -4.28 6.82 -6.61
CA LEU A 85 -4.74 5.70 -5.81
C LEU A 85 -6.27 5.62 -5.83
N GLN A 86 -6.80 4.40 -5.68
CA GLN A 86 -8.25 4.12 -5.66
C GLN A 86 -8.54 2.99 -4.69
N LEU A 87 -8.27 3.22 -3.41
CA LEU A 87 -8.53 2.21 -2.40
C LEU A 87 -9.97 2.35 -1.96
N LYS A 88 -10.78 1.32 -2.15
CA LYS A 88 -12.19 1.42 -1.71
C LYS A 88 -12.92 0.09 -1.82
N GLU A 89 -12.72 -0.64 -2.91
CA GLU A 89 -13.37 -1.92 -3.20
C GLU A 89 -12.34 -2.92 -3.71
N LYS A 90 -11.85 -3.87 -2.89
CA LYS A 90 -10.87 -4.84 -3.38
C LYS A 90 -10.79 -6.02 -2.41
N ASP A 91 -10.08 -7.08 -2.79
CA ASP A 91 -9.96 -8.29 -1.95
C ASP A 91 -8.57 -8.93 -1.99
N ILE A 92 -7.83 -8.86 -0.88
CA ILE A 92 -6.49 -9.47 -0.75
C ILE A 92 -6.59 -11.00 -0.69
N MET A 93 -7.62 -11.54 -0.03
CA MET A 93 -7.81 -12.98 0.11
C MET A 93 -8.22 -13.59 -1.23
N ASP A 94 -8.88 -12.83 -2.10
CA ASP A 94 -9.31 -13.34 -3.40
C ASP A 94 -8.10 -13.62 -4.27
N LEU A 95 -7.18 -12.64 -4.38
CA LEU A 95 -5.96 -12.80 -5.16
C LEU A 95 -5.09 -13.91 -4.54
N TYR A 96 -5.17 -14.07 -3.22
CA TYR A 96 -4.43 -15.12 -2.55
C TYR A 96 -5.10 -16.48 -2.80
N ASN A 97 -6.42 -16.52 -3.03
CA ASN A 97 -7.16 -17.76 -3.26
C ASN A 97 -7.18 -18.23 -4.71
N GLN A 98 -7.07 -17.36 -5.72
CA GLN A 98 -7.10 -17.76 -7.12
C GLN A 98 -5.91 -17.16 -7.87
N PRO A 99 -5.59 -17.67 -9.08
CA PRO A 99 -4.51 -17.10 -9.85
C PRO A 99 -5.03 -15.75 -10.43
N GLU A 100 -4.32 -15.29 -11.46
CA GLU A 100 -4.57 -14.06 -12.21
C GLU A 100 -4.07 -12.84 -11.42
N PRO A 101 -2.74 -12.67 -11.27
CA PRO A 101 -2.18 -11.54 -10.55
C PRO A 101 -2.55 -10.23 -11.25
N VAL A 102 -3.46 -9.46 -10.65
CA VAL A 102 -3.90 -8.21 -11.23
C VAL A 102 -2.86 -7.14 -10.90
N LYS A 103 -1.89 -6.96 -11.79
CA LYS A 103 -0.80 -6.00 -11.64
C LYS A 103 -1.28 -4.61 -11.24
N SER A 104 -2.47 -4.18 -11.67
CA SER A 104 -3.04 -2.88 -11.34
C SER A 104 -3.29 -2.68 -9.83
N PHE A 105 -3.25 -3.76 -9.05
CA PHE A 105 -3.45 -3.76 -7.61
C PHE A 105 -2.18 -4.21 -6.88
N LEU A 106 -1.26 -4.90 -7.56
CA LEU A 106 -0.01 -5.39 -6.96
C LEU A 106 1.04 -4.29 -6.92
N PHE A 107 1.98 -4.41 -5.97
CA PHE A 107 3.05 -3.42 -5.79
C PHE A 107 4.38 -4.10 -5.44
N TYR A 108 5.48 -3.63 -6.01
CA TYR A 108 6.82 -4.14 -5.75
C TYR A 108 7.30 -3.50 -4.47
N HIS A 109 7.83 -4.32 -3.56
CA HIS A 109 8.35 -3.93 -2.28
C HIS A 109 9.85 -3.69 -2.45
N SER A 110 10.30 -2.47 -2.16
CA SER A 110 11.70 -2.10 -2.22
C SER A 110 12.10 -1.59 -0.85
N GLN A 111 13.32 -1.05 -0.75
CA GLN A 111 13.85 -0.49 0.47
C GLN A 111 14.90 0.54 0.09
N SER A 112 14.83 1.66 0.78
CA SER A 112 15.67 2.82 0.56
C SER A 112 16.20 3.37 1.90
N GLY A 113 17.09 2.62 2.56
CA GLY A 113 17.70 3.02 3.82
C GLY A 113 16.87 2.67 5.03
N ARG A 114 16.76 1.37 5.36
CA ARG A 114 16.01 0.78 6.49
C ARG A 114 14.51 0.93 6.34
N ASN A 115 14.09 1.73 5.39
CA ASN A 115 12.68 2.01 5.11
C ASN A 115 12.29 1.31 3.84
N SER A 116 11.06 0.79 3.74
CA SER A 116 10.56 0.09 2.57
C SER A 116 9.66 1.00 1.74
N THR A 117 9.64 0.74 0.43
CA THR A 117 8.89 1.48 -0.58
C THR A 117 7.89 0.55 -1.27
N PHE A 118 6.95 1.13 -2.03
CA PHE A 118 5.89 0.42 -2.73
C PHE A 118 5.73 1.06 -4.10
N GLU A 119 5.95 0.30 -5.16
CA GLU A 119 5.87 0.77 -6.54
C GLU A 119 4.82 -0.03 -7.31
N SER A 120 3.93 0.66 -8.01
CA SER A 120 2.85 0.10 -8.83
C SER A 120 3.40 -0.93 -9.82
N VAL A 121 3.01 -2.21 -9.73
CA VAL A 121 3.48 -3.26 -10.64
C VAL A 121 3.02 -2.98 -12.07
N ALA A 122 1.74 -2.63 -12.24
CA ALA A 122 1.21 -2.38 -13.57
C ALA A 122 1.87 -1.18 -14.24
N PHE A 123 2.39 -0.21 -13.48
CA PHE A 123 3.00 1.00 -14.03
C PHE A 123 4.18 1.49 -13.16
N PRO A 124 5.40 0.97 -13.41
CA PRO A 124 6.59 1.34 -12.65
C PRO A 124 6.91 2.82 -12.69
N GLY A 125 7.81 3.25 -11.80
CA GLY A 125 8.26 4.62 -11.68
C GLY A 125 7.39 5.48 -10.77
N TRP A 126 6.27 4.97 -10.24
CA TRP A 126 5.37 5.70 -9.35
C TRP A 126 5.30 4.94 -8.03
N PHE A 127 5.46 5.65 -6.91
CA PHE A 127 5.46 5.12 -5.56
C PHE A 127 4.29 5.64 -4.76
N ILE A 128 3.76 4.79 -3.90
CA ILE A 128 2.63 5.12 -3.04
C ILE A 128 3.13 5.99 -1.87
N ALA A 129 2.58 7.19 -1.69
CA ALA A 129 2.99 8.06 -0.61
C ALA A 129 2.10 7.82 0.63
N VAL A 130 2.76 7.44 1.71
CA VAL A 130 2.21 7.15 3.04
C VAL A 130 1.70 8.44 3.71
N SER A 131 2.19 9.62 3.33
CA SER A 131 1.79 10.91 3.93
C SER A 131 2.13 10.90 5.41
N SER A 132 3.36 11.28 5.71
CA SER A 132 3.87 11.32 7.06
C SER A 132 4.07 12.73 7.59
N GLU A 133 3.68 13.71 6.80
CA GLU A 133 3.74 15.13 7.11
C GLU A 133 2.29 15.57 7.25
N GLY A 134 2.08 16.70 7.91
CA GLY A 134 0.80 17.35 8.19
C GLY A 134 -0.40 16.40 8.22
N GLY A 135 -1.01 16.16 7.07
CA GLY A 135 -2.15 15.25 6.93
C GLY A 135 -2.55 15.16 5.47
N CYS A 136 -1.67 14.70 4.57
CA CYS A 136 -2.02 14.64 3.15
C CYS A 136 -2.75 13.36 2.78
N PRO A 137 -3.45 13.36 1.64
CA PRO A 137 -4.15 12.17 1.19
C PRO A 137 -3.13 11.19 0.62
N LEU A 138 -3.49 9.91 0.64
CA LEU A 138 -2.65 8.84 0.15
C LEU A 138 -2.85 8.78 -1.35
N ILE A 139 -1.80 9.12 -2.09
CA ILE A 139 -1.75 9.15 -3.55
C ILE A 139 -0.42 8.57 -4.04
N LEU A 140 -0.16 8.65 -5.34
CA LEU A 140 1.06 8.16 -5.96
C LEU A 140 1.90 9.37 -6.40
N THR A 141 3.20 9.19 -6.56
CA THR A 141 4.15 10.21 -6.99
C THR A 141 5.26 9.50 -7.76
N GLN A 142 5.65 10.09 -8.89
CA GLN A 142 6.69 9.58 -9.75
C GLN A 142 8.07 9.96 -9.22
N GLU A 143 8.19 11.19 -8.73
CA GLU A 143 9.42 11.74 -8.21
C GLU A 143 9.06 12.95 -7.34
N LEU A 144 9.05 12.73 -6.02
CA LEU A 144 8.74 13.75 -5.02
C LEU A 144 9.96 14.64 -4.72
N GLY A 145 9.69 15.78 -4.10
CA GLY A 145 10.70 16.77 -3.72
C GLY A 145 10.86 16.83 -2.21
N LYS A 146 11.14 15.68 -1.57
CA LYS A 146 11.34 15.54 -0.13
C LYS A 146 10.17 16.14 0.68
N ALA A 147 8.95 16.06 0.12
CA ALA A 147 7.73 16.58 0.76
C ALA A 147 6.67 15.50 0.96
N ASN A 148 6.69 14.41 0.20
CA ASN A 148 5.76 13.30 0.32
C ASN A 148 6.61 12.16 0.86
N THR A 149 6.04 11.31 1.70
CA THR A 149 6.75 10.21 2.33
C THR A 149 6.39 8.90 1.62
N THR A 150 7.25 8.40 0.73
CA THR A 150 7.02 7.15 0.00
C THR A 150 7.68 5.93 0.65
N ASP A 151 8.65 6.17 1.53
CA ASP A 151 9.42 5.14 2.22
C ASP A 151 9.15 5.22 3.71
N PHE A 152 8.86 4.08 4.34
CA PHE A 152 8.63 4.00 5.78
C PHE A 152 8.71 2.55 6.31
N GLY A 153 7.80 2.11 7.17
CA GLY A 153 7.75 0.77 7.75
C GLY A 153 6.30 0.36 7.95
N LEU A 154 6.04 -0.85 8.46
CA LEU A 154 4.70 -1.36 8.67
C LEU A 154 4.61 -2.10 10.01
N THR A 155 3.72 -1.67 10.89
CA THR A 155 3.45 -2.26 12.20
C THR A 155 2.55 -3.51 11.98
N MET A 156 2.73 -4.25 10.88
CA MET A 156 1.93 -5.43 10.56
C MET A 156 2.19 -6.48 11.65
N LEU A 157 1.14 -7.07 12.19
CA LEU A 157 1.20 -8.07 13.26
C LEU A 157 0.83 -9.45 12.73
N PHE A 158 1.13 -10.48 13.53
CA PHE A 158 0.90 -11.88 13.29
C PHE A 158 0.69 -12.57 14.63
N MET A 1 -6.77 -18.43 0.08
CA MET A 1 -5.80 -18.50 1.19
C MET A 1 -4.80 -19.61 0.91
N GLU A 2 -3.60 -19.53 1.49
CA GLU A 2 -2.54 -20.52 1.32
C GLU A 2 -2.80 -21.73 2.24
N LYS A 3 -1.84 -22.66 2.33
CA LYS A 3 -1.94 -23.87 3.13
C LYS A 3 -1.58 -23.66 4.60
N ALA A 4 -2.08 -22.59 5.21
CA ALA A 4 -1.85 -22.20 6.60
C ALA A 4 -0.41 -22.43 7.06
N LEU A 5 0.50 -22.07 6.16
CA LEU A 5 1.92 -22.16 6.32
C LEU A 5 2.37 -21.15 7.38
N LYS A 6 3.68 -21.07 7.61
CA LYS A 6 4.26 -20.18 8.60
C LYS A 6 5.63 -19.61 8.24
N ILE A 7 6.13 -19.95 7.06
CA ILE A 7 7.42 -19.51 6.55
C ILE A 7 7.30 -18.15 5.84
N ASP A 8 6.10 -17.85 5.32
CA ASP A 8 5.74 -16.62 4.63
C ASP A 8 4.30 -16.42 5.12
N THR A 9 3.97 -15.43 5.95
CA THR A 9 2.57 -15.26 6.39
C THR A 9 2.14 -13.79 6.32
N PRO A 10 0.84 -13.52 6.08
CA PRO A 10 0.29 -12.18 5.96
C PRO A 10 0.39 -11.44 7.29
N GLN A 11 1.18 -10.36 7.32
CA GLN A 11 1.42 -9.55 8.51
C GLN A 11 0.55 -8.30 8.52
N GLN A 12 -0.33 -8.16 9.53
CA GLN A 12 -1.22 -6.99 9.64
C GLN A 12 -0.77 -6.05 10.76
N GLY A 13 -0.72 -4.76 10.50
CA GLY A 13 -0.29 -3.75 11.47
C GLY A 13 -0.81 -2.36 11.16
N SER A 14 0.02 -1.34 11.31
CA SER A 14 -0.38 0.04 11.07
C SER A 14 0.81 0.91 10.66
N ILE A 15 0.58 2.14 10.19
CA ILE A 15 1.64 3.05 9.72
C ILE A 15 1.64 4.37 10.53
N GLN A 16 0.66 4.57 11.43
CA GLN A 16 0.53 5.76 12.28
C GLN A 16 1.85 6.02 13.04
N ASP A 17 2.53 4.95 13.43
CA ASP A 17 3.79 4.82 14.16
C ASP A 17 4.97 5.63 13.63
N ILE A 18 4.80 6.34 12.51
CA ILE A 18 5.77 7.19 11.83
C ILE A 18 5.61 8.64 12.34
N ASN A 19 4.63 9.37 11.81
CA ASN A 19 4.37 10.77 12.17
C ASN A 19 2.98 10.98 12.75
N HIS A 20 2.43 9.98 13.44
CA HIS A 20 1.13 9.97 14.10
C HIS A 20 -0.03 10.19 13.10
N ARG A 21 0.15 9.83 11.82
CA ARG A 21 -0.85 10.01 10.78
C ARG A 21 -1.80 8.84 10.74
N VAL A 22 -2.92 8.92 11.47
CA VAL A 22 -3.91 7.86 11.44
C VAL A 22 -4.52 7.93 10.05
N TRP A 23 -4.83 6.81 9.43
CA TRP A 23 -5.44 6.78 8.12
C TRP A 23 -6.89 6.34 8.31
N VAL A 24 -7.83 6.89 7.53
CA VAL A 24 -9.23 6.49 7.63
C VAL A 24 -9.78 6.47 6.21
N LEU A 25 -10.43 5.37 5.84
CA LEU A 25 -11.03 5.26 4.53
C LEU A 25 -12.23 6.19 4.65
N GLN A 26 -12.18 7.36 4.01
CA GLN A 26 -13.23 8.36 4.08
C GLN A 26 -13.62 8.75 2.66
N ASP A 27 -14.90 8.70 2.32
CA ASP A 27 -15.40 9.06 0.98
C ASP A 27 -14.73 8.27 -0.16
N GLN A 28 -14.28 7.06 0.18
CA GLN A 28 -13.61 6.06 -0.64
C GLN A 28 -12.12 6.40 -0.90
N THR A 29 -11.53 7.30 -0.12
CA THR A 29 -10.15 7.73 -0.25
C THR A 29 -9.50 7.68 1.15
N LEU A 30 -8.31 7.08 1.30
CA LEU A 30 -7.67 7.02 2.61
C LEU A 30 -7.10 8.39 2.91
N ILE A 31 -7.60 9.06 3.95
CA ILE A 31 -7.14 10.39 4.35
C ILE A 31 -6.48 10.30 5.73
N ALA A 32 -5.42 11.10 5.93
CA ALA A 32 -4.66 11.17 7.15
C ALA A 32 -5.38 12.08 8.15
N VAL A 33 -5.63 11.60 9.37
CA VAL A 33 -6.32 12.31 10.45
C VAL A 33 -5.45 12.27 11.72
N PRO A 34 -4.30 12.99 11.77
CA PRO A 34 -3.42 12.97 12.93
C PRO A 34 -4.03 13.62 14.19
N ARG A 35 -4.89 14.61 13.99
CA ARG A 35 -5.54 15.36 15.06
C ARG A 35 -6.91 15.78 14.54
N LYS A 36 -7.89 14.88 14.62
CA LYS A 36 -9.25 15.13 14.17
C LYS A 36 -10.21 14.37 15.05
N ASP A 37 -11.45 14.83 15.07
CA ASP A 37 -12.55 14.24 15.83
C ASP A 37 -13.03 12.97 15.13
N ARG A 38 -13.27 13.08 13.82
CA ARG A 38 -13.76 12.00 12.96
C ARG A 38 -12.65 11.02 12.58
N MET A 39 -11.90 10.46 13.54
CA MET A 39 -10.83 9.49 13.25
C MET A 39 -11.24 8.08 13.68
N SER A 40 -10.49 7.08 13.20
CA SER A 40 -10.76 5.69 13.50
C SER A 40 -9.48 4.85 13.34
N PRO A 41 -9.15 3.95 14.29
CA PRO A 41 -7.96 3.10 14.18
C PRO A 41 -8.23 2.03 13.12
N VAL A 42 -7.34 1.91 12.13
CA VAL A 42 -7.42 0.97 11.03
C VAL A 42 -6.18 0.07 11.02
N THR A 43 -6.26 -1.08 10.34
CA THR A 43 -5.15 -2.01 10.23
C THR A 43 -4.69 -2.07 8.76
N ILE A 44 -3.46 -2.55 8.52
CA ILE A 44 -2.75 -2.69 7.26
C ILE A 44 -2.20 -4.10 7.13
N ALA A 45 -2.88 -4.96 6.37
CA ALA A 45 -2.55 -6.34 6.12
C ALA A 45 -1.61 -6.40 4.90
N LEU A 46 -0.32 -6.75 5.08
CA LEU A 46 0.72 -6.84 4.06
C LEU A 46 1.05 -8.31 3.79
N ILE A 47 1.29 -8.65 2.51
CA ILE A 47 1.61 -10.00 2.05
C ILE A 47 2.54 -9.92 0.82
N SER A 48 3.33 -10.97 0.65
CA SER A 48 4.28 -11.12 -0.43
C SER A 48 3.67 -11.96 -1.54
N CYS A 49 3.70 -11.46 -2.77
CA CYS A 49 3.17 -12.13 -3.95
C CYS A 49 3.80 -13.52 -4.07
N ARG A 50 2.97 -14.54 -4.31
CA ARG A 50 3.46 -15.92 -4.42
C ARG A 50 3.63 -16.38 -5.87
N HIS A 51 3.02 -15.72 -6.85
CA HIS A 51 3.10 -16.08 -8.27
C HIS A 51 4.03 -15.08 -8.98
N VAL A 52 5.14 -14.72 -8.34
CA VAL A 52 6.12 -13.76 -8.84
C VAL A 52 6.90 -14.26 -10.06
N GLU A 53 6.75 -15.52 -10.45
CA GLU A 53 7.45 -16.11 -11.57
C GLU A 53 7.21 -15.33 -12.88
N THR A 54 5.96 -14.97 -13.17
CA THR A 54 5.58 -14.23 -14.37
C THR A 54 5.77 -12.71 -14.25
N LEU A 55 6.25 -12.22 -13.10
CA LEU A 55 6.48 -10.81 -12.87
C LEU A 55 7.95 -10.48 -13.09
N GLU A 56 8.23 -9.19 -13.00
CA GLU A 56 9.55 -8.62 -13.16
C GLU A 56 10.35 -8.84 -11.89
N LYS A 57 11.68 -8.83 -12.01
CA LYS A 57 12.59 -8.98 -10.88
C LYS A 57 13.58 -7.84 -10.86
N ASP A 58 14.02 -7.33 -12.01
CA ASP A 58 14.99 -6.22 -12.12
C ASP A 58 14.45 -4.96 -11.46
N ARG A 59 13.14 -4.70 -11.59
CA ARG A 59 12.52 -3.54 -10.96
C ARG A 59 12.48 -3.71 -9.44
N GLY A 60 12.63 -4.92 -8.92
CA GLY A 60 12.62 -5.24 -7.50
C GLY A 60 11.49 -6.20 -7.18
N ASN A 61 11.44 -6.66 -5.93
CA ASN A 61 10.45 -7.62 -5.45
C ASN A 61 9.04 -6.99 -5.38
N PRO A 62 8.06 -7.44 -6.18
CA PRO A 62 6.70 -6.92 -6.17
C PRO A 62 5.88 -7.60 -5.07
N ILE A 63 5.07 -6.85 -4.32
CA ILE A 63 4.24 -7.37 -3.22
C ILE A 63 2.87 -6.69 -3.24
N TYR A 64 1.97 -7.03 -2.30
CA TYR A 64 0.65 -6.41 -2.22
C TYR A 64 0.32 -6.13 -0.75
N LEU A 65 -0.56 -5.16 -0.51
CA LEU A 65 -0.97 -4.75 0.81
C LEU A 65 -2.36 -4.18 0.72
N GLY A 66 -3.07 -4.30 1.82
CA GLY A 66 -4.41 -3.79 1.95
C GLY A 66 -4.67 -3.37 3.37
N LEU A 67 -5.88 -2.89 3.56
CA LEU A 67 -6.38 -2.42 4.84
C LEU A 67 -7.06 -3.63 5.49
N ASN A 68 -7.43 -3.54 6.76
CA ASN A 68 -8.11 -4.65 7.41
C ASN A 68 -9.26 -4.14 8.25
N GLY A 69 -10.47 -4.50 7.86
CA GLY A 69 -11.67 -4.09 8.57
C GLY A 69 -12.91 -4.08 7.67
N LEU A 70 -12.77 -3.87 6.36
CA LEU A 70 -13.91 -3.84 5.43
C LEU A 70 -13.52 -4.35 4.02
N ASN A 71 -12.56 -5.27 3.91
CA ASN A 71 -12.06 -5.89 2.66
C ASN A 71 -11.69 -4.85 1.60
N LEU A 72 -10.55 -4.17 1.79
CA LEU A 72 -10.08 -3.12 0.89
C LEU A 72 -8.57 -3.24 0.73
N CYS A 73 -8.04 -3.00 -0.47
CA CYS A 73 -6.60 -3.05 -0.71
C CYS A 73 -6.18 -1.97 -1.67
N LEU A 74 -4.86 -1.84 -1.90
CA LEU A 74 -4.34 -0.82 -2.81
C LEU A 74 -4.86 -1.06 -4.24
N MET A 75 -4.90 -0.04 -5.08
CA MET A 75 -5.41 -0.23 -6.44
C MET A 75 -4.96 0.96 -7.27
N CYS A 76 -4.45 0.75 -8.49
CA CYS A 76 -4.03 1.86 -9.34
C CYS A 76 -5.21 2.20 -10.26
N ALA A 77 -5.57 3.48 -10.39
CA ALA A 77 -6.67 3.93 -11.24
C ALA A 77 -6.30 5.29 -11.85
N LYS A 78 -6.45 5.48 -13.16
CA LYS A 78 -6.12 6.74 -13.82
C LYS A 78 -7.32 7.68 -13.77
N VAL A 79 -7.11 8.97 -13.51
CA VAL A 79 -8.18 9.96 -13.48
C VAL A 79 -8.28 10.57 -14.89
N GLY A 80 -8.11 9.73 -15.92
CA GLY A 80 -8.11 10.14 -17.31
C GLY A 80 -6.75 10.73 -17.67
N ASP A 81 -6.27 11.69 -16.87
CA ASP A 81 -5.02 12.41 -17.05
C ASP A 81 -3.77 11.72 -16.52
N GLN A 82 -3.78 11.35 -15.23
CA GLN A 82 -2.65 10.74 -14.52
C GLN A 82 -3.08 9.59 -13.59
N PRO A 83 -2.17 8.69 -13.18
CA PRO A 83 -2.51 7.57 -12.31
C PRO A 83 -2.72 8.06 -10.86
N THR A 84 -3.56 7.35 -10.12
CA THR A 84 -3.90 7.62 -8.72
C THR A 84 -4.10 6.28 -7.99
N LEU A 85 -4.41 6.36 -6.69
CA LEU A 85 -4.66 5.26 -5.79
C LEU A 85 -6.17 5.19 -5.57
N GLN A 86 -6.75 3.98 -5.52
CA GLN A 86 -8.18 3.77 -5.32
C GLN A 86 -8.37 2.57 -4.39
N LEU A 87 -8.06 2.76 -3.12
CA LEU A 87 -8.11 1.79 -2.04
C LEU A 87 -9.48 1.87 -1.41
N LYS A 88 -10.35 0.90 -1.71
CA LYS A 88 -11.72 0.84 -1.18
C LYS A 88 -12.48 -0.47 -1.47
N GLU A 89 -12.13 -1.18 -2.54
CA GLU A 89 -12.77 -2.41 -2.97
C GLU A 89 -11.77 -3.37 -3.62
N LYS A 90 -11.01 -4.14 -2.82
CA LYS A 90 -10.05 -5.09 -3.39
C LYS A 90 -9.66 -6.09 -2.30
N ASP A 91 -9.12 -7.23 -2.72
CA ASP A 91 -8.66 -8.32 -1.89
C ASP A 91 -7.33 -8.82 -2.42
N ILE A 92 -6.40 -9.14 -1.52
CA ILE A 92 -5.05 -9.65 -1.81
C ILE A 92 -5.10 -11.18 -1.87
N MET A 93 -5.84 -11.79 -0.94
CA MET A 93 -6.00 -13.23 -0.80
C MET A 93 -6.49 -13.87 -2.09
N ASP A 94 -7.34 -13.14 -2.81
CA ASP A 94 -7.93 -13.52 -4.09
C ASP A 94 -6.80 -13.67 -5.11
N LEU A 95 -6.08 -12.56 -5.36
CA LEU A 95 -4.96 -12.51 -6.32
C LEU A 95 -3.82 -13.44 -5.99
N TYR A 96 -3.73 -13.83 -4.73
CA TYR A 96 -2.70 -14.73 -4.25
C TYR A 96 -3.17 -16.16 -4.41
N ASN A 97 -4.48 -16.43 -4.27
CA ASN A 97 -5.03 -17.77 -4.42
C ASN A 97 -4.95 -18.18 -5.88
N GLN A 98 -5.30 -17.28 -6.81
CA GLN A 98 -5.23 -17.60 -8.23
C GLN A 98 -3.93 -17.07 -8.83
N PRO A 99 -3.39 -17.67 -9.90
CA PRO A 99 -2.13 -17.25 -10.53
C PRO A 99 -2.25 -15.97 -11.37
N GLU A 100 -3.04 -14.97 -10.95
CA GLU A 100 -3.21 -13.72 -11.69
C GLU A 100 -2.62 -12.51 -10.97
N PRO A 101 -1.30 -12.29 -11.10
CA PRO A 101 -0.66 -11.14 -10.51
C PRO A 101 -1.01 -9.94 -11.39
N VAL A 102 -1.96 -9.11 -10.97
CA VAL A 102 -2.39 -7.96 -11.75
C VAL A 102 -1.48 -6.81 -11.33
N LYS A 103 -0.53 -6.45 -12.19
CA LYS A 103 0.44 -5.38 -11.97
C LYS A 103 -0.22 -4.09 -11.49
N SER A 104 -1.46 -3.83 -11.92
CA SER A 104 -2.22 -2.65 -11.54
C SER A 104 -2.50 -2.56 -10.04
N PHE A 105 -2.29 -3.63 -9.27
CA PHE A 105 -2.53 -3.61 -7.83
C PHE A 105 -1.24 -3.98 -7.08
N LEU A 106 -0.15 -4.30 -7.77
CA LEU A 106 1.11 -4.67 -7.13
C LEU A 106 2.03 -3.47 -6.99
N PHE A 107 2.92 -3.52 -5.99
CA PHE A 107 3.87 -2.44 -5.71
C PHE A 107 5.22 -3.04 -5.37
N TYR A 108 6.26 -2.53 -6.03
CA TYR A 108 7.65 -2.93 -5.83
C TYR A 108 8.02 -2.34 -4.47
N HIS A 109 8.53 -3.18 -3.57
CA HIS A 109 8.94 -2.75 -2.24
C HIS A 109 10.45 -2.64 -2.19
N SER A 110 10.93 -1.52 -1.66
CA SER A 110 12.35 -1.26 -1.51
C SER A 110 12.63 -0.66 -0.15
N GLN A 111 13.90 -0.37 0.07
CA GLN A 111 14.47 0.22 1.27
C GLN A 111 15.70 0.99 0.85
N SER A 112 15.87 2.17 1.44
CA SER A 112 16.99 3.03 1.10
C SER A 112 17.47 3.85 2.30
N GLY A 113 18.09 3.19 3.28
CA GLY A 113 18.63 3.86 4.47
C GLY A 113 17.71 3.84 5.68
N ARG A 114 17.42 2.64 6.21
CA ARG A 114 16.54 2.39 7.38
C ARG A 114 15.06 2.70 7.11
N ASN A 115 14.74 3.17 5.91
CA ASN A 115 13.40 3.51 5.47
C ASN A 115 13.07 2.63 4.28
N SER A 116 11.78 2.41 4.03
CA SER A 116 11.23 1.60 2.95
C SER A 116 10.42 2.49 1.99
N THR A 117 10.08 1.97 0.80
CA THR A 117 9.33 2.68 -0.24
C THR A 117 8.42 1.73 -1.03
N PHE A 118 7.44 2.25 -1.80
CA PHE A 118 6.51 1.47 -2.60
C PHE A 118 6.23 2.18 -3.94
N GLU A 119 6.62 1.52 -5.03
CA GLU A 119 6.48 2.01 -6.41
C GLU A 119 5.52 1.12 -7.19
N SER A 120 4.46 1.71 -7.75
CA SER A 120 3.42 1.03 -8.54
C SER A 120 4.02 0.12 -9.65
N VAL A 121 3.70 -1.18 -9.71
CA VAL A 121 4.25 -2.10 -10.73
C VAL A 121 3.69 -1.80 -12.13
N ALA A 122 2.39 -1.58 -12.27
CA ALA A 122 1.80 -1.28 -13.57
C ALA A 122 2.28 0.06 -14.15
N PHE A 123 2.68 1.00 -13.31
CA PHE A 123 3.16 2.32 -13.69
C PHE A 123 4.36 2.69 -12.79
N PRO A 124 5.56 2.19 -13.07
CA PRO A 124 6.75 2.49 -12.28
C PRO A 124 7.07 3.98 -12.36
N GLY A 125 7.69 4.49 -11.29
CA GLY A 125 8.10 5.88 -11.11
C GLY A 125 7.20 6.57 -10.10
N TRP A 126 5.92 6.17 -10.06
CA TRP A 126 4.92 6.73 -9.16
C TRP A 126 4.91 5.98 -7.83
N PHE A 127 5.42 6.65 -6.80
CA PHE A 127 5.49 6.14 -5.43
C PHE A 127 4.25 6.54 -4.65
N ILE A 128 3.89 5.74 -3.65
CA ILE A 128 2.73 6.00 -2.79
C ILE A 128 3.13 7.00 -1.70
N ALA A 129 2.34 8.06 -1.49
CA ALA A 129 2.63 9.03 -0.44
C ALA A 129 1.79 8.71 0.82
N VAL A 130 2.44 8.70 1.98
CA VAL A 130 1.86 8.45 3.31
C VAL A 130 1.18 9.70 3.90
N SER A 131 1.47 10.87 3.33
CA SER A 131 0.91 12.16 3.74
C SER A 131 1.30 12.57 5.17
N SER A 132 2.59 12.56 5.48
CA SER A 132 3.11 12.90 6.79
C SER A 132 3.42 14.38 6.99
N GLU A 133 2.77 15.27 6.23
CA GLU A 133 2.98 16.71 6.35
C GLU A 133 1.91 17.33 7.24
N GLY A 134 0.73 17.63 6.69
CA GLY A 134 -0.38 18.23 7.43
C GLY A 134 -1.44 17.18 7.73
N GLY A 135 -1.76 16.37 6.71
CA GLY A 135 -2.73 15.30 6.74
C GLY A 135 -3.40 15.29 5.37
N CYS A 136 -2.58 15.02 4.35
CA CYS A 136 -3.00 14.99 2.95
C CYS A 136 -3.64 13.62 2.62
N PRO A 137 -4.26 13.42 1.44
CA PRO A 137 -4.86 12.14 1.08
C PRO A 137 -3.76 11.21 0.55
N LEU A 138 -3.96 9.91 0.69
CA LEU A 138 -3.01 8.92 0.21
C LEU A 138 -3.15 8.82 -1.30
N ILE A 139 -2.17 9.37 -2.01
CA ILE A 139 -2.13 9.38 -3.47
C ILE A 139 -0.72 9.08 -3.99
N LEU A 140 -0.60 8.89 -5.31
CA LEU A 140 0.69 8.59 -5.93
C LEU A 140 1.39 9.92 -6.20
N THR A 141 2.71 9.89 -6.30
CA THR A 141 3.53 11.06 -6.58
C THR A 141 4.71 10.61 -7.41
N GLN A 142 4.98 11.41 -8.44
CA GLN A 142 6.06 11.20 -9.37
C GLN A 142 7.37 11.79 -8.83
N GLU A 143 7.34 12.93 -8.12
CA GLU A 143 8.57 13.57 -7.60
C GLU A 143 8.28 14.73 -6.62
N LEU A 144 7.65 14.44 -5.48
CA LEU A 144 7.29 15.43 -4.44
C LEU A 144 8.44 16.37 -4.02
N GLY A 145 9.57 15.83 -3.62
CA GLY A 145 10.77 16.55 -3.19
C GLY A 145 10.71 16.77 -1.69
N LYS A 146 9.74 17.57 -1.23
CA LYS A 146 9.56 17.86 0.21
C LYS A 146 8.08 18.05 0.56
N ALA A 147 7.16 17.93 -0.41
CA ALA A 147 5.73 18.12 -0.18
C ALA A 147 5.02 16.91 0.40
N ASN A 148 5.48 15.67 0.20
CA ASN A 148 4.76 14.52 0.77
C ASN A 148 5.78 13.63 1.48
N THR A 149 5.48 12.35 1.66
CA THR A 149 6.39 11.44 2.33
C THR A 149 6.21 10.08 1.67
N THR A 150 7.20 9.65 0.90
CA THR A 150 7.20 8.38 0.19
C THR A 150 8.09 7.35 0.90
N ASP A 151 8.96 7.81 1.81
CA ASP A 151 9.92 7.06 2.61
C ASP A 151 9.30 6.80 3.98
N PHE A 152 9.13 5.52 4.36
CA PHE A 152 8.52 5.12 5.62
C PHE A 152 8.92 3.69 6.05
N GLY A 153 7.97 2.85 6.47
CA GLY A 153 8.11 1.48 6.93
C GLY A 153 6.72 0.98 7.37
N LEU A 154 6.61 -0.09 8.17
CA LEU A 154 5.30 -0.60 8.60
C LEU A 154 5.36 -1.30 9.96
N THR A 155 4.32 -1.14 10.79
CA THR A 155 4.20 -1.78 12.11
C THR A 155 3.46 -3.12 11.92
N MET A 156 3.65 -3.78 10.77
CA MET A 156 3.03 -5.04 10.37
C MET A 156 3.42 -6.15 11.37
N LEU A 157 2.44 -6.59 12.15
CA LEU A 157 2.56 -7.62 13.19
C LEU A 157 2.31 -9.02 12.59
N PHE A 158 2.76 -10.07 13.28
CA PHE A 158 2.64 -11.47 12.89
C PHE A 158 2.62 -12.36 14.12
N MET A 1 3.54 -25.97 -4.10
CA MET A 1 4.07 -25.22 -2.93
C MET A 1 4.66 -26.17 -1.91
N GLU A 2 5.66 -25.71 -1.18
CA GLU A 2 6.38 -26.43 -0.14
C GLU A 2 6.08 -25.81 1.22
N LYS A 3 6.64 -26.38 2.29
CA LYS A 3 6.46 -25.88 3.65
C LYS A 3 7.73 -25.27 4.26
N ALA A 4 8.90 -25.35 3.58
CA ALA A 4 10.19 -24.83 4.03
C ALA A 4 10.16 -23.37 4.47
N LEU A 5 9.56 -22.50 3.67
CA LEU A 5 9.47 -21.08 3.94
C LEU A 5 8.69 -20.70 5.23
N LYS A 6 7.45 -21.16 5.42
CA LYS A 6 6.52 -20.98 6.55
C LYS A 6 6.31 -19.57 7.08
N ILE A 7 6.65 -18.56 6.28
CA ILE A 7 6.57 -17.17 6.66
C ILE A 7 5.80 -16.24 5.69
N ASP A 8 5.16 -16.79 4.65
CA ASP A 8 4.41 -16.02 3.65
C ASP A 8 2.98 -15.71 4.16
N THR A 9 2.68 -15.87 5.45
CA THR A 9 1.34 -15.62 6.02
C THR A 9 0.94 -14.15 5.89
N PRO A 10 -0.35 -13.79 5.90
CA PRO A 10 -0.77 -12.40 5.78
C PRO A 10 -0.43 -11.68 7.09
N GLN A 11 0.21 -10.50 7.00
CA GLN A 11 0.64 -9.69 8.13
C GLN A 11 -0.14 -8.38 8.15
N GLN A 12 -0.97 -8.19 9.18
CA GLN A 12 -1.79 -7.00 9.35
C GLN A 12 -1.28 -6.15 10.52
N GLY A 13 -1.37 -4.83 10.45
CA GLY A 13 -0.95 -3.91 11.50
C GLY A 13 -1.30 -2.47 11.12
N SER A 14 -0.38 -1.50 11.23
CA SER A 14 -0.70 -0.10 10.90
C SER A 14 0.51 0.71 10.46
N ILE A 15 0.31 1.93 10.00
CA ILE A 15 1.38 2.83 9.51
C ILE A 15 1.23 4.18 10.27
N GLN A 16 0.10 4.39 10.97
CA GLN A 16 -0.17 5.61 11.71
C GLN A 16 0.84 5.85 12.84
N ASP A 17 1.42 4.78 13.38
CA ASP A 17 2.42 4.74 14.47
C ASP A 17 3.71 5.54 14.20
N ILE A 18 3.97 5.89 12.94
CA ILE A 18 5.15 6.63 12.52
C ILE A 18 5.06 8.06 13.06
N ASN A 19 4.14 8.88 12.52
CA ASN A 19 3.97 10.30 12.91
C ASN A 19 2.55 10.56 13.41
N HIS A 20 1.90 9.55 14.00
CA HIS A 20 0.55 9.55 14.55
C HIS A 20 -0.44 10.10 13.50
N ARG A 21 -0.29 9.63 12.27
CA ARG A 21 -1.13 10.02 11.12
C ARG A 21 -2.16 8.92 10.91
N VAL A 22 -3.31 8.98 11.58
CA VAL A 22 -4.35 7.97 11.40
C VAL A 22 -4.96 8.13 10.02
N TRP A 23 -5.22 7.04 9.31
CA TRP A 23 -5.81 7.07 7.97
C TRP A 23 -7.29 6.75 8.06
N VAL A 24 -8.13 7.34 7.21
CA VAL A 24 -9.56 7.02 7.21
C VAL A 24 -10.04 7.19 5.78
N LEU A 25 -10.82 6.22 5.28
CA LEU A 25 -11.37 6.32 3.93
C LEU A 25 -12.35 7.49 4.02
N GLN A 26 -12.15 8.54 3.23
CA GLN A 26 -12.99 9.74 3.19
C GLN A 26 -13.25 10.05 1.72
N ASP A 27 -14.51 10.01 1.29
CA ASP A 27 -14.95 10.27 -0.09
C ASP A 27 -14.09 9.51 -1.09
N GLN A 28 -14.11 8.18 -0.92
CA GLN A 28 -13.39 7.24 -1.74
C GLN A 28 -11.88 7.52 -1.84
N THR A 29 -11.26 8.30 -0.93
CA THR A 29 -9.84 8.63 -0.90
C THR A 29 -9.33 8.42 0.53
N LEU A 30 -8.16 7.83 0.75
CA LEU A 30 -7.66 7.67 2.13
C LEU A 30 -7.04 8.99 2.57
N ILE A 31 -7.42 9.51 3.75
CA ILE A 31 -6.90 10.79 4.26
C ILE A 31 -6.43 10.66 5.71
N ALA A 32 -5.32 11.32 6.00
CA ALA A 32 -4.67 11.35 7.29
C ALA A 32 -5.42 12.34 8.20
N VAL A 33 -5.82 11.88 9.37
CA VAL A 33 -6.54 12.61 10.38
C VAL A 33 -5.74 12.58 11.70
N PRO A 34 -4.52 13.16 11.77
CA PRO A 34 -3.67 13.20 12.96
C PRO A 34 -4.20 14.03 14.16
N ARG A 35 -5.42 14.54 14.09
CA ARG A 35 -6.18 15.34 15.04
C ARG A 35 -7.41 15.80 14.31
N LYS A 36 -8.46 14.99 14.33
CA LYS A 36 -9.70 15.30 13.67
C LYS A 36 -10.78 14.70 14.52
N ASP A 37 -11.87 15.42 14.69
CA ASP A 37 -13.02 14.99 15.50
C ASP A 37 -13.51 13.65 14.95
N ARG A 38 -13.73 13.58 13.63
CA ARG A 38 -14.19 12.40 12.92
C ARG A 38 -13.04 11.46 12.53
N MET A 39 -12.20 11.04 13.48
CA MET A 39 -11.11 10.11 13.18
C MET A 39 -11.52 8.74 13.70
N SER A 40 -10.96 7.69 13.13
CA SER A 40 -11.25 6.32 13.48
C SER A 40 -9.99 5.51 13.20
N PRO A 41 -9.52 4.64 14.10
CA PRO A 41 -8.34 3.84 13.83
C PRO A 41 -8.70 2.80 12.77
N VAL A 42 -7.72 2.42 11.95
CA VAL A 42 -7.90 1.44 10.89
C VAL A 42 -6.67 0.53 10.91
N THR A 43 -6.74 -0.60 10.24
CA THR A 43 -5.66 -1.57 10.19
C THR A 43 -5.27 -1.71 8.72
N ILE A 44 -4.05 -2.16 8.50
CA ILE A 44 -3.45 -2.41 7.20
C ILE A 44 -3.21 -3.91 7.17
N ALA A 45 -3.30 -4.53 6.02
CA ALA A 45 -3.08 -5.96 5.78
C ALA A 45 -2.07 -6.00 4.64
N LEU A 46 -0.98 -6.76 4.75
CA LEU A 46 0.06 -6.88 3.72
C LEU A 46 0.24 -8.36 3.44
N ILE A 47 0.43 -8.71 2.15
CA ILE A 47 0.61 -10.08 1.68
C ILE A 47 1.57 -10.06 0.48
N SER A 48 2.49 -11.04 0.46
CA SER A 48 3.46 -11.19 -0.60
C SER A 48 2.80 -11.87 -1.81
N CYS A 49 2.99 -11.35 -3.02
CA CYS A 49 2.39 -11.94 -4.21
C CYS A 49 3.08 -13.27 -4.49
N ARG A 50 2.35 -14.38 -4.37
CA ARG A 50 2.91 -15.71 -4.62
C ARG A 50 2.85 -16.09 -6.09
N HIS A 51 2.14 -15.33 -6.93
CA HIS A 51 1.97 -15.57 -8.35
C HIS A 51 2.97 -14.70 -9.15
N VAL A 52 4.17 -14.51 -8.59
CA VAL A 52 5.28 -13.74 -9.13
C VAL A 52 5.90 -14.32 -10.41
N GLU A 53 5.56 -15.56 -10.80
CA GLU A 53 6.04 -16.25 -12.00
C GLU A 53 5.71 -15.54 -13.32
N THR A 54 4.86 -14.52 -13.30
CA THR A 54 4.44 -13.74 -14.47
C THR A 54 4.63 -12.24 -14.22
N LEU A 55 5.48 -11.89 -13.24
CA LEU A 55 5.76 -10.51 -12.87
C LEU A 55 7.22 -10.20 -13.13
N GLU A 56 7.54 -8.91 -13.04
CA GLU A 56 8.88 -8.40 -13.21
C GLU A 56 9.68 -8.85 -12.00
N LYS A 57 10.96 -9.13 -12.23
CA LYS A 57 11.88 -9.55 -11.18
C LYS A 57 12.97 -8.50 -11.03
N ASP A 58 13.44 -7.98 -12.17
CA ASP A 58 14.49 -6.96 -12.26
C ASP A 58 14.11 -5.67 -11.54
N ARG A 59 12.83 -5.28 -11.58
CA ARG A 59 12.36 -4.06 -10.91
C ARG A 59 12.21 -4.29 -9.40
N GLY A 60 12.29 -5.53 -8.89
CA GLY A 60 12.16 -5.86 -7.49
C GLY A 60 10.98 -6.81 -7.31
N ASN A 61 10.78 -7.34 -6.10
CA ASN A 61 9.69 -8.27 -5.82
C ASN A 61 8.38 -7.51 -5.53
N PRO A 62 7.31 -7.69 -6.34
CA PRO A 62 6.02 -7.04 -6.15
C PRO A 62 5.20 -7.75 -5.06
N ILE A 63 4.42 -6.99 -4.31
CA ILE A 63 3.56 -7.46 -3.21
C ILE A 63 2.22 -6.71 -3.27
N TYR A 64 1.27 -7.02 -2.38
CA TYR A 64 -0.04 -6.37 -2.30
C TYR A 64 -0.28 -6.00 -0.84
N LEU A 65 -0.99 -4.90 -0.62
CA LEU A 65 -1.33 -4.39 0.70
C LEU A 65 -2.72 -3.77 0.58
N GLY A 66 -3.48 -3.84 1.66
CA GLY A 66 -4.82 -3.31 1.73
C GLY A 66 -5.15 -2.86 3.13
N LEU A 67 -6.37 -2.37 3.30
CA LEU A 67 -6.85 -1.88 4.59
C LEU A 67 -7.66 -3.02 5.19
N ASN A 68 -7.67 -3.21 6.51
CA ASN A 68 -8.42 -4.31 7.12
C ASN A 68 -9.55 -3.73 7.94
N GLY A 69 -10.79 -3.84 7.44
CA GLY A 69 -11.93 -3.32 8.17
C GLY A 69 -13.22 -3.16 7.37
N LEU A 70 -13.16 -2.98 6.04
CA LEU A 70 -14.37 -2.80 5.21
C LEU A 70 -14.22 -3.39 3.78
N ASN A 71 -13.29 -4.32 3.60
CA ASN A 71 -12.99 -5.06 2.36
C ASN A 71 -12.53 -4.09 1.26
N LEU A 72 -11.38 -3.45 1.49
CA LEU A 72 -10.78 -2.47 0.59
C LEU A 72 -9.26 -2.62 0.55
N CYS A 73 -8.66 -2.43 -0.63
CA CYS A 73 -7.21 -2.51 -0.79
C CYS A 73 -6.71 -1.49 -1.83
N LEU A 74 -5.41 -1.45 -2.08
CA LEU A 74 -4.81 -0.52 -3.05
C LEU A 74 -5.37 -0.79 -4.44
N MET A 75 -5.40 0.24 -5.30
CA MET A 75 -5.93 0.09 -6.63
C MET A 75 -5.38 1.24 -7.45
N CYS A 76 -4.77 0.93 -8.61
CA CYS A 76 -4.23 1.94 -9.50
C CYS A 76 -5.37 2.40 -10.39
N ALA A 77 -5.75 3.67 -10.32
CA ALA A 77 -6.83 4.20 -11.14
C ALA A 77 -6.36 5.50 -11.76
N LYS A 78 -6.84 5.82 -12.95
CA LYS A 78 -6.47 7.04 -13.63
C LYS A 78 -7.48 8.09 -13.24
N VAL A 79 -7.01 9.21 -12.69
CA VAL A 79 -7.91 10.30 -12.30
C VAL A 79 -8.55 10.87 -13.58
N GLY A 80 -7.79 10.86 -14.69
CA GLY A 80 -8.14 11.37 -16.02
C GLY A 80 -6.81 11.60 -16.72
N ASP A 81 -6.00 12.51 -16.17
CA ASP A 81 -4.68 12.86 -16.70
C ASP A 81 -3.56 11.91 -16.28
N GLN A 82 -3.59 11.40 -15.05
CA GLN A 82 -2.51 10.57 -14.53
C GLN A 82 -2.94 9.44 -13.59
N PRO A 83 -2.04 8.48 -13.30
CA PRO A 83 -2.32 7.38 -12.37
C PRO A 83 -2.41 7.92 -10.93
N THR A 84 -3.33 7.37 -10.14
CA THR A 84 -3.57 7.73 -8.75
C THR A 84 -4.02 6.45 -8.01
N LEU A 85 -4.39 6.60 -6.74
CA LEU A 85 -4.85 5.52 -5.86
C LEU A 85 -6.35 5.58 -5.72
N GLN A 86 -6.99 4.42 -5.63
CA GLN A 86 -8.44 4.32 -5.47
C GLN A 86 -8.75 3.14 -4.55
N LEU A 87 -8.35 3.24 -3.29
CA LEU A 87 -8.54 2.24 -2.26
C LEU A 87 -9.96 2.44 -1.80
N LYS A 88 -10.83 1.45 -2.03
CA LYS A 88 -12.24 1.55 -1.64
C LYS A 88 -13.05 0.31 -2.00
N GLU A 89 -12.59 -0.50 -2.96
CA GLU A 89 -13.27 -1.70 -3.43
C GLU A 89 -12.26 -2.68 -4.04
N LYS A 90 -11.65 -3.55 -3.23
CA LYS A 90 -10.70 -4.57 -3.68
C LYS A 90 -10.44 -5.53 -2.52
N ASP A 91 -9.84 -6.68 -2.83
CA ASP A 91 -9.52 -7.73 -1.87
C ASP A 91 -8.16 -8.33 -2.23
N ILE A 92 -7.25 -8.34 -1.26
CA ILE A 92 -5.89 -8.84 -1.37
C ILE A 92 -5.84 -10.36 -1.27
N MET A 93 -6.67 -10.98 -0.42
CA MET A 93 -6.67 -12.43 -0.25
C MET A 93 -7.03 -13.13 -1.56
N ASP A 94 -7.94 -12.56 -2.34
CA ASP A 94 -8.39 -13.12 -3.61
C ASP A 94 -7.17 -13.31 -4.50
N LEU A 95 -6.42 -12.22 -4.74
CA LEU A 95 -5.23 -12.31 -5.60
C LEU A 95 -4.18 -13.23 -5.03
N TYR A 96 -4.05 -13.33 -3.70
CA TYR A 96 -3.07 -14.25 -3.12
C TYR A 96 -3.53 -15.70 -3.31
N ASN A 97 -4.83 -15.96 -3.23
CA ASN A 97 -5.43 -17.28 -3.37
C ASN A 97 -5.47 -17.77 -4.82
N GLN A 98 -5.81 -16.90 -5.77
CA GLN A 98 -5.93 -17.26 -7.19
C GLN A 98 -4.87 -16.62 -8.09
N PRO A 99 -4.58 -17.20 -9.28
CA PRO A 99 -3.58 -16.68 -10.20
C PRO A 99 -4.03 -15.42 -10.97
N GLU A 100 -4.29 -14.32 -10.25
CA GLU A 100 -4.67 -13.01 -10.76
C GLU A 100 -3.68 -11.94 -10.26
N PRO A 101 -2.38 -12.01 -10.62
CA PRO A 101 -1.38 -11.02 -10.22
C PRO A 101 -1.61 -9.78 -11.10
N VAL A 102 -2.63 -8.99 -10.80
CA VAL A 102 -3.02 -7.80 -11.55
C VAL A 102 -2.05 -6.68 -11.18
N LYS A 103 -1.09 -6.34 -12.07
CA LYS A 103 -0.09 -5.30 -11.82
C LYS A 103 -0.74 -3.99 -11.34
N SER A 104 -1.97 -3.71 -11.74
CA SER A 104 -2.71 -2.52 -11.34
C SER A 104 -3.06 -2.50 -9.85
N PHE A 105 -2.83 -3.59 -9.14
CA PHE A 105 -3.09 -3.72 -7.72
C PHE A 105 -1.79 -4.13 -7.00
N LEU A 106 -0.67 -4.37 -7.72
CA LEU A 106 0.59 -4.79 -7.13
C LEU A 106 1.58 -3.63 -7.05
N PHE A 107 2.44 -3.67 -6.04
CA PHE A 107 3.44 -2.65 -5.76
C PHE A 107 4.80 -3.29 -5.44
N TYR A 108 5.85 -2.88 -6.14
CA TYR A 108 7.23 -3.31 -5.97
C TYR A 108 7.66 -2.70 -4.64
N HIS A 109 7.88 -3.53 -3.63
CA HIS A 109 8.32 -3.07 -2.32
C HIS A 109 9.84 -3.17 -2.29
N SER A 110 10.50 -2.24 -1.62
CA SER A 110 11.95 -2.16 -1.47
C SER A 110 12.27 -1.57 -0.11
N GLN A 111 13.55 -1.43 0.21
CA GLN A 111 14.00 -0.86 1.46
C GLN A 111 15.43 -0.37 1.28
N SER A 112 15.69 0.82 1.82
CA SER A 112 17.01 1.43 1.74
C SER A 112 17.36 2.33 2.91
N GLY A 113 17.96 1.78 3.97
CA GLY A 113 18.38 2.54 5.15
C GLY A 113 17.28 2.56 6.21
N ARG A 114 16.91 1.38 6.71
CA ARG A 114 15.88 1.15 7.75
C ARG A 114 14.49 1.64 7.37
N ASN A 115 14.30 2.01 6.11
CA ASN A 115 13.05 2.50 5.58
C ASN A 115 12.66 1.65 4.38
N SER A 116 11.38 1.64 4.00
CA SER A 116 10.83 0.91 2.87
C SER A 116 10.27 1.89 1.83
N THR A 117 9.99 1.40 0.63
CA THR A 117 9.45 2.14 -0.51
C THR A 117 8.46 1.21 -1.23
N PHE A 118 7.55 1.80 -2.01
CA PHE A 118 6.52 1.07 -2.76
C PHE A 118 6.25 1.81 -4.07
N GLU A 119 6.47 1.12 -5.20
CA GLU A 119 6.29 1.61 -6.57
C GLU A 119 5.22 0.79 -7.29
N SER A 120 4.27 1.48 -7.91
CA SER A 120 3.19 0.86 -8.69
C SER A 120 3.80 -0.04 -9.79
N VAL A 121 3.47 -1.33 -9.80
CA VAL A 121 4.01 -2.26 -10.80
C VAL A 121 3.40 -1.94 -12.17
N ALA A 122 2.11 -1.57 -12.21
CA ALA A 122 1.44 -1.23 -13.46
C ALA A 122 2.01 0.03 -14.08
N PHE A 123 2.33 1.05 -13.28
CA PHE A 123 2.86 2.32 -13.75
C PHE A 123 4.11 2.68 -12.96
N PRO A 124 5.27 2.09 -13.35
CA PRO A 124 6.55 2.37 -12.70
C PRO A 124 6.91 3.85 -12.84
N GLY A 125 7.60 4.40 -11.87
CA GLY A 125 8.03 5.79 -11.82
C GLY A 125 7.31 6.60 -10.74
N TRP A 126 6.22 6.06 -10.16
CA TRP A 126 5.43 6.65 -9.10
C TRP A 126 5.63 5.84 -7.83
N PHE A 127 5.57 6.52 -6.70
CA PHE A 127 5.70 5.95 -5.37
C PHE A 127 4.44 6.31 -4.58
N ILE A 128 4.04 5.42 -3.67
CA ILE A 128 2.86 5.61 -2.82
C ILE A 128 3.20 6.65 -1.74
N ALA A 129 2.45 7.74 -1.61
CA ALA A 129 2.73 8.73 -0.57
C ALA A 129 2.02 8.31 0.72
N VAL A 130 2.72 8.36 1.83
CA VAL A 130 2.27 8.00 3.18
C VAL A 130 1.57 9.18 3.88
N SER A 131 1.81 10.43 3.46
CA SER A 131 1.24 11.65 4.07
C SER A 131 1.57 11.75 5.57
N SER A 132 2.84 11.94 5.85
CA SER A 132 3.38 12.05 7.20
C SER A 132 3.54 13.49 7.64
N GLU A 133 2.88 14.41 6.94
CA GLU A 133 2.91 15.84 7.18
C GLU A 133 1.47 16.32 7.10
N GLY A 134 1.17 17.33 7.91
CA GLY A 134 -0.12 17.99 8.04
C GLY A 134 -1.22 17.01 8.41
N GLY A 135 -1.71 16.33 7.39
CA GLY A 135 -2.73 15.32 7.33
C GLY A 135 -3.16 15.38 5.87
N CYS A 136 -2.28 14.99 4.94
CA CYS A 136 -2.63 15.05 3.51
C CYS A 136 -3.24 13.71 3.02
N PRO A 137 -3.81 13.61 1.80
CA PRO A 137 -4.39 12.36 1.31
C PRO A 137 -3.33 11.40 0.75
N LEU A 138 -3.64 10.10 0.79
CA LEU A 138 -2.79 9.03 0.27
C LEU A 138 -3.01 8.96 -1.22
N ILE A 139 -2.03 9.41 -1.97
CA ILE A 139 -2.02 9.43 -3.42
C ILE A 139 -0.63 8.99 -3.91
N LEU A 140 -0.47 8.85 -5.21
CA LEU A 140 0.82 8.47 -5.80
C LEU A 140 1.60 9.74 -6.06
N THR A 141 2.90 9.60 -6.34
CA THR A 141 3.73 10.75 -6.62
C THR A 141 4.96 10.27 -7.34
N GLN A 142 5.23 10.84 -8.52
CA GLN A 142 6.43 10.49 -9.28
C GLN A 142 7.58 11.41 -8.90
N GLU A 143 7.32 12.61 -8.37
CA GLU A 143 8.37 13.56 -8.00
C GLU A 143 7.82 14.68 -7.11
N LEU A 144 7.88 14.47 -5.80
CA LEU A 144 7.42 15.41 -4.78
C LEU A 144 8.56 16.36 -4.42
N GLY A 145 8.19 17.49 -3.82
CA GLY A 145 9.10 18.53 -3.39
C GLY A 145 9.30 18.46 -1.89
N LYS A 146 9.58 17.25 -1.39
CA LYS A 146 9.80 16.91 0.02
C LYS A 146 8.53 17.08 0.88
N ALA A 147 7.39 17.45 0.25
CA ALA A 147 6.10 17.69 0.89
C ALA A 147 5.30 16.42 1.23
N ASN A 148 5.72 15.25 0.75
CA ASN A 148 5.00 14.01 1.03
C ASN A 148 6.01 12.91 1.28
N THR A 149 5.73 12.02 2.22
CA THR A 149 6.60 10.90 2.54
C THR A 149 6.39 9.78 1.53
N THR A 150 7.47 9.24 0.98
CA THR A 150 7.43 8.12 0.05
C THR A 150 8.31 6.99 0.60
N ASP A 151 9.06 7.25 1.67
CA ASP A 151 9.96 6.33 2.31
C ASP A 151 9.66 6.25 3.81
N PHE A 152 9.43 5.04 4.34
CA PHE A 152 9.14 4.74 5.76
C PHE A 152 8.84 3.24 5.93
N GLY A 153 8.59 2.75 7.16
CA GLY A 153 8.30 1.35 7.46
C GLY A 153 6.80 1.09 7.58
N LEU A 154 6.43 -0.08 8.12
CA LEU A 154 5.05 -0.51 8.33
C LEU A 154 4.99 -1.20 9.69
N THR A 155 4.11 -0.80 10.60
CA THR A 155 3.91 -1.39 11.91
C THR A 155 3.00 -2.62 11.71
N MET A 156 3.27 -3.43 10.68
CA MET A 156 2.54 -4.65 10.36
C MET A 156 2.85 -5.63 11.49
N LEU A 157 1.90 -6.48 11.83
CA LEU A 157 1.97 -7.49 12.87
C LEU A 157 1.65 -8.85 12.25
N PHE A 158 1.86 -9.92 13.00
CA PHE A 158 1.60 -11.31 12.62
C PHE A 158 1.03 -11.94 13.88
N MET A 1 18.14 -22.59 3.65
CA MET A 1 17.21 -21.47 3.47
C MET A 1 15.78 -21.95 3.36
N GLU A 2 14.85 -21.03 3.54
CA GLU A 2 13.41 -21.23 3.44
C GLU A 2 13.01 -20.63 2.08
N LYS A 3 11.73 -20.76 1.73
CA LYS A 3 11.16 -20.20 0.51
C LYS A 3 10.15 -19.19 1.06
N ALA A 4 8.92 -19.63 1.36
CA ALA A 4 7.87 -18.80 1.92
C ALA A 4 7.00 -19.77 2.72
N LEU A 5 7.29 -19.90 4.01
CA LEU A 5 6.58 -20.81 4.90
C LEU A 5 6.19 -20.24 6.26
N LYS A 6 6.43 -18.95 6.46
CA LYS A 6 6.09 -18.21 7.67
C LYS A 6 6.05 -16.72 7.32
N ILE A 7 5.79 -16.39 6.05
CA ILE A 7 5.75 -15.03 5.55
C ILE A 7 4.64 -14.79 4.52
N ASP A 8 4.13 -15.83 3.84
CA ASP A 8 3.06 -15.62 2.87
C ASP A 8 1.74 -15.33 3.56
N THR A 9 1.57 -15.74 4.82
CA THR A 9 0.35 -15.50 5.59
C THR A 9 0.04 -14.01 5.64
N PRO A 10 -1.23 -13.61 5.71
CA PRO A 10 -1.59 -12.21 5.77
C PRO A 10 -1.13 -11.62 7.11
N GLN A 11 -0.48 -10.47 7.06
CA GLN A 11 -0.02 -9.76 8.25
C GLN A 11 -0.81 -8.48 8.25
N GLN A 12 -1.63 -8.29 9.28
CA GLN A 12 -2.49 -7.13 9.39
C GLN A 12 -2.03 -6.25 10.56
N GLY A 13 -2.19 -4.94 10.47
CA GLY A 13 -1.82 -4.00 11.49
C GLY A 13 -2.14 -2.56 11.10
N SER A 14 -1.19 -1.63 11.13
CA SER A 14 -1.44 -0.24 10.80
C SER A 14 -0.18 0.49 10.34
N ILE A 15 -0.25 1.82 10.21
CA ILE A 15 0.88 2.67 9.78
C ILE A 15 0.82 4.06 10.47
N GLN A 16 -0.16 4.27 11.35
CA GLN A 16 -0.36 5.53 12.03
C GLN A 16 0.73 5.89 13.04
N ASP A 17 1.40 4.90 13.64
CA ASP A 17 2.45 5.07 14.65
C ASP A 17 3.57 5.98 14.14
N ILE A 18 3.81 5.97 12.83
CA ILE A 18 4.82 6.73 12.11
C ILE A 18 4.85 8.20 12.58
N ASN A 19 3.79 8.96 12.29
CA ASN A 19 3.72 10.37 12.67
C ASN A 19 2.36 10.71 13.27
N HIS A 20 1.69 9.71 13.85
CA HIS A 20 0.36 9.82 14.46
C HIS A 20 -0.67 10.25 13.41
N ARG A 21 -0.54 9.71 12.20
CA ARG A 21 -1.42 10.00 11.05
C ARG A 21 -2.30 8.80 10.75
N VAL A 22 -3.54 8.76 11.23
CA VAL A 22 -4.44 7.64 10.93
C VAL A 22 -5.06 7.92 9.56
N TRP A 23 -5.52 6.90 8.84
CA TRP A 23 -6.13 7.02 7.52
C TRP A 23 -7.62 6.74 7.68
N VAL A 24 -8.49 7.52 7.05
CA VAL A 24 -9.93 7.33 7.11
C VAL A 24 -10.45 7.42 5.68
N LEU A 25 -11.21 6.43 5.23
CA LEU A 25 -11.78 6.43 3.89
C LEU A 25 -12.87 7.52 3.87
N GLN A 26 -12.58 8.71 3.33
CA GLN A 26 -13.48 9.85 3.23
C GLN A 26 -13.76 10.15 1.76
N ASP A 27 -15.03 10.22 1.37
CA ASP A 27 -15.45 10.49 -0.01
C ASP A 27 -14.62 9.75 -1.06
N GLN A 28 -14.63 8.42 -0.96
CA GLN A 28 -13.89 7.50 -1.85
C GLN A 28 -12.38 7.74 -1.88
N THR A 29 -11.78 8.50 -0.97
CA THR A 29 -10.34 8.76 -0.94
C THR A 29 -9.84 8.54 0.49
N LEU A 30 -8.59 8.11 0.69
CA LEU A 30 -8.09 7.94 2.06
C LEU A 30 -7.49 9.28 2.44
N ILE A 31 -7.95 9.83 3.57
CA ILE A 31 -7.46 11.11 4.07
C ILE A 31 -6.85 10.87 5.44
N ALA A 32 -5.73 11.54 5.72
CA ALA A 32 -5.03 11.42 6.97
C ALA A 32 -5.75 12.29 7.98
N VAL A 33 -5.84 11.80 9.21
CA VAL A 33 -6.48 12.53 10.29
C VAL A 33 -5.46 12.76 11.42
N PRO A 34 -4.47 13.66 11.23
CA PRO A 34 -3.47 13.95 12.26
C PRO A 34 -4.16 14.56 13.49
N ARG A 35 -4.45 13.73 14.51
CA ARG A 35 -5.11 14.15 15.76
C ARG A 35 -6.36 14.99 15.47
N LYS A 36 -7.19 14.56 14.51
CA LYS A 36 -8.41 15.26 14.14
C LYS A 36 -9.57 14.76 15.00
N ASP A 37 -10.53 15.61 15.31
CA ASP A 37 -11.68 15.27 16.17
C ASP A 37 -12.63 14.24 15.57
N ARG A 38 -12.49 13.91 14.28
CA ARG A 38 -13.31 12.90 13.61
C ARG A 38 -12.43 11.74 13.13
N MET A 39 -11.28 11.52 13.76
CA MET A 39 -10.42 10.42 13.38
C MET A 39 -11.02 9.12 13.90
N SER A 40 -10.82 8.01 13.20
CA SER A 40 -11.34 6.71 13.58
C SER A 40 -10.28 5.72 13.12
N PRO A 41 -9.83 4.80 13.99
CA PRO A 41 -8.79 3.87 13.61
C PRO A 41 -9.28 2.86 12.59
N VAL A 42 -8.36 2.49 11.72
CA VAL A 42 -8.56 1.49 10.69
C VAL A 42 -7.42 0.50 10.85
N THR A 43 -7.46 -0.55 10.07
CA THR A 43 -6.45 -1.58 10.10
C THR A 43 -6.01 -1.75 8.65
N ILE A 44 -4.86 -2.36 8.46
CA ILE A 44 -4.26 -2.63 7.18
C ILE A 44 -4.00 -4.12 7.15
N ALA A 45 -4.09 -4.73 5.97
CA ALA A 45 -3.79 -6.14 5.76
C ALA A 45 -2.74 -6.14 4.64
N LEU A 46 -1.65 -6.93 4.76
CA LEU A 46 -0.57 -7.01 3.76
C LEU A 46 -0.35 -8.48 3.45
N ILE A 47 -0.23 -8.83 2.17
CA ILE A 47 0.00 -10.21 1.73
C ILE A 47 0.85 -10.24 0.46
N SER A 48 1.85 -11.11 0.40
CA SER A 48 2.72 -11.27 -0.76
C SER A 48 1.95 -11.98 -1.87
N CYS A 49 2.43 -11.82 -3.09
CA CYS A 49 1.86 -12.39 -4.29
C CYS A 49 2.35 -13.84 -4.46
N ARG A 50 1.53 -14.83 -4.10
CA ARG A 50 1.87 -16.25 -4.20
C ARG A 50 1.62 -16.82 -5.61
N HIS A 51 1.43 -15.93 -6.58
CA HIS A 51 1.15 -16.24 -7.99
C HIS A 51 2.04 -15.40 -8.93
N VAL A 52 3.28 -15.12 -8.53
CA VAL A 52 4.25 -14.32 -9.29
C VAL A 52 4.84 -15.02 -10.51
N GLU A 53 4.39 -16.23 -10.84
CA GLU A 53 4.91 -16.97 -11.99
C GLU A 53 4.96 -16.15 -13.29
N THR A 54 4.04 -15.21 -13.54
CA THR A 54 4.03 -14.37 -14.75
C THR A 54 4.55 -12.95 -14.47
N LEU A 55 4.94 -12.63 -13.25
CA LEU A 55 5.44 -11.30 -12.89
C LEU A 55 6.94 -11.24 -12.95
N GLU A 56 7.43 -10.00 -13.00
CA GLU A 56 8.86 -9.72 -13.01
C GLU A 56 9.39 -10.07 -11.63
N LYS A 57 10.69 -10.38 -11.56
CA LYS A 57 11.36 -10.77 -10.32
C LYS A 57 12.51 -9.87 -9.91
N ASP A 58 13.08 -9.16 -10.88
CA ASP A 58 14.22 -8.26 -10.69
C ASP A 58 13.83 -6.85 -10.27
N ARG A 59 12.55 -6.50 -10.39
CA ARG A 59 12.01 -5.17 -10.03
C ARG A 59 11.67 -5.05 -8.53
N GLY A 60 12.03 -6.05 -7.72
CA GLY A 60 11.76 -6.09 -6.30
C GLY A 60 10.76 -7.19 -6.02
N ASN A 61 10.28 -7.29 -4.78
CA ASN A 61 9.32 -8.32 -4.40
C ASN A 61 7.88 -7.77 -4.54
N PRO A 62 7.09 -8.15 -5.57
CA PRO A 62 5.73 -7.67 -5.74
C PRO A 62 4.82 -8.26 -4.66
N ILE A 63 4.06 -7.40 -3.99
CA ILE A 63 3.14 -7.75 -2.92
C ILE A 63 1.85 -6.90 -3.06
N TYR A 64 0.87 -7.12 -2.19
CA TYR A 64 -0.39 -6.40 -2.18
C TYR A 64 -0.67 -5.98 -0.72
N LEU A 65 -1.51 -4.96 -0.53
CA LEU A 65 -1.88 -4.42 0.76
C LEU A 65 -3.24 -3.74 0.63
N GLY A 66 -3.97 -3.62 1.73
CA GLY A 66 -5.27 -2.98 1.75
C GLY A 66 -5.68 -2.60 3.16
N LEU A 67 -6.84 -1.98 3.31
CA LEU A 67 -7.36 -1.60 4.62
C LEU A 67 -8.13 -2.81 5.14
N ASN A 68 -8.66 -2.73 6.35
CA ASN A 68 -9.43 -3.82 6.91
C ASN A 68 -10.62 -3.23 7.67
N GLY A 69 -11.84 -3.43 7.18
CA GLY A 69 -13.04 -2.92 7.85
C GLY A 69 -14.23 -2.65 6.94
N LEU A 70 -14.04 -2.52 5.62
CA LEU A 70 -15.16 -2.27 4.70
C LEU A 70 -14.88 -2.81 3.29
N ASN A 71 -14.00 -3.82 3.19
CA ASN A 71 -13.60 -4.49 1.96
C ASN A 71 -13.02 -3.46 0.98
N LEU A 72 -11.81 -2.96 1.25
CA LEU A 72 -11.17 -1.93 0.44
C LEU A 72 -9.65 -2.07 0.47
N CYS A 73 -9.02 -2.16 -0.69
CA CYS A 73 -7.56 -2.27 -0.83
C CYS A 73 -7.05 -1.31 -1.90
N LEU A 74 -5.71 -1.19 -2.04
CA LEU A 74 -5.10 -0.28 -3.02
C LEU A 74 -5.63 -0.62 -4.42
N MET A 75 -5.68 0.39 -5.30
CA MET A 75 -6.19 0.17 -6.65
C MET A 75 -5.60 1.27 -7.52
N CYS A 76 -4.80 0.94 -8.54
CA CYS A 76 -4.23 1.99 -9.39
C CYS A 76 -5.20 2.38 -10.49
N ALA A 77 -5.66 3.63 -10.50
CA ALA A 77 -6.56 4.17 -11.52
C ALA A 77 -5.80 5.29 -12.22
N LYS A 78 -6.45 6.09 -13.07
CA LYS A 78 -5.82 7.21 -13.77
C LYS A 78 -6.90 8.25 -13.99
N VAL A 79 -6.66 9.50 -13.61
CA VAL A 79 -7.63 10.58 -13.80
C VAL A 79 -7.54 11.11 -15.24
N GLY A 80 -7.33 10.22 -16.21
CA GLY A 80 -7.20 10.57 -17.62
C GLY A 80 -5.91 11.34 -17.94
N ASP A 81 -5.14 11.75 -16.92
CA ASP A 81 -3.92 12.54 -17.00
C ASP A 81 -2.73 11.86 -16.30
N GLN A 82 -2.90 11.42 -15.06
CA GLN A 82 -1.85 10.75 -14.28
C GLN A 82 -2.49 9.68 -13.40
N PRO A 83 -1.74 8.64 -12.97
CA PRO A 83 -2.31 7.59 -12.14
C PRO A 83 -2.73 8.14 -10.78
N THR A 84 -3.61 7.41 -10.11
CA THR A 84 -4.15 7.75 -8.81
C THR A 84 -4.43 6.47 -8.02
N LEU A 85 -4.54 6.58 -6.69
CA LEU A 85 -4.85 5.45 -5.82
C LEU A 85 -6.34 5.51 -5.51
N GLN A 86 -7.07 4.41 -5.72
CA GLN A 86 -8.51 4.35 -5.51
C GLN A 86 -8.84 3.23 -4.54
N LEU A 87 -8.44 3.40 -3.28
CA LEU A 87 -8.70 2.41 -2.24
C LEU A 87 -10.09 2.69 -1.75
N LYS A 88 -11.02 1.86 -2.20
CA LYS A 88 -12.44 1.98 -1.85
C LYS A 88 -13.20 0.70 -2.18
N GLU A 89 -12.81 0.04 -3.28
CA GLU A 89 -13.43 -1.18 -3.78
C GLU A 89 -12.35 -2.17 -4.22
N LYS A 90 -11.89 -3.04 -3.32
CA LYS A 90 -10.89 -4.04 -3.66
C LYS A 90 -10.69 -4.97 -2.47
N ASP A 91 -10.18 -6.17 -2.72
CA ASP A 91 -9.90 -7.19 -1.71
C ASP A 91 -8.57 -7.83 -2.05
N ILE A 92 -7.71 -7.99 -1.03
CA ILE A 92 -6.38 -8.57 -1.17
C ILE A 92 -6.43 -10.09 -0.98
N MET A 93 -7.31 -10.59 -0.10
CA MET A 93 -7.39 -12.02 0.16
C MET A 93 -7.83 -12.76 -1.09
N ASP A 94 -8.67 -12.14 -1.94
CA ASP A 94 -9.12 -12.79 -3.18
C ASP A 94 -7.91 -13.07 -4.08
N LEU A 95 -7.13 -12.02 -4.38
CA LEU A 95 -5.96 -12.15 -5.24
C LEU A 95 -4.98 -13.14 -4.64
N TYR A 96 -4.77 -13.08 -3.32
CA TYR A 96 -3.87 -14.01 -2.68
C TYR A 96 -4.41 -15.43 -2.79
N ASN A 97 -5.73 -15.64 -2.82
CA ASN A 97 -6.25 -16.98 -2.91
C ASN A 97 -6.19 -17.57 -4.31
N GLN A 98 -6.38 -16.79 -5.39
CA GLN A 98 -6.40 -17.36 -6.75
C GLN A 98 -5.26 -16.92 -7.68
N PRO A 99 -5.15 -17.48 -8.89
CA PRO A 99 -4.13 -17.09 -9.86
C PRO A 99 -4.53 -15.71 -10.46
N GLU A 100 -3.93 -15.33 -11.59
CA GLU A 100 -4.19 -14.09 -12.30
C GLU A 100 -3.68 -12.83 -11.56
N PRO A 101 -2.36 -12.65 -11.35
CA PRO A 101 -1.85 -11.47 -10.67
C PRO A 101 -2.31 -10.19 -11.37
N VAL A 102 -3.10 -9.37 -10.68
CA VAL A 102 -3.62 -8.13 -11.23
C VAL A 102 -2.64 -7.01 -10.94
N LYS A 103 -1.60 -6.85 -11.78
CA LYS A 103 -0.53 -5.85 -11.67
C LYS A 103 -1.03 -4.48 -11.28
N SER A 104 -2.24 -4.15 -11.75
CA SER A 104 -2.92 -2.89 -11.50
C SER A 104 -3.15 -2.62 -10.02
N PHE A 105 -3.02 -3.62 -9.15
CA PHE A 105 -3.20 -3.51 -7.72
C PHE A 105 -1.99 -4.06 -6.98
N LEU A 106 -0.90 -4.46 -7.65
CA LEU A 106 0.28 -5.01 -7.00
C LEU A 106 1.35 -3.93 -6.89
N PHE A 107 2.25 -4.03 -5.90
CA PHE A 107 3.31 -3.05 -5.69
C PHE A 107 4.61 -3.75 -5.28
N TYR A 108 5.73 -3.40 -5.91
CA TYR A 108 7.05 -3.96 -5.61
C TYR A 108 7.58 -3.32 -4.34
N HIS A 109 7.91 -4.14 -3.34
CA HIS A 109 8.46 -3.67 -2.08
C HIS A 109 9.96 -3.47 -2.29
N SER A 110 10.45 -2.28 -1.98
CA SER A 110 11.85 -1.90 -2.07
C SER A 110 12.24 -1.49 -0.65
N GLN A 111 13.52 -1.26 -0.40
CA GLN A 111 14.11 -0.86 0.88
C GLN A 111 15.23 0.11 0.62
N SER A 112 15.54 0.87 1.66
CA SER A 112 16.58 1.88 1.63
C SER A 112 17.62 1.65 2.74
N GLY A 113 17.43 0.67 3.63
CA GLY A 113 18.32 0.36 4.72
C GLY A 113 17.56 0.34 6.04
N ARG A 114 16.69 1.34 6.24
CA ARG A 114 15.85 1.48 7.44
C ARG A 114 14.42 1.90 7.12
N ASN A 115 14.04 1.88 5.86
CA ASN A 115 12.69 2.23 5.43
C ASN A 115 12.38 1.37 4.22
N SER A 116 11.11 1.26 3.83
CA SER A 116 10.70 0.46 2.67
C SER A 116 9.80 1.29 1.76
N THR A 117 9.77 0.97 0.46
CA THR A 117 8.96 1.70 -0.53
C THR A 117 8.03 0.72 -1.26
N PHE A 118 7.09 1.26 -2.04
CA PHE A 118 6.08 0.51 -2.79
C PHE A 118 5.91 1.13 -4.18
N GLU A 119 6.36 0.46 -5.25
CA GLU A 119 6.26 0.93 -6.62
C GLU A 119 5.19 0.14 -7.37
N SER A 120 4.22 0.83 -7.99
CA SER A 120 3.14 0.19 -8.76
C SER A 120 3.73 -0.81 -9.77
N VAL A 121 3.24 -2.05 -9.75
CA VAL A 121 3.72 -3.09 -10.64
C VAL A 121 3.30 -2.75 -12.08
N ALA A 122 2.04 -2.40 -12.28
CA ALA A 122 1.50 -2.03 -13.58
C ALA A 122 2.09 -0.73 -14.13
N PHE A 123 2.31 0.28 -13.28
CA PHE A 123 2.86 1.57 -13.71
C PHE A 123 4.06 1.90 -12.81
N PRO A 124 5.26 1.39 -13.15
CA PRO A 124 6.44 1.69 -12.38
C PRO A 124 6.80 3.17 -12.58
N GLY A 125 7.60 3.70 -11.67
CA GLY A 125 8.05 5.08 -11.63
C GLY A 125 7.34 5.78 -10.48
N TRP A 126 6.09 5.38 -10.18
CA TRP A 126 5.31 5.98 -9.12
C TRP A 126 5.44 5.15 -7.87
N PHE A 127 5.54 5.84 -6.73
CA PHE A 127 5.68 5.29 -5.40
C PHE A 127 4.49 5.77 -4.55
N ILE A 128 3.94 4.88 -3.73
CA ILE A 128 2.82 5.21 -2.85
C ILE A 128 3.34 6.13 -1.75
N ALA A 129 2.57 7.16 -1.36
CA ALA A 129 3.00 8.06 -0.29
C ALA A 129 2.06 7.95 0.93
N VAL A 130 2.58 7.69 2.16
CA VAL A 130 1.78 7.58 3.38
C VAL A 130 1.28 8.94 3.90
N SER A 131 1.66 10.06 3.29
CA SER A 131 1.23 11.41 3.73
C SER A 131 1.50 11.72 5.21
N SER A 132 2.60 11.23 5.74
CA SER A 132 3.03 11.43 7.11
C SER A 132 3.55 12.85 7.37
N GLU A 133 3.61 13.71 6.36
CA GLU A 133 4.01 15.11 6.50
C GLU A 133 2.67 15.79 6.67
N GLY A 134 2.51 16.64 7.67
CA GLY A 134 1.28 17.38 7.91
C GLY A 134 0.11 16.44 8.22
N GLY A 135 -0.55 15.94 7.18
CA GLY A 135 -1.66 15.02 7.15
C GLY A 135 -2.40 15.21 5.83
N CYS A 136 -1.78 14.83 4.71
CA CYS A 136 -2.40 14.97 3.40
C CYS A 136 -3.16 13.70 3.02
N PRO A 137 -3.99 13.70 1.97
CA PRO A 137 -4.68 12.49 1.54
C PRO A 137 -3.63 11.51 0.99
N LEU A 138 -3.95 10.23 0.93
CA LEU A 138 -3.04 9.21 0.42
C LEU A 138 -3.15 9.28 -1.10
N ILE A 139 -2.03 9.20 -1.81
CA ILE A 139 -1.95 9.25 -3.27
C ILE A 139 -0.57 8.71 -3.72
N LEU A 140 -0.35 8.51 -5.03
CA LEU A 140 0.97 8.06 -5.49
C LEU A 140 1.78 9.32 -5.91
N THR A 141 3.07 9.19 -6.20
CA THR A 141 3.95 10.27 -6.67
C THR A 141 5.14 9.64 -7.38
N GLN A 142 5.66 10.30 -8.43
CA GLN A 142 6.82 9.80 -9.18
C GLN A 142 8.04 10.63 -8.84
N GLU A 143 7.83 11.88 -8.43
CA GLU A 143 8.90 12.77 -8.07
C GLU A 143 8.28 13.87 -7.21
N LEU A 144 8.68 13.87 -5.95
CA LEU A 144 8.27 14.81 -4.91
C LEU A 144 9.45 15.69 -4.53
N GLY A 145 9.16 16.80 -3.88
CA GLY A 145 10.14 17.79 -3.43
C GLY A 145 10.28 17.73 -1.93
N LYS A 146 10.61 16.52 -1.42
CA LYS A 146 10.79 16.20 0.00
C LYS A 146 9.62 16.78 0.80
N ALA A 147 8.39 16.64 0.27
CA ALA A 147 7.17 17.13 0.88
C ALA A 147 6.17 16.02 1.16
N ASN A 148 6.42 14.81 0.66
CA ASN A 148 5.55 13.66 0.88
C ASN A 148 6.43 12.53 1.44
N THR A 149 5.81 11.51 2.02
CA THR A 149 6.51 10.37 2.63
C THR A 149 6.34 9.11 1.81
N THR A 150 7.30 8.76 0.96
CA THR A 150 7.23 7.56 0.15
C THR A 150 7.92 6.37 0.84
N ASP A 151 8.98 6.61 1.62
CA ASP A 151 9.76 5.54 2.26
C ASP A 151 9.42 5.36 3.73
N PHE A 152 8.82 4.23 4.15
CA PHE A 152 8.50 3.97 5.56
C PHE A 152 8.27 2.49 5.84
N GLY A 153 7.99 2.14 7.10
CA GLY A 153 7.73 0.79 7.55
C GLY A 153 6.25 0.61 7.80
N LEU A 154 5.84 -0.62 8.09
CA LEU A 154 4.43 -0.96 8.37
C LEU A 154 4.35 -1.55 9.77
N THR A 155 3.34 -1.19 10.55
CA THR A 155 3.12 -1.69 11.90
C THR A 155 2.25 -2.94 11.79
N MET A 156 2.54 -3.81 10.82
CA MET A 156 1.77 -5.03 10.64
C MET A 156 2.05 -5.98 11.79
N LEU A 157 1.24 -7.02 11.91
CA LEU A 157 1.31 -8.03 12.95
C LEU A 157 1.12 -9.39 12.30
N PHE A 158 1.70 -10.45 12.87
CA PHE A 158 1.62 -11.82 12.38
C PHE A 158 1.47 -12.77 13.58
N MET A 1 -5.21 -27.40 -0.38
CA MET A 1 -3.97 -28.18 -0.25
C MET A 1 -2.77 -27.22 -0.27
N GLU A 2 -2.12 -27.07 0.88
CA GLU A 2 -0.96 -26.21 1.04
C GLU A 2 0.34 -26.98 0.76
N LYS A 3 1.46 -26.25 0.77
CA LYS A 3 2.81 -26.74 0.52
C LYS A 3 3.71 -26.60 1.76
N ALA A 4 3.10 -26.55 2.95
CA ALA A 4 3.75 -26.39 4.25
C ALA A 4 4.68 -25.17 4.20
N LEU A 5 4.18 -24.07 3.63
CA LEU A 5 4.91 -22.83 3.50
C LEU A 5 5.32 -22.33 4.87
N LYS A 6 4.36 -22.12 5.79
CA LYS A 6 4.53 -21.67 7.18
C LYS A 6 5.48 -20.49 7.34
N ILE A 7 5.57 -19.62 6.33
CA ILE A 7 6.44 -18.47 6.31
C ILE A 7 5.78 -17.27 5.61
N ASP A 8 5.10 -17.49 4.49
CA ASP A 8 4.41 -16.41 3.77
C ASP A 8 3.04 -16.33 4.43
N THR A 9 2.97 -15.61 5.53
CA THR A 9 1.78 -15.38 6.34
C THR A 9 1.39 -13.91 6.17
N PRO A 10 0.10 -13.58 6.03
CA PRO A 10 -0.34 -12.19 5.89
C PRO A 10 -0.03 -11.44 7.18
N GLN A 11 0.74 -10.35 7.11
CA GLN A 11 1.09 -9.57 8.30
C GLN A 11 0.26 -8.30 8.30
N GLN A 12 -0.28 -7.88 9.44
CA GLN A 12 -1.10 -6.69 9.50
C GLN A 12 -0.71 -5.80 10.68
N GLY A 13 -0.84 -4.48 10.56
CA GLY A 13 -0.52 -3.56 11.63
C GLY A 13 -0.92 -2.14 11.28
N SER A 14 -0.03 -1.16 11.42
CA SER A 14 -0.34 0.24 11.14
C SER A 14 0.87 1.02 10.57
N ILE A 15 0.71 2.32 10.31
CA ILE A 15 1.74 3.25 9.79
C ILE A 15 1.61 4.61 10.51
N GLN A 16 0.53 4.85 11.26
CA GLN A 16 0.31 6.11 11.98
C GLN A 16 1.39 6.43 13.02
N ASP A 17 2.15 5.40 13.42
CA ASP A 17 3.22 5.42 14.39
C ASP A 17 4.41 6.33 13.99
N ILE A 18 4.45 6.88 12.77
CA ILE A 18 5.55 7.75 12.29
C ILE A 18 5.35 9.24 12.52
N ASN A 19 4.14 9.76 12.30
CA ASN A 19 3.90 11.19 12.44
C ASN A 19 2.48 11.47 12.88
N HIS A 20 1.85 10.47 13.51
CA HIS A 20 0.47 10.57 13.99
C HIS A 20 -0.53 10.78 12.85
N ARG A 21 -0.19 10.30 11.65
CA ARG A 21 -1.03 10.43 10.46
C ARG A 21 -1.85 9.15 10.35
N VAL A 22 -3.05 9.10 10.92
CA VAL A 22 -3.90 7.90 10.80
C VAL A 22 -4.66 8.06 9.48
N TRP A 23 -5.22 7.00 8.91
CA TRP A 23 -5.96 7.05 7.65
C TRP A 23 -7.40 6.62 7.84
N VAL A 24 -8.34 7.23 7.12
CA VAL A 24 -9.74 6.81 7.22
C VAL A 24 -10.33 6.91 5.83
N LEU A 25 -11.09 5.89 5.41
CA LEU A 25 -11.74 5.91 4.10
C LEU A 25 -12.82 6.98 4.26
N GLN A 26 -12.79 8.03 3.45
CA GLN A 26 -13.75 9.11 3.50
C GLN A 26 -14.12 9.42 2.05
N ASP A 27 -15.40 9.36 1.73
CA ASP A 27 -15.95 9.62 0.40
C ASP A 27 -15.16 8.90 -0.71
N GLN A 28 -14.94 7.60 -0.50
CA GLN A 28 -14.23 6.67 -1.38
C GLN A 28 -12.72 6.93 -1.55
N THR A 29 -12.11 7.79 -0.72
CA THR A 29 -10.69 8.11 -0.79
C THR A 29 -10.06 8.02 0.60
N LEU A 30 -8.81 7.56 0.73
CA LEU A 30 -8.17 7.50 2.06
C LEU A 30 -7.62 8.88 2.37
N ILE A 31 -8.07 9.47 3.48
CA ILE A 31 -7.63 10.80 3.91
C ILE A 31 -6.93 10.66 5.26
N ALA A 32 -5.81 11.37 5.38
CA ALA A 32 -5.02 11.37 6.59
C ALA A 32 -5.73 12.24 7.62
N VAL A 33 -5.78 11.78 8.86
CA VAL A 33 -6.41 12.48 9.96
C VAL A 33 -5.35 12.76 11.05
N PRO A 34 -4.62 13.89 10.95
CA PRO A 34 -3.58 14.24 11.91
C PRO A 34 -4.15 14.60 13.30
N ARG A 35 -5.21 15.39 13.35
CA ARG A 35 -5.87 15.84 14.59
C ARG A 35 -7.35 16.14 14.29
N LYS A 36 -8.00 15.26 13.54
CA LYS A 36 -9.41 15.43 13.23
C LYS A 36 -10.11 14.81 14.41
N ASP A 37 -10.98 15.54 15.08
CA ASP A 37 -11.71 15.06 16.25
C ASP A 37 -12.47 13.77 15.89
N ARG A 38 -12.95 13.63 14.64
CA ARG A 38 -13.66 12.47 14.11
C ARG A 38 -12.71 11.41 13.52
N MET A 39 -11.49 11.26 14.02
CA MET A 39 -10.57 10.26 13.49
C MET A 39 -10.90 8.88 14.06
N SER A 40 -10.31 7.85 13.49
CA SER A 40 -10.51 6.47 13.90
C SER A 40 -9.28 5.68 13.49
N PRO A 41 -8.90 4.66 14.26
CA PRO A 41 -7.77 3.80 13.96
C PRO A 41 -8.15 2.89 12.78
N VAL A 42 -7.13 2.36 12.12
CA VAL A 42 -7.23 1.48 10.96
C VAL A 42 -6.05 0.51 11.02
N THR A 43 -6.19 -0.60 10.32
CA THR A 43 -5.23 -1.67 10.19
C THR A 43 -4.75 -1.71 8.75
N ILE A 44 -3.54 -2.21 8.54
CA ILE A 44 -2.89 -2.33 7.24
C ILE A 44 -2.38 -3.75 7.10
N ALA A 45 -3.05 -4.58 6.30
CA ALA A 45 -2.66 -5.95 6.06
C ALA A 45 -1.74 -5.94 4.83
N LEU A 46 -0.69 -6.75 4.83
CA LEU A 46 0.28 -6.86 3.75
C LEU A 46 0.47 -8.33 3.48
N ILE A 47 0.59 -8.70 2.20
CA ILE A 47 0.79 -10.07 1.78
C ILE A 47 1.53 -10.06 0.46
N SER A 48 2.37 -11.05 0.29
CA SER A 48 3.15 -11.27 -0.89
C SER A 48 2.21 -11.86 -1.96
N CYS A 49 2.61 -11.80 -3.23
CA CYS A 49 1.84 -12.38 -4.32
C CYS A 49 2.19 -13.88 -4.38
N ARG A 50 1.55 -14.67 -5.26
CA ARG A 50 1.83 -16.11 -5.39
C ARG A 50 2.20 -16.58 -6.81
N HIS A 51 2.09 -15.71 -7.80
CA HIS A 51 2.40 -15.98 -9.20
C HIS A 51 3.57 -15.06 -9.59
N VAL A 52 4.51 -14.84 -8.67
CA VAL A 52 5.67 -13.96 -8.84
C VAL A 52 6.59 -14.38 -9.97
N GLU A 53 6.46 -15.61 -10.47
CA GLU A 53 7.27 -16.11 -11.57
C GLU A 53 6.94 -15.34 -12.87
N THR A 54 5.79 -14.65 -12.91
CA THR A 54 5.36 -13.86 -14.06
C THR A 54 5.71 -12.38 -13.92
N LEU A 55 6.32 -11.97 -12.81
CA LEU A 55 6.69 -10.56 -12.58
C LEU A 55 8.19 -10.38 -12.74
N GLU A 56 8.59 -9.13 -12.56
CA GLU A 56 9.98 -8.69 -12.64
C GLU A 56 10.59 -8.75 -11.25
N LYS A 57 11.92 -8.83 -11.20
CA LYS A 57 12.71 -8.89 -9.98
C LYS A 57 13.73 -7.75 -9.88
N ASP A 58 14.08 -7.10 -10.99
CA ASP A 58 15.06 -6.01 -11.04
C ASP A 58 14.63 -4.78 -10.24
N ARG A 59 13.33 -4.51 -10.15
CA ARG A 59 12.79 -3.35 -9.42
C ARG A 59 12.57 -3.64 -7.93
N GLY A 60 12.75 -4.88 -7.48
CA GLY A 60 12.57 -5.28 -6.10
C GLY A 60 11.63 -6.46 -6.05
N ASN A 61 10.99 -6.68 -4.90
CA ASN A 61 10.05 -7.77 -4.68
C ASN A 61 8.63 -7.20 -4.76
N PRO A 62 7.85 -7.48 -5.83
CA PRO A 62 6.47 -6.99 -5.98
C PRO A 62 5.55 -7.75 -5.00
N ILE A 63 4.83 -7.04 -4.14
CA ILE A 63 3.91 -7.58 -3.12
C ILE A 63 2.58 -6.79 -3.19
N TYR A 64 1.66 -7.00 -2.24
CA TYR A 64 0.39 -6.30 -2.17
C TYR A 64 0.15 -5.86 -0.71
N LEU A 65 -0.71 -4.87 -0.52
CA LEU A 65 -1.07 -4.30 0.77
C LEU A 65 -2.50 -3.79 0.69
N GLY A 66 -3.20 -3.82 1.81
CA GLY A 66 -4.57 -3.37 1.94
C GLY A 66 -4.88 -2.89 3.34
N LEU A 67 -6.11 -2.42 3.51
CA LEU A 67 -6.64 -1.89 4.76
C LEU A 67 -7.43 -3.04 5.37
N ASN A 68 -7.25 -3.36 6.66
CA ASN A 68 -7.97 -4.49 7.26
C ASN A 68 -9.24 -4.05 7.99
N GLY A 69 -9.88 -3.04 7.43
CA GLY A 69 -11.09 -2.45 7.97
C GLY A 69 -12.34 -2.99 7.31
N LEU A 70 -12.84 -2.25 6.33
CA LEU A 70 -14.07 -2.53 5.57
C LEU A 70 -13.87 -3.43 4.33
N ASN A 71 -12.72 -4.08 4.19
CA ASN A 71 -12.34 -4.97 3.08
C ASN A 71 -12.07 -4.13 1.83
N LEU A 72 -10.96 -3.41 1.87
CA LEU A 72 -10.50 -2.49 0.82
C LEU A 72 -8.99 -2.62 0.71
N CYS A 73 -8.42 -2.48 -0.49
CA CYS A 73 -6.97 -2.58 -0.69
C CYS A 73 -6.53 -1.59 -1.77
N LEU A 74 -5.22 -1.46 -1.99
CA LEU A 74 -4.70 -0.52 -2.99
C LEU A 74 -5.23 -0.86 -4.39
N MET A 75 -5.37 0.16 -5.25
CA MET A 75 -5.89 -0.03 -6.60
C MET A 75 -5.40 1.14 -7.45
N CYS A 76 -4.58 0.91 -8.48
CA CYS A 76 -4.08 1.97 -9.33
C CYS A 76 -5.03 2.20 -10.49
N ALA A 77 -5.74 3.33 -10.47
CA ALA A 77 -6.70 3.75 -11.48
C ALA A 77 -6.07 4.93 -12.22
N LYS A 78 -6.81 5.64 -13.06
CA LYS A 78 -6.31 6.81 -13.80
C LYS A 78 -7.34 7.90 -13.55
N VAL A 79 -6.95 9.01 -12.94
CA VAL A 79 -7.86 10.11 -12.66
C VAL A 79 -8.41 10.81 -13.91
N GLY A 80 -7.86 10.51 -15.08
CA GLY A 80 -8.24 11.09 -16.36
C GLY A 80 -7.02 11.67 -17.08
N ASP A 81 -5.84 11.57 -16.47
CA ASP A 81 -4.59 12.05 -17.03
C ASP A 81 -3.41 11.23 -16.54
N GLN A 82 -3.35 10.94 -15.23
CA GLN A 82 -2.28 10.20 -14.59
C GLN A 82 -2.83 9.14 -13.62
N PRO A 83 -2.01 8.15 -13.20
CA PRO A 83 -2.46 7.10 -12.30
C PRO A 83 -2.67 7.61 -10.86
N THR A 84 -3.64 7.06 -10.12
CA THR A 84 -3.91 7.47 -8.74
C THR A 84 -4.37 6.25 -7.93
N LEU A 85 -4.50 6.36 -6.60
CA LEU A 85 -4.92 5.26 -5.72
C LEU A 85 -6.40 5.30 -5.37
N GLN A 86 -7.05 4.15 -5.50
CA GLN A 86 -8.47 4.00 -5.22
C GLN A 86 -8.66 2.86 -4.23
N LEU A 87 -8.32 3.12 -2.98
CA LEU A 87 -8.47 2.14 -1.92
C LEU A 87 -9.89 2.32 -1.44
N LYS A 88 -10.76 1.37 -1.76
CA LYS A 88 -12.18 1.44 -1.40
C LYS A 88 -12.87 0.10 -1.63
N GLU A 89 -12.43 -0.69 -2.62
CA GLU A 89 -13.01 -1.97 -2.97
C GLU A 89 -11.99 -2.86 -3.71
N LYS A 90 -11.33 -3.77 -3.00
CA LYS A 90 -10.34 -4.71 -3.53
C LYS A 90 -9.98 -5.68 -2.39
N ASP A 91 -9.41 -6.84 -2.73
CA ASP A 91 -9.01 -7.88 -1.79
C ASP A 91 -7.60 -8.37 -2.03
N ILE A 92 -6.79 -8.42 -0.96
CA ILE A 92 -5.40 -8.87 -0.94
C ILE A 92 -5.30 -10.39 -0.87
N MET A 93 -6.17 -11.05 -0.07
CA MET A 93 -6.13 -12.50 0.07
C MET A 93 -6.46 -13.16 -1.26
N ASP A 94 -7.33 -12.58 -2.08
CA ASP A 94 -7.71 -13.15 -3.37
C ASP A 94 -6.47 -13.23 -4.26
N LEU A 95 -5.65 -12.18 -4.32
CA LEU A 95 -4.44 -12.21 -5.15
C LEU A 95 -3.43 -13.24 -4.62
N TYR A 96 -3.36 -13.42 -3.31
CA TYR A 96 -2.45 -14.42 -2.72
C TYR A 96 -3.05 -15.83 -2.83
N ASN A 97 -4.35 -15.96 -3.09
CA ASN A 97 -5.07 -17.21 -3.23
C ASN A 97 -5.11 -17.68 -4.68
N GLN A 98 -5.22 -16.77 -5.66
CA GLN A 98 -5.29 -17.11 -7.08
C GLN A 98 -4.10 -16.56 -7.87
N PRO A 99 -3.78 -17.11 -9.05
CA PRO A 99 -2.67 -16.63 -9.85
C PRO A 99 -3.03 -15.35 -10.64
N GLU A 100 -3.52 -14.30 -9.98
CA GLU A 100 -3.89 -13.01 -10.60
C GLU A 100 -3.00 -11.87 -10.08
N PRO A 101 -1.71 -11.82 -10.47
CA PRO A 101 -0.81 -10.75 -10.05
C PRO A 101 -1.07 -9.51 -10.89
N VAL A 102 -2.08 -8.72 -10.56
CA VAL A 102 -2.44 -7.51 -11.29
C VAL A 102 -1.40 -6.44 -10.95
N LYS A 103 -0.48 -6.10 -11.88
CA LYS A 103 0.55 -5.09 -11.67
C LYS A 103 -0.05 -3.78 -11.14
N SER A 104 -1.29 -3.44 -11.51
CA SER A 104 -1.96 -2.23 -11.06
C SER A 104 -2.36 -2.24 -9.58
N PHE A 105 -2.24 -3.38 -8.91
CA PHE A 105 -2.56 -3.52 -7.49
C PHE A 105 -1.27 -3.81 -6.71
N LEU A 106 -0.23 -4.35 -7.37
CA LEU A 106 1.03 -4.70 -6.74
C LEU A 106 1.99 -3.52 -6.63
N PHE A 107 2.89 -3.59 -5.64
CA PHE A 107 3.89 -2.56 -5.37
C PHE A 107 5.22 -3.20 -5.00
N TYR A 108 6.30 -2.73 -5.59
CA TYR A 108 7.65 -3.18 -5.34
C TYR A 108 8.04 -2.53 -4.02
N HIS A 109 8.32 -3.34 -2.99
CA HIS A 109 8.73 -2.75 -1.73
C HIS A 109 10.22 -2.42 -1.84
N SER A 110 10.62 -1.29 -1.29
CA SER A 110 12.00 -0.81 -1.29
C SER A 110 12.30 -0.23 0.08
N GLN A 111 13.56 0.16 0.33
CA GLN A 111 13.97 0.75 1.58
C GLN A 111 15.17 1.65 1.37
N SER A 112 15.28 2.69 2.21
CA SER A 112 16.36 3.67 2.15
C SER A 112 16.42 4.62 3.37
N GLY A 113 17.41 4.43 4.24
CA GLY A 113 17.69 5.24 5.43
C GLY A 113 16.78 4.88 6.58
N ARG A 114 16.79 3.60 6.96
CA ARG A 114 15.97 2.99 8.01
C ARG A 114 14.50 3.10 7.63
N ASN A 115 14.15 3.51 6.41
CA ASN A 115 12.78 3.66 5.98
C ASN A 115 12.47 2.73 4.83
N SER A 116 11.18 2.51 4.59
CA SER A 116 10.62 1.68 3.54
C SER A 116 9.90 2.58 2.54
N THR A 117 9.72 2.07 1.33
CA THR A 117 9.06 2.74 0.20
C THR A 117 8.22 1.70 -0.56
N PHE A 118 7.27 2.15 -1.38
CA PHE A 118 6.39 1.30 -2.18
C PHE A 118 6.21 1.95 -3.55
N GLU A 119 6.67 1.29 -4.61
CA GLU A 119 6.60 1.76 -5.99
C GLU A 119 5.57 0.93 -6.76
N SER A 120 4.65 1.58 -7.47
CA SER A 120 3.60 0.95 -8.28
C SER A 120 4.22 0.01 -9.32
N VAL A 121 3.94 -1.30 -9.27
CA VAL A 121 4.49 -2.27 -10.23
C VAL A 121 4.03 -1.98 -11.65
N ALA A 122 2.76 -1.60 -11.83
CA ALA A 122 2.24 -1.29 -13.16
C ALA A 122 2.88 -0.06 -13.78
N PHE A 123 3.08 1.00 -12.99
CA PHE A 123 3.65 2.24 -13.45
C PHE A 123 4.72 2.68 -12.45
N PRO A 124 5.97 2.19 -12.62
CA PRO A 124 7.08 2.54 -11.73
C PRO A 124 7.41 4.04 -11.81
N GLY A 125 8.26 4.50 -10.89
CA GLY A 125 8.66 5.91 -10.78
C GLY A 125 7.71 6.66 -9.84
N TRP A 126 6.49 6.14 -9.67
CA TRP A 126 5.43 6.66 -8.82
C TRP A 126 5.43 5.84 -7.53
N PHE A 127 5.67 6.51 -6.41
CA PHE A 127 5.73 5.92 -5.08
C PHE A 127 4.49 6.36 -4.29
N ILE A 128 4.00 5.50 -3.40
CA ILE A 128 2.82 5.83 -2.61
C ILE A 128 3.20 6.83 -1.53
N ALA A 129 2.56 8.01 -1.48
CA ALA A 129 2.87 8.98 -0.46
C ALA A 129 1.99 8.76 0.78
N VAL A 130 2.57 8.91 1.97
CA VAL A 130 1.88 8.77 3.25
C VAL A 130 1.29 10.09 3.75
N SER A 131 1.53 11.22 3.08
CA SER A 131 1.01 12.54 3.47
C SER A 131 1.31 12.91 4.92
N SER A 132 2.56 13.26 5.17
CA SER A 132 3.06 13.63 6.49
C SER A 132 3.01 15.13 6.70
N GLU A 133 2.44 15.86 5.76
CA GLU A 133 2.30 17.29 5.82
C GLU A 133 0.82 17.55 5.87
N GLY A 134 0.42 18.47 6.75
CA GLY A 134 -0.96 18.83 6.94
C GLY A 134 -1.74 17.56 7.23
N GLY A 135 -2.48 17.09 6.24
CA GLY A 135 -3.28 15.88 6.27
C GLY A 135 -3.82 15.69 4.86
N CYS A 136 -2.93 15.41 3.90
CA CYS A 136 -3.36 15.23 2.52
C CYS A 136 -3.88 13.80 2.31
N PRO A 137 -4.71 13.57 1.28
CA PRO A 137 -5.22 12.25 0.99
C PRO A 137 -4.07 11.39 0.43
N LEU A 138 -4.27 10.09 0.38
CA LEU A 138 -3.28 9.11 -0.07
C LEU A 138 -3.34 8.91 -1.57
N ILE A 139 -2.28 9.32 -2.24
CA ILE A 139 -2.10 9.23 -3.68
C ILE A 139 -0.68 8.74 -3.98
N LEU A 140 -0.39 8.58 -5.28
CA LEU A 140 0.90 8.17 -5.81
C LEU A 140 1.59 9.48 -6.18
N THR A 141 2.89 9.60 -5.97
CA THR A 141 3.66 10.80 -6.29
C THR A 141 4.86 10.36 -7.08
N GLN A 142 5.09 11.00 -8.21
CA GLN A 142 6.24 10.69 -9.04
C GLN A 142 7.41 11.54 -8.55
N GLU A 143 7.13 12.67 -7.88
CA GLU A 143 8.16 13.57 -7.41
C GLU A 143 7.62 14.49 -6.31
N LEU A 144 7.81 14.07 -5.07
CA LEU A 144 7.38 14.80 -3.87
C LEU A 144 7.94 16.23 -3.85
N GLY A 145 9.25 16.38 -3.92
CA GLY A 145 9.91 17.70 -3.92
C GLY A 145 9.57 18.50 -2.68
N LYS A 146 9.66 17.83 -1.54
CA LYS A 146 9.40 18.34 -0.20
C LYS A 146 7.95 18.79 0.00
N ALA A 147 7.06 18.00 -0.58
CA ALA A 147 5.62 18.20 -0.47
C ALA A 147 4.96 16.86 -0.12
N ASN A 148 5.66 15.71 -0.22
CA ASN A 148 5.07 14.45 0.13
C ASN A 148 6.11 13.61 0.84
N THR A 149 5.63 12.66 1.63
CA THR A 149 6.47 11.73 2.39
C THR A 149 6.25 10.39 1.72
N THR A 150 7.31 9.80 1.17
CA THR A 150 7.27 8.51 0.50
C THR A 150 7.97 7.46 1.36
N ASP A 151 8.68 7.90 2.40
CA ASP A 151 9.43 7.05 3.31
C ASP A 151 8.66 6.86 4.61
N PHE A 152 8.45 5.60 5.01
CA PHE A 152 7.71 5.27 6.22
C PHE A 152 8.20 3.93 6.75
N GLY A 153 7.45 3.33 7.66
CA GLY A 153 7.71 2.05 8.29
C GLY A 153 6.36 1.43 8.57
N LEU A 154 6.15 0.19 8.12
CA LEU A 154 4.90 -0.52 8.35
C LEU A 154 5.08 -1.26 9.66
N THR A 155 4.31 -0.87 10.68
CA THR A 155 4.26 -1.44 12.02
C THR A 155 3.43 -2.73 11.95
N MET A 156 3.62 -3.52 10.89
CA MET A 156 2.94 -4.78 10.61
C MET A 156 3.32 -5.78 11.71
N LEU A 157 2.42 -6.67 12.04
CA LEU A 157 2.56 -7.70 13.07
C LEU A 157 2.17 -9.05 12.45
N PHE A 158 2.55 -10.18 13.07
CA PHE A 158 2.27 -11.54 12.62
C PHE A 158 2.01 -12.43 13.81
N MET A 1 0.74 -21.80 10.29
CA MET A 1 1.37 -23.08 9.93
C MET A 1 1.68 -23.06 8.43
N GLU A 2 2.92 -22.69 8.13
CA GLU A 2 3.52 -22.54 6.82
C GLU A 2 3.87 -23.87 6.13
N LYS A 3 4.57 -23.77 5.00
CA LYS A 3 5.02 -24.87 4.17
C LYS A 3 6.55 -24.86 3.99
N ALA A 4 7.19 -23.69 4.01
CA ALA A 4 8.64 -23.57 3.85
C ALA A 4 9.20 -22.26 4.37
N LEU A 5 8.47 -21.19 4.11
CA LEU A 5 8.77 -19.84 4.51
C LEU A 5 8.21 -19.60 5.93
N LYS A 6 8.26 -18.35 6.40
CA LYS A 6 7.78 -17.94 7.73
C LYS A 6 6.86 -16.71 7.69
N ILE A 7 6.46 -16.27 6.50
CA ILE A 7 5.62 -15.11 6.22
C ILE A 7 4.57 -15.50 5.16
N ASP A 8 4.04 -16.73 5.27
CA ASP A 8 3.05 -17.24 4.32
C ASP A 8 1.67 -16.64 4.55
N THR A 9 1.26 -16.54 5.82
CA THR A 9 -0.03 -15.98 6.20
C THR A 9 -0.04 -14.47 5.90
N PRO A 10 -1.23 -13.86 5.71
CA PRO A 10 -1.35 -12.44 5.43
C PRO A 10 -0.98 -11.69 6.70
N GLN A 11 -0.11 -10.69 6.59
CA GLN A 11 0.29 -9.92 7.75
C GLN A 11 -0.58 -8.68 7.78
N GLN A 12 -1.15 -8.31 8.93
CA GLN A 12 -1.98 -7.12 9.02
C GLN A 12 -1.48 -6.30 10.21
N GLY A 13 -1.53 -4.98 10.12
CA GLY A 13 -1.06 -4.11 11.20
C GLY A 13 -1.48 -2.68 10.93
N SER A 14 -0.59 -1.71 11.19
CA SER A 14 -0.86 -0.30 10.98
C SER A 14 0.37 0.47 10.50
N ILE A 15 0.25 1.80 10.44
CA ILE A 15 1.30 2.74 9.99
C ILE A 15 1.27 3.99 10.90
N GLN A 16 0.24 4.16 11.74
CA GLN A 16 0.14 5.31 12.64
C GLN A 16 1.30 5.41 13.62
N ASP A 17 1.96 4.29 13.92
CA ASP A 17 3.10 4.16 14.83
C ASP A 17 4.30 5.02 14.41
N ILE A 18 4.31 5.50 13.16
CA ILE A 18 5.35 6.33 12.59
C ILE A 18 5.33 7.76 13.09
N ASN A 19 4.28 8.52 12.74
CA ASN A 19 4.17 9.93 13.12
C ASN A 19 2.75 10.24 13.58
N HIS A 20 2.09 9.25 14.20
CA HIS A 20 0.72 9.39 14.70
C HIS A 20 -0.23 9.76 13.55
N ARG A 21 -0.01 9.20 12.36
CA ARG A 21 -0.86 9.47 11.19
C ARG A 21 -1.75 8.25 10.92
N VAL A 22 -2.94 8.19 11.52
CA VAL A 22 -3.88 7.10 11.30
C VAL A 22 -4.54 7.42 9.96
N TRP A 23 -5.09 6.44 9.26
CA TRP A 23 -5.76 6.63 7.99
C TRP A 23 -7.24 6.37 8.17
N VAL A 24 -8.09 6.97 7.34
CA VAL A 24 -9.53 6.76 7.43
C VAL A 24 -10.09 6.83 6.01
N LEU A 25 -10.97 5.91 5.64
CA LEU A 25 -11.58 5.92 4.32
C LEU A 25 -12.62 7.04 4.37
N GLN A 26 -12.39 8.18 3.73
CA GLN A 26 -13.30 9.31 3.74
C GLN A 26 -13.54 9.85 2.34
N ASP A 27 -14.80 10.09 2.00
CA ASP A 27 -15.24 10.62 0.70
C ASP A 27 -14.57 9.87 -0.46
N GLN A 28 -14.53 8.54 -0.30
CA GLN A 28 -13.96 7.55 -1.22
C GLN A 28 -12.46 7.70 -1.48
N THR A 29 -11.72 8.26 -0.54
CA THR A 29 -10.28 8.46 -0.62
C THR A 29 -9.74 8.12 0.77
N LEU A 30 -8.47 7.71 0.90
CA LEU A 30 -7.91 7.42 2.22
C LEU A 30 -7.26 8.73 2.65
N ILE A 31 -7.62 9.20 3.83
CA ILE A 31 -7.11 10.45 4.38
C ILE A 31 -6.54 10.24 5.78
N ALA A 32 -5.33 10.77 5.99
CA ALA A 32 -4.63 10.69 7.25
C ALA A 32 -5.31 11.61 8.27
N VAL A 33 -5.49 11.14 9.50
CA VAL A 33 -6.10 11.89 10.58
C VAL A 33 -5.02 12.16 11.65
N PRO A 34 -4.17 13.18 11.46
CA PRO A 34 -3.10 13.51 12.40
C PRO A 34 -3.67 14.03 13.73
N ARG A 35 -4.80 14.76 13.71
CA ARG A 35 -5.43 15.33 14.90
C ARG A 35 -6.95 15.49 14.78
N LYS A 36 -7.57 14.89 13.77
CA LYS A 36 -9.02 15.00 13.57
C LYS A 36 -9.78 14.41 14.76
N ASP A 37 -10.83 15.13 15.14
CA ASP A 37 -11.73 14.81 16.24
C ASP A 37 -12.51 13.53 15.88
N ARG A 38 -12.78 13.34 14.59
CA ARG A 38 -13.49 12.18 14.07
C ARG A 38 -12.47 11.24 13.46
N MET A 39 -11.67 10.59 14.31
CA MET A 39 -10.67 9.62 13.90
C MET A 39 -11.21 8.23 14.27
N SER A 40 -10.62 7.20 13.69
CA SER A 40 -11.01 5.82 13.93
C SER A 40 -9.80 5.00 13.54
N PRO A 41 -9.46 3.94 14.28
CA PRO A 41 -8.34 3.13 13.93
C PRO A 41 -8.69 2.32 12.68
N VAL A 42 -7.66 1.79 12.04
CA VAL A 42 -7.77 0.99 10.85
C VAL A 42 -6.54 0.08 10.76
N THR A 43 -6.75 -1.02 10.08
CA THR A 43 -5.80 -2.07 9.82
C THR A 43 -5.33 -2.03 8.38
N ILE A 44 -4.09 -2.48 8.14
CA ILE A 44 -3.46 -2.57 6.83
C ILE A 44 -3.10 -4.03 6.65
N ALA A 45 -3.55 -4.72 5.60
CA ALA A 45 -3.19 -6.13 5.34
C ALA A 45 -2.11 -6.07 4.27
N LEU A 46 -1.14 -6.99 4.30
CA LEU A 46 -0.05 -7.05 3.33
C LEU A 46 0.17 -8.53 3.04
N ILE A 47 0.39 -8.84 1.77
CA ILE A 47 0.64 -10.19 1.23
C ILE A 47 1.59 -10.10 0.05
N SER A 48 2.53 -11.05 0.03
CA SER A 48 3.49 -11.19 -1.03
C SER A 48 2.80 -12.00 -2.11
N CYS A 49 2.83 -11.54 -3.36
CA CYS A 49 2.20 -12.28 -4.44
C CYS A 49 2.91 -13.65 -4.54
N ARG A 50 2.13 -14.71 -4.76
CA ARG A 50 2.67 -16.06 -4.90
C ARG A 50 2.87 -16.40 -6.36
N HIS A 51 2.10 -15.83 -7.28
CA HIS A 51 2.21 -16.11 -8.70
C HIS A 51 3.18 -15.10 -9.31
N VAL A 52 4.28 -14.80 -8.61
CA VAL A 52 5.27 -13.84 -9.07
C VAL A 52 6.04 -14.33 -10.29
N GLU A 53 5.89 -15.59 -10.69
CA GLU A 53 6.54 -16.24 -11.84
C GLU A 53 6.18 -15.60 -13.19
N THR A 54 5.22 -14.67 -13.21
CA THR A 54 4.78 -13.97 -14.40
C THR A 54 4.93 -12.44 -14.24
N LEU A 55 5.57 -11.97 -13.18
CA LEU A 55 5.79 -10.55 -12.93
C LEU A 55 7.25 -10.25 -13.16
N GLU A 56 7.53 -8.96 -13.23
CA GLU A 56 8.86 -8.43 -13.43
C GLU A 56 9.70 -8.81 -12.22
N LYS A 57 11.01 -8.92 -12.45
CA LYS A 57 11.96 -9.28 -11.43
C LYS A 57 13.01 -8.21 -11.25
N ASP A 58 13.54 -7.76 -12.38
CA ASP A 58 14.60 -6.76 -12.55
C ASP A 58 14.25 -5.41 -11.92
N ARG A 59 12.97 -5.08 -11.80
CA ARG A 59 12.53 -3.81 -11.22
C ARG A 59 12.45 -3.88 -9.70
N GLY A 60 12.37 -5.09 -9.13
CA GLY A 60 12.28 -5.31 -7.72
C GLY A 60 11.32 -6.45 -7.41
N ASN A 61 10.95 -6.59 -6.14
CA ASN A 61 10.05 -7.64 -5.67
C ASN A 61 8.61 -7.10 -5.55
N PRO A 62 7.69 -7.38 -6.49
CA PRO A 62 6.30 -6.91 -6.47
C PRO A 62 5.44 -7.66 -5.46
N ILE A 63 4.59 -6.93 -4.72
CA ILE A 63 3.68 -7.44 -3.68
C ILE A 63 2.37 -6.65 -3.67
N TYR A 64 1.48 -6.94 -2.71
CA TYR A 64 0.21 -6.23 -2.56
C TYR A 64 -0.04 -5.87 -1.10
N LEU A 65 -0.87 -4.84 -0.89
CA LEU A 65 -1.24 -4.31 0.42
C LEU A 65 -2.61 -3.63 0.29
N GLY A 66 -3.37 -3.60 1.39
CA GLY A 66 -4.70 -2.99 1.39
C GLY A 66 -5.15 -2.69 2.81
N LEU A 67 -6.37 -2.19 3.00
CA LEU A 67 -6.89 -1.95 4.35
C LEU A 67 -7.44 -3.31 4.78
N ASN A 68 -7.82 -3.47 6.04
CA ASN A 68 -8.37 -4.75 6.53
C ASN A 68 -9.57 -4.48 7.42
N GLY A 69 -10.46 -3.61 6.93
CA GLY A 69 -11.65 -3.17 7.62
C GLY A 69 -12.91 -3.56 6.87
N LEU A 70 -13.23 -2.86 5.78
CA LEU A 70 -14.42 -3.07 4.96
C LEU A 70 -14.20 -3.74 3.59
N ASN A 71 -13.12 -4.51 3.44
CA ASN A 71 -12.78 -5.21 2.19
C ASN A 71 -12.41 -4.18 1.10
N LEU A 72 -11.24 -3.56 1.24
CA LEU A 72 -10.72 -2.54 0.32
C LEU A 72 -9.20 -2.60 0.25
N CYS A 73 -8.59 -2.40 -0.93
CA CYS A 73 -7.14 -2.41 -1.09
C CYS A 73 -6.69 -1.38 -2.13
N LEU A 74 -5.39 -1.09 -2.16
CA LEU A 74 -4.77 -0.12 -3.06
C LEU A 74 -5.06 -0.50 -4.51
N MET A 75 -5.01 0.48 -5.43
CA MET A 75 -5.32 0.21 -6.84
C MET A 75 -4.80 1.39 -7.64
N CYS A 76 -4.22 1.13 -8.81
CA CYS A 76 -3.68 2.19 -9.67
C CYS A 76 -4.65 2.44 -10.81
N ALA A 77 -5.17 3.67 -10.90
CA ALA A 77 -6.11 4.11 -11.91
C ALA A 77 -5.54 5.33 -12.60
N LYS A 78 -6.34 5.98 -13.44
CA LYS A 78 -6.00 7.18 -14.19
C LYS A 78 -7.09 8.18 -13.91
N VAL A 79 -6.75 9.38 -13.46
CA VAL A 79 -7.74 10.42 -13.17
C VAL A 79 -7.98 11.30 -14.41
N GLY A 80 -7.17 11.13 -15.46
CA GLY A 80 -7.29 11.87 -16.69
C GLY A 80 -6.03 11.67 -17.49
N ASP A 81 -4.99 12.43 -17.19
CA ASP A 81 -3.69 12.36 -17.88
C ASP A 81 -2.55 11.93 -16.95
N GLN A 82 -2.90 11.52 -15.73
CA GLN A 82 -1.97 11.10 -14.70
C GLN A 82 -2.54 9.91 -13.91
N PRO A 83 -1.65 9.05 -13.37
CA PRO A 83 -2.07 7.89 -12.61
C PRO A 83 -2.40 8.33 -11.19
N THR A 84 -3.33 7.63 -10.55
CA THR A 84 -3.80 7.93 -9.21
C THR A 84 -4.12 6.64 -8.47
N LEU A 85 -4.37 6.79 -7.17
CA LEU A 85 -4.72 5.71 -6.28
C LEU A 85 -6.24 5.58 -6.23
N GLN A 86 -6.77 4.38 -5.98
CA GLN A 86 -8.21 4.09 -5.89
C GLN A 86 -8.37 2.95 -4.88
N LEU A 87 -8.36 3.25 -3.59
CA LEU A 87 -8.45 2.30 -2.49
C LEU A 87 -9.82 2.39 -1.89
N LYS A 88 -10.73 1.52 -2.27
CA LYS A 88 -12.11 1.56 -1.79
C LYS A 88 -12.87 0.26 -2.07
N GLU A 89 -12.49 -0.47 -3.10
CA GLU A 89 -13.13 -1.71 -3.54
C GLU A 89 -12.06 -2.67 -4.09
N LYS A 90 -11.65 -3.71 -3.34
CA LYS A 90 -10.64 -4.70 -3.75
C LYS A 90 -10.35 -5.63 -2.57
N ASP A 91 -9.81 -6.83 -2.83
CA ASP A 91 -9.49 -7.79 -1.78
C ASP A 91 -8.13 -8.42 -2.03
N ILE A 92 -7.27 -8.37 -1.01
CA ILE A 92 -5.91 -8.89 -1.01
C ILE A 92 -5.82 -10.41 -1.08
N MET A 93 -6.60 -11.11 -0.26
CA MET A 93 -6.56 -12.56 -0.22
C MET A 93 -6.97 -13.16 -1.56
N ASP A 94 -7.85 -12.48 -2.29
CA ASP A 94 -8.32 -12.93 -3.58
C ASP A 94 -7.16 -12.98 -4.56
N LEU A 95 -6.44 -11.87 -4.73
CA LEU A 95 -5.30 -11.81 -5.66
C LEU A 95 -4.18 -12.74 -5.27
N TYR A 96 -4.02 -12.99 -3.99
CA TYR A 96 -3.00 -13.89 -3.50
C TYR A 96 -3.43 -15.32 -3.79
N ASN A 97 -4.64 -15.69 -3.38
CA ASN A 97 -5.21 -17.03 -3.53
C ASN A 97 -5.33 -17.45 -4.98
N GLN A 98 -5.82 -16.57 -5.84
CA GLN A 98 -5.98 -16.89 -7.23
C GLN A 98 -4.72 -16.44 -7.97
N PRO A 99 -4.28 -17.17 -9.01
CA PRO A 99 -3.08 -16.83 -9.78
C PRO A 99 -3.32 -15.65 -10.74
N GLU A 100 -3.87 -14.55 -10.26
CA GLU A 100 -4.16 -13.35 -11.05
C GLU A 100 -3.35 -12.17 -10.49
N PRO A 101 -2.02 -12.13 -10.69
CA PRO A 101 -1.19 -11.04 -10.23
C PRO A 101 -1.46 -9.89 -11.23
N VAL A 102 -2.42 -9.01 -10.91
CA VAL A 102 -2.78 -7.90 -11.77
C VAL A 102 -1.88 -6.76 -11.38
N LYS A 103 -0.80 -6.56 -12.13
CA LYS A 103 0.18 -5.49 -11.91
C LYS A 103 -0.44 -4.11 -11.74
N SER A 104 -1.65 -3.89 -12.26
CA SER A 104 -2.34 -2.63 -12.13
C SER A 104 -2.67 -2.33 -10.66
N PHE A 105 -2.63 -3.32 -9.77
CA PHE A 105 -2.92 -3.14 -8.36
C PHE A 105 -1.66 -3.39 -7.52
N LEU A 106 -0.66 -4.12 -8.02
CA LEU A 106 0.57 -4.45 -7.31
C LEU A 106 1.59 -3.31 -7.29
N PHE A 107 2.58 -3.41 -6.41
CA PHE A 107 3.65 -2.43 -6.26
C PHE A 107 4.93 -3.10 -5.79
N TYR A 108 6.05 -2.64 -6.34
CA TYR A 108 7.39 -3.09 -5.98
C TYR A 108 7.67 -2.41 -4.64
N HIS A 109 7.97 -3.20 -3.61
CA HIS A 109 8.27 -2.74 -2.27
C HIS A 109 9.80 -2.69 -2.13
N SER A 110 10.39 -1.50 -2.23
CA SER A 110 11.83 -1.27 -2.13
C SER A 110 12.23 -1.14 -0.65
N GLN A 111 13.54 -1.11 -0.37
CA GLN A 111 14.12 -0.96 0.96
C GLN A 111 15.33 -0.05 0.90
N SER A 112 15.52 0.69 1.98
CA SER A 112 16.61 1.64 2.14
C SER A 112 17.28 1.55 3.53
N GLY A 113 17.06 0.47 4.28
CA GLY A 113 17.63 0.24 5.60
C GLY A 113 16.51 0.12 6.62
N ARG A 114 15.95 1.25 7.04
CA ARG A 114 14.85 1.31 8.00
C ARG A 114 13.56 1.79 7.36
N ASN A 115 13.59 2.12 6.06
CA ASN A 115 12.44 2.60 5.30
C ASN A 115 12.29 1.73 4.07
N SER A 116 11.10 1.76 3.49
CA SER A 116 10.71 1.01 2.31
C SER A 116 10.01 1.95 1.34
N THR A 117 10.08 1.68 0.03
CA THR A 117 9.43 2.51 -1.00
C THR A 117 8.37 1.63 -1.67
N PHE A 118 7.45 2.22 -2.43
CA PHE A 118 6.36 1.50 -3.06
C PHE A 118 6.12 2.12 -4.43
N GLU A 119 6.50 1.41 -5.49
CA GLU A 119 6.39 1.83 -6.89
C GLU A 119 5.35 0.96 -7.61
N SER A 120 4.34 1.56 -8.25
CA SER A 120 3.31 0.83 -9.01
C SER A 120 3.97 -0.10 -10.03
N VAL A 121 3.58 -1.38 -10.08
CA VAL A 121 4.17 -2.34 -11.03
C VAL A 121 3.75 -1.98 -12.46
N ALA A 122 2.45 -1.80 -12.68
CA ALA A 122 1.91 -1.48 -14.00
C ALA A 122 2.44 -0.16 -14.55
N PHE A 123 2.64 0.83 -13.67
CA PHE A 123 3.10 2.16 -14.05
C PHE A 123 4.30 2.56 -13.16
N PRO A 124 5.50 2.09 -13.51
CA PRO A 124 6.72 2.40 -12.78
C PRO A 124 7.04 3.90 -12.87
N GLY A 125 7.89 4.40 -11.97
CA GLY A 125 8.28 5.80 -11.93
C GLY A 125 7.35 6.66 -11.06
N TRP A 126 6.32 6.07 -10.44
CA TRP A 126 5.35 6.72 -9.57
C TRP A 126 5.32 5.96 -8.26
N PHE A 127 5.42 6.67 -7.14
CA PHE A 127 5.42 6.12 -5.81
C PHE A 127 4.18 6.51 -5.01
N ILE A 128 3.77 5.64 -4.10
CA ILE A 128 2.62 5.85 -3.22
C ILE A 128 2.99 6.73 -2.01
N ALA A 129 2.37 7.90 -1.84
CA ALA A 129 2.71 8.72 -0.68
C ALA A 129 2.01 8.17 0.57
N VAL A 130 2.59 8.40 1.75
CA VAL A 130 2.12 7.99 3.07
C VAL A 130 1.53 9.20 3.81
N SER A 131 1.84 10.44 3.35
CA SER A 131 1.35 11.71 3.92
C SER A 131 1.76 11.94 5.38
N SER A 132 2.98 11.57 5.70
CA SER A 132 3.53 11.70 7.05
C SER A 132 3.93 13.12 7.40
N GLU A 133 3.98 14.03 6.42
CA GLU A 133 4.34 15.43 6.58
C GLU A 133 3.38 16.13 7.54
N GLY A 134 2.12 16.28 7.14
CA GLY A 134 1.08 16.92 7.92
C GLY A 134 -0.09 15.99 8.16
N GLY A 135 -0.58 15.34 7.10
CA GLY A 135 -1.71 14.42 7.16
C GLY A 135 -2.60 14.64 5.95
N CYS A 136 -2.03 14.45 4.74
CA CYS A 136 -2.73 14.62 3.48
C CYS A 136 -3.37 13.28 3.02
N PRO A 137 -4.15 13.26 1.93
CA PRO A 137 -4.75 12.02 1.45
C PRO A 137 -3.65 11.16 0.84
N LEU A 138 -3.96 9.89 0.62
CA LEU A 138 -3.04 8.94 0.02
C LEU A 138 -3.18 9.05 -1.48
N ILE A 139 -2.13 9.51 -2.14
CA ILE A 139 -2.06 9.71 -3.58
C ILE A 139 -0.71 9.23 -4.13
N LEU A 140 -0.56 9.20 -5.47
CA LEU A 140 0.70 8.81 -6.09
C LEU A 140 1.44 10.09 -6.44
N THR A 141 2.74 9.98 -6.62
CA THR A 141 3.64 11.06 -6.96
C THR A 141 4.73 10.48 -7.82
N GLN A 142 5.43 11.34 -8.54
CA GLN A 142 6.51 10.95 -9.41
C GLN A 142 7.82 11.31 -8.72
N GLU A 143 7.88 12.53 -8.18
CA GLU A 143 9.06 13.05 -7.50
C GLU A 143 8.63 14.21 -6.60
N LEU A 144 8.99 14.14 -5.32
CA LEU A 144 8.69 15.13 -4.28
C LEU A 144 9.96 15.69 -3.67
N GLY A 145 10.74 14.83 -3.01
CA GLY A 145 11.98 15.13 -2.35
C GLY A 145 11.71 15.09 -0.85
N LYS A 146 10.97 16.09 -0.37
CA LYS A 146 10.61 16.24 1.04
C LYS A 146 9.17 16.73 1.26
N ALA A 147 8.44 17.06 0.18
CA ALA A 147 7.06 17.58 0.24
C ALA A 147 6.02 16.57 0.70
N ASN A 148 6.34 15.28 0.63
CA ASN A 148 5.45 14.21 1.06
C ASN A 148 6.35 13.22 1.79
N THR A 149 5.94 11.97 1.90
CA THR A 149 6.72 10.93 2.54
C THR A 149 6.34 9.70 1.73
N THR A 150 7.24 9.18 0.90
CA THR A 150 7.00 8.00 0.07
C THR A 150 7.86 6.83 0.54
N ASP A 151 8.79 7.10 1.48
CA ASP A 151 9.68 6.08 2.01
C ASP A 151 9.52 6.01 3.52
N PHE A 152 8.97 4.90 3.99
CA PHE A 152 8.75 4.64 5.41
C PHE A 152 8.50 3.14 5.67
N GLY A 153 8.22 2.77 6.92
CA GLY A 153 7.96 1.40 7.33
C GLY A 153 6.47 1.08 7.41
N LEU A 154 6.16 -0.08 8.01
CA LEU A 154 4.81 -0.59 8.23
C LEU A 154 4.84 -1.36 9.56
N THR A 155 3.91 -1.09 10.46
CA THR A 155 3.82 -1.76 11.75
C THR A 155 2.91 -2.98 11.53
N MET A 156 3.25 -3.77 10.51
CA MET A 156 2.58 -4.98 10.12
C MET A 156 2.88 -6.00 11.24
N LEU A 157 1.86 -6.75 11.60
CA LEU A 157 1.87 -7.78 12.64
C LEU A 157 1.41 -9.10 11.99
N PHE A 158 1.53 -10.22 12.70
CA PHE A 158 1.14 -11.53 12.22
C PHE A 158 0.92 -12.45 13.41
N MET A 1 16.90 -11.07 -1.92
CA MET A 1 16.63 -12.40 -1.36
C MET A 1 15.55 -12.32 -0.28
N GLU A 2 15.05 -13.46 0.17
CA GLU A 2 14.04 -13.55 1.21
C GLU A 2 14.76 -13.47 2.58
N LYS A 3 14.04 -13.73 3.68
CA LYS A 3 14.60 -13.72 5.03
C LYS A 3 14.47 -15.10 5.68
N ALA A 4 14.43 -16.18 4.89
CA ALA A 4 14.30 -17.55 5.36
C ALA A 4 13.04 -17.69 6.21
N LEU A 5 11.89 -17.45 5.58
CA LEU A 5 10.59 -17.52 6.24
C LEU A 5 9.75 -18.69 5.77
N LYS A 6 9.66 -18.94 4.44
CA LYS A 6 8.90 -20.02 3.79
C LYS A 6 7.50 -20.20 4.38
N ILE A 7 6.87 -19.10 4.74
CA ILE A 7 5.54 -19.04 5.34
C ILE A 7 4.82 -17.81 4.82
N ASP A 8 4.28 -17.91 3.62
CA ASP A 8 3.56 -16.80 3.03
C ASP A 8 2.16 -16.77 3.64
N THR A 9 1.93 -15.90 4.62
CA THR A 9 0.64 -15.75 5.28
C THR A 9 0.25 -14.29 5.38
N PRO A 10 -1.06 -14.00 5.46
CA PRO A 10 -1.53 -12.65 5.58
C PRO A 10 -1.08 -12.10 6.92
N GLN A 11 -0.78 -10.80 6.96
CA GLN A 11 -0.35 -10.12 8.15
C GLN A 11 -0.99 -8.76 8.15
N GLN A 12 -1.96 -8.56 9.05
CA GLN A 12 -2.69 -7.32 9.18
C GLN A 12 -2.33 -6.63 10.49
N GLY A 13 -2.29 -5.30 10.50
CA GLY A 13 -1.96 -4.49 11.65
C GLY A 13 -2.17 -3.02 11.34
N SER A 14 -1.13 -2.19 11.38
CA SER A 14 -1.30 -0.77 11.14
C SER A 14 -0.02 -0.05 10.78
N ILE A 15 -0.13 1.20 10.29
CA ILE A 15 1.03 2.01 9.90
C ILE A 15 0.95 3.38 10.61
N GLN A 16 -0.09 3.67 11.39
CA GLN A 16 -0.24 4.97 12.05
C GLN A 16 0.85 5.30 13.06
N ASP A 17 1.45 4.29 13.68
CA ASP A 17 2.51 4.39 14.69
C ASP A 17 3.73 5.18 14.19
N ILE A 18 3.86 5.30 12.87
CA ILE A 18 4.92 5.97 12.13
C ILE A 18 5.11 7.44 12.49
N ASN A 19 4.06 8.23 12.40
CA ASN A 19 4.10 9.67 12.70
C ASN A 19 2.73 10.08 13.19
N HIS A 20 2.07 9.18 13.93
CA HIS A 20 0.75 9.33 14.52
C HIS A 20 -0.36 9.66 13.52
N ARG A 21 -0.07 9.43 12.25
CA ARG A 21 -0.94 9.69 11.13
C ARG A 21 -1.82 8.48 10.88
N VAL A 22 -3.01 8.52 11.44
CA VAL A 22 -3.97 7.45 11.25
C VAL A 22 -4.50 7.66 9.83
N TRP A 23 -5.04 6.63 9.20
CA TRP A 23 -5.59 6.77 7.85
C TRP A 23 -7.11 6.69 7.96
N VAL A 24 -7.84 7.39 7.09
CA VAL A 24 -9.29 7.38 7.09
C VAL A 24 -9.74 7.42 5.65
N LEU A 25 -10.61 6.50 5.26
CA LEU A 25 -11.14 6.46 3.91
C LEU A 25 -12.12 7.65 3.81
N GLN A 26 -11.81 8.73 3.10
CA GLN A 26 -12.68 9.89 2.98
C GLN A 26 -12.95 10.19 1.51
N ASP A 27 -14.21 10.25 1.09
CA ASP A 27 -14.58 10.57 -0.29
C ASP A 27 -13.76 9.76 -1.29
N GLN A 28 -13.85 8.42 -1.15
CA GLN A 28 -13.15 7.46 -2.00
C GLN A 28 -11.62 7.73 -2.12
N THR A 29 -11.02 8.39 -1.13
CA THR A 29 -9.62 8.75 -1.14
C THR A 29 -9.11 8.62 0.29
N LEU A 30 -8.03 7.88 0.54
CA LEU A 30 -7.58 7.81 1.94
C LEU A 30 -6.91 9.11 2.33
N ILE A 31 -7.12 9.52 3.57
CA ILE A 31 -6.53 10.72 4.14
C ILE A 31 -5.77 10.36 5.40
N ALA A 32 -4.75 11.16 5.74
CA ALA A 32 -3.94 10.99 6.92
C ALA A 32 -4.45 11.98 7.95
N VAL A 33 -4.84 11.50 9.13
CA VAL A 33 -5.38 12.32 10.21
C VAL A 33 -4.36 12.35 11.35
N PRO A 34 -3.28 13.14 11.26
CA PRO A 34 -2.29 13.21 12.32
C PRO A 34 -2.91 13.81 13.58
N ARG A 35 -3.59 14.95 13.44
CA ARG A 35 -4.23 15.67 14.53
C ARG A 35 -5.55 16.23 14.02
N LYS A 36 -6.60 15.42 13.93
CA LYS A 36 -7.92 15.84 13.47
C LYS A 36 -8.90 15.11 14.36
N ASP A 37 -9.89 15.83 14.90
CA ASP A 37 -10.89 15.26 15.80
C ASP A 37 -11.70 14.14 15.15
N ARG A 38 -12.13 14.31 13.89
CA ARG A 38 -12.92 13.31 13.15
C ARG A 38 -12.13 12.06 12.73
N MET A 39 -11.03 11.76 13.39
CA MET A 39 -10.23 10.59 13.05
C MET A 39 -10.94 9.31 13.51
N SER A 40 -10.51 8.18 12.98
CA SER A 40 -11.04 6.86 13.30
C SER A 40 -9.93 5.87 12.98
N PRO A 41 -9.61 4.92 13.87
CA PRO A 41 -8.55 3.95 13.64
C PRO A 41 -8.96 2.97 12.55
N VAL A 42 -7.96 2.56 11.76
CA VAL A 42 -8.11 1.61 10.67
C VAL A 42 -7.02 0.56 10.79
N THR A 43 -7.22 -0.52 10.07
CA THR A 43 -6.30 -1.64 10.05
C THR A 43 -5.75 -1.74 8.62
N ILE A 44 -4.58 -2.34 8.47
CA ILE A 44 -3.89 -2.53 7.20
C ILE A 44 -3.66 -4.01 7.08
N ALA A 45 -3.89 -4.63 5.93
CA ALA A 45 -3.71 -6.05 5.71
C ALA A 45 -2.74 -6.23 4.56
N LEU A 46 -1.66 -7.00 4.76
CA LEU A 46 -0.62 -7.24 3.76
C LEU A 46 -0.53 -8.73 3.44
N ILE A 47 -0.40 -9.04 2.15
CA ILE A 47 -0.32 -10.39 1.63
C ILE A 47 0.55 -10.40 0.37
N SER A 48 1.33 -11.45 0.23
CA SER A 48 2.20 -11.66 -0.90
C SER A 48 1.37 -12.33 -2.02
N CYS A 49 1.74 -12.17 -3.29
CA CYS A 49 0.98 -12.81 -4.35
C CYS A 49 1.42 -14.27 -4.43
N ARG A 50 0.48 -15.22 -4.43
CA ARG A 50 0.86 -16.63 -4.51
C ARG A 50 1.21 -17.08 -5.93
N HIS A 51 0.58 -16.50 -6.95
CA HIS A 51 0.77 -16.84 -8.35
C HIS A 51 1.75 -15.87 -9.02
N VAL A 52 2.87 -15.58 -8.36
CA VAL A 52 3.86 -14.64 -8.91
C VAL A 52 4.55 -15.16 -10.17
N GLU A 53 4.33 -16.41 -10.56
CA GLU A 53 4.93 -16.99 -11.76
C GLU A 53 4.63 -16.19 -13.02
N THR A 54 3.50 -15.48 -13.08
CA THR A 54 3.14 -14.67 -14.25
C THR A 54 3.56 -13.20 -14.06
N LEU A 55 3.96 -12.81 -12.86
CA LEU A 55 4.41 -11.45 -12.61
C LEU A 55 5.91 -11.41 -12.81
N GLU A 56 6.45 -10.20 -12.84
CA GLU A 56 7.87 -10.05 -13.00
C GLU A 56 8.51 -10.23 -11.63
N LYS A 57 9.77 -10.64 -11.65
CA LYS A 57 10.59 -10.87 -10.46
C LYS A 57 11.84 -9.97 -10.48
N ASP A 58 12.16 -9.45 -11.67
CA ASP A 58 13.28 -8.58 -12.01
C ASP A 58 13.33 -7.28 -11.19
N ARG A 59 12.18 -6.65 -10.96
CA ARG A 59 12.07 -5.41 -10.18
C ARG A 59 12.00 -5.68 -8.67
N GLY A 60 11.78 -6.93 -8.27
CA GLY A 60 11.67 -7.30 -6.87
C GLY A 60 10.49 -8.25 -6.70
N ASN A 61 10.03 -8.40 -5.47
CA ASN A 61 8.92 -9.24 -5.07
C ASN A 61 7.62 -8.43 -5.04
N PRO A 62 6.71 -8.54 -6.02
CA PRO A 62 5.45 -7.80 -6.03
C PRO A 62 4.50 -8.37 -4.96
N ILE A 63 3.85 -7.50 -4.18
CA ILE A 63 2.93 -7.91 -3.12
C ILE A 63 1.63 -7.09 -3.23
N TYR A 64 0.66 -7.35 -2.37
CA TYR A 64 -0.60 -6.62 -2.34
C TYR A 64 -1.01 -6.32 -0.90
N LEU A 65 -1.36 -5.08 -0.62
CA LEU A 65 -1.77 -4.63 0.69
C LEU A 65 -3.09 -3.87 0.53
N GLY A 66 -3.84 -3.77 1.62
CA GLY A 66 -5.10 -3.07 1.67
C GLY A 66 -5.43 -2.69 3.09
N LEU A 67 -6.65 -2.22 3.31
CA LEU A 67 -7.17 -1.83 4.61
C LEU A 67 -7.97 -3.02 5.12
N ASN A 68 -8.33 -3.05 6.39
CA ASN A 68 -9.13 -4.15 6.94
C ASN A 68 -10.28 -3.52 7.69
N GLY A 69 -11.43 -3.37 7.04
CA GLY A 69 -12.59 -2.77 7.68
C GLY A 69 -13.84 -2.59 6.82
N LEU A 70 -13.75 -2.65 5.48
CA LEU A 70 -14.92 -2.46 4.60
C LEU A 70 -14.65 -3.01 3.18
N ASN A 71 -13.71 -3.95 3.04
CA ASN A 71 -13.30 -4.58 1.78
C ASN A 71 -12.76 -3.50 0.83
N LEU A 72 -11.65 -2.89 1.25
CA LEU A 72 -11.00 -1.82 0.52
C LEU A 72 -9.51 -2.05 0.54
N CYS A 73 -8.89 -2.04 -0.64
CA CYS A 73 -7.46 -2.21 -0.81
C CYS A 73 -6.96 -1.21 -1.83
N LEU A 74 -5.65 -1.25 -2.09
CA LEU A 74 -5.02 -0.34 -3.03
C LEU A 74 -5.56 -0.57 -4.43
N MET A 75 -5.52 0.46 -5.29
CA MET A 75 -6.05 0.28 -6.63
C MET A 75 -5.47 1.40 -7.49
N CYS A 76 -4.96 1.10 -8.68
CA CYS A 76 -4.44 2.12 -9.56
C CYS A 76 -5.48 2.41 -10.61
N ALA A 77 -5.86 3.68 -10.76
CA ALA A 77 -6.81 4.13 -11.77
C ALA A 77 -6.22 5.39 -12.39
N LYS A 78 -6.98 6.03 -13.26
CA LYS A 78 -6.61 7.25 -13.96
C LYS A 78 -7.61 8.27 -13.49
N VAL A 79 -7.19 9.53 -13.41
CA VAL A 79 -8.08 10.61 -12.98
C VAL A 79 -8.20 11.70 -14.05
N GLY A 80 -7.41 11.60 -15.11
CA GLY A 80 -7.39 12.54 -16.20
C GLY A 80 -6.02 12.51 -16.85
N ASP A 81 -5.76 11.43 -17.57
CA ASP A 81 -4.53 11.15 -18.32
C ASP A 81 -3.32 10.85 -17.45
N GLN A 82 -3.50 10.77 -16.14
CA GLN A 82 -2.48 10.53 -15.13
C GLN A 82 -3.01 9.53 -14.09
N PRO A 83 -2.18 8.62 -13.56
CA PRO A 83 -2.60 7.62 -12.60
C PRO A 83 -2.84 8.19 -11.20
N THR A 84 -3.57 7.45 -10.37
CA THR A 84 -3.90 7.79 -9.00
C THR A 84 -4.24 6.51 -8.21
N LEU A 85 -4.33 6.68 -6.89
CA LEU A 85 -4.66 5.67 -5.89
C LEU A 85 -6.19 5.75 -5.74
N GLN A 86 -6.91 4.61 -5.81
CA GLN A 86 -8.37 4.58 -5.71
C GLN A 86 -8.80 3.42 -4.81
N LEU A 87 -8.52 3.59 -3.52
CA LEU A 87 -8.77 2.66 -2.45
C LEU A 87 -10.14 2.90 -1.90
N LYS A 88 -11.00 1.91 -2.10
CA LYS A 88 -12.36 1.99 -1.60
C LYS A 88 -13.17 0.72 -1.82
N GLU A 89 -12.85 -0.03 -2.86
CA GLU A 89 -13.54 -1.25 -3.25
C GLU A 89 -12.54 -2.21 -3.87
N LYS A 90 -12.03 -3.17 -3.10
CA LYS A 90 -11.08 -4.17 -3.57
C LYS A 90 -10.85 -5.15 -2.43
N ASP A 91 -10.37 -6.35 -2.75
CA ASP A 91 -10.11 -7.37 -1.78
C ASP A 91 -8.76 -7.99 -2.08
N ILE A 92 -7.94 -8.15 -1.04
CA ILE A 92 -6.62 -8.74 -1.15
C ILE A 92 -6.77 -10.27 -1.10
N MET A 93 -7.65 -10.79 -0.24
CA MET A 93 -7.81 -12.23 -0.11
C MET A 93 -8.33 -12.88 -1.38
N ASP A 94 -9.13 -12.17 -2.18
CA ASP A 94 -9.66 -12.71 -3.44
C ASP A 94 -8.49 -13.03 -4.36
N LEU A 95 -7.58 -12.05 -4.53
CA LEU A 95 -6.42 -12.21 -5.39
C LEU A 95 -5.49 -13.30 -4.88
N TYR A 96 -5.37 -13.45 -3.56
CA TYR A 96 -4.52 -14.53 -3.04
C TYR A 96 -5.24 -15.87 -3.18
N ASN A 97 -6.58 -15.90 -3.21
CA ASN A 97 -7.35 -17.13 -3.32
C ASN A 97 -7.42 -17.67 -4.75
N GLN A 98 -7.39 -16.81 -5.77
CA GLN A 98 -7.44 -17.23 -7.18
C GLN A 98 -6.12 -16.94 -7.89
N PRO A 99 -5.78 -17.61 -9.01
CA PRO A 99 -4.52 -17.40 -9.72
C PRO A 99 -4.57 -16.26 -10.76
N GLU A 100 -5.13 -15.09 -10.43
CA GLU A 100 -5.24 -13.94 -11.34
C GLU A 100 -4.64 -12.64 -10.73
N PRO A 101 -3.35 -12.62 -10.34
CA PRO A 101 -2.69 -11.45 -9.76
C PRO A 101 -2.68 -10.27 -10.75
N VAL A 102 -3.34 -9.18 -10.37
CA VAL A 102 -3.48 -8.00 -11.21
C VAL A 102 -2.48 -6.94 -10.83
N LYS A 103 -1.46 -6.76 -11.65
CA LYS A 103 -0.41 -5.77 -11.46
C LYS A 103 -0.95 -4.37 -11.22
N SER A 104 -2.17 -4.05 -11.68
CA SER A 104 -2.78 -2.74 -11.48
C SER A 104 -3.11 -2.51 -10.01
N PHE A 105 -3.04 -3.54 -9.16
CA PHE A 105 -3.31 -3.47 -7.74
C PHE A 105 -2.06 -3.88 -6.94
N LEU A 106 -1.07 -4.54 -7.57
CA LEU A 106 0.15 -4.99 -6.92
C LEU A 106 1.18 -3.87 -6.83
N PHE A 107 2.08 -3.99 -5.83
CA PHE A 107 3.14 -3.02 -5.60
C PHE A 107 4.44 -3.73 -5.29
N TYR A 108 5.49 -3.37 -6.02
CA TYR A 108 6.82 -3.90 -5.83
C TYR A 108 7.28 -3.28 -4.52
N HIS A 109 7.73 -4.08 -3.54
CA HIS A 109 8.20 -3.56 -2.27
C HIS A 109 9.72 -3.61 -2.21
N SER A 110 10.32 -2.62 -1.53
CA SER A 110 11.77 -2.54 -1.39
C SER A 110 12.13 -2.26 0.07
N GLN A 111 13.42 -2.05 0.35
CA GLN A 111 13.98 -1.77 1.65
C GLN A 111 15.12 -0.79 1.44
N SER A 112 15.34 0.04 2.47
CA SER A 112 16.38 1.08 2.44
C SER A 112 17.37 1.00 3.60
N GLY A 113 17.15 0.13 4.59
CA GLY A 113 18.02 -0.04 5.74
C GLY A 113 17.20 -0.01 7.02
N ARG A 114 16.14 0.80 7.06
CA ARG A 114 15.23 0.93 8.21
C ARG A 114 13.81 1.25 7.76
N ASN A 115 13.57 1.47 6.47
CA ASN A 115 12.28 1.77 5.89
C ASN A 115 12.05 0.87 4.67
N SER A 116 10.88 0.99 4.05
CA SER A 116 10.44 0.22 2.90
C SER A 116 9.68 1.13 1.93
N THR A 117 9.81 0.87 0.62
CA THR A 117 9.13 1.62 -0.44
C THR A 117 8.07 0.69 -1.08
N PHE A 118 7.16 1.27 -1.87
CA PHE A 118 6.10 0.57 -2.58
C PHE A 118 5.85 1.30 -3.90
N GLU A 119 6.14 0.62 -5.01
CA GLU A 119 6.01 1.10 -6.39
C GLU A 119 4.96 0.31 -7.17
N SER A 120 4.05 1.02 -7.84
CA SER A 120 2.99 0.39 -8.67
C SER A 120 3.62 -0.58 -9.68
N VAL A 121 3.21 -1.85 -9.68
CA VAL A 121 3.74 -2.87 -10.58
C VAL A 121 3.35 -2.56 -12.02
N ALA A 122 2.06 -2.37 -12.29
CA ALA A 122 1.54 -2.06 -13.61
C ALA A 122 2.13 -0.78 -14.21
N PHE A 123 2.44 0.20 -13.35
CA PHE A 123 3.01 1.48 -13.73
C PHE A 123 4.16 1.86 -12.78
N PRO A 124 5.36 1.29 -12.99
CA PRO A 124 6.51 1.56 -12.15
C PRO A 124 6.97 3.00 -12.34
N GLY A 125 7.78 3.51 -11.42
CA GLY A 125 8.29 4.87 -11.44
C GLY A 125 7.44 5.78 -10.55
N TRP A 126 6.36 5.26 -9.96
CA TRP A 126 5.44 5.96 -9.10
C TRP A 126 5.34 5.19 -7.79
N PHE A 127 5.67 5.87 -6.69
CA PHE A 127 5.65 5.35 -5.35
C PHE A 127 4.47 5.93 -4.60
N ILE A 128 3.89 5.13 -3.71
CA ILE A 128 2.74 5.60 -2.92
C ILE A 128 3.12 6.57 -1.81
N ALA A 129 2.58 7.79 -1.82
CA ALA A 129 2.87 8.76 -0.78
C ALA A 129 1.96 8.50 0.42
N VAL A 130 2.52 8.24 1.60
CA VAL A 130 1.84 7.95 2.87
C VAL A 130 1.31 9.19 3.58
N SER A 131 1.83 10.36 3.22
CA SER A 131 1.45 11.65 3.77
C SER A 131 1.66 11.67 5.30
N SER A 132 2.91 11.59 5.72
CA SER A 132 3.31 11.56 7.12
C SER A 132 3.76 12.94 7.62
N GLU A 133 3.11 14.01 7.16
CA GLU A 133 3.46 15.37 7.55
C GLU A 133 2.23 16.09 8.07
N GLY A 134 1.60 16.91 7.23
CA GLY A 134 0.44 17.70 7.56
C GLY A 134 -0.92 17.10 7.27
N GLY A 135 -1.06 15.78 7.18
CA GLY A 135 -2.33 15.12 6.93
C GLY A 135 -2.79 15.23 5.49
N CYS A 136 -1.92 14.85 4.55
CA CYS A 136 -2.32 14.94 3.15
C CYS A 136 -3.07 13.69 2.71
N PRO A 137 -3.77 13.75 1.56
CA PRO A 137 -4.46 12.59 1.02
C PRO A 137 -3.40 11.68 0.40
N LEU A 138 -3.73 10.40 0.28
CA LEU A 138 -2.86 9.37 -0.25
C LEU A 138 -2.91 9.35 -1.76
N ILE A 139 -1.77 9.61 -2.40
CA ILE A 139 -1.63 9.63 -3.85
C ILE A 139 -0.30 9.06 -4.28
N LEU A 140 -0.15 8.78 -5.58
CA LEU A 140 1.09 8.27 -6.13
C LEU A 140 1.95 9.50 -6.43
N THR A 141 3.26 9.35 -6.40
CA THR A 141 4.19 10.42 -6.70
C THR A 141 5.32 9.78 -7.46
N GLN A 142 5.76 10.46 -8.51
CA GLN A 142 6.84 10.00 -9.35
C GLN A 142 8.18 10.37 -8.71
N GLU A 143 8.20 11.52 -8.04
CA GLU A 143 9.37 12.07 -7.41
C GLU A 143 8.89 12.85 -6.20
N LEU A 144 9.05 12.20 -5.05
CA LEU A 144 8.72 12.74 -3.75
C LEU A 144 9.86 13.64 -3.27
N GLY A 145 9.90 13.86 -1.95
CA GLY A 145 10.91 14.64 -1.27
C GLY A 145 10.30 15.76 -0.46
N LYS A 146 8.98 15.98 -0.57
CA LYS A 146 8.38 17.06 0.18
C LYS A 146 6.87 16.88 0.34
N ALA A 147 6.42 16.47 1.53
CA ALA A 147 5.05 16.23 1.99
C ALA A 147 4.46 14.89 1.56
N ASN A 148 5.21 14.10 0.80
CA ASN A 148 4.86 12.82 0.24
C ASN A 148 5.84 11.74 0.72
N THR A 149 5.71 11.33 1.96
CA THR A 149 6.55 10.30 2.57
C THR A 149 6.30 8.96 1.87
N THR A 150 7.18 8.43 1.02
CA THR A 150 6.91 7.13 0.38
C THR A 150 7.67 5.99 1.08
N ASP A 151 8.62 6.36 1.94
CA ASP A 151 9.55 5.56 2.70
C ASP A 151 9.25 5.31 4.18
N PHE A 152 8.77 4.12 4.56
CA PHE A 152 8.49 3.78 5.96
C PHE A 152 8.22 2.29 6.18
N GLY A 153 8.02 1.87 7.43
CA GLY A 153 7.76 0.49 7.83
C GLY A 153 6.28 0.25 8.12
N LEU A 154 5.91 -0.98 8.46
CA LEU A 154 4.54 -1.42 8.77
C LEU A 154 4.54 -2.12 10.13
N THR A 155 3.45 -1.94 10.89
CA THR A 155 3.25 -2.55 12.19
C THR A 155 2.23 -3.68 11.96
N MET A 156 2.48 -4.52 10.95
CA MET A 156 1.60 -5.63 10.63
C MET A 156 1.77 -6.69 11.73
N LEU A 157 0.79 -7.58 11.89
CA LEU A 157 0.78 -8.63 12.89
C LEU A 157 0.45 -9.95 12.21
N PHE A 158 0.78 -11.08 12.83
CA PHE A 158 0.53 -12.41 12.29
C PHE A 158 -0.04 -13.28 13.40
N MET A 1 -8.10 -20.83 0.27
CA MET A 1 -7.26 -19.73 0.78
C MET A 1 -5.80 -20.18 0.75
N GLU A 2 -5.36 -21.04 1.67
CA GLU A 2 -3.99 -21.54 1.72
C GLU A 2 -3.97 -22.96 2.28
N LYS A 3 -2.82 -23.64 2.18
CA LYS A 3 -2.57 -25.00 2.65
C LYS A 3 -2.35 -25.07 4.18
N ALA A 4 -2.94 -24.14 4.94
CA ALA A 4 -2.81 -24.05 6.39
C ALA A 4 -1.34 -23.94 6.84
N LEU A 5 -0.50 -23.28 6.04
CA LEU A 5 0.90 -23.08 6.37
C LEU A 5 1.03 -22.03 7.47
N LYS A 6 2.24 -21.91 8.03
CA LYS A 6 2.53 -20.94 9.08
C LYS A 6 3.85 -20.23 8.94
N ILE A 7 4.78 -20.84 8.22
CA ILE A 7 6.10 -20.27 7.99
C ILE A 7 6.02 -18.93 7.26
N ASP A 8 5.12 -18.82 6.28
CA ASP A 8 4.90 -17.62 5.49
C ASP A 8 3.43 -17.28 5.70
N THR A 9 3.14 -16.16 6.34
CA THR A 9 1.78 -15.70 6.60
C THR A 9 1.73 -14.19 6.34
N PRO A 10 0.52 -13.61 6.17
CA PRO A 10 0.46 -12.18 5.93
C PRO A 10 0.80 -11.48 7.24
N GLN A 11 1.26 -10.24 7.11
CA GLN A 11 1.62 -9.42 8.25
C GLN A 11 0.73 -8.20 8.21
N GLN A 12 -0.10 -8.03 9.22
CA GLN A 12 -1.03 -6.91 9.29
C GLN A 12 -0.65 -5.98 10.45
N GLY A 13 -0.79 -4.67 10.27
CA GLY A 13 -0.46 -3.68 11.30
C GLY A 13 -0.86 -2.28 10.85
N SER A 14 0.03 -1.29 10.86
CA SER A 14 -0.33 0.07 10.47
C SER A 14 0.88 0.83 9.96
N ILE A 15 0.79 2.16 9.98
CA ILE A 15 1.85 3.10 9.56
C ILE A 15 1.64 4.44 10.31
N GLN A 16 0.56 4.59 11.09
CA GLN A 16 0.26 5.82 11.81
C GLN A 16 1.28 6.23 12.87
N ASP A 17 1.97 5.27 13.46
CA ASP A 17 2.98 5.48 14.51
C ASP A 17 4.16 6.34 14.05
N ILE A 18 4.34 6.51 12.74
CA ILE A 18 5.39 7.30 12.11
C ILE A 18 5.32 8.76 12.50
N ASN A 19 4.13 9.35 12.47
CA ASN A 19 4.01 10.75 12.82
C ASN A 19 2.69 11.08 13.45
N HIS A 20 2.02 10.07 14.01
CA HIS A 20 0.71 10.21 14.62
C HIS A 20 -0.27 10.63 13.51
N ARG A 21 -0.16 9.97 12.35
CA ARG A 21 -1.03 10.21 11.18
C ARG A 21 -1.89 8.98 10.92
N VAL A 22 -3.11 8.92 11.45
CA VAL A 22 -3.98 7.77 11.21
C VAL A 22 -4.64 7.94 9.85
N TRP A 23 -4.84 6.85 9.12
CA TRP A 23 -5.47 6.86 7.82
C TRP A 23 -6.92 6.42 7.99
N VAL A 24 -7.87 7.05 7.29
CA VAL A 24 -9.29 6.69 7.35
C VAL A 24 -9.83 6.67 5.95
N LEU A 25 -10.70 5.71 5.66
CA LEU A 25 -11.32 5.61 4.35
C LEU A 25 -12.45 6.63 4.38
N GLN A 26 -12.28 7.79 3.74
CA GLN A 26 -13.29 8.84 3.70
C GLN A 26 -13.53 9.19 2.23
N ASP A 27 -14.80 9.32 1.83
CA ASP A 27 -15.23 9.65 0.46
C ASP A 27 -14.37 8.95 -0.59
N GLN A 28 -14.48 7.62 -0.60
CA GLN A 28 -13.77 6.72 -1.51
C GLN A 28 -12.28 7.05 -1.72
N THR A 29 -11.60 7.59 -0.70
CA THR A 29 -10.18 7.92 -0.70
C THR A 29 -9.65 7.64 0.72
N LEU A 30 -8.33 7.54 0.92
CA LEU A 30 -7.74 7.30 2.23
C LEU A 30 -7.20 8.66 2.64
N ILE A 31 -7.67 9.20 3.76
CA ILE A 31 -7.22 10.51 4.22
C ILE A 31 -6.57 10.39 5.60
N ALA A 32 -5.47 11.11 5.81
CA ALA A 32 -4.76 11.15 7.08
C ALA A 32 -5.58 12.06 8.00
N VAL A 33 -5.75 11.69 9.27
CA VAL A 33 -6.52 12.46 10.25
C VAL A 33 -5.63 12.80 11.47
N PRO A 34 -4.51 13.54 11.30
CA PRO A 34 -3.63 13.87 12.41
C PRO A 34 -4.29 14.57 13.58
N ARG A 35 -5.24 15.47 13.33
CA ARG A 35 -5.94 16.20 14.40
C ARG A 35 -7.44 16.31 14.16
N LYS A 36 -7.99 15.53 13.22
CA LYS A 36 -9.43 15.51 12.90
C LYS A 36 -10.16 14.83 14.05
N ASP A 37 -11.20 15.48 14.57
CA ASP A 37 -12.04 15.03 15.67
C ASP A 37 -12.95 13.85 15.29
N ARG A 38 -12.83 13.27 14.09
CA ARG A 38 -13.62 12.14 13.60
C ARG A 38 -12.70 11.03 13.07
N MET A 39 -11.60 10.79 13.77
CA MET A 39 -10.64 9.77 13.38
C MET A 39 -11.23 8.37 13.66
N SER A 40 -10.58 7.33 13.14
CA SER A 40 -10.95 5.93 13.29
C SER A 40 -9.70 5.12 12.89
N PRO A 41 -9.22 4.17 13.70
CA PRO A 41 -8.04 3.40 13.38
C PRO A 41 -8.35 2.39 12.28
N VAL A 42 -7.30 1.94 11.57
CA VAL A 42 -7.40 0.96 10.50
C VAL A 42 -6.16 0.09 10.54
N THR A 43 -6.20 -1.03 9.81
CA THR A 43 -5.10 -1.98 9.74
C THR A 43 -4.56 -1.98 8.30
N ILE A 44 -3.35 -2.50 8.10
CA ILE A 44 -2.64 -2.60 6.84
C ILE A 44 -2.12 -4.01 6.72
N ALA A 45 -2.66 -4.84 5.83
CA ALA A 45 -2.21 -6.21 5.62
C ALA A 45 -1.19 -6.17 4.48
N LEU A 46 -0.07 -6.89 4.62
CA LEU A 46 0.99 -6.95 3.61
C LEU A 46 1.29 -8.43 3.37
N ILE A 47 1.37 -8.82 2.09
CA ILE A 47 1.64 -10.19 1.66
C ILE A 47 2.52 -10.15 0.42
N SER A 48 3.47 -11.08 0.32
CA SER A 48 4.33 -11.16 -0.83
C SER A 48 3.52 -11.81 -1.96
N CYS A 49 4.03 -11.69 -3.17
CA CYS A 49 3.40 -12.26 -4.36
C CYS A 49 3.94 -13.67 -4.52
N ARG A 50 3.15 -14.61 -5.03
CA ARG A 50 3.59 -15.99 -5.22
C ARG A 50 3.79 -16.40 -6.67
N HIS A 51 3.18 -15.71 -7.62
CA HIS A 51 3.29 -16.01 -9.06
C HIS A 51 4.19 -14.97 -9.75
N VAL A 52 5.27 -14.58 -9.07
CA VAL A 52 6.25 -13.62 -9.56
C VAL A 52 7.03 -14.12 -10.76
N GLU A 53 6.84 -15.39 -11.13
CA GLU A 53 7.51 -16.02 -12.26
C GLU A 53 7.30 -15.26 -13.56
N THR A 54 6.12 -14.64 -13.74
CA THR A 54 5.75 -13.88 -14.93
C THR A 54 5.87 -12.36 -14.71
N LEU A 55 6.53 -11.91 -13.63
CA LEU A 55 6.72 -10.50 -13.29
C LEU A 55 8.16 -10.07 -13.52
N GLU A 56 8.44 -8.79 -13.26
CA GLU A 56 9.76 -8.20 -13.42
C GLU A 56 10.55 -8.48 -12.16
N LYS A 57 11.88 -8.53 -12.28
CA LYS A 57 12.80 -8.78 -11.17
C LYS A 57 13.83 -7.67 -11.05
N ASP A 58 14.30 -7.13 -12.17
CA ASP A 58 15.30 -6.07 -12.24
C ASP A 58 14.89 -4.85 -11.41
N ARG A 59 13.61 -4.45 -11.52
CA ARG A 59 13.14 -3.30 -10.77
C ARG A 59 13.11 -3.56 -9.26
N GLY A 60 12.95 -4.81 -8.81
CA GLY A 60 12.89 -5.22 -7.41
C GLY A 60 11.80 -6.28 -7.21
N ASN A 61 11.64 -6.78 -5.98
CA ASN A 61 10.66 -7.82 -5.66
C ASN A 61 9.23 -7.23 -5.54
N PRO A 62 8.27 -7.68 -6.36
CA PRO A 62 6.89 -7.22 -6.32
C PRO A 62 6.12 -7.89 -5.16
N ILE A 63 5.25 -7.15 -4.48
CA ILE A 63 4.43 -7.59 -3.36
C ILE A 63 3.06 -6.88 -3.47
N TYR A 64 2.17 -7.13 -2.52
CA TYR A 64 0.86 -6.49 -2.47
C TYR A 64 0.58 -6.10 -1.01
N LEU A 65 -0.21 -5.05 -0.83
CA LEU A 65 -0.58 -4.53 0.47
C LEU A 65 -1.99 -4.01 0.37
N GLY A 66 -2.68 -3.98 1.49
CA GLY A 66 -4.03 -3.50 1.56
C GLY A 66 -4.36 -3.08 2.97
N LEU A 67 -5.62 -2.72 3.18
CA LEU A 67 -6.17 -2.29 4.46
C LEU A 67 -6.94 -3.47 5.05
N ASN A 68 -7.21 -3.48 6.34
CA ASN A 68 -7.96 -4.56 6.99
C ASN A 68 -9.04 -3.90 7.83
N GLY A 69 -10.28 -3.98 7.34
CA GLY A 69 -11.43 -3.39 8.02
C GLY A 69 -12.72 -3.46 7.21
N LEU A 70 -12.65 -3.40 5.87
CA LEU A 70 -13.83 -3.45 5.00
C LEU A 70 -13.45 -4.02 3.62
N ASN A 71 -12.56 -5.03 3.58
CA ASN A 71 -12.04 -5.71 2.38
C ASN A 71 -11.56 -4.70 1.32
N LEU A 72 -10.36 -4.14 1.51
CA LEU A 72 -9.80 -3.14 0.61
C LEU A 72 -8.30 -3.31 0.42
N CYS A 73 -7.75 -3.12 -0.78
CA CYS A 73 -6.32 -3.24 -1.04
C CYS A 73 -5.81 -2.17 -2.00
N LEU A 74 -4.50 -2.00 -2.20
CA LEU A 74 -3.99 -0.96 -3.12
C LEU A 74 -4.58 -1.10 -4.51
N MET A 75 -4.74 0.01 -5.23
CA MET A 75 -5.29 -0.03 -6.57
C MET A 75 -4.83 1.19 -7.32
N CYS A 76 -4.46 1.03 -8.59
CA CYS A 76 -4.03 2.15 -9.41
C CYS A 76 -5.12 2.46 -10.42
N ALA A 77 -5.58 3.71 -10.44
CA ALA A 77 -6.60 4.21 -11.35
C ALA A 77 -6.21 5.62 -11.76
N LYS A 78 -7.02 6.27 -12.58
CA LYS A 78 -6.77 7.61 -13.09
C LYS A 78 -7.90 8.53 -12.65
N VAL A 79 -7.59 9.80 -12.38
CA VAL A 79 -8.57 10.79 -11.94
C VAL A 79 -8.69 11.96 -12.91
N GLY A 80 -8.03 11.90 -14.06
CA GLY A 80 -8.08 12.97 -15.03
C GLY A 80 -6.66 13.34 -15.42
N ASP A 81 -6.12 12.64 -16.42
CA ASP A 81 -4.78 12.88 -16.95
C ASP A 81 -3.65 12.63 -15.95
N GLN A 82 -3.96 11.90 -14.88
CA GLN A 82 -3.00 11.58 -13.83
C GLN A 82 -3.49 10.41 -12.97
N PRO A 83 -2.60 9.53 -12.51
CA PRO A 83 -2.97 8.38 -11.70
C PRO A 83 -3.31 8.77 -10.26
N THR A 84 -3.96 7.85 -9.54
CA THR A 84 -4.37 8.00 -8.14
C THR A 84 -4.60 6.62 -7.55
N LEU A 85 -4.57 6.58 -6.22
CA LEU A 85 -4.83 5.36 -5.46
C LEU A 85 -6.35 5.11 -5.49
N GLN A 86 -6.78 3.85 -5.46
CA GLN A 86 -8.19 3.47 -5.50
C GLN A 86 -8.48 2.35 -4.48
N LEU A 87 -7.76 2.38 -3.36
CA LEU A 87 -7.78 1.48 -2.22
C LEU A 87 -9.11 1.58 -1.53
N LYS A 88 -10.02 0.72 -1.94
CA LYS A 88 -11.36 0.69 -1.41
C LYS A 88 -12.03 -0.67 -1.66
N GLU A 89 -11.93 -1.20 -2.88
CA GLU A 89 -12.54 -2.46 -3.28
C GLU A 89 -11.51 -3.38 -3.95
N LYS A 90 -10.93 -4.36 -3.23
CA LYS A 90 -9.96 -5.32 -3.79
C LYS A 90 -9.58 -6.31 -2.70
N ASP A 91 -9.20 -7.53 -3.08
CA ASP A 91 -8.81 -8.61 -2.17
C ASP A 91 -7.32 -8.94 -2.35
N ILE A 92 -6.62 -9.28 -1.26
CA ILE A 92 -5.20 -9.62 -1.24
C ILE A 92 -5.02 -11.13 -1.24
N MET A 93 -5.79 -11.84 -0.40
CA MET A 93 -5.73 -13.29 -0.26
C MET A 93 -6.04 -13.96 -1.59
N ASP A 94 -6.92 -13.35 -2.41
CA ASP A 94 -7.30 -13.88 -3.71
C ASP A 94 -6.08 -13.91 -4.59
N LEU A 95 -5.39 -12.78 -4.74
CA LEU A 95 -4.18 -12.69 -5.56
C LEU A 95 -3.09 -13.64 -5.08
N TYR A 96 -3.02 -13.87 -3.78
CA TYR A 96 -2.04 -14.78 -3.21
C TYR A 96 -2.47 -16.24 -3.52
N ASN A 97 -3.77 -16.54 -3.48
CA ASN A 97 -4.33 -17.87 -3.72
C ASN A 97 -4.36 -18.26 -5.21
N GLN A 98 -4.61 -17.35 -6.14
CA GLN A 98 -4.67 -17.63 -7.58
C GLN A 98 -3.50 -16.98 -8.34
N PRO A 99 -3.01 -17.55 -9.45
CA PRO A 99 -1.88 -17.03 -10.22
C PRO A 99 -2.24 -15.81 -11.09
N GLU A 100 -2.80 -14.75 -10.51
CA GLU A 100 -3.18 -13.52 -11.21
C GLU A 100 -2.36 -12.35 -10.64
N PRO A 101 -1.10 -12.15 -11.06
CA PRO A 101 -0.24 -11.09 -10.58
C PRO A 101 -0.58 -9.79 -11.35
N VAL A 102 -1.71 -9.18 -10.99
CA VAL A 102 -2.23 -7.97 -11.61
C VAL A 102 -1.34 -6.79 -11.25
N LYS A 103 -0.41 -6.44 -12.14
CA LYS A 103 0.54 -5.34 -11.95
C LYS A 103 -0.13 -4.03 -11.58
N SER A 104 -1.39 -3.82 -11.97
CA SER A 104 -2.11 -2.59 -11.65
C SER A 104 -2.31 -2.42 -10.15
N PHE A 105 -2.19 -3.50 -9.36
CA PHE A 105 -2.34 -3.44 -7.93
C PHE A 105 -1.05 -3.79 -7.20
N LEU A 106 -0.13 -4.52 -7.83
CA LEU A 106 1.14 -4.92 -7.22
C LEU A 106 2.10 -3.73 -7.12
N PHE A 107 3.02 -3.79 -6.15
CA PHE A 107 4.02 -2.76 -5.91
C PHE A 107 5.37 -3.39 -5.64
N TYR A 108 6.41 -2.80 -6.20
CA TYR A 108 7.79 -3.19 -6.04
C TYR A 108 8.21 -2.51 -4.73
N HIS A 109 8.68 -3.28 -3.76
CA HIS A 109 9.13 -2.77 -2.47
C HIS A 109 10.65 -2.75 -2.44
N SER A 110 11.22 -1.74 -1.80
CA SER A 110 12.65 -1.59 -1.63
C SER A 110 12.92 -0.83 -0.33
N GLN A 111 14.19 -0.80 0.07
CA GLN A 111 14.67 -0.12 1.27
C GLN A 111 15.99 0.57 1.03
N SER A 112 16.24 1.64 1.77
CA SER A 112 17.48 2.40 1.61
C SER A 112 17.83 3.26 2.84
N GLY A 113 18.39 2.62 3.88
CA GLY A 113 18.79 3.30 5.11
C GLY A 113 17.63 3.41 6.08
N ARG A 114 17.12 2.27 6.55
CA ARG A 114 15.98 2.19 7.48
C ARG A 114 14.68 2.74 6.89
N ASN A 115 14.72 3.14 5.62
CA ASN A 115 13.58 3.66 4.91
C ASN A 115 13.13 2.55 3.98
N SER A 116 11.91 2.65 3.46
CA SER A 116 11.35 1.72 2.52
C SER A 116 10.44 2.51 1.59
N THR A 117 10.26 2.04 0.36
CA THR A 117 9.42 2.70 -0.62
C THR A 117 8.65 1.63 -1.41
N PHE A 118 7.55 2.03 -2.05
CA PHE A 118 6.69 1.15 -2.83
C PHE A 118 6.41 1.82 -4.17
N GLU A 119 6.79 1.20 -5.28
CA GLU A 119 6.56 1.72 -6.64
C GLU A 119 5.56 0.83 -7.36
N SER A 120 4.56 1.45 -7.96
CA SER A 120 3.50 0.82 -8.72
C SER A 120 4.10 -0.06 -9.83
N VAL A 121 3.82 -1.37 -9.86
CA VAL A 121 4.42 -2.24 -10.89
C VAL A 121 3.83 -1.96 -12.29
N ALA A 122 2.53 -1.73 -12.41
CA ALA A 122 1.95 -1.49 -13.74
C ALA A 122 2.58 -0.28 -14.42
N PHE A 123 2.88 0.76 -13.64
CA PHE A 123 3.48 1.99 -14.13
C PHE A 123 4.52 2.45 -13.11
N PRO A 124 5.81 2.12 -13.36
CA PRO A 124 6.88 2.52 -12.50
C PRO A 124 7.11 4.03 -12.61
N GLY A 125 8.00 4.58 -11.79
CA GLY A 125 8.30 6.00 -11.77
C GLY A 125 7.41 6.75 -10.78
N TRP A 126 6.46 6.07 -10.14
CA TRP A 126 5.54 6.63 -9.17
C TRP A 126 5.66 5.81 -7.89
N PHE A 127 5.85 6.47 -6.75
CA PHE A 127 5.98 5.89 -5.43
C PHE A 127 4.77 6.34 -4.58
N ILE A 128 4.25 5.46 -3.73
CA ILE A 128 3.10 5.79 -2.89
C ILE A 128 3.51 6.72 -1.75
N ALA A 129 2.73 7.75 -1.47
CA ALA A 129 3.01 8.66 -0.37
C ALA A 129 2.21 8.27 0.87
N VAL A 130 2.85 8.38 2.04
CA VAL A 130 2.29 8.09 3.37
C VAL A 130 1.71 9.39 3.98
N SER A 131 2.01 10.56 3.42
CA SER A 131 1.51 11.87 3.86
C SER A 131 1.68 12.26 5.34
N SER A 132 2.80 11.89 5.94
CA SER A 132 3.10 12.12 7.33
C SER A 132 3.47 13.57 7.72
N GLU A 133 3.52 14.51 6.78
CA GLU A 133 3.84 15.90 7.06
C GLU A 133 2.68 16.64 7.75
N GLY A 134 1.72 17.17 6.98
CA GLY A 134 0.58 17.92 7.47
C GLY A 134 -0.69 17.10 7.58
N GLY A 135 -0.81 16.00 6.84
CA GLY A 135 -1.98 15.13 6.85
C GLY A 135 -2.67 15.12 5.49
N CYS A 136 -1.93 14.83 4.42
CA CYS A 136 -2.50 14.78 3.08
C CYS A 136 -3.18 13.43 2.85
N PRO A 137 -4.03 13.29 1.82
CA PRO A 137 -4.64 12.01 1.53
C PRO A 137 -3.53 11.08 1.04
N LEU A 138 -3.83 9.80 0.89
CA LEU A 138 -2.90 8.78 0.46
C LEU A 138 -3.04 8.58 -1.04
N ILE A 139 -2.03 9.01 -1.78
CA ILE A 139 -1.94 8.92 -3.23
C ILE A 139 -0.50 8.62 -3.67
N LEU A 140 -0.26 8.48 -4.97
CA LEU A 140 1.08 8.21 -5.52
C LEU A 140 1.77 9.56 -5.87
N THR A 141 3.06 9.57 -6.19
CA THR A 141 3.82 10.76 -6.59
C THR A 141 5.10 10.33 -7.28
N GLN A 142 5.58 11.15 -8.22
CA GLN A 142 6.80 10.91 -8.97
C GLN A 142 7.99 11.55 -8.27
N GLU A 143 7.77 12.76 -7.76
CA GLU A 143 8.77 13.56 -7.11
C GLU A 143 8.07 14.33 -6.02
N LEU A 144 8.21 13.79 -4.80
CA LEU A 144 7.62 14.39 -3.62
C LEU A 144 8.42 15.68 -3.30
N GLY A 145 8.20 16.21 -2.11
CA GLY A 145 8.85 17.40 -1.61
C GLY A 145 7.88 18.33 -0.97
N LYS A 146 6.57 18.06 -1.09
CA LYS A 146 5.56 18.94 -0.51
C LYS A 146 4.35 18.20 0.08
N ALA A 147 4.55 17.63 1.27
CA ALA A 147 3.59 16.90 2.09
C ALA A 147 3.28 15.47 1.68
N ASN A 148 4.16 14.78 0.96
CA ASN A 148 3.92 13.41 0.49
C ASN A 148 5.11 12.50 0.84
N THR A 149 5.27 12.10 2.10
CA THR A 149 6.35 11.24 2.60
C THR A 149 6.34 9.86 1.94
N THR A 150 7.15 9.57 0.93
CA THR A 150 7.15 8.24 0.33
C THR A 150 8.12 7.33 1.10
N ASP A 151 9.24 7.91 1.57
CA ASP A 151 10.33 7.24 2.26
C ASP A 151 9.99 6.97 3.72
N PHE A 152 9.61 5.74 4.09
CA PHE A 152 9.26 5.37 5.47
C PHE A 152 9.16 3.86 5.65
N GLY A 153 8.89 3.39 6.86
CA GLY A 153 8.75 1.98 7.19
C GLY A 153 7.27 1.63 7.24
N LEU A 154 6.95 0.52 7.90
CA LEU A 154 5.61 0.01 8.10
C LEU A 154 5.56 -0.57 9.52
N THR A 155 4.38 -0.59 10.12
CA THR A 155 4.12 -1.08 11.45
C THR A 155 3.41 -2.45 11.36
N MET A 156 3.65 -3.24 10.30
CA MET A 156 3.03 -4.54 10.10
C MET A 156 3.53 -5.48 11.20
N LEU A 157 2.63 -6.35 11.67
CA LEU A 157 2.87 -7.32 12.73
C LEU A 157 2.47 -8.72 12.28
N PHE A 158 3.00 -9.76 12.92
CA PHE A 158 2.72 -11.17 12.62
C PHE A 158 2.07 -11.81 13.84
N MET A 1 13.19 -6.71 -2.52
CA MET A 1 13.33 -8.17 -2.45
C MET A 1 12.44 -8.75 -1.35
N GLU A 2 12.41 -10.08 -1.19
CA GLU A 2 11.62 -10.74 -0.14
C GLU A 2 12.31 -10.48 1.20
N LYS A 3 11.59 -10.60 2.31
CA LYS A 3 12.22 -10.39 3.63
C LYS A 3 12.90 -11.66 4.13
N ALA A 4 12.84 -12.75 3.35
CA ALA A 4 13.40 -14.09 3.56
C ALA A 4 12.48 -14.98 4.40
N LEU A 5 11.17 -14.88 4.20
CA LEU A 5 10.16 -15.65 4.90
C LEU A 5 9.66 -16.82 4.03
N LYS A 6 8.89 -17.73 4.62
CA LYS A 6 8.33 -18.92 3.95
C LYS A 6 6.91 -19.29 4.35
N ILE A 7 6.46 -18.75 5.46
CA ILE A 7 5.14 -18.92 6.06
C ILE A 7 4.08 -18.37 5.12
N ASP A 8 4.39 -17.27 4.43
CA ASP A 8 3.59 -16.55 3.45
C ASP A 8 2.18 -16.25 3.99
N THR A 9 2.00 -16.19 5.31
CA THR A 9 0.74 -15.95 6.01
C THR A 9 0.30 -14.48 5.96
N PRO A 10 -1.01 -14.21 6.00
CA PRO A 10 -1.52 -12.85 6.00
C PRO A 10 -1.21 -12.18 7.34
N GLN A 11 -0.73 -10.94 7.32
CA GLN A 11 -0.43 -10.16 8.52
C GLN A 11 -1.20 -8.85 8.47
N GLN A 12 -2.06 -8.60 9.47
CA GLN A 12 -2.88 -7.38 9.52
C GLN A 12 -2.51 -6.52 10.73
N GLY A 13 -2.41 -5.20 10.57
CA GLY A 13 -2.08 -4.28 11.66
C GLY A 13 -2.31 -2.82 11.32
N SER A 14 -1.31 -1.95 11.47
CA SER A 14 -1.45 -0.53 11.20
C SER A 14 -0.14 0.12 10.78
N ILE A 15 -0.11 1.45 10.70
CA ILE A 15 1.04 2.26 10.31
C ILE A 15 1.01 3.65 11.01
N GLN A 16 0.10 3.88 11.96
CA GLN A 16 -0.04 5.14 12.69
C GLN A 16 1.25 5.47 13.43
N ASP A 17 1.74 4.49 14.19
CA ASP A 17 2.91 4.41 15.08
C ASP A 17 4.26 4.93 14.56
N ILE A 18 4.25 5.41 13.33
CA ILE A 18 5.36 5.97 12.59
C ILE A 18 5.52 7.45 12.91
N ASN A 19 4.50 8.26 12.63
CA ASN A 19 4.53 9.70 12.88
C ASN A 19 3.14 10.18 13.36
N HIS A 20 2.36 9.25 13.94
CA HIS A 20 1.02 9.42 14.49
C HIS A 20 -0.09 9.62 13.43
N ARG A 21 0.24 9.38 12.16
CA ARG A 21 -0.63 9.52 10.99
C ARG A 21 -1.53 8.31 10.77
N VAL A 22 -2.77 8.36 11.26
CA VAL A 22 -3.75 7.30 11.09
C VAL A 22 -4.29 7.48 9.67
N TRP A 23 -4.88 6.46 9.06
CA TRP A 23 -5.44 6.51 7.73
C TRP A 23 -6.97 6.48 7.89
N VAL A 24 -7.71 7.22 7.06
CA VAL A 24 -9.17 7.27 7.11
C VAL A 24 -9.74 7.24 5.71
N LEU A 25 -10.55 6.22 5.40
CA LEU A 25 -11.19 6.13 4.10
C LEU A 25 -12.32 7.16 4.12
N GLN A 26 -12.15 8.24 3.38
CA GLN A 26 -13.09 9.31 3.19
C GLN A 26 -13.83 8.95 1.87
N ASP A 27 -14.70 9.83 1.41
CA ASP A 27 -15.53 9.78 0.21
C ASP A 27 -14.69 9.34 -0.99
N GLN A 28 -14.62 8.03 -1.21
CA GLN A 28 -13.86 7.37 -2.27
C GLN A 28 -12.43 7.93 -2.33
N THR A 29 -11.85 8.34 -1.18
CA THR A 29 -10.50 8.91 -1.13
C THR A 29 -9.91 8.61 0.23
N LEU A 30 -8.67 8.18 0.34
CA LEU A 30 -8.03 7.89 1.63
C LEU A 30 -7.23 9.10 2.05
N ILE A 31 -7.31 9.46 3.33
CA ILE A 31 -6.62 10.61 3.91
C ILE A 31 -5.99 10.27 5.24
N ALA A 32 -4.89 10.97 5.58
CA ALA A 32 -4.16 10.78 6.82
C ALA A 32 -4.65 11.77 7.87
N VAL A 33 -4.78 11.33 9.10
CA VAL A 33 -5.20 12.15 10.23
C VAL A 33 -4.12 12.05 11.32
N PRO A 34 -3.32 13.11 11.57
CA PRO A 34 -2.29 13.08 12.60
C PRO A 34 -2.90 13.08 14.01
N ARG A 35 -3.29 14.26 14.50
CA ARG A 35 -3.90 14.47 15.82
C ARG A 35 -5.36 14.95 15.73
N LYS A 36 -5.93 14.98 14.51
CA LYS A 36 -7.30 15.40 14.26
C LYS A 36 -8.20 14.62 15.20
N ASP A 37 -8.94 15.33 16.05
CA ASP A 37 -9.84 14.75 17.03
C ASP A 37 -10.90 13.87 16.39
N ARG A 38 -11.31 14.20 15.16
CA ARG A 38 -12.30 13.43 14.43
C ARG A 38 -11.58 12.39 13.60
N MET A 39 -10.97 11.41 14.26
CA MET A 39 -10.24 10.32 13.63
C MET A 39 -10.90 9.00 14.01
N SER A 40 -10.56 7.95 13.28
CA SER A 40 -11.10 6.63 13.50
C SER A 40 -9.96 5.62 13.27
N PRO A 41 -9.80 4.61 14.14
CA PRO A 41 -8.75 3.61 14.02
C PRO A 41 -9.08 2.66 12.86
N VAL A 42 -8.09 2.37 12.03
CA VAL A 42 -8.22 1.48 10.88
C VAL A 42 -7.13 0.45 10.94
N THR A 43 -7.39 -0.62 10.23
CA THR A 43 -6.49 -1.75 10.16
C THR A 43 -6.01 -1.86 8.73
N ILE A 44 -4.88 -2.51 8.56
CA ILE A 44 -4.21 -2.77 7.29
C ILE A 44 -4.04 -4.29 7.24
N ALA A 45 -3.98 -4.88 6.06
CA ALA A 45 -3.81 -6.31 5.85
C ALA A 45 -2.79 -6.47 4.73
N LEU A 46 -1.72 -7.22 4.97
CA LEU A 46 -0.64 -7.45 4.02
C LEU A 46 -0.45 -8.94 3.77
N ILE A 47 -0.17 -9.31 2.52
CA ILE A 47 0.07 -10.68 2.06
C ILE A 47 1.03 -10.63 0.87
N SER A 48 1.80 -11.69 0.66
CA SER A 48 2.75 -11.86 -0.41
C SER A 48 2.16 -12.78 -1.50
N CYS A 49 2.31 -12.37 -2.76
CA CYS A 49 1.79 -13.02 -3.94
C CYS A 49 2.21 -14.49 -4.08
N ARG A 50 1.25 -15.40 -3.89
CA ARG A 50 1.55 -16.82 -4.03
C ARG A 50 1.67 -17.23 -5.49
N HIS A 51 1.05 -16.51 -6.44
CA HIS A 51 1.08 -16.82 -7.86
C HIS A 51 2.13 -15.98 -8.58
N VAL A 52 3.35 -15.96 -8.03
CA VAL A 52 4.43 -15.20 -8.66
C VAL A 52 4.95 -15.87 -9.93
N GLU A 53 4.43 -17.04 -10.31
CA GLU A 53 4.81 -17.82 -11.50
C GLU A 53 4.51 -17.06 -12.82
N THR A 54 3.96 -15.86 -12.73
CA THR A 54 3.61 -15.00 -13.85
C THR A 54 4.10 -13.56 -13.61
N LEU A 55 4.72 -13.28 -12.47
CA LEU A 55 5.25 -11.97 -12.12
C LEU A 55 6.77 -12.00 -12.15
N GLU A 56 7.34 -10.81 -12.20
CA GLU A 56 8.78 -10.63 -12.22
C GLU A 56 9.27 -10.72 -10.78
N LYS A 57 10.53 -11.12 -10.63
CA LYS A 57 11.19 -11.29 -9.33
C LYS A 57 12.41 -10.38 -9.23
N ASP A 58 13.03 -10.11 -10.37
CA ASP A 58 14.21 -9.27 -10.53
C ASP A 58 13.92 -7.80 -10.24
N ARG A 59 12.75 -7.30 -10.64
CA ARG A 59 12.33 -5.92 -10.46
C ARG A 59 12.08 -5.56 -9.00
N GLY A 60 11.75 -6.53 -8.15
CA GLY A 60 11.48 -6.35 -6.74
C GLY A 60 10.55 -7.47 -6.28
N ASN A 61 9.97 -7.35 -5.09
CA ASN A 61 9.06 -8.36 -4.54
C ASN A 61 7.62 -7.88 -4.69
N PRO A 62 6.84 -8.28 -5.72
CA PRO A 62 5.47 -7.86 -5.89
C PRO A 62 4.58 -8.48 -4.81
N ILE A 63 3.89 -7.64 -4.03
CA ILE A 63 3.00 -8.05 -2.96
C ILE A 63 1.65 -7.33 -3.09
N TYR A 64 0.76 -7.58 -2.12
CA TYR A 64 -0.56 -6.98 -2.08
C TYR A 64 -0.91 -6.61 -0.63
N LEU A 65 -1.53 -5.45 -0.47
CA LEU A 65 -1.93 -4.92 0.82
C LEU A 65 -3.20 -4.09 0.68
N GLY A 66 -4.00 -4.05 1.74
CA GLY A 66 -5.24 -3.29 1.79
C GLY A 66 -5.61 -2.93 3.21
N LEU A 67 -6.81 -2.38 3.39
CA LEU A 67 -7.37 -1.97 4.68
C LEU A 67 -8.21 -3.15 5.18
N ASN A 68 -8.27 -3.39 6.50
CA ASN A 68 -9.03 -4.52 7.04
C ASN A 68 -10.24 -3.93 7.77
N GLY A 69 -11.46 -4.17 7.27
CA GLY A 69 -12.66 -3.63 7.88
C GLY A 69 -13.85 -3.54 6.92
N LEU A 70 -13.67 -3.06 5.68
CA LEU A 70 -14.76 -2.90 4.69
C LEU A 70 -14.44 -3.43 3.29
N ASN A 71 -13.51 -4.39 3.15
CA ASN A 71 -13.15 -5.00 1.85
C ASN A 71 -12.62 -3.94 0.87
N LEU A 72 -11.47 -3.33 1.19
CA LEU A 72 -10.90 -2.29 0.31
C LEU A 72 -9.40 -2.34 0.35
N CYS A 73 -8.79 -2.31 -0.84
CA CYS A 73 -7.33 -2.38 -1.01
C CYS A 73 -6.82 -1.39 -2.04
N LEU A 74 -5.50 -1.27 -2.14
CA LEU A 74 -4.82 -0.37 -3.09
C LEU A 74 -5.16 -0.72 -4.54
N MET A 75 -5.07 0.27 -5.43
CA MET A 75 -5.39 0.09 -6.85
C MET A 75 -4.82 1.28 -7.60
N CYS A 76 -4.44 1.12 -8.86
CA CYS A 76 -3.87 2.20 -9.67
C CYS A 76 -4.85 2.58 -10.77
N ALA A 77 -5.27 3.85 -10.85
CA ALA A 77 -6.19 4.34 -11.87
C ALA A 77 -5.68 5.67 -12.42
N LYS A 78 -5.99 6.01 -13.67
CA LYS A 78 -5.55 7.24 -14.29
C LYS A 78 -6.59 8.31 -13.95
N VAL A 79 -6.18 9.44 -13.37
CA VAL A 79 -7.19 10.48 -13.06
C VAL A 79 -7.60 11.36 -14.26
N GLY A 80 -6.79 11.36 -15.31
CA GLY A 80 -6.80 12.09 -16.58
C GLY A 80 -5.36 12.16 -17.12
N ASP A 81 -4.42 12.84 -16.42
CA ASP A 81 -3.01 12.97 -16.88
C ASP A 81 -1.91 12.12 -16.22
N GLN A 82 -2.08 11.73 -14.96
CA GLN A 82 -1.20 10.93 -14.09
C GLN A 82 -1.89 9.76 -13.31
N PRO A 83 -1.13 8.73 -12.92
CA PRO A 83 -1.67 7.61 -12.18
C PRO A 83 -1.96 8.05 -10.73
N THR A 84 -3.03 7.53 -10.15
CA THR A 84 -3.48 7.83 -8.80
C THR A 84 -4.00 6.55 -8.13
N LEU A 85 -4.26 6.61 -6.82
CA LEU A 85 -4.77 5.47 -6.06
C LEU A 85 -6.30 5.43 -6.02
N GLN A 86 -6.86 4.22 -5.93
CA GLN A 86 -8.30 3.97 -5.86
C GLN A 86 -8.62 2.84 -4.86
N LEU A 87 -8.54 3.12 -3.57
CA LEU A 87 -8.83 2.15 -2.52
C LEU A 87 -10.28 2.33 -2.12
N LYS A 88 -11.12 1.33 -2.35
CA LYS A 88 -12.55 1.45 -1.98
C LYS A 88 -13.40 0.21 -2.23
N GLU A 89 -12.86 -0.74 -3.00
CA GLU A 89 -13.53 -1.99 -3.34
C GLU A 89 -12.48 -3.01 -3.75
N LYS A 90 -12.03 -3.92 -2.89
CA LYS A 90 -11.00 -4.91 -3.30
C LYS A 90 -10.83 -5.95 -2.19
N ASP A 91 -10.48 -7.19 -2.52
CA ASP A 91 -10.30 -8.28 -1.57
C ASP A 91 -8.93 -8.95 -1.83
N ILE A 92 -7.99 -8.85 -0.89
CA ILE A 92 -6.66 -9.45 -1.02
C ILE A 92 -6.71 -10.97 -1.14
N MET A 93 -7.56 -11.59 -0.32
CA MET A 93 -7.74 -13.02 -0.25
C MET A 93 -8.40 -13.58 -1.50
N ASP A 94 -9.02 -12.75 -2.33
CA ASP A 94 -9.68 -13.20 -3.57
C ASP A 94 -8.61 -13.41 -4.65
N LEU A 95 -7.78 -12.38 -4.85
CA LEU A 95 -6.72 -12.44 -5.87
C LEU A 95 -5.68 -13.47 -5.51
N TYR A 96 -5.62 -13.81 -4.24
CA TYR A 96 -4.72 -14.78 -3.70
C TYR A 96 -5.41 -16.14 -3.75
N ASN A 97 -6.74 -16.22 -3.55
CA ASN A 97 -7.44 -17.51 -3.62
C ASN A 97 -7.32 -18.06 -5.04
N GLN A 98 -7.37 -17.21 -6.06
CA GLN A 98 -7.25 -17.68 -7.46
C GLN A 98 -5.95 -17.22 -8.11
N PRO A 99 -5.43 -17.90 -9.14
CA PRO A 99 -4.20 -17.52 -9.83
C PRO A 99 -4.42 -16.31 -10.76
N GLU A 100 -4.86 -15.17 -10.22
CA GLU A 100 -5.15 -13.95 -10.95
C GLU A 100 -4.44 -12.72 -10.35
N PRO A 101 -3.08 -12.68 -10.38
CA PRO A 101 -2.26 -11.58 -9.87
C PRO A 101 -2.35 -10.37 -10.82
N VAL A 102 -3.25 -9.41 -10.53
CA VAL A 102 -3.47 -8.24 -11.36
C VAL A 102 -2.46 -7.16 -11.00
N LYS A 103 -1.49 -6.97 -11.89
CA LYS A 103 -0.40 -6.00 -11.76
C LYS A 103 -0.88 -4.60 -11.45
N SER A 104 -2.08 -4.23 -11.90
CA SER A 104 -2.63 -2.90 -11.66
C SER A 104 -2.97 -2.64 -10.20
N PHE A 105 -2.93 -3.67 -9.34
CA PHE A 105 -3.21 -3.54 -7.93
C PHE A 105 -1.98 -4.01 -7.10
N LEU A 106 -1.04 -4.77 -7.69
CA LEU A 106 0.15 -5.28 -7.02
C LEU A 106 1.22 -4.19 -6.94
N PHE A 107 2.11 -4.28 -5.95
CA PHE A 107 3.18 -3.30 -5.73
C PHE A 107 4.47 -3.99 -5.32
N TYR A 108 5.60 -3.61 -5.94
CA TYR A 108 6.91 -4.15 -5.63
C TYR A 108 7.37 -3.53 -4.32
N HIS A 109 7.67 -4.37 -3.34
CA HIS A 109 8.15 -4.03 -2.02
C HIS A 109 9.62 -3.68 -2.20
N SER A 110 9.91 -2.38 -2.18
CA SER A 110 11.24 -1.85 -2.30
C SER A 110 11.71 -1.51 -0.89
N GLN A 111 12.95 -1.02 -0.78
CA GLN A 111 13.55 -0.66 0.49
C GLN A 111 14.56 0.46 0.32
N SER A 112 14.81 1.19 1.41
CA SER A 112 15.73 2.32 1.44
C SER A 112 16.70 2.27 2.65
N GLY A 113 17.24 1.09 2.95
CA GLY A 113 18.19 0.93 4.03
C GLY A 113 17.55 0.51 5.34
N ARG A 114 16.57 1.27 5.84
CA ARG A 114 15.88 0.95 7.10
C ARG A 114 14.37 1.03 6.95
N ASN A 115 13.88 1.31 5.74
CA ASN A 115 12.48 1.43 5.45
C ASN A 115 12.10 0.69 4.20
N SER A 116 10.80 0.62 3.92
CA SER A 116 10.21 -0.04 2.77
C SER A 116 9.50 0.99 1.90
N THR A 117 9.37 0.71 0.60
CA THR A 117 8.71 1.56 -0.38
C THR A 117 7.81 0.63 -1.19
N PHE A 118 6.91 1.21 -2.00
CA PHE A 118 5.98 0.42 -2.81
C PHE A 118 5.86 1.04 -4.20
N GLU A 119 6.34 0.33 -5.21
CA GLU A 119 6.37 0.72 -6.62
C GLU A 119 5.29 -0.05 -7.39
N SER A 120 4.31 0.64 -7.98
CA SER A 120 3.24 0.00 -8.75
C SER A 120 3.77 -0.96 -9.81
N VAL A 121 3.38 -2.24 -9.76
CA VAL A 121 3.85 -3.24 -10.72
C VAL A 121 3.35 -2.90 -12.13
N ALA A 122 2.08 -2.55 -12.30
CA ALA A 122 1.55 -2.21 -13.62
C ALA A 122 2.16 -0.93 -14.18
N PHE A 123 2.39 0.09 -13.35
CA PHE A 123 2.96 1.36 -13.77
C PHE A 123 4.21 1.65 -12.94
N PRO A 124 5.36 1.05 -13.31
CA PRO A 124 6.64 1.19 -12.63
C PRO A 124 7.17 2.63 -12.78
N GLY A 125 7.81 3.12 -11.71
CA GLY A 125 8.42 4.44 -11.55
C GLY A 125 7.71 5.30 -10.50
N TRP A 126 6.44 5.03 -10.20
CA TRP A 126 5.61 5.74 -9.23
C TRP A 126 5.55 5.00 -7.89
N PHE A 127 5.76 5.70 -6.79
CA PHE A 127 5.75 5.15 -5.44
C PHE A 127 4.55 5.65 -4.65
N ILE A 128 3.94 4.80 -3.84
CA ILE A 128 2.79 5.14 -3.02
C ILE A 128 3.28 6.02 -1.87
N ALA A 129 2.60 7.12 -1.58
CA ALA A 129 2.99 7.95 -0.44
C ALA A 129 2.00 7.67 0.70
N VAL A 130 2.42 7.74 1.96
CA VAL A 130 1.59 7.48 3.15
C VAL A 130 0.93 8.72 3.74
N SER A 131 1.43 9.90 3.36
CA SER A 131 1.02 11.22 3.83
C SER A 131 1.29 11.28 5.32
N SER A 132 2.48 11.74 5.69
CA SER A 132 2.88 11.85 7.10
C SER A 132 2.93 13.29 7.57
N GLU A 133 2.45 14.22 6.73
CA GLU A 133 2.46 15.65 7.00
C GLU A 133 1.13 16.23 6.60
N GLY A 134 0.67 17.22 7.40
CA GLY A 134 -0.57 17.98 7.24
C GLY A 134 -1.87 17.16 7.36
N GLY A 135 -2.00 16.16 6.51
CA GLY A 135 -3.11 15.22 6.37
C GLY A 135 -3.45 15.14 4.88
N CYS A 136 -2.43 15.01 4.01
CA CYS A 136 -2.67 14.95 2.56
C CYS A 136 -3.30 13.62 2.17
N PRO A 137 -3.91 13.50 0.99
CA PRO A 137 -4.54 12.26 0.59
C PRO A 137 -3.50 11.25 0.11
N LEU A 138 -3.89 9.97 0.06
CA LEU A 138 -3.07 8.87 -0.37
C LEU A 138 -3.01 8.86 -1.89
N ILE A 139 -1.85 9.09 -2.48
CA ILE A 139 -1.67 9.09 -3.93
C ILE A 139 -0.27 8.55 -4.28
N LEU A 140 0.01 8.41 -5.58
CA LEU A 140 1.30 7.93 -6.07
C LEU A 140 2.15 9.12 -6.54
N THR A 141 3.47 9.01 -6.45
CA THR A 141 4.39 10.05 -6.87
C THR A 141 5.64 9.39 -7.45
N GLN A 142 6.06 9.84 -8.62
CA GLN A 142 7.25 9.30 -9.28
C GLN A 142 8.53 9.94 -8.72
N GLU A 143 8.43 11.15 -8.17
CA GLU A 143 9.54 11.90 -7.60
C GLU A 143 8.95 13.07 -6.81
N LEU A 144 8.78 12.88 -5.51
CA LEU A 144 8.25 13.90 -4.61
C LEU A 144 9.26 15.02 -4.36
N GLY A 145 8.81 16.03 -3.63
CA GLY A 145 9.57 17.21 -3.24
C GLY A 145 9.59 17.33 -1.74
N LYS A 146 9.98 16.25 -1.03
CA LYS A 146 10.11 16.09 0.42
C LYS A 146 8.80 16.25 1.21
N ALA A 147 7.68 16.53 0.54
CA ALA A 147 6.40 16.74 1.18
C ALA A 147 5.48 15.52 1.30
N ASN A 148 5.72 14.44 0.57
CA ASN A 148 4.88 13.24 0.57
C ASN A 148 5.75 12.03 0.84
N THR A 149 5.78 11.53 2.08
CA THR A 149 6.58 10.40 2.50
C THR A 149 6.15 9.15 1.73
N THR A 150 7.11 8.45 1.13
CA THR A 150 6.91 7.25 0.35
C THR A 150 7.55 6.02 0.98
N ASP A 151 8.56 6.22 1.84
CA ASP A 151 9.27 5.14 2.50
C ASP A 151 9.13 5.21 4.00
N PHE A 152 8.74 4.08 4.60
CA PHE A 152 8.55 3.87 6.03
C PHE A 152 8.32 2.38 6.31
N GLY A 153 8.05 1.98 7.55
CA GLY A 153 7.80 0.60 7.95
C GLY A 153 6.29 0.38 8.01
N LEU A 154 5.86 -0.65 8.73
CA LEU A 154 4.47 -1.03 8.95
C LEU A 154 4.42 -1.63 10.36
N THR A 155 3.22 -1.81 10.91
CA THR A 155 2.98 -2.38 12.22
C THR A 155 1.95 -3.50 12.07
N MET A 156 2.20 -4.38 11.11
CA MET A 156 1.36 -5.54 10.82
C MET A 156 1.59 -6.58 11.90
N LEU A 157 0.53 -7.26 12.34
CA LEU A 157 0.57 -8.29 13.36
C LEU A 157 0.35 -9.63 12.69
N PHE A 158 0.60 -10.72 13.40
CA PHE A 158 0.46 -12.10 12.96
C PHE A 158 0.25 -12.95 14.23
N MET A 1 7.43 -30.82 -0.66
CA MET A 1 7.16 -29.46 -1.14
C MET A 1 6.17 -28.80 -0.19
N GLU A 2 5.98 -27.49 -0.36
CA GLU A 2 5.08 -26.67 0.43
C GLU A 2 4.13 -25.99 -0.56
N LYS A 3 3.11 -25.29 -0.07
CA LYS A 3 2.15 -24.57 -0.92
C LYS A 3 2.05 -23.12 -0.47
N ALA A 4 3.21 -22.52 -0.18
CA ALA A 4 3.36 -21.13 0.28
C ALA A 4 2.28 -20.72 1.29
N LEU A 5 2.36 -21.29 2.51
CA LEU A 5 1.38 -21.04 3.58
C LEU A 5 1.90 -21.07 5.02
N LYS A 6 3.21 -21.13 5.20
CA LYS A 6 3.84 -21.16 6.53
C LYS A 6 5.18 -20.42 6.57
N ILE A 7 5.70 -20.12 5.39
CA ILE A 7 6.93 -19.42 5.16
C ILE A 7 6.61 -17.92 5.12
N ASP A 8 5.54 -17.50 4.44
CA ASP A 8 5.14 -16.11 4.33
C ASP A 8 3.71 -16.06 4.83
N THR A 9 3.43 -15.35 5.92
CA THR A 9 2.09 -15.21 6.50
C THR A 9 1.72 -13.74 6.33
N PRO A 10 0.43 -13.39 6.24
CA PRO A 10 0.06 -11.99 6.11
C PRO A 10 0.39 -11.30 7.44
N GLN A 11 0.75 -10.03 7.39
CA GLN A 11 1.08 -9.27 8.58
C GLN A 11 0.23 -8.02 8.54
N GLN A 12 -0.67 -7.88 9.51
CA GLN A 12 -1.56 -6.74 9.60
C GLN A 12 -1.10 -5.84 10.74
N GLY A 13 -1.30 -4.53 10.66
CA GLY A 13 -0.89 -3.58 11.69
C GLY A 13 -1.30 -2.17 11.29
N SER A 14 -0.44 -1.17 11.49
CA SER A 14 -0.71 0.21 11.14
C SER A 14 0.55 0.91 10.65
N ILE A 15 0.50 2.24 10.53
CA ILE A 15 1.58 3.14 10.12
C ILE A 15 1.47 4.43 10.95
N GLN A 16 0.40 4.58 11.74
CA GLN A 16 0.11 5.72 12.60
C GLN A 16 1.33 6.15 13.41
N ASP A 17 2.06 5.18 13.95
CA ASP A 17 3.24 5.39 14.77
C ASP A 17 4.33 6.24 14.10
N ILE A 18 4.36 6.29 12.77
CA ILE A 18 5.34 7.06 12.02
C ILE A 18 5.37 8.51 12.43
N ASN A 19 4.31 9.26 12.12
CA ASN A 19 4.25 10.68 12.44
C ASN A 19 2.94 11.08 13.07
N HIS A 20 2.31 10.16 13.80
CA HIS A 20 1.01 10.37 14.43
C HIS A 20 0.01 10.65 13.28
N ARG A 21 0.04 9.81 12.24
CA ARG A 21 -0.88 9.96 11.09
C ARG A 21 -1.74 8.72 10.79
N VAL A 22 -3.01 8.70 11.21
CA VAL A 22 -3.92 7.59 10.92
C VAL A 22 -4.52 7.86 9.55
N TRP A 23 -4.96 6.84 8.80
CA TRP A 23 -5.58 7.00 7.49
C TRP A 23 -6.98 6.39 7.60
N VAL A 24 -8.00 7.13 7.13
CA VAL A 24 -9.38 6.68 7.18
C VAL A 24 -9.94 6.81 5.78
N LEU A 25 -10.83 5.88 5.39
CA LEU A 25 -11.46 5.94 4.10
C LEU A 25 -12.56 7.01 4.25
N GLN A 26 -12.32 8.21 3.75
CA GLN A 26 -13.24 9.33 3.79
C GLN A 26 -13.50 9.71 2.36
N ASP A 27 -14.77 9.90 2.03
CA ASP A 27 -15.24 10.27 0.70
C ASP A 27 -14.59 9.44 -0.40
N GLN A 28 -14.68 8.11 -0.25
CA GLN A 28 -14.13 7.14 -1.17
C GLN A 28 -12.64 7.38 -1.51
N THR A 29 -11.86 7.95 -0.58
CA THR A 29 -10.44 8.25 -0.73
C THR A 29 -9.78 7.99 0.64
N LEU A 30 -8.45 7.79 0.72
CA LEU A 30 -7.78 7.58 2.00
C LEU A 30 -7.24 8.93 2.41
N ILE A 31 -7.59 9.39 3.61
CA ILE A 31 -7.13 10.69 4.10
C ILE A 31 -6.48 10.55 5.46
N ALA A 32 -5.29 11.13 5.59
CA ALA A 32 -4.55 11.13 6.83
C ALA A 32 -5.32 12.04 7.79
N VAL A 33 -5.51 11.61 9.04
CA VAL A 33 -6.25 12.37 10.04
C VAL A 33 -5.41 12.57 11.30
N PRO A 34 -4.40 13.46 11.28
CA PRO A 34 -3.56 13.72 12.45
C PRO A 34 -4.35 14.32 13.60
N ARG A 35 -5.23 15.28 13.28
CA ARG A 35 -6.07 15.97 14.23
C ARG A 35 -7.40 16.29 13.57
N LYS A 36 -8.19 15.25 13.35
CA LYS A 36 -9.51 15.35 12.76
C LYS A 36 -10.38 14.75 13.86
N ASP A 37 -11.37 15.49 14.31
CA ASP A 37 -12.29 15.11 15.38
C ASP A 37 -13.10 13.84 15.04
N ARG A 38 -13.12 13.42 13.77
CA ARG A 38 -13.83 12.23 13.31
C ARG A 38 -12.85 11.15 12.81
N MET A 39 -11.64 11.08 13.38
CA MET A 39 -10.66 10.08 13.00
C MET A 39 -11.11 8.75 13.60
N SER A 40 -10.61 7.63 13.09
CA SER A 40 -10.95 6.31 13.61
C SER A 40 -9.76 5.42 13.29
N PRO A 41 -9.39 4.48 14.18
CA PRO A 41 -8.27 3.58 13.95
C PRO A 41 -8.63 2.64 12.79
N VAL A 42 -7.65 2.32 11.94
CA VAL A 42 -7.84 1.42 10.80
C VAL A 42 -6.55 0.62 10.68
N THR A 43 -6.70 -0.68 10.46
CA THR A 43 -5.58 -1.62 10.33
C THR A 43 -5.13 -1.69 8.86
N ILE A 44 -3.92 -2.20 8.60
CA ILE A 44 -3.28 -2.34 7.30
C ILE A 44 -2.76 -3.76 7.15
N ALA A 45 -3.16 -4.53 6.14
CA ALA A 45 -2.71 -5.91 5.90
C ALA A 45 -1.63 -5.87 4.80
N LEU A 46 -0.47 -6.50 5.01
CA LEU A 46 0.66 -6.56 4.07
C LEU A 46 0.96 -8.03 3.79
N ILE A 47 1.12 -8.42 2.52
CA ILE A 47 1.37 -9.79 2.10
C ILE A 47 2.31 -9.75 0.90
N SER A 48 3.24 -10.71 0.85
CA SER A 48 4.19 -10.82 -0.23
C SER A 48 3.49 -11.49 -1.42
N CYS A 49 3.73 -11.03 -2.66
CA CYS A 49 3.10 -11.63 -3.83
C CYS A 49 3.55 -13.09 -3.87
N ARG A 50 2.61 -14.01 -3.89
CA ARG A 50 2.89 -15.43 -3.91
C ARG A 50 2.85 -16.04 -5.31
N HIS A 51 2.57 -15.25 -6.35
CA HIS A 51 2.47 -15.69 -7.73
C HIS A 51 3.36 -14.81 -8.63
N VAL A 52 4.61 -14.63 -8.25
CA VAL A 52 5.59 -13.82 -9.00
C VAL A 52 6.09 -14.48 -10.29
N GLU A 53 5.49 -15.60 -10.68
CA GLU A 53 5.78 -16.41 -11.85
C GLU A 53 5.85 -15.66 -13.18
N THR A 54 5.08 -14.59 -13.35
CA THR A 54 5.05 -13.81 -14.59
C THR A 54 5.31 -12.34 -14.30
N LEU A 55 6.02 -12.05 -13.21
CA LEU A 55 6.32 -10.68 -12.83
C LEU A 55 7.82 -10.48 -12.89
N GLU A 56 8.17 -9.23 -13.07
CA GLU A 56 9.56 -8.83 -13.10
C GLU A 56 10.06 -9.08 -11.68
N LYS A 57 11.35 -9.35 -11.54
CA LYS A 57 11.97 -9.63 -10.25
C LYS A 57 13.15 -8.69 -10.02
N ASP A 58 13.84 -8.28 -11.10
CA ASP A 58 14.98 -7.38 -11.04
C ASP A 58 14.61 -6.00 -10.50
N ARG A 59 13.40 -5.49 -10.79
CA ARG A 59 13.00 -4.18 -10.25
C ARG A 59 12.94 -4.30 -8.74
N GLY A 60 12.52 -5.45 -8.21
CA GLY A 60 12.41 -5.77 -6.79
C GLY A 60 11.24 -6.71 -6.54
N ASN A 61 11.13 -7.23 -5.33
CA ASN A 61 10.05 -8.17 -4.97
C ASN A 61 8.71 -7.44 -5.02
N PRO A 62 7.78 -7.84 -5.91
CA PRO A 62 6.48 -7.20 -5.96
C PRO A 62 5.69 -7.73 -4.76
N ILE A 63 4.96 -6.88 -4.03
CA ILE A 63 4.15 -7.31 -2.89
C ILE A 63 2.80 -6.56 -2.95
N TYR A 64 1.83 -6.95 -2.11
CA TYR A 64 0.52 -6.31 -2.07
C TYR A 64 0.12 -5.98 -0.64
N LEU A 65 -0.64 -4.88 -0.47
CA LEU A 65 -1.10 -4.39 0.82
C LEU A 65 -2.46 -3.73 0.69
N GLY A 66 -3.18 -3.65 1.80
CA GLY A 66 -4.48 -3.00 1.87
C GLY A 66 -4.87 -2.67 3.29
N LEU A 67 -6.09 -2.21 3.49
CA LEU A 67 -6.64 -1.85 4.80
C LEU A 67 -7.49 -2.99 5.36
N ASN A 68 -7.75 -2.99 6.66
CA ASN A 68 -8.58 -4.01 7.31
C ASN A 68 -9.61 -3.31 8.21
N GLY A 69 -10.72 -2.90 7.60
CA GLY A 69 -11.81 -2.22 8.27
C GLY A 69 -13.14 -2.32 7.53
N LEU A 70 -13.12 -2.42 6.19
CA LEU A 70 -14.32 -2.49 5.34
C LEU A 70 -14.12 -3.23 3.99
N ASN A 71 -13.07 -4.05 3.85
CA ASN A 71 -12.72 -4.82 2.62
C ASN A 71 -12.29 -3.84 1.54
N LEU A 72 -11.13 -3.22 1.75
CA LEU A 72 -10.55 -2.21 0.87
C LEU A 72 -9.04 -2.39 0.81
N CYS A 73 -8.43 -2.31 -0.37
CA CYS A 73 -6.97 -2.42 -0.53
C CYS A 73 -6.47 -1.46 -1.60
N LEU A 74 -5.14 -1.35 -1.81
CA LEU A 74 -4.55 -0.47 -2.83
C LEU A 74 -5.08 -0.85 -4.21
N MET A 75 -5.18 0.14 -5.11
CA MET A 75 -5.69 -0.09 -6.46
C MET A 75 -5.19 1.06 -7.34
N CYS A 76 -4.48 0.80 -8.44
CA CYS A 76 -3.98 1.86 -9.30
C CYS A 76 -4.94 2.03 -10.48
N ALA A 77 -5.42 3.24 -10.69
CA ALA A 77 -6.34 3.59 -11.76
C ALA A 77 -6.05 5.00 -12.26
N LYS A 78 -6.24 5.22 -13.55
CA LYS A 78 -5.99 6.53 -14.15
C LYS A 78 -7.15 7.46 -13.85
N VAL A 79 -6.86 8.67 -13.38
CA VAL A 79 -7.90 9.66 -13.05
C VAL A 79 -8.39 10.39 -14.31
N GLY A 80 -7.96 9.95 -15.50
CA GLY A 80 -8.31 10.54 -16.77
C GLY A 80 -7.22 11.48 -17.26
N ASP A 81 -6.05 11.46 -16.60
CA ASP A 81 -4.88 12.27 -16.92
C ASP A 81 -3.60 11.50 -16.58
N GLN A 82 -3.47 11.09 -15.32
CA GLN A 82 -2.33 10.35 -14.76
C GLN A 82 -2.80 9.26 -13.78
N PRO A 83 -1.97 8.26 -13.43
CA PRO A 83 -2.38 7.22 -12.49
C PRO A 83 -2.52 7.80 -11.08
N THR A 84 -3.42 7.22 -10.31
CA THR A 84 -3.74 7.58 -8.93
C THR A 84 -4.13 6.30 -8.21
N LEU A 85 -4.17 6.37 -6.89
CA LEU A 85 -4.57 5.24 -6.08
C LEU A 85 -6.09 5.41 -5.86
N GLN A 86 -6.78 4.29 -5.77
CA GLN A 86 -8.22 4.23 -5.56
C GLN A 86 -8.41 3.11 -4.56
N LEU A 87 -7.90 3.32 -3.34
CA LEU A 87 -8.00 2.33 -2.29
C LEU A 87 -9.39 2.50 -1.68
N LYS A 88 -10.34 1.61 -2.01
CA LYS A 88 -11.73 1.67 -1.53
C LYS A 88 -12.43 0.32 -1.59
N GLU A 89 -12.19 -0.45 -2.64
CA GLU A 89 -12.79 -1.74 -2.90
C GLU A 89 -11.76 -2.66 -3.58
N LYS A 90 -11.19 -3.61 -2.85
CA LYS A 90 -10.21 -4.57 -3.36
C LYS A 90 -9.89 -5.51 -2.19
N ASP A 91 -9.39 -6.71 -2.47
CA ASP A 91 -9.03 -7.73 -1.49
C ASP A 91 -7.67 -8.33 -1.85
N ILE A 92 -6.76 -8.44 -0.87
CA ILE A 92 -5.43 -9.01 -1.13
C ILE A 92 -5.50 -10.55 -1.06
N MET A 93 -6.30 -11.11 -0.16
CA MET A 93 -6.43 -12.55 0.00
C MET A 93 -6.95 -13.23 -1.27
N ASP A 94 -7.69 -12.52 -2.13
CA ASP A 94 -8.21 -13.10 -3.38
C ASP A 94 -7.03 -13.29 -4.34
N LEU A 95 -6.12 -12.31 -4.43
CA LEU A 95 -4.91 -12.37 -5.28
C LEU A 95 -4.02 -13.50 -4.77
N TYR A 96 -4.02 -13.77 -3.45
CA TYR A 96 -3.24 -14.86 -2.90
C TYR A 96 -3.98 -16.17 -3.22
N ASN A 97 -5.31 -16.17 -3.23
CA ASN A 97 -6.10 -17.36 -3.49
C ASN A 97 -5.90 -17.82 -4.93
N GLN A 98 -5.95 -16.92 -5.92
CA GLN A 98 -5.79 -17.32 -7.32
C GLN A 98 -4.67 -16.57 -8.05
N PRO A 99 -4.06 -17.19 -9.07
CA PRO A 99 -3.00 -16.61 -9.85
C PRO A 99 -3.55 -15.52 -10.77
N GLU A 100 -3.71 -14.32 -10.22
CA GLU A 100 -4.18 -13.11 -10.86
C GLU A 100 -3.17 -12.02 -10.43
N PRO A 101 -1.91 -12.08 -10.92
CA PRO A 101 -0.87 -11.11 -10.61
C PRO A 101 -1.18 -9.83 -11.39
N VAL A 102 -2.15 -9.06 -10.91
CA VAL A 102 -2.59 -7.84 -11.56
C VAL A 102 -1.64 -6.73 -11.14
N LYS A 103 -0.69 -6.34 -12.00
CA LYS A 103 0.30 -5.29 -11.72
C LYS A 103 -0.36 -4.02 -11.19
N SER A 104 -1.62 -3.73 -11.56
CA SER A 104 -2.32 -2.55 -11.09
C SER A 104 -2.56 -2.54 -9.58
N PHE A 105 -2.36 -3.66 -8.87
CA PHE A 105 -2.53 -3.77 -7.43
C PHE A 105 -1.22 -4.23 -6.78
N LEU A 106 -0.15 -4.44 -7.58
CA LEU A 106 1.14 -4.88 -7.08
C LEU A 106 2.07 -3.67 -6.98
N PHE A 107 2.95 -3.66 -5.98
CA PHE A 107 3.88 -2.57 -5.72
C PHE A 107 5.22 -3.14 -5.26
N TYR A 108 6.30 -2.80 -5.96
CA TYR A 108 7.67 -3.17 -5.72
C TYR A 108 8.09 -2.48 -4.43
N HIS A 109 8.58 -3.23 -3.45
CA HIS A 109 9.02 -2.62 -2.21
C HIS A 109 10.55 -2.69 -2.10
N SER A 110 11.13 -1.67 -1.48
CA SER A 110 12.57 -1.52 -1.25
C SER A 110 12.74 -1.00 0.19
N GLN A 111 13.99 -0.94 0.67
CA GLN A 111 14.37 -0.45 1.97
C GLN A 111 15.83 -0.01 1.96
N SER A 112 16.09 1.21 2.43
CA SER A 112 17.40 1.84 2.45
C SER A 112 17.68 2.68 3.72
N GLY A 113 18.04 2.02 4.82
CA GLY A 113 18.38 2.67 6.08
C GLY A 113 17.15 2.85 6.97
N ARG A 114 16.49 1.74 7.31
CA ARG A 114 15.28 1.66 8.12
C ARG A 114 14.07 2.31 7.47
N ASN A 115 14.20 2.79 6.24
CA ASN A 115 13.14 3.44 5.49
C ASN A 115 12.79 2.54 4.32
N SER A 116 11.50 2.21 4.15
CA SER A 116 11.00 1.35 3.08
C SER A 116 10.21 2.20 2.06
N THR A 117 10.10 1.75 0.82
CA THR A 117 9.39 2.43 -0.28
C THR A 117 8.43 1.49 -1.03
N PHE A 118 7.51 2.04 -1.84
CA PHE A 118 6.55 1.27 -2.62
C PHE A 118 6.32 1.90 -4.00
N GLU A 119 6.78 1.23 -5.06
CA GLU A 119 6.66 1.69 -6.44
C GLU A 119 5.65 0.81 -7.18
N SER A 120 4.62 1.42 -7.75
CA SER A 120 3.57 0.75 -8.51
C SER A 120 4.18 -0.13 -9.61
N VAL A 121 3.85 -1.42 -9.66
CA VAL A 121 4.42 -2.33 -10.67
C VAL A 121 3.88 -2.01 -12.07
N ALA A 122 2.57 -1.73 -12.19
CA ALA A 122 1.91 -1.41 -13.45
C ALA A 122 2.53 -0.20 -14.14
N PHE A 123 2.88 0.83 -13.36
CA PHE A 123 3.46 2.07 -13.85
C PHE A 123 4.61 2.42 -12.90
N PRO A 124 5.84 1.97 -13.18
CA PRO A 124 6.99 2.27 -12.35
C PRO A 124 7.28 3.77 -12.42
N GLY A 125 8.10 4.27 -11.48
CA GLY A 125 8.44 5.69 -11.40
C GLY A 125 7.53 6.44 -10.44
N TRP A 126 6.36 5.88 -10.10
CA TRP A 126 5.40 6.47 -9.18
C TRP A 126 5.55 5.79 -7.84
N PHE A 127 5.85 6.54 -6.78
CA PHE A 127 5.99 6.01 -5.44
C PHE A 127 4.76 6.44 -4.65
N ILE A 128 4.26 5.59 -3.75
CA ILE A 128 3.09 5.93 -2.94
C ILE A 128 3.51 6.99 -1.91
N ALA A 129 2.64 7.96 -1.61
CA ALA A 129 2.90 9.01 -0.62
C ALA A 129 2.09 8.75 0.64
N VAL A 130 2.79 8.46 1.74
CA VAL A 130 2.29 8.16 3.07
C VAL A 130 1.70 9.41 3.77
N SER A 131 1.89 10.61 3.24
CA SER A 131 1.38 11.88 3.78
C SER A 131 1.56 12.15 5.29
N SER A 132 2.72 12.65 5.69
CA SER A 132 3.02 12.95 7.09
C SER A 132 3.13 14.43 7.43
N GLU A 133 2.85 15.34 6.52
CA GLU A 133 2.91 16.78 6.75
C GLU A 133 1.65 17.31 7.49
N GLY A 134 0.62 17.79 6.77
CA GLY A 134 -0.60 18.37 7.31
C GLY A 134 -1.83 17.46 7.36
N GLY A 135 -1.70 16.19 7.01
CA GLY A 135 -2.81 15.24 6.99
C GLY A 135 -3.41 15.20 5.58
N CYS A 136 -2.56 15.04 4.57
CA CYS A 136 -2.95 15.02 3.17
C CYS A 136 -3.50 13.64 2.79
N PRO A 137 -4.25 13.51 1.68
CA PRO A 137 -4.75 12.21 1.27
C PRO A 137 -3.62 11.37 0.70
N LEU A 138 -3.80 10.05 0.77
CA LEU A 138 -2.84 9.09 0.31
C LEU A 138 -3.02 8.87 -1.18
N ILE A 139 -1.95 9.10 -1.96
CA ILE A 139 -1.92 8.97 -3.41
C ILE A 139 -0.54 8.51 -3.89
N LEU A 140 -0.30 8.56 -5.22
CA LEU A 140 0.95 8.22 -5.87
C LEU A 140 1.66 9.53 -6.22
N THR A 141 2.98 9.56 -6.34
CA THR A 141 3.73 10.75 -6.71
C THR A 141 4.94 10.34 -7.54
N GLN A 142 4.98 10.86 -8.76
CA GLN A 142 6.05 10.62 -9.70
C GLN A 142 7.24 11.50 -9.36
N GLU A 143 7.02 12.69 -8.80
CA GLU A 143 8.13 13.59 -8.48
C GLU A 143 7.71 14.73 -7.55
N LEU A 144 7.70 14.45 -6.24
CA LEU A 144 7.36 15.43 -5.21
C LEU A 144 8.49 16.48 -5.11
N GLY A 145 8.21 17.56 -4.41
CA GLY A 145 9.14 18.68 -4.20
C GLY A 145 9.08 19.26 -2.79
N LYS A 146 8.59 18.49 -1.81
CA LYS A 146 8.45 18.90 -0.41
C LYS A 146 8.67 17.76 0.59
N ALA A 147 9.31 16.65 0.20
CA ALA A 147 9.50 15.52 1.11
C ALA A 147 8.16 15.09 1.71
N ASN A 148 7.11 15.07 0.86
CA ASN A 148 5.71 14.70 1.20
C ASN A 148 5.58 13.48 2.13
N THR A 149 6.47 12.50 1.94
CA THR A 149 6.75 11.20 2.57
C THR A 149 6.49 10.02 1.64
N THR A 150 7.52 9.55 0.95
CA THR A 150 7.44 8.40 0.04
C THR A 150 8.09 7.17 0.69
N ASP A 151 9.07 7.41 1.54
CA ASP A 151 9.89 6.45 2.25
C ASP A 151 9.69 6.57 3.75
N PHE A 152 9.31 5.45 4.39
CA PHE A 152 9.06 5.29 5.82
C PHE A 152 8.83 3.80 6.15
N GLY A 153 8.51 3.47 7.41
CA GLY A 153 8.28 2.09 7.87
C GLY A 153 6.79 1.73 8.00
N LEU A 154 6.49 0.51 8.47
CA LEU A 154 5.13 -0.01 8.68
C LEU A 154 5.12 -0.63 10.07
N THR A 155 4.13 -0.31 10.89
CA THR A 155 3.93 -0.82 12.24
C THR A 155 3.12 -2.11 12.11
N MET A 156 3.65 -3.09 11.35
CA MET A 156 2.99 -4.36 11.11
C MET A 156 2.97 -5.18 12.41
N LEU A 157 2.10 -6.19 12.47
CA LEU A 157 1.90 -7.11 13.56
C LEU A 157 1.63 -8.49 12.94
N PHE A 158 1.50 -9.53 13.77
CA PHE A 158 1.23 -10.90 13.35
C PHE A 158 0.17 -11.54 14.23
N MET A 1 19.10 -16.80 0.44
CA MET A 1 18.75 -17.27 1.78
C MET A 1 17.36 -16.78 2.16
N GLU A 2 16.57 -17.61 2.84
CA GLU A 2 15.22 -17.24 3.25
C GLU A 2 15.25 -16.35 4.49
N LYS A 3 14.27 -15.45 4.58
CA LYS A 3 14.11 -14.51 5.69
C LYS A 3 13.46 -15.09 6.95
N ALA A 4 13.45 -16.42 7.09
CA ALA A 4 12.87 -17.16 8.22
C ALA A 4 11.43 -16.67 8.48
N LEU A 5 10.69 -16.46 7.39
CA LEU A 5 9.32 -15.94 7.38
C LEU A 5 8.23 -16.83 7.99
N LYS A 6 8.04 -18.08 7.55
CA LYS A 6 7.04 -19.05 8.01
C LYS A 6 5.64 -18.46 8.20
N ILE A 7 5.27 -17.46 7.41
CA ILE A 7 4.00 -16.80 7.52
C ILE A 7 3.38 -16.52 6.15
N ASP A 8 2.80 -17.54 5.52
CA ASP A 8 2.16 -17.33 4.22
C ASP A 8 0.75 -16.73 4.39
N THR A 9 0.26 -16.62 5.64
CA THR A 9 -1.04 -16.06 5.98
C THR A 9 -1.02 -14.54 5.76
N PRO A 10 -2.19 -13.89 5.63
CA PRO A 10 -2.30 -12.46 5.39
C PRO A 10 -1.97 -11.70 6.67
N GLN A 11 -1.04 -10.75 6.56
CA GLN A 11 -0.59 -9.95 7.68
C GLN A 11 -1.32 -8.61 7.73
N GLN A 12 -2.17 -8.43 8.73
CA GLN A 12 -2.94 -7.23 8.93
C GLN A 12 -2.35 -6.39 10.07
N GLY A 13 -2.44 -5.07 10.01
CA GLY A 13 -1.92 -4.19 11.05
C GLY A 13 -2.14 -2.73 10.70
N SER A 14 -1.17 -1.86 10.95
CA SER A 14 -1.29 -0.44 10.68
C SER A 14 0.04 0.25 10.41
N ILE A 15 0.06 1.57 10.26
CA ILE A 15 1.25 2.37 9.98
C ILE A 15 1.19 3.64 10.88
N GLN A 16 0.22 3.75 11.77
CA GLN A 16 0.06 4.89 12.63
C GLN A 16 1.27 5.00 13.55
N ASP A 17 1.79 3.88 14.03
CA ASP A 17 2.92 3.74 14.93
C ASP A 17 4.19 4.49 14.46
N ILE A 18 4.27 4.82 13.18
CA ILE A 18 5.37 5.53 12.55
C ILE A 18 5.44 6.98 13.01
N ASN A 19 4.45 7.80 12.64
CA ASN A 19 4.43 9.22 13.00
C ASN A 19 3.07 9.64 13.54
N HIS A 20 2.33 8.67 14.10
CA HIS A 20 0.99 8.76 14.65
C HIS A 20 0.04 9.28 13.54
N ARG A 21 0.19 8.80 12.30
CA ARG A 21 -0.66 9.23 11.18
C ARG A 21 -1.59 8.09 10.73
N VAL A 22 -2.89 8.20 10.98
CA VAL A 22 -3.88 7.20 10.57
C VAL A 22 -4.40 7.61 9.19
N TRP A 23 -4.95 6.67 8.42
CA TRP A 23 -5.49 6.92 7.07
C TRP A 23 -7.00 6.66 7.06
N VAL A 24 -7.86 7.68 6.99
CA VAL A 24 -9.31 7.46 7.01
C VAL A 24 -9.85 7.64 5.62
N LEU A 25 -10.51 6.61 5.07
CA LEU A 25 -11.09 6.71 3.74
C LEU A 25 -12.32 7.61 3.80
N GLN A 26 -12.16 8.89 3.50
CA GLN A 26 -13.28 9.81 3.46
C GLN A 26 -14.04 9.47 2.16
N ASP A 27 -15.19 10.12 1.93
CA ASP A 27 -16.11 9.99 0.80
C ASP A 27 -15.59 9.15 -0.36
N GLN A 28 -14.54 9.65 -1.00
CA GLN A 28 -13.92 8.97 -2.10
C GLN A 28 -12.41 9.16 -2.02
N THR A 29 -11.85 9.55 -0.87
CA THR A 29 -10.40 9.82 -0.75
C THR A 29 -9.89 9.59 0.67
N LEU A 30 -8.76 8.91 0.83
CA LEU A 30 -8.17 8.65 2.14
C LEU A 30 -7.32 9.82 2.55
N ILE A 31 -7.42 10.23 3.81
CA ILE A 31 -6.63 11.37 4.28
C ILE A 31 -5.93 11.02 5.59
N ALA A 32 -4.70 11.49 5.72
CA ALA A 32 -3.89 11.27 6.89
C ALA A 32 -4.46 12.14 8.02
N VAL A 33 -4.70 11.56 9.19
CA VAL A 33 -5.22 12.25 10.37
C VAL A 33 -4.18 12.21 11.49
N PRO A 34 -3.19 13.11 11.47
CA PRO A 34 -2.16 13.14 12.50
C PRO A 34 -2.66 13.60 13.86
N ARG A 35 -3.64 14.50 13.89
CA ARG A 35 -4.18 15.07 15.13
C ARG A 35 -5.54 15.70 14.81
N LYS A 36 -6.40 14.91 14.16
CA LYS A 36 -7.74 15.32 13.73
C LYS A 36 -8.73 14.81 14.79
N ASP A 37 -9.86 15.49 14.94
CA ASP A 37 -10.87 15.11 15.92
C ASP A 37 -11.57 13.83 15.50
N ARG A 38 -12.23 13.88 14.34
CA ARG A 38 -12.98 12.77 13.76
C ARG A 38 -12.06 11.67 13.21
N MET A 39 -10.85 11.51 13.75
CA MET A 39 -9.95 10.47 13.29
C MET A 39 -10.58 9.15 13.72
N SER A 40 -10.35 8.08 12.96
CA SER A 40 -10.89 6.77 13.23
C SER A 40 -9.78 5.78 12.90
N PRO A 41 -9.56 4.74 13.72
CA PRO A 41 -8.54 3.75 13.43
C PRO A 41 -8.96 2.98 12.19
N VAL A 42 -7.99 2.42 11.49
CA VAL A 42 -8.15 1.63 10.29
C VAL A 42 -7.05 0.58 10.33
N THR A 43 -7.27 -0.53 9.67
CA THR A 43 -6.32 -1.63 9.61
C THR A 43 -5.84 -1.73 8.16
N ILE A 44 -4.69 -2.35 7.93
CA ILE A 44 -4.08 -2.54 6.63
C ILE A 44 -3.79 -4.01 6.46
N ALA A 45 -4.43 -4.68 5.50
CA ALA A 45 -4.22 -6.09 5.23
C ALA A 45 -3.19 -6.19 4.12
N LEU A 46 -2.13 -6.98 4.31
CA LEU A 46 -1.06 -7.16 3.35
C LEU A 46 -0.90 -8.65 3.08
N ILE A 47 -0.55 -8.98 1.83
CA ILE A 47 -0.30 -10.34 1.32
C ILE A 47 0.76 -10.27 0.23
N SER A 48 1.48 -11.38 0.03
CA SER A 48 2.50 -11.51 -0.97
C SER A 48 1.93 -12.48 -2.02
N CYS A 49 1.70 -12.00 -3.24
CA CYS A 49 1.13 -12.75 -4.35
C CYS A 49 1.80 -14.11 -4.52
N ARG A 50 1.01 -15.12 -4.89
CA ARG A 50 1.48 -16.49 -5.09
C ARG A 50 1.63 -16.87 -6.56
N HIS A 51 0.86 -16.24 -7.48
CA HIS A 51 0.95 -16.54 -8.90
C HIS A 51 1.91 -15.52 -9.51
N VAL A 52 2.98 -15.16 -8.79
CA VAL A 52 3.93 -14.20 -9.29
C VAL A 52 4.62 -14.69 -10.54
N GLU A 53 4.59 -15.99 -10.87
CA GLU A 53 5.22 -16.56 -12.06
C GLU A 53 5.02 -15.74 -13.34
N THR A 54 3.79 -15.25 -13.59
CA THR A 54 3.45 -14.45 -14.77
C THR A 54 3.90 -12.99 -14.68
N LEU A 55 4.27 -12.53 -13.50
CA LEU A 55 4.73 -11.17 -13.27
C LEU A 55 6.23 -11.11 -13.49
N GLU A 56 6.83 -9.96 -13.19
CA GLU A 56 8.27 -9.73 -13.31
C GLU A 56 8.95 -10.05 -11.96
N LYS A 57 10.26 -10.33 -12.01
CA LYS A 57 11.16 -10.65 -10.91
C LYS A 57 12.35 -9.72 -10.90
N ASP A 58 12.83 -9.34 -12.08
CA ASP A 58 13.98 -8.45 -12.27
C ASP A 58 13.72 -7.13 -11.55
N ARG A 59 12.50 -6.59 -11.65
CA ARG A 59 12.16 -5.34 -10.98
C ARG A 59 12.25 -5.49 -9.47
N GLY A 60 11.89 -6.65 -8.94
CA GLY A 60 11.91 -6.98 -7.53
C GLY A 60 10.66 -7.78 -7.23
N ASN A 61 10.38 -8.03 -5.95
CA ASN A 61 9.21 -8.81 -5.53
C ASN A 61 7.91 -8.00 -5.56
N PRO A 62 6.93 -8.33 -6.41
CA PRO A 62 5.63 -7.65 -6.47
C PRO A 62 4.73 -8.23 -5.37
N ILE A 63 4.01 -7.38 -4.63
CA ILE A 63 3.13 -7.81 -3.52
C ILE A 63 1.81 -7.00 -3.54
N TYR A 64 0.87 -7.28 -2.64
CA TYR A 64 -0.42 -6.56 -2.58
C TYR A 64 -0.81 -6.16 -1.16
N LEU A 65 -1.61 -5.11 -1.01
CA LEU A 65 -2.04 -4.59 0.28
C LEU A 65 -3.35 -3.82 0.13
N GLY A 66 -4.01 -3.59 1.25
CA GLY A 66 -5.26 -2.84 1.29
C GLY A 66 -5.66 -2.48 2.70
N LEU A 67 -6.84 -1.90 2.86
CA LEU A 67 -7.43 -1.46 4.12
C LEU A 67 -8.43 -2.53 4.53
N ASN A 68 -8.43 -2.92 5.79
CA ASN A 68 -9.32 -3.96 6.25
C ASN A 68 -10.28 -3.36 7.24
N GLY A 69 -11.57 -3.47 6.93
CA GLY A 69 -12.63 -2.93 7.75
C GLY A 69 -13.92 -2.93 6.96
N LEU A 70 -13.84 -2.57 5.67
CA LEU A 70 -14.96 -2.48 4.76
C LEU A 70 -14.67 -2.99 3.33
N ASN A 71 -13.77 -3.98 3.17
CA ASN A 71 -13.41 -4.57 1.87
C ASN A 71 -12.85 -3.54 0.88
N LEU A 72 -11.61 -3.09 1.07
CA LEU A 72 -11.00 -2.06 0.24
C LEU A 72 -9.50 -2.33 0.08
N CYS A 73 -8.91 -2.13 -1.10
CA CYS A 73 -7.48 -2.36 -1.27
C CYS A 73 -6.89 -1.40 -2.30
N LEU A 74 -5.57 -1.42 -2.49
CA LEU A 74 -4.93 -0.52 -3.46
C LEU A 74 -5.54 -0.76 -4.84
N MET A 75 -5.70 0.30 -5.62
CA MET A 75 -6.27 0.23 -6.94
C MET A 75 -5.73 1.42 -7.73
N CYS A 76 -5.11 1.20 -8.87
CA CYS A 76 -4.58 2.28 -9.70
C CYS A 76 -5.62 2.73 -10.72
N ALA A 77 -6.01 4.00 -10.71
CA ALA A 77 -6.99 4.54 -11.65
C ALA A 77 -6.57 5.94 -12.09
N LYS A 78 -7.22 6.47 -13.13
CA LYS A 78 -6.92 7.79 -13.66
C LYS A 78 -7.91 8.80 -13.10
N VAL A 79 -7.48 10.05 -12.90
CA VAL A 79 -8.33 11.12 -12.37
C VAL A 79 -8.50 12.23 -13.41
N GLY A 80 -7.84 12.10 -14.55
CA GLY A 80 -7.86 13.06 -15.63
C GLY A 80 -6.46 13.13 -16.22
N ASP A 81 -6.14 12.17 -17.10
CA ASP A 81 -4.87 12.05 -17.82
C ASP A 81 -3.67 11.73 -16.94
N GLN A 82 -3.93 11.41 -15.67
CA GLN A 82 -2.90 11.10 -14.69
C GLN A 82 -3.34 10.07 -13.66
N PRO A 83 -2.44 9.16 -13.22
CA PRO A 83 -2.73 8.12 -12.26
C PRO A 83 -3.01 8.64 -10.84
N THR A 84 -3.72 7.82 -10.06
CA THR A 84 -4.11 8.08 -8.68
C THR A 84 -4.43 6.75 -8.01
N LEU A 85 -4.48 6.78 -6.67
CA LEU A 85 -4.81 5.61 -5.88
C LEU A 85 -6.30 5.66 -5.58
N GLN A 86 -6.98 4.52 -5.67
CA GLN A 86 -8.40 4.39 -5.45
C GLN A 86 -8.69 3.26 -4.47
N LEU A 87 -8.29 3.44 -3.21
CA LEU A 87 -8.54 2.40 -2.21
C LEU A 87 -9.97 2.62 -1.75
N LYS A 88 -10.89 1.75 -2.17
CA LYS A 88 -12.29 1.86 -1.77
C LYS A 88 -13.09 0.57 -2.07
N GLU A 89 -12.84 -0.09 -3.20
CA GLU A 89 -13.58 -1.30 -3.59
C GLU A 89 -12.65 -2.38 -4.14
N LYS A 90 -12.19 -3.31 -3.29
CA LYS A 90 -11.31 -4.39 -3.73
C LYS A 90 -11.25 -5.51 -2.68
N ASP A 91 -10.55 -6.59 -3.02
CA ASP A 91 -10.35 -7.77 -2.18
C ASP A 91 -8.93 -8.23 -2.36
N ILE A 92 -8.30 -8.70 -1.28
CA ILE A 92 -6.92 -9.19 -1.26
C ILE A 92 -6.90 -10.71 -1.19
N MET A 93 -7.81 -11.29 -0.41
CA MET A 93 -7.91 -12.74 -0.24
C MET A 93 -8.31 -13.41 -1.55
N ASP A 94 -9.10 -12.71 -2.39
CA ASP A 94 -9.55 -13.26 -3.66
C ASP A 94 -8.35 -13.45 -4.59
N LEU A 95 -7.56 -12.38 -4.78
CA LEU A 95 -6.38 -12.39 -5.64
C LEU A 95 -5.34 -13.39 -5.13
N TYR A 96 -5.31 -13.62 -3.82
CA TYR A 96 -4.40 -14.60 -3.24
C TYR A 96 -4.96 -16.01 -3.42
N ASN A 97 -6.28 -16.19 -3.49
CA ASN A 97 -6.91 -17.48 -3.67
C ASN A 97 -6.85 -17.97 -5.11
N GLN A 98 -7.10 -17.08 -6.09
CA GLN A 98 -7.10 -17.41 -7.51
C GLN A 98 -5.84 -16.84 -8.18
N PRO A 99 -5.33 -17.44 -9.28
CA PRO A 99 -4.13 -16.98 -9.98
C PRO A 99 -4.38 -15.70 -10.81
N GLU A 100 -4.83 -14.62 -10.18
CA GLU A 100 -5.10 -13.34 -10.82
C GLU A 100 -4.21 -12.25 -10.23
N PRO A 101 -2.91 -12.22 -10.57
CA PRO A 101 -2.00 -11.19 -10.10
C PRO A 101 -2.24 -9.97 -10.99
N VAL A 102 -3.20 -9.15 -10.61
CA VAL A 102 -3.57 -7.96 -11.37
C VAL A 102 -2.57 -6.89 -11.00
N LYS A 103 -1.50 -6.76 -11.79
CA LYS A 103 -0.44 -5.78 -11.59
C LYS A 103 -0.97 -4.36 -11.43
N SER A 104 -2.20 -4.10 -11.86
CA SER A 104 -2.89 -2.83 -11.73
C SER A 104 -3.09 -2.47 -10.26
N PHE A 105 -3.04 -3.46 -9.37
CA PHE A 105 -3.20 -3.26 -7.95
C PHE A 105 -1.91 -3.60 -7.20
N LEU A 106 -1.05 -4.46 -7.76
CA LEU A 106 0.20 -4.91 -7.18
C LEU A 106 1.28 -3.84 -7.22
N PHE A 107 2.29 -3.95 -6.37
CA PHE A 107 3.40 -3.02 -6.28
C PHE A 107 4.68 -3.76 -5.88
N TYR A 108 5.84 -3.35 -6.42
CA TYR A 108 7.16 -3.92 -6.13
C TYR A 108 7.70 -3.27 -4.85
N HIS A 109 8.10 -4.10 -3.87
CA HIS A 109 8.68 -3.62 -2.60
C HIS A 109 10.18 -3.80 -2.66
N SER A 110 10.89 -2.93 -1.96
CA SER A 110 12.33 -2.92 -1.88
C SER A 110 12.69 -2.54 -0.45
N GLN A 111 13.88 -2.02 -0.22
CA GLN A 111 14.38 -1.58 1.06
C GLN A 111 15.52 -0.61 0.82
N SER A 112 15.70 0.30 1.77
CA SER A 112 16.71 1.34 1.76
C SER A 112 17.61 1.30 3.00
N GLY A 113 17.43 0.26 3.81
CA GLY A 113 18.12 -0.01 5.06
C GLY A 113 17.03 -0.16 6.09
N ARG A 114 16.57 0.96 6.64
CA ARG A 114 15.52 0.97 7.66
C ARG A 114 14.11 1.19 7.14
N ASN A 115 13.95 1.50 5.85
CA ASN A 115 12.65 1.74 5.25
C ASN A 115 12.47 0.85 4.02
N SER A 116 11.27 0.83 3.44
CA SER A 116 10.88 0.07 2.27
C SER A 116 10.06 0.93 1.30
N THR A 117 10.43 0.91 0.02
CA THR A 117 9.75 1.65 -1.05
C THR A 117 8.64 0.75 -1.63
N PHE A 118 7.67 1.35 -2.32
CA PHE A 118 6.52 0.68 -2.91
C PHE A 118 6.22 1.37 -4.23
N GLU A 119 6.35 0.66 -5.34
CA GLU A 119 6.10 1.21 -6.66
C GLU A 119 5.08 0.35 -7.40
N SER A 120 4.01 0.95 -7.91
CA SER A 120 2.96 0.28 -8.68
C SER A 120 3.60 -0.55 -9.81
N VAL A 121 3.19 -1.82 -9.96
CA VAL A 121 3.77 -2.71 -10.96
C VAL A 121 3.27 -2.34 -12.35
N ALA A 122 1.96 -2.26 -12.54
CA ALA A 122 1.38 -1.93 -13.83
C ALA A 122 1.86 -0.57 -14.35
N PHE A 123 2.02 0.40 -13.46
CA PHE A 123 2.47 1.75 -13.80
C PHE A 123 3.72 2.06 -12.97
N PRO A 124 4.89 1.58 -13.41
CA PRO A 124 6.15 1.81 -12.72
C PRO A 124 6.51 3.29 -12.78
N GLY A 125 7.38 3.70 -11.87
CA GLY A 125 7.87 5.05 -11.71
C GLY A 125 7.07 5.80 -10.65
N TRP A 126 5.86 5.37 -10.32
CA TRP A 126 4.99 6.00 -9.33
C TRP A 126 4.98 5.20 -8.05
N PHE A 127 5.47 5.84 -6.99
CA PHE A 127 5.55 5.30 -5.66
C PHE A 127 4.27 5.65 -4.91
N ILE A 128 3.96 4.86 -3.89
CA ILE A 128 2.79 5.06 -3.06
C ILE A 128 3.14 6.07 -1.96
N ALA A 129 2.35 7.12 -1.76
CA ALA A 129 2.62 8.09 -0.72
C ALA A 129 1.80 7.78 0.52
N VAL A 130 2.48 7.47 1.62
CA VAL A 130 1.81 7.18 2.89
C VAL A 130 1.39 8.49 3.57
N SER A 131 2.07 9.60 3.29
CA SER A 131 1.81 10.94 3.85
C SER A 131 2.09 11.04 5.34
N SER A 132 3.31 10.69 5.73
CA SER A 132 3.76 10.73 7.12
C SER A 132 4.49 12.05 7.42
N GLU A 133 4.70 12.93 6.45
CA GLU A 133 5.39 14.20 6.65
C GLU A 133 4.58 15.14 7.53
N GLY A 134 3.43 15.60 7.03
CA GLY A 134 2.56 16.52 7.75
C GLY A 134 1.15 15.96 7.88
N GLY A 135 0.51 15.60 6.77
CA GLY A 135 -0.84 15.08 6.80
C GLY A 135 -1.49 15.23 5.44
N CYS A 136 -0.85 14.71 4.38
CA CYS A 136 -1.39 14.82 3.04
C CYS A 136 -2.34 13.64 2.74
N PRO A 137 -3.14 13.68 1.66
CA PRO A 137 -4.03 12.58 1.33
C PRO A 137 -3.19 11.42 0.78
N LEU A 138 -3.80 10.25 0.64
CA LEU A 138 -3.13 9.06 0.11
C LEU A 138 -3.25 9.06 -1.40
N ILE A 139 -2.11 9.25 -2.06
CA ILE A 139 -2.00 9.29 -3.53
C ILE A 139 -0.66 8.70 -3.99
N LEU A 140 -0.39 8.73 -5.30
CA LEU A 140 0.86 8.24 -5.87
C LEU A 140 1.76 9.45 -6.16
N THR A 141 3.05 9.23 -6.34
CA THR A 141 4.02 10.28 -6.61
C THR A 141 5.20 9.65 -7.30
N GLN A 142 5.65 10.21 -8.41
CA GLN A 142 6.81 9.66 -9.08
C GLN A 142 8.08 10.34 -8.52
N GLU A 143 8.01 11.65 -8.25
CA GLU A 143 9.09 12.49 -7.75
C GLU A 143 8.46 13.64 -6.95
N LEU A 144 8.50 13.56 -5.63
CA LEU A 144 7.96 14.58 -4.72
C LEU A 144 9.03 15.53 -4.21
N GLY A 145 8.59 16.67 -3.67
CA GLY A 145 9.44 17.72 -3.13
C GLY A 145 9.26 17.73 -1.62
N LYS A 146 9.65 16.60 -1.02
CA LYS A 146 9.60 16.29 0.41
C LYS A 146 8.21 16.52 1.03
N ALA A 147 7.17 16.64 0.21
CA ALA A 147 5.81 16.89 0.66
C ALA A 147 5.16 15.66 1.29
N ASN A 148 5.46 14.46 0.77
CA ASN A 148 4.88 13.22 1.28
C ASN A 148 5.99 12.20 1.54
N THR A 149 5.66 11.13 2.24
CA THR A 149 6.58 10.06 2.57
C THR A 149 6.31 8.94 1.56
N THR A 150 7.37 8.35 1.02
CA THR A 150 7.33 7.28 0.02
C THR A 150 8.24 6.11 0.39
N ASP A 151 8.85 6.09 1.58
CA ASP A 151 9.75 5.02 2.01
C ASP A 151 9.55 4.80 3.50
N PHE A 152 9.00 3.65 3.94
CA PHE A 152 8.78 3.40 5.37
C PHE A 152 8.55 1.93 5.69
N GLY A 153 8.24 1.60 6.95
CA GLY A 153 7.98 0.25 7.44
C GLY A 153 6.47 0.09 7.60
N LEU A 154 6.01 -1.03 8.14
CA LEU A 154 4.59 -1.32 8.35
C LEU A 154 4.46 -2.03 9.70
N THR A 155 3.36 -1.82 10.42
CA THR A 155 3.09 -2.43 11.72
C THR A 155 2.12 -3.59 11.49
N MET A 156 2.41 -4.44 10.50
CA MET A 156 1.61 -5.60 10.12
C MET A 156 1.73 -6.66 11.23
N LEU A 157 0.79 -7.60 11.31
CA LEU A 157 0.72 -8.68 12.31
C LEU A 157 0.12 -9.93 11.64
N PHE A 158 0.43 -11.15 12.09
CA PHE A 158 -0.10 -12.41 11.53
C PHE A 158 -1.44 -12.82 12.16
N MET A 1 1.48 -22.48 7.75
CA MET A 1 1.21 -23.20 6.50
C MET A 1 1.55 -22.33 5.29
N GLU A 2 2.80 -22.34 4.84
CA GLU A 2 3.30 -21.55 3.71
C GLU A 2 3.55 -22.46 2.52
N LYS A 3 3.59 -21.94 1.30
CA LYS A 3 3.82 -22.82 0.15
C LYS A 3 5.29 -23.22 0.07
N ALA A 4 6.17 -22.29 -0.28
CA ALA A 4 7.61 -22.54 -0.42
C ALA A 4 8.41 -21.65 0.51
N LEU A 5 8.19 -20.35 0.38
CA LEU A 5 8.83 -19.35 1.19
C LEU A 5 8.38 -19.52 2.64
N LYS A 6 8.95 -18.74 3.54
CA LYS A 6 8.68 -18.77 4.98
C LYS A 6 8.06 -17.47 5.50
N ILE A 7 7.50 -16.68 4.58
CA ILE A 7 6.86 -15.39 4.86
C ILE A 7 5.54 -15.25 4.07
N ASP A 8 4.90 -16.38 3.74
CA ASP A 8 3.62 -16.42 3.00
C ASP A 8 2.47 -16.04 3.95
N THR A 9 2.69 -16.08 5.28
CA THR A 9 1.66 -15.73 6.26
C THR A 9 1.25 -14.28 6.07
N PRO A 10 -0.05 -13.98 6.09
CA PRO A 10 -0.53 -12.61 5.92
C PRO A 10 -0.25 -11.88 7.22
N GLN A 11 0.18 -10.62 7.14
CA GLN A 11 0.47 -9.81 8.30
C GLN A 11 -0.55 -8.67 8.32
N GLN A 12 -0.94 -8.16 9.48
CA GLN A 12 -1.91 -7.07 9.60
C GLN A 12 -1.52 -6.17 10.76
N GLY A 13 -1.49 -4.85 10.59
CA GLY A 13 -1.14 -3.93 11.66
C GLY A 13 -1.50 -2.50 11.30
N SER A 14 -0.57 -1.55 11.28
CA SER A 14 -0.88 -0.15 10.95
C SER A 14 0.36 0.63 10.52
N ILE A 15 0.24 1.96 10.42
CA ILE A 15 1.30 2.90 10.01
C ILE A 15 1.14 4.22 10.81
N GLN A 16 0.19 4.29 11.74
CA GLN A 16 -0.04 5.49 12.53
C GLN A 16 1.12 5.74 13.52
N ASP A 17 1.86 4.71 13.93
CA ASP A 17 3.00 4.80 14.85
C ASP A 17 4.24 5.37 14.15
N ILE A 18 4.03 6.47 13.41
CA ILE A 18 5.04 7.17 12.64
C ILE A 18 4.94 8.66 12.95
N ASN A 19 3.80 9.28 12.66
CA ASN A 19 3.57 10.70 12.92
C ASN A 19 2.14 10.94 13.42
N HIS A 20 1.55 9.91 14.05
CA HIS A 20 0.21 9.84 14.64
C HIS A 20 -0.93 10.01 13.61
N ARG A 21 -0.56 9.96 12.35
CA ARG A 21 -1.44 10.10 11.19
C ARG A 21 -2.32 8.85 11.08
N VAL A 22 -3.53 8.91 11.63
CA VAL A 22 -4.51 7.83 11.53
C VAL A 22 -4.99 7.93 10.07
N TRP A 23 -5.56 6.86 9.51
CA TRP A 23 -6.05 6.85 8.14
C TRP A 23 -7.54 6.59 8.16
N VAL A 24 -8.31 7.18 7.26
CA VAL A 24 -9.75 6.91 7.24
C VAL A 24 -10.26 7.07 5.81
N LEU A 25 -11.18 6.19 5.42
CA LEU A 25 -11.77 6.26 4.09
C LEU A 25 -12.75 7.43 4.16
N GLN A 26 -12.58 8.48 3.36
CA GLN A 26 -13.43 9.65 3.31
C GLN A 26 -13.71 9.92 1.84
N ASP A 27 -14.98 9.96 1.44
CA ASP A 27 -15.42 10.22 0.07
C ASP A 27 -14.63 9.42 -0.98
N GLN A 28 -14.65 8.10 -0.87
CA GLN A 28 -13.96 7.17 -1.78
C GLN A 28 -12.45 7.49 -1.92
N THR A 29 -11.87 8.15 -0.93
CA THR A 29 -10.48 8.53 -0.87
C THR A 29 -9.95 8.15 0.50
N LEU A 30 -8.64 8.01 0.68
CA LEU A 30 -8.05 7.69 1.98
C LEU A 30 -7.37 8.97 2.41
N ILE A 31 -7.73 9.46 3.59
CA ILE A 31 -7.17 10.70 4.11
C ILE A 31 -6.62 10.46 5.51
N ALA A 32 -5.49 11.10 5.78
CA ALA A 32 -4.84 11.02 7.06
C ALA A 32 -5.56 12.01 7.96
N VAL A 33 -5.80 11.59 9.19
CA VAL A 33 -6.46 12.39 10.21
C VAL A 33 -5.55 12.46 11.45
N PRO A 34 -4.37 13.12 11.37
CA PRO A 34 -3.47 13.23 12.52
C PRO A 34 -4.11 13.98 13.69
N ARG A 35 -5.03 14.91 13.42
CA ARG A 35 -5.72 15.73 14.43
C ARG A 35 -7.12 16.07 13.92
N LYS A 36 -8.13 15.30 14.32
CA LYS A 36 -9.52 15.51 13.90
C LYS A 36 -10.44 14.70 14.79
N ASP A 37 -11.60 15.25 15.11
CA ASP A 37 -12.58 14.55 15.94
C ASP A 37 -13.18 13.38 15.15
N ARG A 38 -13.42 13.63 13.86
CA ARG A 38 -14.01 12.68 12.91
C ARG A 38 -12.98 11.67 12.42
N MET A 39 -12.44 10.87 13.32
CA MET A 39 -11.45 9.84 13.04
C MET A 39 -11.89 8.48 13.58
N SER A 40 -11.18 7.42 13.18
CA SER A 40 -11.47 6.06 13.60
C SER A 40 -10.20 5.24 13.40
N PRO A 41 -9.89 4.25 14.25
CA PRO A 41 -8.69 3.46 14.07
C PRO A 41 -8.90 2.57 12.85
N VAL A 42 -7.80 2.16 12.22
CA VAL A 42 -7.83 1.32 11.05
C VAL A 42 -6.61 0.42 11.10
N THR A 43 -6.73 -0.69 10.40
CA THR A 43 -5.70 -1.71 10.33
C THR A 43 -5.24 -1.84 8.87
N ILE A 44 -4.06 -2.43 8.64
CA ILE A 44 -3.44 -2.63 7.34
C ILE A 44 -3.00 -4.06 7.16
N ALA A 45 -3.63 -4.84 6.29
CA ALA A 45 -3.21 -6.21 6.01
C ALA A 45 -2.18 -6.12 4.88
N LEU A 46 -1.09 -6.88 4.93
CA LEU A 46 -0.03 -6.92 3.94
C LEU A 46 0.16 -8.39 3.66
N ILE A 47 0.20 -8.78 2.39
CA ILE A 47 0.37 -10.17 2.01
C ILE A 47 1.16 -10.18 0.72
N SER A 48 2.01 -11.18 0.62
CA SER A 48 2.86 -11.43 -0.51
C SER A 48 1.99 -11.99 -1.65
N CYS A 49 2.51 -11.95 -2.88
CA CYS A 49 1.78 -12.48 -4.02
C CYS A 49 2.21 -13.95 -4.17
N ARG A 50 1.33 -14.83 -4.66
CA ARG A 50 1.61 -16.26 -4.85
C ARG A 50 1.93 -16.67 -6.27
N HIS A 51 1.48 -15.91 -7.27
CA HIS A 51 1.75 -16.22 -8.68
C HIS A 51 2.79 -15.23 -9.18
N VAL A 52 3.93 -15.18 -8.52
CA VAL A 52 5.02 -14.29 -8.87
C VAL A 52 5.76 -14.77 -10.12
N GLU A 53 5.49 -16.00 -10.58
CA GLU A 53 6.11 -16.63 -11.74
C GLU A 53 5.69 -16.03 -13.08
N THR A 54 4.90 -14.97 -13.06
CA THR A 54 4.45 -14.26 -14.25
C THR A 54 4.71 -12.75 -14.07
N LEU A 55 5.52 -12.39 -13.06
CA LEU A 55 5.90 -11.02 -12.75
C LEU A 55 7.41 -10.92 -12.85
N GLU A 56 7.89 -9.70 -12.81
CA GLU A 56 9.30 -9.36 -12.88
C GLU A 56 9.95 -9.70 -11.54
N LYS A 57 11.26 -9.94 -11.57
CA LYS A 57 12.06 -10.26 -10.39
C LYS A 57 13.27 -9.34 -10.27
N ASP A 58 13.84 -8.90 -11.40
CA ASP A 58 15.01 -8.02 -11.45
C ASP A 58 14.67 -6.66 -10.84
N ARG A 59 13.43 -6.20 -11.06
CA ARG A 59 12.93 -4.92 -10.56
C ARG A 59 12.83 -4.89 -9.03
N GLY A 60 12.68 -6.05 -8.39
CA GLY A 60 12.57 -6.18 -6.96
C GLY A 60 11.46 -7.16 -6.62
N ASN A 61 11.11 -7.31 -5.35
CA ASN A 61 10.07 -8.23 -4.89
C ASN A 61 8.67 -7.60 -4.91
N PRO A 62 7.75 -8.03 -5.79
CA PRO A 62 6.40 -7.48 -5.84
C PRO A 62 5.51 -8.12 -4.76
N ILE A 63 4.67 -7.32 -4.07
CA ILE A 63 3.75 -7.80 -3.02
C ILE A 63 2.43 -6.96 -3.07
N TYR A 64 1.50 -7.15 -2.11
CA TYR A 64 0.21 -6.43 -2.03
C TYR A 64 -0.16 -6.04 -0.59
N LEU A 65 -1.15 -5.13 -0.41
CA LEU A 65 -1.61 -4.63 0.89
C LEU A 65 -2.97 -3.96 0.77
N GLY A 66 -3.68 -3.84 1.90
CA GLY A 66 -4.99 -3.21 1.97
C GLY A 66 -5.37 -2.83 3.39
N LEU A 67 -6.53 -2.17 3.56
CA LEU A 67 -7.07 -1.75 4.85
C LEU A 67 -8.04 -2.81 5.37
N ASN A 68 -8.21 -2.93 6.69
CA ASN A 68 -9.13 -3.91 7.28
C ASN A 68 -10.21 -3.15 8.02
N GLY A 69 -11.47 -3.35 7.63
CA GLY A 69 -12.60 -2.69 8.25
C GLY A 69 -13.83 -2.62 7.34
N LEU A 70 -13.64 -2.37 6.04
CA LEU A 70 -14.73 -2.27 5.07
C LEU A 70 -14.37 -2.83 3.69
N ASN A 71 -13.50 -3.85 3.64
CA ASN A 71 -13.01 -4.53 2.42
C ASN A 71 -12.50 -3.53 1.39
N LEU A 72 -11.27 -3.04 1.57
CA LEU A 72 -10.66 -2.05 0.69
C LEU A 72 -9.16 -2.29 0.59
N CYS A 73 -8.58 -2.18 -0.59
CA CYS A 73 -7.13 -2.37 -0.77
C CYS A 73 -6.58 -1.43 -1.81
N LEU A 74 -5.26 -1.39 -1.96
CA LEU A 74 -4.62 -0.51 -2.93
C LEU A 74 -5.10 -0.81 -4.33
N MET A 75 -5.16 0.23 -5.16
CA MET A 75 -5.62 0.08 -6.54
C MET A 75 -5.06 1.25 -7.32
N CYS A 76 -4.61 1.01 -8.55
CA CYS A 76 -4.10 2.06 -9.41
C CYS A 76 -5.05 2.18 -10.60
N ALA A 77 -5.68 3.34 -10.66
CA ALA A 77 -6.64 3.76 -11.65
C ALA A 77 -6.05 4.97 -12.37
N LYS A 78 -6.77 5.57 -13.31
CA LYS A 78 -6.30 6.75 -14.04
C LYS A 78 -7.34 7.82 -13.79
N VAL A 79 -6.92 9.00 -13.34
CA VAL A 79 -7.88 10.07 -13.08
C VAL A 79 -8.26 10.76 -14.39
N GLY A 80 -7.40 10.72 -15.41
CA GLY A 80 -7.64 11.33 -16.70
C GLY A 80 -6.37 11.30 -17.54
N ASP A 81 -5.25 11.75 -16.99
CA ASP A 81 -3.96 11.80 -17.69
C ASP A 81 -2.83 11.17 -16.89
N GLN A 82 -3.05 10.89 -15.61
CA GLN A 82 -2.05 10.32 -14.72
C GLN A 82 -2.67 9.24 -13.83
N PRO A 83 -1.86 8.26 -13.36
CA PRO A 83 -2.35 7.21 -12.49
C PRO A 83 -2.68 7.81 -11.14
N THR A 84 -3.60 7.17 -10.42
CA THR A 84 -4.03 7.63 -9.10
C THR A 84 -4.45 6.43 -8.27
N LEU A 85 -4.43 6.60 -6.96
CA LEU A 85 -4.81 5.56 -6.01
C LEU A 85 -6.34 5.51 -5.92
N GLN A 86 -6.89 4.31 -5.71
CA GLN A 86 -8.34 4.14 -5.59
C GLN A 86 -8.61 3.03 -4.59
N LEU A 87 -8.24 3.23 -3.33
CA LEU A 87 -8.46 2.23 -2.28
C LEU A 87 -9.84 2.47 -1.72
N LYS A 88 -10.77 1.57 -2.02
CA LYS A 88 -12.17 1.67 -1.56
C LYS A 88 -12.88 0.33 -1.64
N GLU A 89 -12.65 -0.40 -2.71
CA GLU A 89 -13.28 -1.67 -3.03
C GLU A 89 -12.22 -2.66 -3.50
N LYS A 90 -11.78 -3.59 -2.66
CA LYS A 90 -10.79 -4.58 -3.05
C LYS A 90 -10.60 -5.59 -1.91
N ASP A 91 -9.94 -6.72 -2.20
CA ASP A 91 -9.63 -7.79 -1.25
C ASP A 91 -8.21 -8.26 -1.60
N ILE A 92 -7.38 -8.47 -0.59
CA ILE A 92 -5.98 -8.93 -0.73
C ILE A 92 -5.95 -10.44 -0.74
N MET A 93 -6.74 -11.09 0.13
CA MET A 93 -6.77 -12.55 0.19
C MET A 93 -7.27 -13.12 -1.14
N ASP A 94 -8.01 -12.33 -1.92
CA ASP A 94 -8.51 -12.78 -3.22
C ASP A 94 -7.29 -12.99 -4.11
N LEU A 95 -6.40 -12.01 -4.22
CA LEU A 95 -5.19 -12.11 -5.02
C LEU A 95 -4.31 -13.24 -4.52
N TYR A 96 -4.28 -13.47 -3.21
CA TYR A 96 -3.47 -14.56 -2.66
C TYR A 96 -4.20 -15.91 -2.84
N ASN A 97 -5.50 -15.92 -3.11
CA ASN A 97 -6.28 -17.13 -3.31
C ASN A 97 -6.28 -17.55 -4.78
N GLN A 98 -6.45 -16.60 -5.72
CA GLN A 98 -6.49 -16.87 -7.15
C GLN A 98 -5.21 -16.40 -7.86
N PRO A 99 -4.79 -17.06 -8.95
CA PRO A 99 -3.58 -16.72 -9.70
C PRO A 99 -3.71 -15.46 -10.56
N GLU A 100 -4.25 -14.36 -10.01
CA GLU A 100 -4.42 -13.09 -10.72
C GLU A 100 -3.51 -12.00 -10.13
N PRO A 101 -2.19 -12.03 -10.43
CA PRO A 101 -1.22 -11.07 -9.95
C PRO A 101 -1.33 -9.80 -10.81
N VAL A 102 -2.40 -9.04 -10.63
CA VAL A 102 -2.67 -7.84 -11.39
C VAL A 102 -1.71 -6.73 -10.97
N LYS A 103 -0.71 -6.47 -11.82
CA LYS A 103 0.32 -5.45 -11.63
C LYS A 103 -0.31 -4.09 -11.29
N SER A 104 -1.53 -3.85 -11.77
CA SER A 104 -2.29 -2.62 -11.55
C SER A 104 -2.62 -2.40 -10.07
N PHE A 105 -2.45 -3.42 -9.22
CA PHE A 105 -2.67 -3.31 -7.79
C PHE A 105 -1.40 -3.68 -7.03
N LEU A 106 -0.53 -4.53 -7.60
CA LEU A 106 0.72 -4.99 -6.98
C LEU A 106 1.74 -3.87 -6.95
N PHE A 107 2.75 -4.00 -6.09
CA PHE A 107 3.80 -3.02 -5.94
C PHE A 107 5.12 -3.67 -5.48
N TYR A 108 6.27 -3.11 -5.88
CA TYR A 108 7.64 -3.51 -5.58
C TYR A 108 8.08 -2.80 -4.31
N HIS A 109 8.25 -3.52 -3.19
CA HIS A 109 8.69 -2.90 -1.94
C HIS A 109 10.20 -2.69 -2.00
N SER A 110 10.70 -1.58 -1.47
CA SER A 110 12.12 -1.26 -1.46
C SER A 110 12.50 -0.68 -0.10
N GLN A 111 13.74 -0.22 0.06
CA GLN A 111 14.28 0.34 1.30
C GLN A 111 15.36 1.35 0.96
N SER A 112 15.68 2.18 1.94
CA SER A 112 16.69 3.23 1.84
C SER A 112 17.55 3.31 3.10
N GLY A 113 17.48 2.27 3.94
CA GLY A 113 18.18 2.12 5.18
C GLY A 113 17.10 1.86 6.23
N ARG A 114 16.74 2.88 7.03
CA ARG A 114 15.72 2.74 8.06
C ARG A 114 14.30 2.94 7.53
N ASN A 115 14.11 3.30 6.27
CA ASN A 115 12.80 3.52 5.69
C ASN A 115 12.56 2.51 4.57
N SER A 116 11.29 2.27 4.22
CA SER A 116 10.84 1.34 3.19
C SER A 116 10.01 2.11 2.16
N THR A 117 10.19 1.87 0.86
CA THR A 117 9.44 2.52 -0.22
C THR A 117 8.50 1.52 -0.88
N PHE A 118 7.55 1.99 -1.71
CA PHE A 118 6.61 1.14 -2.37
C PHE A 118 6.28 1.76 -3.72
N GLU A 119 6.59 1.04 -4.80
CA GLU A 119 6.41 1.46 -6.18
C GLU A 119 5.39 0.56 -6.88
N SER A 120 4.42 1.12 -7.57
CA SER A 120 3.40 0.38 -8.31
C SER A 120 4.08 -0.50 -9.37
N VAL A 121 3.69 -1.76 -9.49
CA VAL A 121 4.32 -2.66 -10.46
C VAL A 121 3.87 -2.31 -11.87
N ALA A 122 2.57 -2.08 -12.10
CA ALA A 122 2.05 -1.72 -13.40
C ALA A 122 2.68 -0.44 -13.94
N PHE A 123 3.03 0.50 -13.05
CA PHE A 123 3.61 1.78 -13.42
C PHE A 123 4.82 2.10 -12.53
N PRO A 124 6.01 1.57 -12.86
CA PRO A 124 7.21 1.85 -12.09
C PRO A 124 7.58 3.32 -12.31
N GLY A 125 8.09 3.95 -11.26
CA GLY A 125 8.47 5.34 -11.22
C GLY A 125 7.44 6.12 -10.39
N TRP A 126 6.29 5.51 -10.07
CA TRP A 126 5.22 6.09 -9.27
C TRP A 126 5.14 5.34 -7.96
N PHE A 127 5.41 6.02 -6.86
CA PHE A 127 5.41 5.48 -5.51
C PHE A 127 4.18 5.96 -4.77
N ILE A 128 3.78 5.20 -3.75
CA ILE A 128 2.60 5.58 -2.95
C ILE A 128 3.00 6.55 -1.84
N ALA A 129 2.29 7.68 -1.76
CA ALA A 129 2.53 8.66 -0.73
C ALA A 129 1.74 8.23 0.51
N VAL A 130 2.45 8.00 1.60
CA VAL A 130 1.96 7.56 2.89
C VAL A 130 1.37 8.72 3.71
N SER A 131 1.73 9.97 3.38
CA SER A 131 1.30 11.20 4.04
C SER A 131 1.59 11.15 5.54
N SER A 132 2.76 11.63 5.88
CA SER A 132 3.28 11.69 7.24
C SER A 132 3.93 13.07 7.43
N GLU A 133 3.20 14.08 6.94
CA GLU A 133 3.53 15.50 6.99
C GLU A 133 2.29 16.23 7.56
N GLY A 134 1.57 17.01 6.75
CA GLY A 134 0.41 17.78 7.19
C GLY A 134 -0.95 17.09 7.17
N GLY A 135 -1.02 15.78 6.90
CA GLY A 135 -2.31 15.11 6.86
C GLY A 135 -2.98 15.23 5.48
N CYS A 136 -2.19 15.15 4.41
CA CYS A 136 -2.64 15.20 3.03
C CYS A 136 -3.26 13.83 2.68
N PRO A 137 -4.04 13.71 1.59
CA PRO A 137 -4.63 12.43 1.21
C PRO A 137 -3.56 11.48 0.69
N LEU A 138 -3.93 10.21 0.51
CA LEU A 138 -3.05 9.19 -0.01
C LEU A 138 -3.14 9.27 -1.52
N ILE A 139 -2.02 9.55 -2.18
CA ILE A 139 -1.92 9.67 -3.62
C ILE A 139 -0.61 9.08 -4.11
N LEU A 140 -0.41 8.96 -5.43
CA LEU A 140 0.86 8.48 -5.97
C LEU A 140 1.71 9.72 -6.21
N THR A 141 3.01 9.52 -6.39
CA THR A 141 3.92 10.61 -6.69
C THR A 141 5.01 9.98 -7.53
N GLN A 142 5.60 10.78 -8.42
CA GLN A 142 6.65 10.34 -9.32
C GLN A 142 7.99 10.81 -8.78
N GLU A 143 7.92 11.94 -8.10
CA GLU A 143 9.01 12.64 -7.49
C GLU A 143 8.34 13.63 -6.54
N LEU A 144 8.85 13.62 -5.32
CA LEU A 144 8.40 14.46 -4.24
C LEU A 144 9.59 15.22 -3.69
N GLY A 145 9.30 16.30 -2.99
CA GLY A 145 10.24 17.19 -2.35
C GLY A 145 10.25 16.86 -0.87
N LYS A 146 10.34 15.58 -0.50
CA LYS A 146 10.33 15.03 0.86
C LYS A 146 8.97 15.20 1.55
N ALA A 147 8.04 15.96 0.96
CA ALA A 147 6.73 16.24 1.50
C ALA A 147 5.76 15.08 1.45
N ASN A 148 5.61 14.46 0.28
CA ASN A 148 4.64 13.37 0.15
C ASN A 148 4.85 12.16 1.06
N THR A 149 6.04 12.00 1.64
CA THR A 149 6.33 10.88 2.52
C THR A 149 6.05 9.52 1.87
N THR A 150 6.97 9.03 1.02
CA THR A 150 6.82 7.73 0.35
C THR A 150 7.74 6.66 0.96
N ASP A 151 8.63 7.06 1.88
CA ASP A 151 9.60 6.19 2.52
C ASP A 151 9.37 6.07 4.03
N PHE A 152 8.79 4.98 4.52
CA PHE A 152 8.56 4.76 5.95
C PHE A 152 8.30 3.27 6.23
N GLY A 153 8.24 2.89 7.51
CA GLY A 153 8.03 1.51 7.93
C GLY A 153 6.55 1.16 7.94
N LEU A 154 6.23 -0.03 8.44
CA LEU A 154 4.87 -0.55 8.54
C LEU A 154 4.80 -1.37 9.83
N THR A 155 3.92 -0.99 10.76
CA THR A 155 3.70 -1.64 12.04
C THR A 155 2.84 -2.91 11.83
N MET A 156 3.10 -3.69 10.77
CA MET A 156 2.34 -4.90 10.48
C MET A 156 2.66 -5.92 11.58
N LEU A 157 1.65 -6.67 12.02
CA LEU A 157 1.75 -7.69 13.07
C LEU A 157 1.44 -9.06 12.45
N PHE A 158 1.82 -10.16 13.10
CA PHE A 158 1.59 -11.53 12.66
C PHE A 158 1.64 -12.44 13.87
N MET A 1 6.67 -6.04 2.19
CA MET A 1 7.89 -6.77 2.57
C MET A 1 7.50 -7.80 3.62
N GLU A 2 8.16 -8.93 3.52
CA GLU A 2 7.98 -10.13 4.30
C GLU A 2 9.18 -10.33 5.22
N LYS A 3 9.31 -11.51 5.84
CA LYS A 3 10.41 -11.80 6.75
C LYS A 3 11.09 -13.14 6.43
N ALA A 4 11.42 -13.33 5.16
CA ALA A 4 12.07 -14.48 4.55
C ALA A 4 11.63 -15.80 5.17
N LEU A 5 10.46 -16.20 4.67
CA LEU A 5 9.68 -17.39 5.00
C LEU A 5 9.21 -18.04 3.68
N LYS A 6 8.29 -19.01 3.75
CA LYS A 6 7.73 -19.71 2.59
C LYS A 6 6.23 -20.01 2.71
N ILE A 7 5.67 -19.74 3.89
CA ILE A 7 4.27 -19.93 4.25
C ILE A 7 3.47 -18.70 3.85
N ASP A 8 4.15 -17.57 3.65
CA ASP A 8 3.61 -16.29 3.25
C ASP A 8 2.36 -15.94 4.03
N THR A 9 2.34 -16.19 5.36
CA THR A 9 1.16 -15.89 6.16
C THR A 9 0.70 -14.44 6.02
N PRO A 10 -0.61 -14.18 6.18
CA PRO A 10 -1.13 -12.84 6.08
C PRO A 10 -0.68 -12.04 7.32
N GLN A 11 -0.27 -10.78 7.14
CA GLN A 11 0.12 -9.97 8.29
C GLN A 11 -0.66 -8.67 8.20
N GLN A 12 -1.50 -8.39 9.19
CA GLN A 12 -2.31 -7.19 9.23
C GLN A 12 -1.87 -6.34 10.41
N GLY A 13 -1.87 -5.02 10.26
CA GLY A 13 -1.49 -4.10 11.32
C GLY A 13 -1.77 -2.66 10.90
N SER A 14 -0.81 -1.75 10.93
CA SER A 14 -1.08 -0.37 10.53
C SER A 14 0.15 0.38 10.02
N ILE A 15 0.09 1.71 9.93
CA ILE A 15 1.16 2.60 9.48
C ILE A 15 1.16 3.86 10.37
N GLN A 16 0.31 3.90 11.40
CA GLN A 16 0.25 5.07 12.28
C GLN A 16 1.44 5.13 13.23
N ASP A 17 2.05 3.99 13.58
CA ASP A 17 3.19 3.81 14.48
C ASP A 17 4.52 4.34 13.91
N ILE A 18 4.42 5.22 12.91
CA ILE A 18 5.50 5.85 12.18
C ILE A 18 5.61 7.33 12.52
N ASN A 19 4.53 8.07 12.23
CA ASN A 19 4.44 9.51 12.47
C ASN A 19 3.09 9.88 13.05
N HIS A 20 2.42 8.91 13.68
CA HIS A 20 1.10 9.09 14.27
C HIS A 20 0.08 9.48 13.18
N ARG A 21 0.21 8.90 11.98
CA ARG A 21 -0.67 9.18 10.84
C ARG A 21 -1.65 8.03 10.63
N VAL A 22 -2.78 8.06 11.32
CA VAL A 22 -3.78 7.02 11.17
C VAL A 22 -4.48 7.26 9.83
N TRP A 23 -4.60 6.25 8.99
CA TRP A 23 -5.24 6.34 7.68
C TRP A 23 -6.76 6.23 7.84
N VAL A 24 -7.56 7.04 7.14
CA VAL A 24 -9.03 6.99 7.21
C VAL A 24 -9.61 7.07 5.81
N LEU A 25 -10.37 6.05 5.43
CA LEU A 25 -11.00 6.01 4.13
C LEU A 25 -12.18 6.97 4.15
N GLN A 26 -12.02 8.16 3.61
CA GLN A 26 -13.09 9.14 3.53
C GLN A 26 -13.81 8.86 2.19
N ASP A 27 -14.77 9.72 1.78
CA ASP A 27 -15.55 9.55 0.55
C ASP A 27 -14.67 9.35 -0.67
N GLN A 28 -14.49 8.07 -1.02
CA GLN A 28 -13.69 7.59 -2.13
C GLN A 28 -12.25 8.15 -2.10
N THR A 29 -11.72 8.52 -0.91
CA THR A 29 -10.36 9.07 -0.79
C THR A 29 -9.77 8.82 0.59
N LEU A 30 -8.56 8.26 0.67
CA LEU A 30 -7.88 7.99 1.94
C LEU A 30 -7.18 9.25 2.42
N ILE A 31 -7.37 9.59 3.68
CA ILE A 31 -6.77 10.75 4.33
C ILE A 31 -6.29 10.41 5.74
N ALA A 32 -5.07 10.82 6.05
CA ALA A 32 -4.48 10.61 7.36
C ALA A 32 -5.17 11.55 8.36
N VAL A 33 -5.34 11.12 9.61
CA VAL A 33 -5.99 11.89 10.67
C VAL A 33 -4.98 12.17 11.79
N PRO A 34 -4.10 13.16 11.64
CA PRO A 34 -3.11 13.48 12.64
C PRO A 34 -3.66 14.08 13.96
N ARG A 35 -4.76 14.84 13.92
CA ARG A 35 -5.44 15.47 15.07
C ARG A 35 -6.82 15.94 14.63
N LYS A 36 -7.83 15.08 14.63
CA LYS A 36 -9.21 15.43 14.26
C LYS A 36 -10.10 14.56 15.10
N ASP A 37 -11.09 15.14 15.77
CA ASP A 37 -12.02 14.43 16.66
C ASP A 37 -12.84 13.35 15.96
N ARG A 38 -12.89 13.29 14.62
CA ARG A 38 -13.62 12.25 13.88
C ARG A 38 -12.60 11.17 13.51
N MET A 39 -11.80 10.69 14.46
CA MET A 39 -10.79 9.67 14.25
C MET A 39 -11.48 8.34 13.88
N SER A 40 -10.75 7.45 13.20
CA SER A 40 -11.26 6.17 12.73
C SER A 40 -10.08 5.21 12.46
N PRO A 41 -9.59 4.44 13.44
CA PRO A 41 -8.49 3.51 13.22
C PRO A 41 -8.90 2.38 12.27
N VAL A 42 -8.02 2.04 11.34
CA VAL A 42 -8.23 0.97 10.37
C VAL A 42 -7.10 -0.03 10.60
N THR A 43 -7.03 -1.03 9.72
CA THR A 43 -6.02 -2.06 9.78
C THR A 43 -5.50 -2.18 8.34
N ILE A 44 -4.27 -2.64 8.15
CA ILE A 44 -3.59 -2.78 6.86
C ILE A 44 -3.07 -4.20 6.73
N ALA A 45 -3.66 -4.99 5.84
CA ALA A 45 -3.30 -6.37 5.56
C ALA A 45 -2.21 -6.39 4.49
N LEU A 46 -1.22 -7.27 4.62
CA LEU A 46 -0.12 -7.41 3.66
C LEU A 46 0.11 -8.90 3.39
N ILE A 47 0.16 -9.25 2.10
CA ILE A 47 0.36 -10.61 1.62
C ILE A 47 1.19 -10.62 0.34
N SER A 48 2.24 -11.43 0.38
CA SER A 48 3.13 -11.66 -0.73
C SER A 48 2.36 -12.51 -1.72
N CYS A 49 2.32 -12.08 -2.99
CA CYS A 49 1.62 -12.85 -4.00
C CYS A 49 2.29 -14.22 -4.11
N ARG A 50 1.50 -15.23 -4.46
CA ARG A 50 1.96 -16.61 -4.67
C ARG A 50 1.90 -16.97 -6.15
N HIS A 51 1.28 -16.10 -6.94
CA HIS A 51 1.08 -16.21 -8.36
C HIS A 51 2.10 -15.33 -9.11
N VAL A 52 3.27 -15.07 -8.50
CA VAL A 52 4.35 -14.23 -9.07
C VAL A 52 5.09 -14.87 -10.24
N GLU A 53 4.86 -16.14 -10.52
CA GLU A 53 5.49 -16.89 -11.59
C GLU A 53 5.38 -16.18 -12.94
N THR A 54 4.25 -15.52 -13.19
CA THR A 54 3.94 -14.80 -14.42
C THR A 54 4.21 -13.29 -14.29
N LEU A 55 4.69 -12.85 -13.13
CA LEU A 55 4.99 -11.46 -12.86
C LEU A 55 6.45 -11.17 -13.19
N GLU A 56 6.83 -9.92 -12.97
CA GLU A 56 8.16 -9.41 -13.20
C GLU A 56 9.05 -9.82 -12.01
N LYS A 57 10.36 -9.76 -12.24
CA LYS A 57 11.39 -10.10 -11.26
C LYS A 57 12.56 -9.12 -11.32
N ASP A 58 12.75 -8.47 -12.47
CA ASP A 58 13.82 -7.51 -12.76
C ASP A 58 13.55 -6.12 -12.16
N ARG A 59 12.50 -6.03 -11.33
CA ARG A 59 12.10 -4.84 -10.61
C ARG A 59 12.29 -5.18 -9.14
N GLY A 60 11.77 -6.32 -8.70
CA GLY A 60 11.86 -6.79 -7.33
C GLY A 60 10.87 -7.94 -7.16
N ASN A 61 10.32 -8.05 -5.95
CA ASN A 61 9.34 -9.06 -5.58
C ASN A 61 7.99 -8.31 -5.46
N PRO A 62 7.07 -8.43 -6.44
CA PRO A 62 5.77 -7.77 -6.43
C PRO A 62 4.82 -8.41 -5.40
N ILE A 63 4.16 -7.60 -4.55
CA ILE A 63 3.23 -8.09 -3.51
C ILE A 63 1.95 -7.26 -3.47
N TYR A 64 1.00 -7.64 -2.61
CA TYR A 64 -0.26 -6.92 -2.47
C TYR A 64 -0.48 -6.53 -1.01
N LEU A 65 -1.26 -5.48 -0.80
CA LEU A 65 -1.59 -4.94 0.50
C LEU A 65 -2.90 -4.19 0.34
N GLY A 66 -3.68 -4.13 1.42
CA GLY A 66 -4.95 -3.42 1.42
C GLY A 66 -5.37 -3.09 2.82
N LEU A 67 -6.50 -2.41 2.96
CA LEU A 67 -7.02 -2.08 4.27
C LEU A 67 -7.87 -3.28 4.66
N ASN A 68 -7.99 -3.48 5.95
CA ASN A 68 -8.78 -4.53 6.54
C ASN A 68 -9.77 -3.73 7.35
N GLY A 69 -11.06 -3.86 6.95
CA GLY A 69 -12.11 -3.11 7.65
C GLY A 69 -13.37 -2.92 6.81
N LEU A 70 -13.32 -3.06 5.49
CA LEU A 70 -14.51 -2.89 4.66
C LEU A 70 -14.34 -3.49 3.25
N ASN A 71 -13.47 -4.49 3.08
CA ASN A 71 -13.19 -5.14 1.79
C ASN A 71 -12.64 -4.09 0.80
N LEU A 72 -11.46 -3.50 1.11
CA LEU A 72 -10.84 -2.46 0.26
C LEU A 72 -9.32 -2.56 0.25
N CYS A 73 -8.69 -2.41 -0.91
CA CYS A 73 -7.24 -2.48 -1.08
C CYS A 73 -6.73 -1.48 -2.11
N LEU A 74 -5.41 -1.37 -2.31
CA LEU A 74 -4.78 -0.46 -3.26
C LEU A 74 -5.21 -0.78 -4.69
N MET A 75 -5.22 0.23 -5.55
CA MET A 75 -5.62 0.10 -6.95
C MET A 75 -5.03 1.25 -7.72
N CYS A 76 -4.43 0.98 -8.86
CA CYS A 76 -3.84 2.02 -9.67
C CYS A 76 -4.70 2.27 -10.90
N ALA A 77 -5.17 3.50 -11.04
CA ALA A 77 -5.97 3.89 -12.19
C ALA A 77 -5.42 5.23 -12.66
N LYS A 78 -6.15 5.89 -13.55
CA LYS A 78 -5.75 7.17 -14.11
C LYS A 78 -6.85 8.15 -13.78
N VAL A 79 -6.49 9.39 -13.51
CA VAL A 79 -7.50 10.41 -13.18
C VAL A 79 -7.94 11.12 -14.47
N GLY A 80 -7.08 11.10 -15.49
CA GLY A 80 -7.31 11.72 -16.79
C GLY A 80 -5.97 11.98 -17.45
N ASP A 81 -4.99 12.52 -16.72
CA ASP A 81 -3.67 12.81 -17.29
C ASP A 81 -2.55 11.92 -16.77
N GLN A 82 -2.58 11.63 -15.48
CA GLN A 82 -1.60 10.84 -14.75
C GLN A 82 -2.25 9.80 -13.85
N PRO A 83 -1.47 8.81 -13.37
CA PRO A 83 -1.98 7.74 -12.52
C PRO A 83 -2.35 8.24 -11.12
N THR A 84 -3.28 7.55 -10.45
CA THR A 84 -3.72 7.91 -9.10
C THR A 84 -4.17 6.63 -8.39
N LEU A 85 -4.45 6.74 -7.09
CA LEU A 85 -4.90 5.61 -6.27
C LEU A 85 -6.42 5.51 -6.23
N GLN A 86 -6.94 4.31 -6.02
CA GLN A 86 -8.38 4.04 -5.92
C GLN A 86 -8.65 2.93 -4.89
N LEU A 87 -8.37 3.18 -3.61
CA LEU A 87 -8.58 2.18 -2.56
C LEU A 87 -10.00 2.38 -2.09
N LYS A 88 -10.86 1.37 -2.28
CA LYS A 88 -12.27 1.49 -1.88
C LYS A 88 -13.13 0.24 -2.10
N GLU A 89 -12.71 -0.69 -2.95
CA GLU A 89 -13.46 -1.90 -3.26
C GLU A 89 -12.48 -2.95 -3.77
N LYS A 90 -11.93 -3.86 -2.95
CA LYS A 90 -10.95 -4.85 -3.40
C LYS A 90 -10.64 -5.84 -2.27
N ASP A 91 -10.06 -7.00 -2.58
CA ASP A 91 -9.70 -8.01 -1.58
C ASP A 91 -8.39 -8.70 -1.92
N ILE A 92 -7.52 -8.90 -0.91
CA ILE A 92 -6.21 -9.54 -1.04
C ILE A 92 -6.36 -11.08 -1.03
N MET A 93 -7.29 -11.64 -0.24
CA MET A 93 -7.51 -13.09 -0.18
C MET A 93 -7.87 -13.62 -1.56
N ASP A 94 -8.57 -12.82 -2.36
CA ASP A 94 -9.00 -13.19 -3.70
C ASP A 94 -7.78 -13.54 -4.53
N LEU A 95 -6.79 -12.64 -4.60
CA LEU A 95 -5.57 -12.84 -5.39
C LEU A 95 -4.67 -13.95 -4.84
N TYR A 96 -4.72 -14.17 -3.52
CA TYR A 96 -3.92 -15.24 -2.91
C TYR A 96 -4.62 -16.60 -3.06
N ASN A 97 -5.94 -16.61 -3.22
CA ASN A 97 -6.75 -17.81 -3.40
C ASN A 97 -6.77 -18.26 -4.85
N GLN A 98 -6.95 -17.32 -5.77
CA GLN A 98 -7.04 -17.61 -7.20
C GLN A 98 -5.88 -17.02 -7.98
N PRO A 99 -5.52 -17.58 -9.15
CA PRO A 99 -4.40 -17.13 -9.97
C PRO A 99 -4.66 -15.79 -10.65
N GLU A 100 -4.79 -14.72 -9.87
CA GLU A 100 -5.05 -13.37 -10.34
C GLU A 100 -3.92 -12.41 -9.92
N PRO A 101 -2.71 -12.54 -10.49
CA PRO A 101 -1.59 -11.65 -10.19
C PRO A 101 -1.79 -10.39 -11.07
N VAL A 102 -2.72 -9.52 -10.68
CA VAL A 102 -3.06 -8.32 -11.44
C VAL A 102 -2.15 -7.17 -11.00
N LYS A 103 -1.05 -6.97 -11.73
CA LYS A 103 -0.01 -5.95 -11.50
C LYS A 103 -0.54 -4.55 -11.20
N SER A 104 -1.73 -4.26 -11.71
CA SER A 104 -2.41 -3.00 -11.55
C SER A 104 -2.78 -2.69 -10.08
N PHE A 105 -2.86 -3.73 -9.25
CA PHE A 105 -3.19 -3.69 -7.84
C PHE A 105 -1.93 -4.00 -7.00
N LEU A 106 -0.90 -4.63 -7.60
CA LEU A 106 0.35 -5.04 -6.96
C LEU A 106 1.40 -3.94 -6.90
N PHE A 107 2.32 -4.04 -5.92
CA PHE A 107 3.38 -3.06 -5.71
C PHE A 107 4.67 -3.78 -5.39
N TYR A 108 5.74 -3.39 -6.07
CA TYR A 108 7.09 -3.88 -5.91
C TYR A 108 7.58 -3.16 -4.67
N HIS A 109 7.86 -3.91 -3.61
CA HIS A 109 8.36 -3.32 -2.38
C HIS A 109 9.88 -3.27 -2.45
N SER A 110 10.50 -2.23 -1.91
CA SER A 110 11.95 -2.07 -1.88
C SER A 110 12.39 -1.76 -0.45
N GLN A 111 13.69 -1.61 -0.20
CA GLN A 111 14.28 -1.35 1.11
C GLN A 111 15.56 -0.56 0.97
N SER A 112 15.86 0.16 2.06
CA SER A 112 17.02 1.02 2.21
C SER A 112 17.78 0.80 3.53
N GLY A 113 17.43 -0.25 4.31
CA GLY A 113 18.05 -0.60 5.59
C GLY A 113 17.08 -0.44 6.76
N ARG A 114 16.39 0.70 6.81
CA ARG A 114 15.41 0.99 7.86
C ARG A 114 14.09 1.54 7.30
N ASN A 115 14.00 1.74 5.99
CA ASN A 115 12.79 2.24 5.35
C ASN A 115 12.52 1.36 4.14
N SER A 116 11.26 1.21 3.75
CA SER A 116 10.85 0.43 2.58
C SER A 116 10.18 1.37 1.60
N THR A 117 10.10 0.98 0.33
CA THR A 117 9.44 1.77 -0.71
C THR A 117 8.40 0.86 -1.38
N PHE A 118 7.47 1.40 -2.16
CA PHE A 118 6.43 0.63 -2.84
C PHE A 118 6.11 1.33 -4.16
N GLU A 119 6.45 0.67 -5.27
CA GLU A 119 6.25 1.16 -6.63
C GLU A 119 5.21 0.29 -7.33
N SER A 120 4.26 0.94 -8.01
CA SER A 120 3.20 0.29 -8.77
C SER A 120 3.84 -0.68 -9.78
N VAL A 121 3.54 -1.99 -9.73
CA VAL A 121 4.14 -2.96 -10.65
C VAL A 121 3.69 -2.68 -12.09
N ALA A 122 2.39 -2.39 -12.27
CA ALA A 122 1.86 -2.13 -13.59
C ALA A 122 2.50 -0.91 -14.26
N PHE A 123 2.72 0.15 -13.49
CA PHE A 123 3.30 1.39 -13.98
C PHE A 123 4.47 1.79 -13.06
N PRO A 124 5.66 1.23 -13.29
CA PRO A 124 6.84 1.54 -12.50
C PRO A 124 7.25 2.99 -12.80
N GLY A 125 7.99 3.59 -11.88
CA GLY A 125 8.45 4.97 -11.97
C GLY A 125 7.61 5.83 -11.01
N TRP A 126 6.56 5.26 -10.40
CA TRP A 126 5.67 5.90 -9.45
C TRP A 126 5.65 5.11 -8.16
N PHE A 127 5.59 5.83 -7.04
CA PHE A 127 5.56 5.26 -5.70
C PHE A 127 4.37 5.77 -4.89
N ILE A 128 3.89 4.97 -3.94
CA ILE A 128 2.76 5.37 -3.07
C ILE A 128 3.23 6.36 -2.00
N ALA A 129 2.53 7.51 -1.91
CA ALA A 129 2.84 8.52 -0.92
C ALA A 129 2.04 8.21 0.35
N VAL A 130 2.73 7.80 1.41
CA VAL A 130 2.17 7.42 2.71
C VAL A 130 1.57 8.60 3.49
N SER A 131 1.89 9.85 3.11
CA SER A 131 1.39 11.07 3.75
C SER A 131 1.89 11.25 5.18
N SER A 132 3.11 10.78 5.44
CA SER A 132 3.69 10.88 6.77
C SER A 132 3.93 12.34 7.19
N GLU A 133 4.00 13.24 6.22
CA GLU A 133 4.19 14.66 6.42
C GLU A 133 2.84 15.27 6.67
N GLY A 134 2.71 15.89 7.83
CA GLY A 134 1.50 16.57 8.24
C GLY A 134 0.32 15.64 8.49
N GLY A 135 -0.24 15.11 7.40
CA GLY A 135 -1.37 14.21 7.32
C GLY A 135 -2.12 14.59 6.05
N CYS A 136 -1.53 14.27 4.90
CA CYS A 136 -2.07 14.55 3.56
C CYS A 136 -2.87 13.34 3.00
N PRO A 137 -3.54 13.40 1.82
CA PRO A 137 -4.25 12.25 1.28
C PRO A 137 -3.28 11.23 0.66
N LEU A 138 -3.79 10.01 0.41
CA LEU A 138 -3.02 8.92 -0.19
C LEU A 138 -3.20 8.96 -1.71
N ILE A 139 -2.10 9.25 -2.39
CA ILE A 139 -2.00 9.33 -3.84
C ILE A 139 -0.66 8.71 -4.24
N LEU A 140 -0.39 8.61 -5.54
CA LEU A 140 0.87 8.10 -6.07
C LEU A 140 1.66 9.35 -6.46
N THR A 141 2.94 9.18 -6.69
CA THR A 141 3.81 10.27 -7.09
C THR A 141 4.87 9.73 -8.00
N GLN A 142 5.52 10.63 -8.73
CA GLN A 142 6.61 10.31 -9.63
C GLN A 142 7.85 10.78 -8.89
N GLU A 143 7.79 11.96 -8.27
CA GLU A 143 8.90 12.53 -7.53
C GLU A 143 8.35 13.48 -6.48
N LEU A 144 8.78 13.24 -5.26
CA LEU A 144 8.51 13.98 -4.05
C LEU A 144 9.57 13.50 -3.06
N GLY A 145 9.85 14.38 -2.10
CA GLY A 145 10.79 14.14 -1.01
C GLY A 145 10.50 15.13 0.13
N LYS A 146 9.35 15.83 0.08
CA LYS A 146 8.96 16.83 1.07
C LYS A 146 7.45 16.97 1.30
N ALA A 147 6.64 16.94 0.23
CA ALA A 147 5.20 17.12 0.36
C ALA A 147 4.51 15.96 1.11
N ASN A 148 5.07 14.76 0.98
CA ASN A 148 4.60 13.54 1.59
C ASN A 148 5.87 12.73 1.89
N THR A 149 5.72 11.43 2.10
CA THR A 149 6.81 10.51 2.37
C THR A 149 6.51 9.27 1.54
N THR A 150 7.49 8.78 0.79
CA THR A 150 7.37 7.59 -0.06
C THR A 150 8.18 6.42 0.48
N ASP A 151 9.07 6.65 1.46
CA ASP A 151 9.89 5.59 2.03
C ASP A 151 9.67 5.45 3.53
N PHE A 152 9.02 4.36 3.95
CA PHE A 152 8.71 4.02 5.35
C PHE A 152 8.37 2.53 5.49
N GLY A 153 8.21 2.04 6.72
CA GLY A 153 7.91 0.64 7.01
C GLY A 153 6.42 0.42 7.24
N LEU A 154 6.05 -0.74 7.77
CA LEU A 154 4.67 -1.09 8.06
C LEU A 154 4.59 -1.70 9.45
N THR A 155 3.54 -1.37 10.20
CA THR A 155 3.28 -1.85 11.56
C THR A 155 2.43 -3.14 11.49
N MET A 156 2.56 -3.93 10.42
CA MET A 156 1.86 -5.19 10.23
C MET A 156 2.23 -6.13 11.39
N LEU A 157 1.33 -7.02 11.75
CA LEU A 157 1.53 -8.00 12.82
C LEU A 157 1.09 -9.37 12.32
N PHE A 158 1.53 -10.44 12.96
CA PHE A 158 1.20 -11.82 12.64
C PHE A 158 0.92 -12.56 13.93
N MET A 1 -0.89 -25.73 -0.84
CA MET A 1 0.57 -25.97 -0.95
C MET A 1 1.26 -24.77 -0.35
N GLU A 2 2.34 -24.99 0.41
CA GLU A 2 3.11 -23.92 1.03
C GLU A 2 4.59 -24.13 0.70
N LYS A 3 5.45 -23.22 1.16
CA LYS A 3 6.90 -23.24 0.90
C LYS A 3 7.69 -23.37 2.20
N ALA A 4 7.29 -24.37 2.97
CA ALA A 4 7.83 -24.77 4.26
C ALA A 4 8.31 -23.56 5.07
N LEU A 5 7.36 -22.77 5.56
CA LEU A 5 7.61 -21.57 6.35
C LEU A 5 6.57 -21.45 7.46
N LYS A 6 6.55 -20.33 8.19
CA LYS A 6 5.64 -20.05 9.29
C LYS A 6 5.23 -18.58 9.33
N ILE A 7 5.49 -17.85 8.25
CA ILE A 7 5.20 -16.43 8.12
C ILE A 7 4.45 -16.18 6.80
N ASP A 8 3.76 -17.21 6.28
CA ASP A 8 3.01 -17.13 5.04
C ASP A 8 1.65 -16.46 5.16
N THR A 9 1.09 -16.37 6.36
CA THR A 9 -0.20 -15.77 6.60
C THR A 9 -0.15 -14.25 6.43
N PRO A 10 -1.30 -13.60 6.21
CA PRO A 10 -1.33 -12.16 6.07
C PRO A 10 -0.83 -11.54 7.36
N GLN A 11 -0.17 -10.39 7.22
CA GLN A 11 0.33 -9.67 8.35
C GLN A 11 -0.45 -8.37 8.36
N GLN A 12 -1.39 -8.21 9.31
CA GLN A 12 -2.20 -7.03 9.39
C GLN A 12 -1.82 -6.20 10.63
N GLY A 13 -1.68 -4.90 10.46
CA GLY A 13 -1.32 -3.99 11.54
C GLY A 13 -1.67 -2.56 11.23
N SER A 14 -0.73 -1.64 11.37
CA SER A 14 -0.98 -0.22 11.15
C SER A 14 0.28 0.53 10.77
N ILE A 15 0.21 1.87 10.68
CA ILE A 15 1.33 2.73 10.32
C ILE A 15 1.22 4.13 10.99
N GLN A 16 0.28 4.30 11.92
CA GLN A 16 0.10 5.59 12.59
C GLN A 16 1.20 5.82 13.65
N ASP A 17 1.88 4.77 14.09
CA ASP A 17 2.98 4.75 15.08
C ASP A 17 4.30 5.20 14.44
N ILE A 18 4.26 6.28 13.65
CA ILE A 18 5.38 6.87 12.93
C ILE A 18 5.44 8.38 13.14
N ASN A 19 4.43 9.11 12.66
CA ASN A 19 4.34 10.57 12.75
C ASN A 19 2.91 10.97 13.06
N HIS A 20 2.18 10.09 13.74
CA HIS A 20 0.81 10.31 14.17
C HIS A 20 -0.21 10.46 13.04
N ARG A 21 0.19 10.06 11.85
CA ARG A 21 -0.68 10.14 10.68
C ARG A 21 -1.63 8.94 10.75
N VAL A 22 -2.80 9.08 11.37
CA VAL A 22 -3.80 8.01 11.42
C VAL A 22 -4.34 7.96 9.98
N TRP A 23 -4.85 6.83 9.51
CA TRP A 23 -5.35 6.65 8.14
C TRP A 23 -6.86 6.46 8.19
N VAL A 24 -7.65 7.16 7.36
CA VAL A 24 -9.12 7.03 7.36
C VAL A 24 -9.68 7.06 5.94
N LEU A 25 -10.48 6.06 5.57
CA LEU A 25 -11.12 5.99 4.25
C LEU A 25 -12.29 6.97 4.26
N GLN A 26 -12.18 8.13 3.62
CA GLN A 26 -13.27 9.10 3.50
C GLN A 26 -14.05 8.71 2.23
N ASP A 27 -14.99 9.56 1.79
CA ASP A 27 -15.83 9.39 0.62
C ASP A 27 -15.00 8.94 -0.58
N GLN A 28 -14.98 7.62 -0.81
CA GLN A 28 -14.25 6.90 -1.85
C GLN A 28 -12.77 7.35 -1.96
N THR A 29 -12.18 7.93 -0.90
CA THR A 29 -10.81 8.45 -0.94
C THR A 29 -10.19 8.45 0.46
N LEU A 30 -8.99 7.89 0.63
CA LEU A 30 -8.30 7.85 1.93
C LEU A 30 -7.61 9.16 2.25
N ILE A 31 -7.52 9.47 3.54
CA ILE A 31 -6.91 10.66 4.09
C ILE A 31 -6.17 10.36 5.38
N ALA A 32 -5.11 11.12 5.63
CA ALA A 32 -4.35 10.98 6.85
C ALA A 32 -4.95 11.98 7.84
N VAL A 33 -5.02 11.64 9.13
CA VAL A 33 -5.57 12.51 10.17
C VAL A 33 -4.56 12.64 11.34
N PRO A 34 -3.86 13.78 11.49
CA PRO A 34 -2.87 13.97 12.56
C PRO A 34 -3.43 14.32 13.95
N ARG A 35 -4.32 15.32 14.06
CA ARG A 35 -4.93 15.78 15.31
C ARG A 35 -6.35 16.24 14.94
N LYS A 36 -7.10 15.31 14.37
CA LYS A 36 -8.45 15.53 13.91
C LYS A 36 -9.39 14.91 14.94
N ASP A 37 -10.40 15.66 15.39
CA ASP A 37 -11.36 15.16 16.36
C ASP A 37 -12.04 13.90 15.80
N ARG A 38 -12.63 14.02 14.60
CA ARG A 38 -13.33 12.96 13.90
C ARG A 38 -12.36 12.00 13.20
N MET A 39 -11.48 11.35 13.94
CA MET A 39 -10.52 10.36 13.42
C MET A 39 -11.06 8.96 13.77
N SER A 40 -10.44 7.89 13.26
CA SER A 40 -10.88 6.53 13.54
C SER A 40 -9.72 5.58 13.24
N PRO A 41 -9.39 4.62 14.12
CA PRO A 41 -8.33 3.68 13.85
C PRO A 41 -8.81 2.72 12.76
N VAL A 42 -7.87 2.15 12.02
CA VAL A 42 -8.11 1.19 10.95
C VAL A 42 -7.03 0.11 11.05
N THR A 43 -6.93 -0.78 10.07
CA THR A 43 -5.92 -1.83 10.03
C THR A 43 -5.40 -1.87 8.59
N ILE A 44 -4.18 -2.37 8.39
CA ILE A 44 -3.50 -2.48 7.12
C ILE A 44 -3.04 -3.92 6.96
N ALA A 45 -3.60 -4.66 6.01
CA ALA A 45 -3.21 -6.04 5.74
C ALA A 45 -2.11 -6.02 4.68
N LEU A 46 -1.10 -6.88 4.80
CA LEU A 46 -0.01 -6.97 3.84
C LEU A 46 0.23 -8.46 3.58
N ILE A 47 0.48 -8.82 2.32
CA ILE A 47 0.77 -10.19 1.89
C ILE A 47 1.69 -10.15 0.68
N SER A 48 2.65 -11.06 0.64
CA SER A 48 3.58 -11.19 -0.45
C SER A 48 2.84 -11.84 -1.63
N CYS A 49 3.29 -11.66 -2.87
CA CYS A 49 2.63 -12.25 -4.03
C CYS A 49 3.02 -13.72 -4.12
N ARG A 50 2.07 -14.61 -4.46
CA ARG A 50 2.31 -16.05 -4.60
C ARG A 50 2.47 -16.48 -6.05
N HIS A 51 1.96 -15.71 -7.00
CA HIS A 51 2.02 -16.00 -8.43
C HIS A 51 2.95 -14.99 -9.08
N VAL A 52 4.25 -15.08 -8.78
CA VAL A 52 5.26 -14.14 -9.29
C VAL A 52 6.11 -14.67 -10.44
N GLU A 53 5.86 -15.87 -10.93
CA GLU A 53 6.59 -16.51 -12.03
C GLU A 53 6.40 -15.75 -13.35
N THR A 54 5.35 -14.91 -13.40
CA THR A 54 4.94 -14.09 -14.52
C THR A 54 5.26 -12.60 -14.33
N LEU A 55 5.76 -12.21 -13.16
CA LEU A 55 6.09 -10.82 -12.86
C LEU A 55 7.44 -10.46 -13.46
N GLU A 56 7.85 -9.22 -13.23
CA GLU A 56 9.12 -8.69 -13.70
C GLU A 56 10.23 -9.10 -12.76
N LYS A 57 9.97 -9.11 -11.45
CA LYS A 57 10.78 -9.43 -10.28
C LYS A 57 12.25 -8.96 -10.28
N ASP A 58 12.70 -8.26 -11.32
CA ASP A 58 14.03 -7.73 -11.51
C ASP A 58 14.12 -6.29 -11.00
N ARG A 59 12.98 -5.62 -10.75
CA ARG A 59 13.01 -4.25 -10.17
C ARG A 59 12.76 -4.29 -8.65
N GLY A 60 12.55 -5.47 -8.08
CA GLY A 60 12.30 -5.68 -6.66
C GLY A 60 11.34 -6.85 -6.45
N ASN A 61 11.01 -7.17 -5.20
CA ASN A 61 10.10 -8.27 -4.88
C ASN A 61 8.65 -7.73 -4.90
N PRO A 62 7.80 -8.16 -5.85
CA PRO A 62 6.42 -7.67 -5.93
C PRO A 62 5.53 -8.10 -4.75
N ILE A 63 4.74 -7.19 -4.14
CA ILE A 63 3.87 -7.53 -3.01
C ILE A 63 2.54 -6.75 -3.12
N TYR A 64 1.59 -7.04 -2.22
CA TYR A 64 0.30 -6.35 -2.16
C TYR A 64 0.03 -5.95 -0.71
N LEU A 65 -0.74 -4.90 -0.54
CA LEU A 65 -1.11 -4.33 0.74
C LEU A 65 -2.49 -3.68 0.60
N GLY A 66 -3.22 -3.58 1.71
CA GLY A 66 -4.54 -2.99 1.72
C GLY A 66 -4.97 -2.65 3.11
N LEU A 67 -6.23 -2.24 3.25
CA LEU A 67 -6.86 -1.87 4.50
C LEU A 67 -7.60 -3.12 4.99
N ASN A 68 -7.94 -3.23 6.28
CA ASN A 68 -8.65 -4.39 6.78
C ASN A 68 -9.79 -3.96 7.70
N GLY A 69 -10.97 -3.79 7.11
CA GLY A 69 -12.18 -3.38 7.79
C GLY A 69 -13.42 -3.29 6.90
N LEU A 70 -13.32 -3.43 5.56
CA LEU A 70 -14.45 -3.37 4.62
C LEU A 70 -14.11 -3.92 3.21
N ASN A 71 -13.11 -4.80 3.08
CA ASN A 71 -12.67 -5.40 1.81
C ASN A 71 -12.22 -4.27 0.85
N LEU A 72 -11.11 -3.60 1.20
CA LEU A 72 -10.54 -2.48 0.46
C LEU A 72 -9.01 -2.56 0.49
N CYS A 73 -8.36 -2.43 -0.66
CA CYS A 73 -6.90 -2.47 -0.84
C CYS A 73 -6.41 -1.42 -1.86
N LEU A 74 -5.10 -1.30 -2.10
CA LEU A 74 -4.58 -0.34 -3.07
C LEU A 74 -5.11 -0.64 -4.48
N MET A 75 -5.16 0.37 -5.35
CA MET A 75 -5.67 0.19 -6.70
C MET A 75 -5.19 1.39 -7.52
N CYS A 76 -4.62 1.19 -8.70
CA CYS A 76 -4.14 2.27 -9.55
C CYS A 76 -5.11 2.53 -10.70
N ALA A 77 -5.61 3.77 -10.81
CA ALA A 77 -6.55 4.22 -11.84
C ALA A 77 -5.91 5.42 -12.54
N LYS A 78 -6.65 6.12 -13.41
CA LYS A 78 -6.16 7.29 -14.14
C LYS A 78 -7.36 8.22 -14.31
N VAL A 79 -7.20 9.50 -13.97
CA VAL A 79 -8.28 10.49 -14.10
C VAL A 79 -8.46 10.98 -15.56
N GLY A 80 -7.84 10.30 -16.52
CA GLY A 80 -7.86 10.59 -17.96
C GLY A 80 -6.62 11.36 -18.39
N ASP A 81 -5.81 11.84 -17.44
CA ASP A 81 -4.58 12.61 -17.67
C ASP A 81 -3.41 12.02 -16.87
N GLN A 82 -3.61 11.79 -15.56
CA GLN A 82 -2.58 11.27 -14.64
C GLN A 82 -3.07 10.10 -13.77
N PRO A 83 -2.16 9.24 -13.29
CA PRO A 83 -2.49 8.07 -12.45
C PRO A 83 -2.92 8.49 -11.03
N THR A 84 -3.88 7.80 -10.41
CA THR A 84 -4.37 8.11 -9.08
C THR A 84 -4.79 6.83 -8.37
N LEU A 85 -4.62 6.80 -7.05
CA LEU A 85 -4.99 5.64 -6.23
C LEU A 85 -6.51 5.55 -6.16
N GLN A 86 -7.05 4.37 -5.84
CA GLN A 86 -8.49 4.14 -5.69
C GLN A 86 -8.70 3.03 -4.66
N LEU A 87 -8.33 3.24 -3.41
CA LEU A 87 -8.49 2.27 -2.33
C LEU A 87 -9.90 2.48 -1.83
N LYS A 88 -10.76 1.48 -2.04
CA LYS A 88 -12.17 1.49 -1.66
C LYS A 88 -12.86 0.15 -1.93
N GLU A 89 -12.53 -0.56 -3.02
CA GLU A 89 -13.14 -1.84 -3.40
C GLU A 89 -12.15 -2.85 -3.99
N LYS A 90 -11.42 -3.61 -3.15
CA LYS A 90 -10.46 -4.63 -3.62
C LYS A 90 -10.08 -5.53 -2.45
N ASP A 91 -9.80 -6.81 -2.68
CA ASP A 91 -9.40 -7.77 -1.65
C ASP A 91 -7.96 -8.22 -1.90
N ILE A 92 -7.21 -8.38 -0.81
CA ILE A 92 -5.82 -8.81 -0.81
C ILE A 92 -5.71 -10.33 -0.78
N MET A 93 -6.53 -10.98 0.05
CA MET A 93 -6.52 -12.41 0.21
C MET A 93 -6.87 -13.11 -1.10
N ASP A 94 -7.66 -12.47 -1.96
CA ASP A 94 -8.03 -13.04 -3.24
C ASP A 94 -6.76 -13.23 -4.05
N LEU A 95 -5.98 -12.16 -4.23
CA LEU A 95 -4.73 -12.24 -5.00
C LEU A 95 -3.76 -13.25 -4.37
N TYR A 96 -3.78 -13.40 -3.06
CA TYR A 96 -2.91 -14.36 -2.37
C TYR A 96 -3.49 -15.78 -2.40
N ASN A 97 -4.78 -15.96 -2.71
CA ASN A 97 -5.44 -17.25 -2.76
C ASN A 97 -5.46 -17.83 -4.18
N GLN A 98 -5.55 -16.99 -5.22
CA GLN A 98 -5.61 -17.41 -6.62
C GLN A 98 -4.50 -16.74 -7.43
N PRO A 99 -4.20 -17.19 -8.68
CA PRO A 99 -3.16 -16.58 -9.51
C PRO A 99 -3.65 -15.21 -10.03
N GLU A 100 -3.38 -14.88 -11.29
CA GLU A 100 -3.78 -13.65 -11.97
C GLU A 100 -3.27 -12.37 -11.27
N PRO A 101 -1.94 -12.20 -11.12
CA PRO A 101 -1.33 -11.04 -10.47
C PRO A 101 -1.68 -9.78 -11.25
N VAL A 102 -2.53 -8.93 -10.67
CA VAL A 102 -2.95 -7.70 -11.34
C VAL A 102 -1.96 -6.59 -10.98
N LYS A 103 -1.01 -6.34 -11.89
CA LYS A 103 0.01 -5.32 -11.74
C LYS A 103 -0.58 -3.96 -11.32
N SER A 104 -1.81 -3.66 -11.71
CA SER A 104 -2.49 -2.42 -11.38
C SER A 104 -2.70 -2.22 -9.87
N PHE A 105 -2.58 -3.27 -9.05
CA PHE A 105 -2.75 -3.18 -7.61
C PHE A 105 -1.45 -3.51 -6.87
N LEU A 106 -0.54 -4.27 -7.48
CA LEU A 106 0.72 -4.68 -6.86
C LEU A 106 1.75 -3.54 -6.80
N PHE A 107 2.70 -3.65 -5.86
CA PHE A 107 3.76 -2.65 -5.66
C PHE A 107 5.11 -3.29 -5.38
N TYR A 108 6.16 -2.92 -6.12
CA TYR A 108 7.50 -3.45 -5.89
C TYR A 108 8.07 -2.72 -4.67
N HIS A 109 8.52 -3.48 -3.67
CA HIS A 109 9.11 -2.87 -2.48
C HIS A 109 10.52 -2.43 -2.83
N SER A 110 10.97 -1.34 -2.21
CA SER A 110 12.30 -0.75 -2.37
C SER A 110 12.80 -0.37 -0.97
N GLN A 111 13.98 0.24 -0.88
CA GLN A 111 14.56 0.68 0.39
C GLN A 111 15.21 2.04 0.18
N SER A 112 15.50 2.68 1.30
CA SER A 112 16.10 4.01 1.36
C SER A 112 16.98 4.21 2.61
N GLY A 113 17.68 3.16 3.04
CA GLY A 113 18.59 3.19 4.18
C GLY A 113 17.93 2.73 5.48
N ARG A 114 16.84 3.38 5.86
CA ARG A 114 16.09 3.03 7.08
C ARG A 114 14.60 2.90 6.84
N ASN A 115 14.14 3.12 5.61
CA ASN A 115 12.74 3.06 5.26
C ASN A 115 12.57 2.27 3.96
N SER A 116 11.33 2.11 3.49
CA SER A 116 11.00 1.39 2.27
C SER A 116 9.83 2.01 1.52
N THR A 117 10.00 2.18 0.20
CA THR A 117 9.01 2.73 -0.73
C THR A 117 8.23 1.58 -1.39
N PHE A 118 7.15 1.94 -2.11
CA PHE A 118 6.28 1.03 -2.84
C PHE A 118 5.99 1.70 -4.19
N GLU A 119 6.55 1.12 -5.26
CA GLU A 119 6.44 1.56 -6.66
C GLU A 119 5.38 0.73 -7.37
N SER A 120 4.38 1.33 -8.05
CA SER A 120 3.36 0.55 -8.73
C SER A 120 3.96 -0.35 -9.82
N VAL A 121 3.56 -1.63 -9.82
CA VAL A 121 4.06 -2.58 -10.82
C VAL A 121 3.56 -2.19 -12.20
N ALA A 122 2.25 -1.95 -12.34
CA ALA A 122 1.68 -1.60 -13.63
C ALA A 122 2.19 -0.27 -14.16
N PHE A 123 2.59 0.65 -13.28
CA PHE A 123 3.06 1.98 -13.67
C PHE A 123 4.30 2.36 -12.87
N PRO A 124 5.49 1.93 -13.32
CA PRO A 124 6.76 2.24 -12.67
C PRO A 124 7.07 3.73 -12.72
N GLY A 125 8.05 4.18 -11.92
CA GLY A 125 8.44 5.58 -11.88
C GLY A 125 7.55 6.41 -10.96
N TRP A 126 6.56 5.80 -10.29
CA TRP A 126 5.64 6.45 -9.38
C TRP A 126 5.61 5.62 -8.10
N PHE A 127 5.46 6.27 -6.95
CA PHE A 127 5.41 5.65 -5.64
C PHE A 127 4.21 6.14 -4.85
N ILE A 128 3.66 5.30 -3.99
CA ILE A 128 2.52 5.71 -3.18
C ILE A 128 2.97 6.57 -2.01
N ALA A 129 2.34 7.73 -1.84
CA ALA A 129 2.67 8.61 -0.73
C ALA A 129 1.82 8.20 0.47
N VAL A 130 2.35 8.46 1.66
CA VAL A 130 1.73 8.14 2.95
C VAL A 130 1.12 9.35 3.65
N SER A 131 1.51 10.56 3.23
CA SER A 131 1.01 11.79 3.81
C SER A 131 1.51 11.91 5.25
N SER A 132 2.71 12.45 5.46
CA SER A 132 3.29 12.58 6.81
C SER A 132 3.58 14.04 7.16
N GLU A 133 3.05 14.97 6.38
CA GLU A 133 3.20 16.39 6.58
C GLU A 133 2.23 16.80 7.69
N GLY A 134 0.96 16.42 7.53
CA GLY A 134 -0.12 16.69 8.45
C GLY A 134 -1.28 15.73 8.15
N GLY A 135 -2.15 16.02 7.18
CA GLY A 135 -3.28 15.17 6.86
C GLY A 135 -3.69 15.24 5.40
N CYS A 136 -2.75 15.09 4.47
CA CYS A 136 -3.06 15.12 3.04
C CYS A 136 -3.68 13.75 2.63
N PRO A 137 -4.32 13.62 1.45
CA PRO A 137 -4.89 12.35 1.00
C PRO A 137 -3.84 11.38 0.45
N LEU A 138 -4.24 10.11 0.35
CA LEU A 138 -3.41 9.02 -0.13
C LEU A 138 -3.45 8.92 -1.65
N ILE A 139 -2.36 9.30 -2.30
CA ILE A 139 -2.23 9.27 -3.74
C ILE A 139 -0.81 8.78 -4.12
N LEU A 140 -0.45 8.84 -5.40
CA LEU A 140 0.88 8.44 -5.87
C LEU A 140 1.60 9.72 -6.33
N THR A 141 2.92 9.64 -6.46
CA THR A 141 3.81 10.73 -6.88
C THR A 141 4.99 10.14 -7.63
N GLN A 142 5.81 11.00 -8.20
CA GLN A 142 6.99 10.67 -8.97
C GLN A 142 8.21 11.19 -8.22
N GLU A 143 8.11 12.42 -7.73
CA GLU A 143 9.19 13.07 -7.01
C GLU A 143 8.55 14.12 -6.11
N LEU A 144 8.97 14.08 -4.85
CA LEU A 144 8.52 14.91 -3.74
C LEU A 144 9.65 15.36 -2.81
N GLY A 145 10.55 14.43 -2.44
CA GLY A 145 11.73 14.63 -1.61
C GLY A 145 11.40 14.88 -0.14
N LYS A 146 10.69 15.96 0.11
CA LYS A 146 10.24 16.42 1.41
C LYS A 146 8.77 16.81 1.35
N ALA A 147 8.21 17.03 0.15
CA ALA A 147 6.82 17.43 -0.01
C ALA A 147 5.91 16.48 0.72
N ASN A 148 6.28 15.20 0.72
CA ASN A 148 5.50 14.22 1.46
C ASN A 148 6.42 13.06 1.78
N THR A 149 5.88 12.01 2.38
CA THR A 149 6.64 10.82 2.70
C THR A 149 6.06 9.74 1.79
N THR A 150 6.91 8.89 1.26
CA THR A 150 6.63 7.78 0.36
C THR A 150 7.35 6.51 0.85
N ASP A 151 8.34 6.65 1.74
CA ASP A 151 9.12 5.53 2.27
C ASP A 151 9.10 5.50 3.79
N PHE A 152 8.65 4.37 4.33
CA PHE A 152 8.55 4.13 5.77
C PHE A 152 8.42 2.63 6.03
N GLY A 153 8.20 2.29 7.30
CA GLY A 153 8.01 0.94 7.79
C GLY A 153 6.51 0.68 7.91
N LEU A 154 6.13 -0.45 8.50
CA LEU A 154 4.75 -0.84 8.69
C LEU A 154 4.66 -1.62 10.00
N THR A 155 3.76 -1.22 10.90
CA THR A 155 3.56 -1.90 12.16
C THR A 155 2.63 -3.10 11.94
N MET A 156 2.81 -3.83 10.84
CA MET A 156 2.04 -5.02 10.49
C MET A 156 2.33 -6.04 11.60
N LEU A 157 1.30 -6.75 12.04
CA LEU A 157 1.37 -7.78 13.09
C LEU A 157 0.94 -9.09 12.43
N PHE A 158 0.86 -10.20 13.17
CA PHE A 158 0.48 -11.51 12.62
C PHE A 158 -0.63 -12.17 13.43
N MET A 1 19.36 -15.63 3.07
CA MET A 1 18.02 -15.40 2.51
C MET A 1 16.98 -16.07 3.41
N GLU A 2 15.69 -15.96 3.09
CA GLU A 2 14.63 -16.59 3.87
C GLU A 2 14.03 -17.72 3.04
N LYS A 3 13.50 -18.73 3.74
CA LYS A 3 12.90 -19.93 3.19
C LYS A 3 11.39 -19.78 2.94
N ALA A 4 10.89 -18.54 2.83
CA ALA A 4 9.48 -18.23 2.61
C ALA A 4 8.56 -18.94 3.60
N LEU A 5 8.65 -18.52 4.84
CA LEU A 5 7.87 -19.00 5.96
C LEU A 5 7.50 -17.77 6.79
N LYS A 6 6.47 -17.85 7.63
CA LYS A 6 5.94 -16.80 8.52
C LYS A 6 5.81 -15.43 7.86
N ILE A 7 5.79 -15.37 6.53
CA ILE A 7 5.72 -14.15 5.78
C ILE A 7 4.67 -14.21 4.67
N ASP A 8 4.36 -15.38 4.13
CA ASP A 8 3.38 -15.52 3.06
C ASP A 8 1.96 -15.31 3.60
N THR A 9 1.74 -15.51 4.90
CA THR A 9 0.48 -15.38 5.59
C THR A 9 -0.04 -13.92 5.52
N PRO A 10 -1.35 -13.70 5.72
CA PRO A 10 -1.96 -12.39 5.68
C PRO A 10 -1.55 -11.61 6.93
N GLN A 11 -0.60 -10.67 6.81
CA GLN A 11 -0.14 -9.91 7.96
C GLN A 11 -0.91 -8.60 8.02
N GLN A 12 -1.74 -8.42 9.05
CA GLN A 12 -2.55 -7.22 9.20
C GLN A 12 -2.05 -6.39 10.39
N GLY A 13 -2.02 -5.07 10.24
CA GLY A 13 -1.58 -4.14 11.27
C GLY A 13 -1.83 -2.70 10.89
N SER A 14 -0.85 -1.79 10.89
CA SER A 14 -1.08 -0.38 10.57
C SER A 14 0.18 0.36 10.21
N ILE A 15 0.14 1.69 10.18
CA ILE A 15 1.29 2.52 9.86
C ILE A 15 1.28 3.79 10.75
N GLN A 16 0.29 3.95 11.65
CA GLN A 16 0.21 5.10 12.51
C GLN A 16 1.37 5.12 13.52
N ASP A 17 1.99 3.97 13.76
CA ASP A 17 3.11 3.82 14.67
C ASP A 17 4.32 4.68 14.26
N ILE A 18 4.35 5.15 13.01
CA ILE A 18 5.43 5.96 12.45
C ILE A 18 5.44 7.41 12.94
N ASN A 19 4.45 8.21 12.56
CA ASN A 19 4.40 9.63 12.95
C ASN A 19 3.09 10.02 13.61
N HIS A 20 2.34 9.06 14.15
CA HIS A 20 1.05 9.29 14.84
C HIS A 20 -0.02 9.78 13.84
N ARG A 21 0.09 9.35 12.58
CA ARG A 21 -0.81 9.71 11.49
C ARG A 21 -1.83 8.58 11.31
N VAL A 22 -3.06 8.74 11.80
CA VAL A 22 -4.10 7.73 11.63
C VAL A 22 -4.62 7.93 10.21
N TRP A 23 -5.17 6.90 9.56
CA TRP A 23 -5.71 6.99 8.21
C TRP A 23 -7.21 6.75 8.35
N VAL A 24 -8.03 7.43 7.55
CA VAL A 24 -9.47 7.26 7.59
C VAL A 24 -9.96 7.25 6.16
N LEU A 25 -10.60 6.15 5.79
CA LEU A 25 -11.15 5.99 4.45
C LEU A 25 -12.33 6.95 4.40
N GLN A 26 -12.15 8.03 3.66
CA GLN A 26 -13.16 9.05 3.45
C GLN A 26 -13.78 8.74 2.08
N ASP A 27 -14.68 9.58 1.55
CA ASP A 27 -15.36 9.35 0.27
C ASP A 27 -14.40 8.91 -0.83
N GLN A 28 -14.35 7.58 -1.01
CA GLN A 28 -13.54 6.82 -1.94
C GLN A 28 -12.07 7.31 -1.94
N THR A 29 -11.57 7.86 -0.82
CA THR A 29 -10.22 8.43 -0.73
C THR A 29 -9.70 8.38 0.70
N LEU A 30 -8.52 7.81 0.94
CA LEU A 30 -7.93 7.70 2.27
C LEU A 30 -7.21 8.98 2.66
N ILE A 31 -7.52 9.53 3.84
CA ILE A 31 -6.92 10.77 4.32
C ILE A 31 -6.36 10.56 5.72
N ALA A 32 -5.18 11.11 6.00
CA ALA A 32 -4.58 10.99 7.33
C ALA A 32 -5.29 11.99 8.25
N VAL A 33 -5.51 11.63 9.51
CA VAL A 33 -6.17 12.48 10.51
C VAL A 33 -5.18 12.71 11.67
N PRO A 34 -4.19 13.61 11.52
CA PRO A 34 -3.19 13.88 12.56
C PRO A 34 -3.74 14.59 13.78
N ARG A 35 -4.68 15.52 13.57
CA ARG A 35 -5.32 16.28 14.64
C ARG A 35 -6.75 16.57 14.19
N LYS A 36 -7.47 15.52 13.80
CA LYS A 36 -8.85 15.62 13.34
C LYS A 36 -9.74 14.98 14.38
N ASP A 37 -10.84 15.65 14.74
CA ASP A 37 -11.79 15.14 15.73
C ASP A 37 -12.48 13.88 15.22
N ARG A 38 -12.86 13.89 13.94
CA ARG A 38 -13.52 12.78 13.27
C ARG A 38 -12.43 11.85 12.77
N MET A 39 -11.87 11.13 13.72
CA MET A 39 -10.81 10.17 13.47
C MET A 39 -11.22 8.81 13.99
N SER A 40 -10.87 7.79 13.21
CA SER A 40 -11.17 6.41 13.51
C SER A 40 -9.97 5.59 13.12
N PRO A 41 -9.64 4.56 13.91
CA PRO A 41 -8.52 3.70 13.61
C PRO A 41 -8.91 2.79 12.44
N VAL A 42 -7.89 2.24 11.80
CA VAL A 42 -7.98 1.33 10.67
C VAL A 42 -6.87 0.30 10.78
N THR A 43 -6.99 -0.75 9.97
CA THR A 43 -6.05 -1.85 9.88
C THR A 43 -5.57 -1.91 8.43
N ILE A 44 -4.37 -2.45 8.24
CA ILE A 44 -3.71 -2.57 6.95
C ILE A 44 -3.25 -4.00 6.81
N ALA A 45 -3.91 -4.72 5.91
CA ALA A 45 -3.61 -6.09 5.58
C ALA A 45 -2.58 -6.13 4.46
N LEU A 46 -1.53 -6.94 4.55
CA LEU A 46 -0.46 -7.08 3.57
C LEU A 46 -0.26 -8.55 3.25
N ILE A 47 -0.25 -8.86 1.95
CA ILE A 47 -0.09 -10.23 1.45
C ILE A 47 0.76 -10.21 0.20
N SER A 48 1.61 -11.22 0.06
CA SER A 48 2.47 -11.37 -1.07
C SER A 48 1.74 -12.12 -2.18
N CYS A 49 2.02 -11.79 -3.44
CA CYS A 49 1.42 -12.40 -4.60
C CYS A 49 1.76 -13.88 -4.70
N ARG A 50 0.75 -14.74 -4.73
CA ARG A 50 1.03 -16.16 -4.84
C ARG A 50 1.30 -16.58 -6.29
N HIS A 51 0.77 -15.88 -7.31
CA HIS A 51 0.93 -16.22 -8.72
C HIS A 51 2.06 -15.42 -9.36
N VAL A 52 3.13 -15.17 -8.61
CA VAL A 52 4.31 -14.43 -9.06
C VAL A 52 4.96 -15.08 -10.29
N GLU A 53 4.60 -16.32 -10.57
CA GLU A 53 5.05 -17.12 -11.69
C GLU A 53 4.68 -16.46 -13.03
N THR A 54 3.80 -15.45 -13.04
CA THR A 54 3.36 -14.73 -14.24
C THR A 54 3.80 -13.25 -14.21
N LEU A 55 4.50 -12.82 -13.15
CA LEU A 55 5.02 -11.47 -12.97
C LEU A 55 6.55 -11.47 -13.00
N GLU A 56 7.14 -10.28 -13.17
CA GLU A 56 8.56 -10.10 -13.22
C GLU A 56 9.15 -10.30 -11.83
N LYS A 57 10.41 -10.71 -11.81
CA LYS A 57 11.19 -10.94 -10.60
C LYS A 57 12.29 -9.88 -10.55
N ASP A 58 12.77 -9.49 -11.73
CA ASP A 58 13.82 -8.52 -12.02
C ASP A 58 13.62 -7.17 -11.35
N ARG A 59 12.36 -6.71 -11.22
CA ARG A 59 12.03 -5.43 -10.62
C ARG A 59 11.85 -5.52 -9.09
N GLY A 60 11.99 -6.70 -8.51
CA GLY A 60 11.83 -6.97 -7.08
C GLY A 60 10.58 -7.84 -6.88
N ASN A 61 10.22 -8.16 -5.64
CA ASN A 61 9.06 -9.01 -5.31
C ASN A 61 7.74 -8.20 -5.32
N PRO A 62 6.86 -8.33 -6.32
CA PRO A 62 5.58 -7.61 -6.36
C PRO A 62 4.61 -8.23 -5.33
N ILE A 63 3.92 -7.42 -4.54
CA ILE A 63 2.98 -7.82 -3.50
C ILE A 63 1.73 -6.92 -3.51
N TYR A 64 0.77 -7.16 -2.61
CA TYR A 64 -0.46 -6.39 -2.49
C TYR A 64 -0.73 -6.03 -1.01
N LEU A 65 -1.54 -4.99 -0.79
CA LEU A 65 -1.90 -4.48 0.53
C LEU A 65 -3.28 -3.84 0.46
N GLY A 66 -4.11 -3.98 1.49
CA GLY A 66 -5.46 -3.44 1.57
C GLY A 66 -5.78 -2.97 2.99
N LEU A 67 -7.02 -2.55 3.24
CA LEU A 67 -7.51 -2.07 4.54
C LEU A 67 -8.39 -3.16 5.11
N ASN A 68 -8.23 -3.52 6.39
CA ASN A 68 -9.05 -4.58 6.96
C ASN A 68 -10.21 -3.90 7.65
N GLY A 69 -11.42 -3.99 7.08
CA GLY A 69 -12.53 -3.31 7.72
C GLY A 69 -13.79 -3.48 6.90
N LEU A 70 -13.90 -2.71 5.81
CA LEU A 70 -15.04 -2.70 4.91
C LEU A 70 -14.70 -3.40 3.58
N ASN A 71 -13.68 -4.26 3.56
CA ASN A 71 -13.22 -5.02 2.39
C ASN A 71 -12.89 -4.06 1.23
N LEU A 72 -11.77 -3.34 1.37
CA LEU A 72 -11.28 -2.37 0.41
C LEU A 72 -9.76 -2.45 0.39
N CYS A 73 -9.17 -2.14 -0.76
CA CYS A 73 -7.72 -2.15 -0.94
C CYS A 73 -7.31 -1.09 -1.94
N LEU A 74 -6.00 -0.87 -2.06
CA LEU A 74 -5.44 0.10 -2.98
C LEU A 74 -5.79 -0.28 -4.41
N MET A 75 -5.59 0.65 -5.33
CA MET A 75 -5.88 0.40 -6.73
C MET A 75 -5.38 1.59 -7.50
N CYS A 76 -4.73 1.35 -8.64
CA CYS A 76 -4.20 2.41 -9.46
C CYS A 76 -5.16 2.75 -10.58
N ALA A 77 -5.46 4.03 -10.69
CA ALA A 77 -6.35 4.56 -11.71
C ALA A 77 -5.70 5.78 -12.32
N LYS A 78 -6.42 6.46 -13.19
CA LYS A 78 -5.98 7.67 -13.86
C LYS A 78 -7.15 8.61 -13.65
N VAL A 79 -6.90 9.71 -12.96
CA VAL A 79 -7.96 10.66 -12.65
C VAL A 79 -8.46 11.47 -13.84
N GLY A 80 -7.65 11.64 -14.89
CA GLY A 80 -8.05 12.41 -16.04
C GLY A 80 -6.88 12.62 -16.98
N ASP A 81 -5.70 12.85 -16.38
CA ASP A 81 -4.46 13.09 -17.10
C ASP A 81 -3.26 12.44 -16.41
N GLN A 82 -3.38 12.07 -15.13
CA GLN A 82 -2.31 11.48 -14.32
C GLN A 82 -2.80 10.34 -13.41
N PRO A 83 -1.90 9.39 -13.06
CA PRO A 83 -2.18 8.25 -12.19
C PRO A 83 -2.57 8.69 -10.78
N THR A 84 -3.52 7.97 -10.20
CA THR A 84 -4.05 8.22 -8.87
C THR A 84 -4.44 6.93 -8.21
N LEU A 85 -4.60 6.99 -6.89
CA LEU A 85 -5.02 5.86 -6.09
C LEU A 85 -6.56 5.80 -6.11
N GLN A 86 -7.11 4.62 -5.86
CA GLN A 86 -8.52 4.32 -5.81
C GLN A 86 -8.75 3.22 -4.77
N LEU A 87 -8.79 3.55 -3.49
CA LEU A 87 -9.02 2.59 -2.41
C LEU A 87 -10.45 2.72 -1.93
N LYS A 88 -11.30 1.76 -2.31
CA LYS A 88 -12.72 1.78 -1.91
C LYS A 88 -13.46 0.50 -2.28
N GLU A 89 -13.00 -0.24 -3.30
CA GLU A 89 -13.64 -1.46 -3.77
C GLU A 89 -12.59 -2.49 -4.24
N LYS A 90 -12.06 -3.34 -3.37
CA LYS A 90 -11.07 -4.35 -3.75
C LYS A 90 -10.95 -5.36 -2.63
N ASP A 91 -10.33 -6.50 -2.90
CA ASP A 91 -10.10 -7.56 -1.93
C ASP A 91 -8.68 -8.07 -2.09
N ILE A 92 -8.21 -8.82 -1.10
CA ILE A 92 -6.87 -9.40 -1.05
C ILE A 92 -6.94 -10.92 -1.12
N MET A 93 -7.78 -11.55 -0.29
CA MET A 93 -7.95 -12.99 -0.31
C MET A 93 -8.51 -13.41 -1.67
N ASP A 94 -9.09 -12.51 -2.46
CA ASP A 94 -9.60 -12.95 -3.77
C ASP A 94 -8.44 -13.22 -4.73
N LEU A 95 -7.45 -12.33 -4.75
CA LEU A 95 -6.25 -12.44 -5.59
C LEU A 95 -5.45 -13.67 -5.19
N TYR A 96 -5.61 -14.10 -3.94
CA TYR A 96 -4.96 -15.32 -3.47
C TYR A 96 -5.79 -16.54 -3.86
N ASN A 97 -7.13 -16.42 -3.88
CA ASN A 97 -8.02 -17.50 -4.26
C ASN A 97 -7.84 -17.86 -5.72
N GLN A 98 -7.60 -16.89 -6.62
CA GLN A 98 -7.45 -17.18 -8.04
C GLN A 98 -6.30 -16.43 -8.72
N PRO A 99 -5.82 -16.94 -9.88
CA PRO A 99 -4.74 -16.32 -10.62
C PRO A 99 -5.24 -15.10 -11.39
N GLU A 100 -5.32 -13.97 -10.69
CA GLU A 100 -5.73 -12.67 -11.21
C GLU A 100 -4.74 -11.62 -10.65
N PRO A 101 -3.42 -11.72 -10.90
CA PRO A 101 -2.45 -10.74 -10.40
C PRO A 101 -2.63 -9.44 -11.19
N VAL A 102 -3.53 -8.59 -10.72
CA VAL A 102 -3.85 -7.33 -11.36
C VAL A 102 -2.70 -6.35 -11.12
N LYS A 103 -1.84 -6.15 -12.12
CA LYS A 103 -0.72 -5.22 -12.03
C LYS A 103 -1.19 -3.83 -11.60
N SER A 104 -2.42 -3.45 -11.94
CA SER A 104 -2.97 -2.16 -11.56
C SER A 104 -3.17 -2.04 -10.04
N PHE A 105 -2.98 -3.10 -9.27
CA PHE A 105 -3.12 -3.09 -7.83
C PHE A 105 -1.80 -3.51 -7.17
N LEU A 106 -1.04 -4.39 -7.80
CA LEU A 106 0.21 -4.89 -7.26
C LEU A 106 1.29 -3.81 -7.21
N PHE A 107 2.23 -3.94 -6.28
CA PHE A 107 3.35 -3.01 -6.11
C PHE A 107 4.62 -3.75 -5.67
N TYR A 108 5.74 -3.39 -6.30
CA TYR A 108 7.08 -3.89 -6.06
C TYR A 108 7.54 -3.27 -4.75
N HIS A 109 7.74 -4.06 -3.70
CA HIS A 109 8.20 -3.53 -2.42
C HIS A 109 9.74 -3.52 -2.43
N SER A 110 10.37 -2.44 -2.00
CA SER A 110 11.83 -2.31 -1.94
C SER A 110 12.17 -1.73 -0.58
N GLN A 111 13.45 -1.50 -0.31
CA GLN A 111 13.94 -0.94 0.94
C GLN A 111 15.30 -0.30 0.72
N SER A 112 15.55 0.79 1.46
CA SER A 112 16.76 1.56 1.40
C SER A 112 17.00 2.37 2.70
N GLY A 113 17.66 1.80 3.70
CA GLY A 113 18.00 2.46 4.96
C GLY A 113 16.89 2.34 5.98
N ARG A 114 16.58 1.09 6.38
CA ARG A 114 15.54 0.70 7.34
C ARG A 114 14.16 1.13 6.83
N ASN A 115 14.08 1.75 5.65
CA ASN A 115 12.84 2.23 5.10
C ASN A 115 12.44 1.54 3.83
N SER A 116 11.25 0.97 3.80
CA SER A 116 10.70 0.28 2.64
C SER A 116 10.05 1.30 1.69
N THR A 117 9.65 0.86 0.50
CA THR A 117 9.03 1.64 -0.57
C THR A 117 8.08 0.73 -1.35
N PHE A 118 7.13 1.29 -2.12
CA PHE A 118 6.15 0.55 -2.91
C PHE A 118 5.93 1.25 -4.25
N GLU A 119 6.38 0.60 -5.33
CA GLU A 119 6.30 1.05 -6.70
C GLU A 119 5.20 0.27 -7.44
N SER A 120 4.28 0.96 -8.11
CA SER A 120 3.18 0.40 -8.91
C SER A 120 3.71 -0.62 -9.93
N VAL A 121 3.20 -1.86 -9.94
CA VAL A 121 3.67 -2.85 -10.91
C VAL A 121 3.23 -2.46 -12.32
N ALA A 122 1.95 -2.07 -12.48
CA ALA A 122 1.41 -1.65 -13.76
C ALA A 122 2.13 -0.43 -14.32
N PHE A 123 2.60 0.50 -13.46
CA PHE A 123 3.30 1.71 -13.84
C PHE A 123 4.51 1.95 -12.94
N PRO A 124 5.65 1.31 -13.24
CA PRO A 124 6.84 1.46 -12.43
C PRO A 124 7.36 2.90 -12.53
N GLY A 125 8.13 3.32 -11.52
CA GLY A 125 8.70 4.65 -11.41
C GLY A 125 7.91 5.46 -10.38
N TRP A 126 6.58 5.25 -10.32
CA TRP A 126 5.73 5.97 -9.38
C TRP A 126 5.75 5.21 -8.07
N PHE A 127 5.79 5.92 -6.95
CA PHE A 127 5.80 5.34 -5.60
C PHE A 127 4.64 5.91 -4.82
N ILE A 128 4.01 5.07 -4.00
CA ILE A 128 2.88 5.49 -3.16
C ILE A 128 3.44 6.23 -1.95
N ALA A 129 2.75 7.26 -1.51
CA ALA A 129 3.18 7.99 -0.32
C ALA A 129 2.23 7.65 0.85
N VAL A 130 2.70 7.86 2.07
CA VAL A 130 2.02 7.57 3.34
C VAL A 130 1.62 8.86 4.10
N SER A 131 1.90 10.04 3.56
CA SER A 131 1.53 11.33 4.20
C SER A 131 1.91 11.54 5.66
N SER A 132 3.17 11.33 5.96
CA SER A 132 3.69 11.49 7.30
C SER A 132 4.08 12.96 7.57
N GLU A 133 4.19 13.77 6.51
CA GLU A 133 4.56 15.18 6.59
C GLU A 133 3.64 16.02 7.48
N GLY A 134 2.35 15.66 7.53
CA GLY A 134 1.38 16.37 8.32
C GLY A 134 0.09 15.59 8.36
N GLY A 135 -0.72 15.66 7.31
CA GLY A 135 -1.98 14.95 7.21
C GLY A 135 -2.46 15.05 5.77
N CYS A 136 -1.65 14.57 4.82
CA CYS A 136 -2.05 14.65 3.42
C CYS A 136 -2.85 13.39 3.05
N PRO A 137 -3.59 13.42 1.94
CA PRO A 137 -4.32 12.24 1.48
C PRO A 137 -3.29 11.21 1.02
N LEU A 138 -3.70 9.96 0.86
CA LEU A 138 -2.82 8.90 0.43
C LEU A 138 -2.90 8.81 -1.09
N ILE A 139 -1.80 9.12 -1.79
CA ILE A 139 -1.71 9.12 -3.25
C ILE A 139 -0.36 8.62 -3.75
N LEU A 140 -0.21 8.47 -5.09
CA LEU A 140 1.05 8.04 -5.69
C LEU A 140 1.79 9.26 -6.26
N THR A 141 3.12 9.25 -6.32
CA THR A 141 3.94 10.35 -6.84
C THR A 141 4.96 9.80 -7.82
N GLN A 142 5.69 10.69 -8.47
CA GLN A 142 6.72 10.36 -9.43
C GLN A 142 8.10 10.79 -8.92
N GLU A 143 8.21 11.87 -8.14
CA GLU A 143 9.50 12.35 -7.66
C GLU A 143 9.29 13.36 -6.54
N LEU A 144 9.56 12.97 -5.28
CA LEU A 144 9.44 13.83 -4.10
C LEU A 144 10.54 13.54 -3.11
N GLY A 145 10.72 14.47 -2.16
CA GLY A 145 11.71 14.36 -1.10
C GLY A 145 11.41 15.31 0.06
N LYS A 146 10.14 15.73 0.21
CA LYS A 146 9.70 16.62 1.28
C LYS A 146 8.21 16.86 1.32
N ALA A 147 7.56 16.92 0.16
CA ALA A 147 6.13 17.18 0.10
C ALA A 147 5.28 16.06 0.70
N ASN A 148 5.74 14.82 0.60
CA ASN A 148 5.02 13.67 1.12
C ASN A 148 6.06 12.68 1.67
N THR A 149 5.65 11.46 2.00
CA THR A 149 6.57 10.46 2.55
C THR A 149 6.43 9.14 1.81
N THR A 150 7.39 8.79 0.97
CA THR A 150 7.37 7.54 0.18
C THR A 150 8.19 6.42 0.81
N ASP A 151 9.16 6.78 1.65
CA ASP A 151 10.10 5.90 2.32
C ASP A 151 9.77 5.68 3.79
N PHE A 152 9.28 4.48 4.15
CA PHE A 152 8.94 4.08 5.53
C PHE A 152 8.58 2.60 5.62
N GLY A 153 8.22 2.08 6.81
CA GLY A 153 7.88 0.69 7.04
C GLY A 153 6.37 0.48 7.12
N LEU A 154 5.98 -0.60 7.81
CA LEU A 154 4.59 -1.00 8.02
C LEU A 154 4.54 -1.78 9.34
N THR A 155 3.57 -1.52 10.20
CA THR A 155 3.39 -2.16 11.49
C THR A 155 2.44 -3.36 11.37
N MET A 156 2.59 -4.17 10.32
CA MET A 156 1.77 -5.36 10.09
C MET A 156 2.02 -6.36 11.22
N LEU A 157 1.02 -7.16 11.60
CA LEU A 157 1.08 -8.16 12.66
C LEU A 157 0.65 -9.54 12.13
N PHE A 158 0.95 -10.61 12.88
CA PHE A 158 0.62 -11.99 12.56
C PHE A 158 0.58 -12.80 13.86
N MET A 1 19.46 -14.51 5.05
CA MET A 1 18.06 -14.13 4.81
C MET A 1 17.24 -15.32 4.33
N GLU A 2 15.90 -15.18 4.25
CA GLU A 2 14.97 -16.21 3.80
C GLU A 2 14.77 -16.08 2.28
N LYS A 3 13.71 -16.67 1.74
CA LYS A 3 13.32 -16.65 0.34
C LYS A 3 11.80 -16.48 0.31
N ALA A 4 11.06 -17.55 0.61
CA ALA A 4 9.61 -17.52 0.62
C ALA A 4 9.05 -18.49 1.68
N LEU A 5 9.00 -18.04 2.92
CA LEU A 5 8.48 -18.78 4.06
C LEU A 5 8.08 -17.81 5.15
N LYS A 6 7.18 -18.24 6.02
CA LYS A 6 6.61 -17.55 7.16
C LYS A 6 6.12 -16.13 6.90
N ILE A 7 5.86 -15.80 5.63
CA ILE A 7 5.43 -14.49 5.19
C ILE A 7 4.37 -14.57 4.08
N ASP A 8 3.81 -15.74 3.77
CA ASP A 8 2.76 -15.90 2.73
C ASP A 8 1.38 -15.68 3.35
N THR A 9 1.30 -15.77 4.67
CA THR A 9 0.08 -15.60 5.43
C THR A 9 -0.32 -14.12 5.43
N PRO A 10 -1.59 -13.81 5.64
CA PRO A 10 -2.06 -12.44 5.67
C PRO A 10 -1.52 -11.82 6.95
N GLN A 11 -0.77 -10.72 6.84
CA GLN A 11 -0.21 -10.06 8.01
C GLN A 11 -0.85 -8.69 8.10
N GLN A 12 -1.69 -8.51 9.09
CA GLN A 12 -2.37 -7.24 9.29
C GLN A 12 -1.54 -6.35 10.18
N GLY A 13 -1.73 -5.05 10.09
CA GLY A 13 -0.98 -4.11 10.86
C GLY A 13 -1.61 -2.74 10.87
N SER A 14 -0.78 -1.74 11.09
CA SER A 14 -1.13 -0.34 11.14
C SER A 14 0.09 0.54 10.84
N ILE A 15 -0.10 1.60 10.04
CA ILE A 15 0.97 2.53 9.65
C ILE A 15 0.94 3.78 10.55
N GLN A 16 0.03 3.86 11.52
CA GLN A 16 -0.07 5.00 12.41
C GLN A 16 1.27 5.29 13.11
N ASP A 17 2.04 4.27 13.47
CA ASP A 17 3.33 4.35 14.16
C ASP A 17 4.42 5.19 13.46
N ILE A 18 4.16 5.68 12.25
CA ILE A 18 5.13 6.50 11.52
C ILE A 18 5.22 7.89 12.15
N ASN A 19 4.11 8.63 12.17
CA ASN A 19 4.01 9.99 12.73
C ASN A 19 2.63 10.19 13.34
N HIS A 20 2.04 9.10 13.83
CA HIS A 20 0.72 9.04 14.45
C HIS A 20 -0.38 9.49 13.48
N ARG A 21 -0.22 9.20 12.19
CA ARG A 21 -1.15 9.57 11.13
C ARG A 21 -2.01 8.36 10.82
N VAL A 22 -3.27 8.37 11.20
CA VAL A 22 -4.17 7.26 10.91
C VAL A 22 -4.78 7.57 9.53
N TRP A 23 -5.32 6.55 8.84
CA TRP A 23 -5.94 6.74 7.54
C TRP A 23 -7.44 6.45 7.63
N VAL A 24 -8.26 7.25 6.96
CA VAL A 24 -9.72 7.04 6.96
C VAL A 24 -10.22 7.27 5.55
N LEU A 25 -10.97 6.30 5.02
CA LEU A 25 -11.56 6.39 3.69
C LEU A 25 -12.67 7.41 3.93
N GLN A 26 -12.59 8.57 3.29
CA GLN A 26 -13.52 9.66 3.41
C GLN A 26 -13.90 10.13 2.00
N ASP A 27 -15.19 10.16 1.65
CA ASP A 27 -15.66 10.60 0.33
C ASP A 27 -14.94 9.92 -0.85
N GLN A 28 -14.72 8.60 -0.71
CA GLN A 28 -14.05 7.72 -1.66
C GLN A 28 -12.54 7.97 -1.77
N THR A 29 -11.91 8.73 -0.88
CA THR A 29 -10.48 9.00 -0.91
C THR A 29 -9.89 8.81 0.49
N LEU A 30 -8.70 8.20 0.58
CA LEU A 30 -8.07 7.98 1.88
C LEU A 30 -7.32 9.23 2.27
N ILE A 31 -7.63 9.74 3.46
CA ILE A 31 -7.00 10.95 3.97
C ILE A 31 -6.43 10.63 5.35
N ALA A 32 -5.30 11.29 5.65
CA ALA A 32 -4.60 11.16 6.90
C ALA A 32 -5.36 11.97 7.95
N VAL A 33 -5.47 11.43 9.16
CA VAL A 33 -6.16 12.06 10.28
C VAL A 33 -5.27 12.03 11.54
N PRO A 34 -4.23 12.87 11.62
CA PRO A 34 -3.36 12.89 12.79
C PRO A 34 -4.05 13.48 14.04
N ARG A 35 -4.27 14.79 14.10
CA ARG A 35 -4.90 15.46 15.25
C ARG A 35 -6.40 15.71 15.08
N LYS A 36 -7.03 15.11 14.07
CA LYS A 36 -8.46 15.29 13.80
C LYS A 36 -9.33 14.59 14.81
N ASP A 37 -10.28 15.32 15.37
CA ASP A 37 -11.26 14.82 16.33
C ASP A 37 -12.01 13.63 15.69
N ARG A 38 -12.45 13.80 14.44
CA ARG A 38 -13.19 12.82 13.66
C ARG A 38 -12.37 11.67 13.05
N MET A 39 -11.22 11.34 13.63
CA MET A 39 -10.42 10.23 13.12
C MET A 39 -11.14 8.90 13.39
N SER A 40 -10.55 7.79 12.94
CA SER A 40 -11.11 6.46 13.12
C SER A 40 -9.98 5.47 12.85
N PRO A 41 -9.81 4.43 13.67
CA PRO A 41 -8.75 3.46 13.47
C PRO A 41 -9.01 2.65 12.19
N VAL A 42 -7.91 2.20 11.61
CA VAL A 42 -7.89 1.40 10.41
C VAL A 42 -6.80 0.34 10.58
N THR A 43 -6.94 -0.76 9.85
CA THR A 43 -5.99 -1.86 9.89
C THR A 43 -5.46 -2.03 8.46
N ILE A 44 -4.28 -2.64 8.28
CA ILE A 44 -3.65 -2.82 6.98
C ILE A 44 -3.17 -4.26 6.80
N ALA A 45 -3.84 -5.08 5.98
CA ALA A 45 -3.47 -6.47 5.72
C ALA A 45 -2.62 -6.59 4.47
N LEU A 46 -1.41 -7.12 4.62
CA LEU A 46 -0.45 -7.32 3.56
C LEU A 46 -0.39 -8.80 3.25
N ILE A 47 -0.29 -9.10 1.95
CA ILE A 47 -0.19 -10.45 1.43
C ILE A 47 0.85 -10.47 0.30
N SER A 48 1.58 -11.57 0.20
CA SER A 48 2.59 -11.77 -0.81
C SER A 48 1.92 -12.34 -2.07
N CYS A 49 2.31 -11.85 -3.26
CA CYS A 49 1.75 -12.29 -4.53
C CYS A 49 1.94 -13.79 -4.70
N ARG A 50 0.86 -14.59 -4.67
CA ARG A 50 1.01 -16.04 -4.81
C ARG A 50 0.86 -16.52 -6.25
N HIS A 51 0.47 -15.64 -7.16
CA HIS A 51 0.27 -15.90 -8.58
C HIS A 51 1.27 -15.02 -9.34
N VAL A 52 2.57 -15.26 -9.15
CA VAL A 52 3.63 -14.45 -9.77
C VAL A 52 4.11 -14.97 -11.13
N GLU A 53 3.49 -16.03 -11.66
CA GLU A 53 3.85 -16.65 -12.94
C GLU A 53 3.96 -15.70 -14.15
N THR A 54 3.26 -14.57 -14.16
CA THR A 54 3.27 -13.57 -15.23
C THR A 54 3.80 -12.22 -14.72
N LEU A 55 4.52 -12.21 -13.59
CA LEU A 55 5.10 -11.01 -12.99
C LEU A 55 6.60 -11.13 -13.04
N GLU A 56 7.26 -10.05 -12.67
CA GLU A 56 8.70 -9.97 -12.59
C GLU A 56 9.05 -10.46 -11.18
N LYS A 57 10.32 -10.77 -10.98
CA LYS A 57 10.87 -11.23 -9.72
C LYS A 57 12.19 -10.53 -9.45
N ASP A 58 13.01 -10.33 -10.49
CA ASP A 58 14.30 -9.66 -10.35
C ASP A 58 14.15 -8.15 -10.15
N ARG A 59 12.98 -7.57 -10.46
CA ARG A 59 12.72 -6.14 -10.29
C ARG A 59 12.68 -5.81 -8.79
N GLY A 60 11.99 -6.64 -8.02
CA GLY A 60 11.79 -6.55 -6.58
C GLY A 60 10.69 -7.55 -6.21
N ASN A 61 10.47 -7.80 -4.92
CA ASN A 61 9.46 -8.76 -4.47
C ASN A 61 8.03 -8.21 -4.64
N PRO A 62 7.18 -8.69 -5.55
CA PRO A 62 5.82 -8.17 -5.70
C PRO A 62 4.95 -8.63 -4.50
N ILE A 63 4.15 -7.71 -3.96
CA ILE A 63 3.26 -7.90 -2.82
C ILE A 63 2.01 -7.02 -3.02
N TYR A 64 1.07 -7.03 -2.06
CA TYR A 64 -0.15 -6.24 -2.11
C TYR A 64 -0.65 -5.97 -0.69
N LEU A 65 -1.49 -4.94 -0.53
CA LEU A 65 -2.04 -4.51 0.75
C LEU A 65 -3.51 -4.11 0.62
N GLY A 66 -4.24 -4.22 1.73
CA GLY A 66 -5.64 -3.88 1.85
C GLY A 66 -5.95 -3.23 3.17
N LEU A 67 -7.06 -2.50 3.25
CA LEU A 67 -7.52 -1.80 4.46
C LEU A 67 -8.56 -2.68 5.11
N ASN A 68 -8.44 -2.92 6.42
CA ASN A 68 -9.41 -3.75 7.15
C ASN A 68 -10.27 -2.79 7.93
N GLY A 69 -11.57 -2.77 7.59
CA GLY A 69 -12.56 -1.91 8.21
C GLY A 69 -13.86 -1.88 7.41
N LEU A 70 -13.78 -1.91 6.06
CA LEU A 70 -14.96 -1.85 5.20
C LEU A 70 -14.82 -2.59 3.86
N ASN A 71 -13.93 -3.59 3.76
CA ASN A 71 -13.68 -4.38 2.56
C ASN A 71 -13.20 -3.47 1.42
N LEU A 72 -11.99 -2.94 1.53
CA LEU A 72 -11.41 -2.03 0.55
C LEU A 72 -9.92 -2.23 0.52
N CYS A 73 -9.26 -2.12 -0.64
CA CYS A 73 -7.82 -2.30 -0.75
C CYS A 73 -7.21 -1.38 -1.81
N LEU A 74 -5.87 -1.23 -1.85
CA LEU A 74 -5.14 -0.37 -2.80
C LEU A 74 -5.58 -0.69 -4.23
N MET A 75 -5.40 0.23 -5.17
CA MET A 75 -5.79 0.03 -6.56
C MET A 75 -5.22 1.19 -7.36
N CYS A 76 -4.86 0.96 -8.61
CA CYS A 76 -4.30 1.93 -9.53
C CYS A 76 -5.30 2.29 -10.61
N ALA A 77 -5.62 3.58 -10.70
CA ALA A 77 -6.56 4.10 -11.68
C ALA A 77 -5.93 5.31 -12.37
N LYS A 78 -6.65 5.90 -13.33
CA LYS A 78 -6.24 7.07 -14.09
C LYS A 78 -7.34 8.07 -13.75
N VAL A 79 -6.99 9.30 -13.37
CA VAL A 79 -7.96 10.34 -12.98
C VAL A 79 -7.73 11.66 -13.72
N GLY A 80 -7.38 11.58 -14.99
CA GLY A 80 -7.12 12.74 -15.80
C GLY A 80 -5.78 12.59 -16.45
N ASP A 81 -5.59 11.48 -17.17
CA ASP A 81 -4.35 11.16 -17.89
C ASP A 81 -3.12 10.91 -17.01
N GLN A 82 -3.34 10.73 -15.71
CA GLN A 82 -2.33 10.50 -14.71
C GLN A 82 -2.77 9.40 -13.73
N PRO A 83 -1.84 8.53 -13.30
CA PRO A 83 -2.13 7.42 -12.40
C PRO A 83 -2.32 7.86 -10.95
N THR A 84 -3.26 7.25 -10.22
CA THR A 84 -3.52 7.54 -8.81
C THR A 84 -4.05 6.30 -8.09
N LEU A 85 -4.26 6.43 -6.78
CA LEU A 85 -4.80 5.36 -5.94
C LEU A 85 -6.33 5.40 -5.91
N GLN A 86 -6.96 4.24 -5.73
CA GLN A 86 -8.42 4.05 -5.68
C GLN A 86 -8.74 2.92 -4.69
N LEU A 87 -8.46 3.15 -3.42
CA LEU A 87 -8.68 2.23 -2.31
C LEU A 87 -10.02 2.53 -1.71
N LYS A 88 -11.01 1.77 -2.16
CA LYS A 88 -12.42 1.92 -1.76
C LYS A 88 -13.28 0.72 -2.15
N GLU A 89 -12.89 0.00 -3.21
CA GLU A 89 -13.63 -1.14 -3.73
C GLU A 89 -12.62 -2.18 -4.24
N LYS A 90 -12.29 -3.22 -3.45
CA LYS A 90 -11.36 -4.29 -3.79
C LYS A 90 -11.09 -5.18 -2.58
N ASP A 91 -10.59 -6.40 -2.81
CA ASP A 91 -10.30 -7.37 -1.75
C ASP A 91 -9.01 -8.13 -2.09
N ILE A 92 -8.12 -8.26 -1.11
CA ILE A 92 -6.82 -8.96 -1.19
C ILE A 92 -7.01 -10.47 -1.24
N MET A 93 -7.88 -11.01 -0.39
CA MET A 93 -8.14 -12.44 -0.29
C MET A 93 -8.61 -13.00 -1.62
N ASP A 94 -9.20 -12.17 -2.48
CA ASP A 94 -9.66 -12.58 -3.79
C ASP A 94 -8.45 -13.08 -4.60
N LEU A 95 -7.40 -12.26 -4.66
CA LEU A 95 -6.11 -12.49 -5.36
C LEU A 95 -5.38 -13.70 -4.76
N TYR A 96 -5.50 -13.92 -3.45
CA TYR A 96 -4.86 -15.08 -2.83
C TYR A 96 -5.72 -16.34 -3.05
N ASN A 97 -7.01 -16.19 -3.35
CA ASN A 97 -7.87 -17.34 -3.59
C ASN A 97 -7.85 -17.80 -5.04
N GLN A 98 -7.78 -16.92 -6.04
CA GLN A 98 -7.81 -17.28 -7.44
C GLN A 98 -6.68 -16.59 -8.16
N PRO A 99 -6.33 -17.08 -9.36
CA PRO A 99 -5.30 -16.47 -10.17
C PRO A 99 -5.81 -15.09 -10.66
N GLU A 100 -5.03 -14.49 -11.55
CA GLU A 100 -5.23 -13.22 -12.25
C GLU A 100 -4.61 -12.02 -11.53
N PRO A 101 -3.26 -11.93 -11.57
CA PRO A 101 -2.52 -10.84 -10.94
C PRO A 101 -2.87 -9.51 -11.57
N VAL A 102 -3.67 -8.70 -10.89
CA VAL A 102 -4.03 -7.39 -11.39
C VAL A 102 -2.81 -6.51 -11.10
N LYS A 103 -1.93 -6.25 -12.06
CA LYS A 103 -0.75 -5.42 -11.86
C LYS A 103 -1.16 -4.09 -11.27
N SER A 104 -2.33 -3.54 -11.63
CA SER A 104 -2.87 -2.28 -11.11
C SER A 104 -3.30 -2.39 -9.63
N PHE A 105 -2.95 -3.46 -8.95
CA PHE A 105 -3.25 -3.69 -7.55
C PHE A 105 -1.96 -4.18 -6.84
N LEU A 106 -0.99 -4.73 -7.58
CA LEU A 106 0.24 -5.24 -7.01
C LEU A 106 1.25 -4.13 -6.85
N PHE A 107 2.17 -4.28 -5.89
CA PHE A 107 3.21 -3.29 -5.59
C PHE A 107 4.54 -4.00 -5.30
N TYR A 108 5.60 -3.65 -6.02
CA TYR A 108 6.93 -4.20 -5.84
C TYR A 108 7.47 -3.62 -4.53
N HIS A 109 7.83 -4.50 -3.61
CA HIS A 109 8.37 -4.11 -2.33
C HIS A 109 9.82 -3.66 -2.54
N SER A 110 10.21 -2.63 -1.82
CA SER A 110 11.55 -2.06 -1.86
C SER A 110 11.90 -1.56 -0.44
N GLN A 111 13.10 -1.02 -0.25
CA GLN A 111 13.57 -0.48 1.02
C GLN A 111 14.81 0.39 0.84
N SER A 112 15.01 1.34 1.75
CA SER A 112 16.11 2.30 1.75
C SER A 112 16.24 3.08 3.08
N GLY A 113 17.20 2.71 3.92
CA GLY A 113 17.52 3.35 5.19
C GLY A 113 16.64 2.89 6.33
N ARG A 114 16.48 1.57 6.49
CA ARG A 114 15.61 0.99 7.51
C ARG A 114 14.17 1.44 7.24
N ASN A 115 13.86 1.75 5.99
CA ASN A 115 12.55 2.20 5.60
C ASN A 115 12.12 1.42 4.37
N SER A 116 10.98 0.73 4.40
CA SER A 116 10.49 -0.02 3.25
C SER A 116 9.93 0.92 2.17
N THR A 117 9.41 0.41 1.06
CA THR A 117 8.81 1.19 -0.02
C THR A 117 7.84 0.28 -0.80
N PHE A 118 7.04 0.90 -1.68
CA PHE A 118 6.05 0.21 -2.51
C PHE A 118 5.90 0.90 -3.88
N GLU A 119 6.26 0.19 -4.96
CA GLU A 119 6.20 0.67 -6.35
C GLU A 119 5.08 -0.02 -7.13
N SER A 120 4.20 0.77 -7.76
CA SER A 120 3.08 0.34 -8.59
C SER A 120 3.57 -0.63 -9.68
N VAL A 121 3.20 -1.92 -9.60
CA VAL A 121 3.60 -2.94 -10.59
C VAL A 121 3.09 -2.58 -11.97
N ALA A 122 1.84 -2.09 -12.08
CA ALA A 122 1.32 -1.73 -13.39
C ALA A 122 2.11 -0.60 -14.05
N PHE A 123 2.42 0.46 -13.30
CA PHE A 123 3.17 1.61 -13.78
C PHE A 123 4.31 1.86 -12.79
N PRO A 124 5.47 1.19 -12.99
CA PRO A 124 6.61 1.36 -12.10
C PRO A 124 7.20 2.76 -12.23
N GLY A 125 7.90 3.21 -11.20
CA GLY A 125 8.51 4.53 -11.11
C GLY A 125 7.77 5.38 -10.08
N TRP A 126 6.49 5.10 -9.83
CA TRP A 126 5.66 5.79 -8.86
C TRP A 126 5.69 4.99 -7.57
N PHE A 127 5.75 5.67 -6.43
CA PHE A 127 5.78 5.08 -5.10
C PHE A 127 4.56 5.55 -4.30
N ILE A 128 4.02 4.70 -3.43
CA ILE A 128 2.85 5.01 -2.58
C ILE A 128 3.26 5.97 -1.46
N ALA A 129 2.66 7.17 -1.36
CA ALA A 129 3.01 8.05 -0.25
C ALA A 129 2.14 7.73 0.97
N VAL A 130 2.70 7.80 2.18
CA VAL A 130 1.95 7.57 3.43
C VAL A 130 1.46 8.90 3.99
N SER A 131 1.89 10.06 3.50
CA SER A 131 1.42 11.37 3.99
C SER A 131 1.64 11.63 5.48
N SER A 132 2.88 11.52 5.91
CA SER A 132 3.28 11.72 7.30
C SER A 132 3.88 13.11 7.57
N GLU A 133 3.83 14.02 6.60
CA GLU A 133 4.34 15.37 6.73
C GLU A 133 3.29 16.27 7.38
N GLY A 134 2.24 16.66 6.64
CA GLY A 134 1.16 17.51 7.12
C GLY A 134 -0.12 16.72 7.28
N GLY A 135 -0.35 15.76 6.37
CA GLY A 135 -1.51 14.89 6.34
C GLY A 135 -2.28 15.12 5.06
N CYS A 136 -1.63 14.88 3.91
CA CYS A 136 -2.28 15.02 2.61
C CYS A 136 -3.03 13.70 2.30
N PRO A 137 -3.91 13.66 1.29
CA PRO A 137 -4.59 12.41 0.97
C PRO A 137 -3.52 11.44 0.47
N LEU A 138 -3.73 10.14 0.69
CA LEU A 138 -2.79 9.13 0.27
C LEU A 138 -2.80 9.16 -1.25
N ILE A 139 -1.65 9.33 -1.89
CA ILE A 139 -1.53 9.38 -3.33
C ILE A 139 -0.18 8.81 -3.79
N LEU A 140 -0.04 8.55 -5.10
CA LEU A 140 1.20 8.07 -5.69
C LEU A 140 2.10 9.29 -5.90
N THR A 141 3.40 9.05 -6.04
CA THR A 141 4.38 10.10 -6.28
C THR A 141 5.51 9.51 -7.07
N GLN A 142 5.83 10.15 -8.19
CA GLN A 142 6.91 9.71 -9.04
C GLN A 142 8.26 10.22 -8.51
N GLU A 143 8.32 11.48 -8.09
CA GLU A 143 9.58 12.07 -7.63
C GLU A 143 9.32 13.25 -6.69
N LEU A 144 9.08 12.94 -5.41
CA LEU A 144 8.82 13.94 -4.39
C LEU A 144 10.08 14.73 -4.08
N GLY A 145 9.88 15.95 -3.60
CA GLY A 145 10.91 16.90 -3.24
C GLY A 145 10.86 17.11 -1.75
N LYS A 146 11.12 16.04 -0.99
CA LYS A 146 11.10 16.02 0.48
C LYS A 146 9.82 16.65 1.03
N ALA A 147 8.68 16.42 0.35
CA ALA A 147 7.40 16.94 0.76
C ALA A 147 6.42 15.80 1.08
N ASN A 148 6.80 14.54 0.87
CA ASN A 148 5.95 13.41 1.19
C ASN A 148 6.83 12.30 1.73
N THR A 149 6.20 11.23 2.21
CA THR A 149 6.87 10.07 2.78
C THR A 149 6.58 8.86 1.90
N THR A 150 7.55 8.38 1.13
CA THR A 150 7.39 7.20 0.27
C THR A 150 8.09 5.99 0.88
N ASP A 151 9.22 6.25 1.52
CA ASP A 151 10.12 5.33 2.17
C ASP A 151 9.81 5.23 3.66
N PHE A 152 9.10 4.19 4.08
CA PHE A 152 8.72 3.88 5.46
C PHE A 152 8.13 2.47 5.56
N GLY A 153 7.88 1.99 6.78
CA GLY A 153 7.33 0.68 7.07
C GLY A 153 6.11 0.81 7.97
N LEU A 154 5.57 -0.32 8.43
CA LEU A 154 4.41 -0.34 9.30
C LEU A 154 4.48 -1.46 10.34
N THR A 155 3.58 -1.41 11.30
CA THR A 155 3.45 -2.34 12.39
C THR A 155 2.65 -3.56 11.96
N MET A 156 3.25 -4.46 11.17
CA MET A 156 2.57 -5.68 10.75
C MET A 156 2.57 -6.64 11.94
N LEU A 157 1.59 -7.51 11.97
CA LEU A 157 1.27 -8.51 12.96
C LEU A 157 0.92 -9.84 12.26
N PHE A 158 0.32 -10.78 12.98
CA PHE A 158 -0.06 -12.11 12.51
C PHE A 158 -1.53 -12.45 12.71
N MET A 1 16.40 -8.44 4.23
CA MET A 1 15.43 -8.98 3.28
C MET A 1 15.04 -10.40 3.65
N GLU A 2 13.74 -10.64 3.82
CA GLU A 2 13.22 -11.97 4.14
C GLU A 2 12.89 -12.60 2.79
N LYS A 3 13.01 -13.93 2.69
CA LYS A 3 12.77 -14.65 1.44
C LYS A 3 11.35 -15.15 1.20
N ALA A 4 10.44 -14.89 2.12
CA ALA A 4 9.03 -15.30 2.08
C ALA A 4 8.95 -16.80 2.40
N LEU A 5 9.02 -17.09 3.70
CA LEU A 5 8.98 -18.44 4.28
C LEU A 5 8.52 -18.46 5.73
N LYS A 6 8.05 -17.32 6.23
CA LYS A 6 7.59 -17.12 7.60
C LYS A 6 6.58 -15.96 7.67
N ILE A 7 6.11 -15.54 6.49
CA ILE A 7 5.19 -14.45 6.21
C ILE A 7 4.32 -14.89 5.02
N ASP A 8 4.02 -16.20 4.97
CA ASP A 8 3.22 -16.84 3.94
C ASP A 8 1.74 -16.72 4.25
N THR A 9 1.40 -16.52 5.52
CA THR A 9 0.04 -16.33 6.00
C THR A 9 -0.26 -14.83 5.81
N PRO A 10 -1.52 -14.40 5.89
CA PRO A 10 -1.81 -12.98 5.76
C PRO A 10 -1.31 -12.33 7.05
N GLN A 11 -0.83 -11.10 6.99
CA GLN A 11 -0.37 -10.39 8.19
C GLN A 11 -1.08 -9.07 8.18
N GLN A 12 -1.90 -8.82 9.19
CA GLN A 12 -2.66 -7.59 9.28
C GLN A 12 -2.31 -6.87 10.56
N GLY A 13 -2.19 -5.55 10.52
CA GLY A 13 -1.84 -4.77 11.69
C GLY A 13 -2.04 -3.30 11.42
N SER A 14 -1.00 -2.48 11.50
CA SER A 14 -1.16 -1.05 11.30
C SER A 14 0.08 -0.33 10.71
N ILE A 15 -0.05 0.97 10.46
CA ILE A 15 0.97 1.90 9.92
C ILE A 15 0.83 3.26 10.63
N GLN A 16 -0.21 3.51 11.43
CA GLN A 16 -0.39 4.81 12.06
C GLN A 16 0.74 5.29 12.96
N ASP A 17 1.44 4.36 13.61
CA ASP A 17 2.55 4.61 14.53
C ASP A 17 3.72 5.37 13.90
N ILE A 18 3.77 5.49 12.57
CA ILE A 18 4.83 6.20 11.86
C ILE A 18 5.00 7.63 12.36
N ASN A 19 3.89 8.37 12.45
CA ASN A 19 3.89 9.76 12.92
C ASN A 19 2.51 10.07 13.51
N HIS A 20 1.86 9.06 14.07
CA HIS A 20 0.53 9.11 14.70
C HIS A 20 -0.61 9.45 13.73
N ARG A 21 -0.32 9.50 12.44
CA ARG A 21 -1.22 9.79 11.35
C ARG A 21 -1.98 8.54 11.06
N VAL A 22 -3.24 8.47 11.46
CA VAL A 22 -4.03 7.30 11.17
C VAL A 22 -4.53 7.52 9.73
N TRP A 23 -5.22 6.56 9.14
CA TRP A 23 -5.74 6.67 7.77
C TRP A 23 -7.25 6.45 7.82
N VAL A 24 -8.03 7.29 7.14
CA VAL A 24 -9.50 7.14 7.14
C VAL A 24 -9.98 7.24 5.72
N LEU A 25 -10.87 6.32 5.30
CA LEU A 25 -11.42 6.37 3.95
C LEU A 25 -12.38 7.58 3.96
N GLN A 26 -12.11 8.66 3.24
CA GLN A 26 -12.96 9.84 3.19
C GLN A 26 -13.20 10.24 1.73
N ASP A 27 -14.46 10.38 1.34
CA ASP A 27 -14.87 10.78 -0.01
C ASP A 27 -14.07 10.03 -1.07
N GLN A 28 -14.13 8.70 -0.98
CA GLN A 28 -13.48 7.76 -1.87
C GLN A 28 -11.94 7.89 -2.00
N THR A 29 -11.25 8.48 -1.03
CA THR A 29 -9.80 8.64 -1.02
C THR A 29 -9.33 8.45 0.42
N LEU A 30 -8.20 7.76 0.64
CA LEU A 30 -7.74 7.60 2.02
C LEU A 30 -7.05 8.90 2.44
N ILE A 31 -7.38 9.46 3.60
CA ILE A 31 -6.77 10.71 4.11
C ILE A 31 -6.16 10.48 5.48
N ALA A 32 -4.92 10.95 5.68
CA ALA A 32 -4.23 10.81 6.94
C ALA A 32 -4.81 11.81 7.95
N VAL A 33 -4.92 11.39 9.21
CA VAL A 33 -5.46 12.17 10.33
C VAL A 33 -4.51 12.20 11.54
N PRO A 34 -3.40 12.96 11.52
CA PRO A 34 -2.50 13.02 12.67
C PRO A 34 -3.10 13.90 13.79
N ARG A 35 -3.09 15.21 13.60
CA ARG A 35 -3.60 16.20 14.54
C ARG A 35 -5.03 16.51 14.10
N LYS A 36 -5.97 15.57 14.23
CA LYS A 36 -7.37 15.73 13.85
C LYS A 36 -8.20 15.24 15.02
N ASP A 37 -9.34 15.87 15.25
CA ASP A 37 -10.21 15.48 16.36
C ASP A 37 -10.96 14.20 16.02
N ARG A 38 -11.79 14.27 14.98
CA ARG A 38 -12.63 13.16 14.52
C ARG A 38 -11.89 12.04 13.79
N MET A 39 -10.71 11.64 14.26
CA MET A 39 -9.97 10.56 13.62
C MET A 39 -10.64 9.23 14.01
N SER A 40 -10.30 8.17 13.31
CA SER A 40 -10.82 6.85 13.55
C SER A 40 -9.72 5.84 13.22
N PRO A 41 -9.62 4.73 13.98
CA PRO A 41 -8.61 3.71 13.73
C PRO A 41 -8.89 2.94 12.45
N VAL A 42 -7.88 2.20 12.00
CA VAL A 42 -7.96 1.36 10.82
C VAL A 42 -6.92 0.28 11.00
N THR A 43 -7.03 -0.77 10.20
CA THR A 43 -6.13 -1.91 10.21
C THR A 43 -5.63 -2.10 8.78
N ILE A 44 -4.41 -2.61 8.58
CA ILE A 44 -3.81 -2.82 7.27
C ILE A 44 -3.41 -4.28 7.08
N ALA A 45 -3.97 -4.97 6.09
CA ALA A 45 -3.69 -6.38 5.76
C ALA A 45 -2.63 -6.42 4.66
N LEU A 46 -1.61 -7.29 4.75
CA LEU A 46 -0.53 -7.41 3.76
C LEU A 46 -0.36 -8.88 3.44
N ILE A 47 -0.22 -9.19 2.15
CA ILE A 47 -0.03 -10.54 1.64
C ILE A 47 0.98 -10.50 0.49
N SER A 48 1.75 -11.57 0.37
CA SER A 48 2.76 -11.83 -0.63
C SER A 48 2.05 -12.55 -1.78
N CYS A 49 2.21 -12.07 -3.01
CA CYS A 49 1.55 -12.71 -4.15
C CYS A 49 2.07 -14.14 -4.30
N ARG A 50 1.20 -15.06 -4.71
CA ARG A 50 1.57 -16.46 -4.90
C ARG A 50 1.79 -16.77 -6.36
N HIS A 51 1.03 -16.14 -7.24
CA HIS A 51 1.08 -16.34 -8.67
C HIS A 51 2.10 -15.39 -9.27
N VAL A 52 3.24 -15.24 -8.60
CA VAL A 52 4.27 -14.35 -9.10
C VAL A 52 4.93 -14.92 -10.36
N GLU A 53 4.69 -16.19 -10.67
CA GLU A 53 5.24 -16.90 -11.83
C GLU A 53 5.00 -16.14 -13.15
N THR A 54 3.83 -15.53 -13.32
CA THR A 54 3.47 -14.77 -14.52
C THR A 54 3.87 -13.29 -14.43
N LEU A 55 4.39 -12.83 -13.28
CA LEU A 55 4.78 -11.45 -13.02
C LEU A 55 6.26 -11.20 -13.32
N GLU A 56 6.90 -10.33 -12.55
CA GLU A 56 8.29 -9.91 -12.65
C GLU A 56 9.01 -10.17 -11.33
N LYS A 57 10.35 -10.23 -11.40
CA LYS A 57 11.24 -10.46 -10.27
C LYS A 57 12.46 -9.54 -10.33
N ASP A 58 12.89 -9.09 -11.52
CA ASP A 58 14.06 -8.22 -11.68
C ASP A 58 13.82 -6.91 -10.95
N ARG A 59 12.63 -6.34 -11.13
CA ARG A 59 12.23 -5.09 -10.53
C ARG A 59 12.33 -5.22 -9.01
N GLY A 60 11.72 -6.27 -8.48
CA GLY A 60 11.66 -6.63 -7.08
C GLY A 60 10.51 -7.63 -6.94
N ASN A 61 10.23 -8.10 -5.73
CA ASN A 61 9.15 -9.07 -5.50
C ASN A 61 7.82 -8.32 -5.39
N PRO A 62 6.84 -8.55 -6.29
CA PRO A 62 5.52 -7.90 -6.26
C PRO A 62 4.67 -8.42 -5.11
N ILE A 63 3.95 -7.54 -4.40
CA ILE A 63 3.10 -7.91 -3.28
C ILE A 63 1.80 -7.10 -3.30
N TYR A 64 0.92 -7.28 -2.30
CA TYR A 64 -0.33 -6.55 -2.21
C TYR A 64 -0.66 -6.22 -0.75
N LEU A 65 -1.49 -5.20 -0.53
CA LEU A 65 -1.88 -4.72 0.79
C LEU A 65 -3.21 -3.98 0.69
N GLY A 66 -3.95 -3.87 1.80
CA GLY A 66 -5.22 -3.16 1.84
C GLY A 66 -5.65 -2.87 3.27
N LEU A 67 -6.81 -2.26 3.44
CA LEU A 67 -7.35 -1.91 4.75
C LEU A 67 -8.31 -3.03 5.20
N ASN A 68 -8.60 -3.13 6.49
CA ASN A 68 -9.53 -4.11 7.02
C ASN A 68 -10.47 -3.36 7.94
N GLY A 69 -11.55 -2.85 7.38
CA GLY A 69 -12.56 -2.09 8.11
C GLY A 69 -13.86 -2.00 7.34
N LEU A 70 -13.79 -1.80 6.02
CA LEU A 70 -14.97 -1.68 5.14
C LEU A 70 -14.77 -2.39 3.78
N ASN A 71 -13.87 -3.38 3.70
CA ASN A 71 -13.54 -4.15 2.49
C ASN A 71 -13.02 -3.22 1.38
N LEU A 72 -11.79 -2.74 1.57
CA LEU A 72 -11.12 -1.80 0.68
C LEU A 72 -9.63 -2.09 0.64
N CYS A 73 -8.98 -2.03 -0.53
CA CYS A 73 -7.55 -2.24 -0.67
C CYS A 73 -6.97 -1.25 -1.67
N LEU A 74 -5.66 -1.28 -1.87
CA LEU A 74 -5.01 -0.37 -2.82
C LEU A 74 -5.55 -0.63 -4.22
N MET A 75 -5.56 0.40 -5.06
CA MET A 75 -6.08 0.25 -6.41
C MET A 75 -5.39 1.33 -7.23
N CYS A 76 -5.17 1.06 -8.52
CA CYS A 76 -4.53 2.01 -9.41
C CYS A 76 -5.44 2.23 -10.59
N ALA A 77 -5.72 3.50 -10.83
CA ALA A 77 -6.57 3.95 -11.92
C ALA A 77 -5.82 5.06 -12.65
N LYS A 78 -6.41 5.67 -13.69
CA LYS A 78 -5.83 6.76 -14.46
C LYS A 78 -6.95 7.77 -14.56
N VAL A 79 -6.74 8.97 -14.03
CA VAL A 79 -7.75 10.05 -14.06
C VAL A 79 -7.87 10.68 -15.45
N GLY A 80 -7.61 9.91 -16.52
CA GLY A 80 -7.66 10.39 -17.89
C GLY A 80 -6.41 11.18 -18.27
N ASP A 81 -5.50 11.39 -17.31
CA ASP A 81 -4.27 12.13 -17.48
C ASP A 81 -3.05 11.34 -17.03
N GLN A 82 -3.08 10.93 -15.77
CA GLN A 82 -2.00 10.21 -15.09
C GLN A 82 -2.58 9.20 -14.08
N PRO A 83 -1.78 8.22 -13.61
CA PRO A 83 -2.26 7.23 -12.66
C PRO A 83 -2.47 7.80 -11.25
N THR A 84 -3.45 7.26 -10.50
CA THR A 84 -3.73 7.68 -9.14
C THR A 84 -4.20 6.48 -8.30
N LEU A 85 -4.31 6.68 -6.98
CA LEU A 85 -4.74 5.67 -6.02
C LEU A 85 -6.26 5.73 -5.85
N GLN A 86 -6.91 4.57 -5.71
CA GLN A 86 -8.37 4.49 -5.54
C GLN A 86 -8.70 3.40 -4.51
N LEU A 87 -8.36 3.63 -3.25
CA LEU A 87 -8.59 2.68 -2.18
C LEU A 87 -9.99 2.89 -1.69
N LYS A 88 -10.88 1.96 -2.02
CA LYS A 88 -12.28 2.03 -1.62
C LYS A 88 -12.99 0.68 -1.78
N GLU A 89 -12.75 0.00 -2.89
CA GLU A 89 -13.40 -1.25 -3.24
C GLU A 89 -12.46 -2.28 -3.86
N LYS A 90 -11.89 -3.15 -3.03
CA LYS A 90 -10.98 -4.21 -3.48
C LYS A 90 -10.77 -5.20 -2.33
N ASP A 91 -10.09 -6.32 -2.60
CA ASP A 91 -9.78 -7.39 -1.64
C ASP A 91 -8.43 -7.99 -1.98
N ILE A 92 -7.62 -8.27 -0.95
CA ILE A 92 -6.29 -8.87 -1.11
C ILE A 92 -6.37 -10.40 -1.13
N MET A 93 -7.10 -10.99 -0.20
CA MET A 93 -7.21 -12.44 -0.11
C MET A 93 -7.84 -13.01 -1.38
N ASP A 94 -8.67 -12.26 -2.09
CA ASP A 94 -9.29 -12.76 -3.31
C ASP A 94 -8.21 -12.97 -4.38
N LEU A 95 -7.40 -11.93 -4.63
CA LEU A 95 -6.31 -12.00 -5.61
C LEU A 95 -5.27 -13.02 -5.23
N TYR A 96 -5.12 -13.29 -3.94
CA TYR A 96 -4.19 -14.28 -3.43
C TYR A 96 -4.79 -15.68 -3.53
N ASN A 97 -6.12 -15.81 -3.47
CA ASN A 97 -6.83 -17.07 -3.53
C ASN A 97 -6.93 -17.58 -4.96
N GLN A 98 -7.10 -16.70 -5.94
CA GLN A 98 -7.19 -17.12 -7.34
C GLN A 98 -5.91 -16.67 -8.06
N PRO A 99 -5.52 -17.27 -9.19
CA PRO A 99 -4.31 -16.89 -9.92
C PRO A 99 -4.51 -15.60 -10.75
N GLU A 100 -5.02 -14.54 -10.13
CA GLU A 100 -5.28 -13.24 -10.78
C GLU A 100 -4.44 -12.13 -10.15
N PRO A 101 -3.13 -12.09 -10.45
CA PRO A 101 -2.24 -11.06 -9.94
C PRO A 101 -2.47 -9.79 -10.80
N VAL A 102 -3.52 -9.03 -10.49
CA VAL A 102 -3.88 -7.82 -11.21
C VAL A 102 -2.85 -6.77 -10.91
N LYS A 103 -1.87 -6.61 -11.81
CA LYS A 103 -0.77 -5.65 -11.66
C LYS A 103 -1.29 -4.26 -11.34
N SER A 104 -2.48 -3.90 -11.82
CA SER A 104 -3.15 -2.63 -11.61
C SER A 104 -3.49 -2.40 -10.13
N PHE A 105 -3.29 -3.38 -9.27
CA PHE A 105 -3.53 -3.26 -7.84
C PHE A 105 -2.23 -3.60 -7.07
N LEU A 106 -1.39 -4.50 -7.62
CA LEU A 106 -0.14 -4.94 -7.01
C LEU A 106 0.93 -3.86 -7.00
N PHE A 107 1.95 -4.04 -6.17
CA PHE A 107 3.08 -3.13 -6.03
C PHE A 107 4.32 -3.91 -5.57
N TYR A 108 5.50 -3.63 -6.10
CA TYR A 108 6.71 -4.32 -5.62
C TYR A 108 7.21 -3.64 -4.37
N HIS A 109 8.04 -4.43 -3.68
CA HIS A 109 8.72 -4.14 -2.44
C HIS A 109 10.23 -4.08 -2.61
N SER A 110 10.79 -2.96 -2.17
CA SER A 110 12.22 -2.65 -2.16
C SER A 110 12.46 -2.12 -0.75
N GLN A 111 13.63 -2.38 -0.18
CA GLN A 111 13.99 -1.95 1.17
C GLN A 111 15.28 -1.15 1.12
N SER A 112 15.41 -0.19 2.03
CA SER A 112 16.56 0.70 2.09
C SER A 112 16.81 1.36 3.46
N GLY A 113 17.40 0.60 4.39
CA GLY A 113 17.77 1.09 5.71
C GLY A 113 16.57 1.22 6.64
N ARG A 114 15.99 0.10 7.06
CA ARG A 114 14.81 0.02 7.92
C ARG A 114 13.57 0.65 7.29
N ASN A 115 13.65 1.01 6.02
CA ASN A 115 12.56 1.59 5.29
C ASN A 115 12.26 0.66 4.13
N SER A 116 11.03 0.66 3.64
CA SER A 116 10.58 -0.17 2.53
C SER A 116 9.66 0.69 1.68
N THR A 117 9.58 0.42 0.38
CA THR A 117 8.76 1.18 -0.56
C THR A 117 7.64 0.32 -1.13
N PHE A 118 6.77 0.99 -1.90
CA PHE A 118 5.62 0.42 -2.56
C PHE A 118 5.55 1.04 -3.94
N GLU A 119 5.92 0.30 -4.99
CA GLU A 119 5.83 0.85 -6.35
C GLU A 119 4.86 0.03 -7.18
N SER A 120 3.93 0.71 -7.85
CA SER A 120 2.92 0.10 -8.68
C SER A 120 3.50 -0.84 -9.74
N VAL A 121 3.01 -2.09 -9.79
CA VAL A 121 3.54 -3.04 -10.77
C VAL A 121 3.05 -2.65 -12.17
N ALA A 122 1.78 -2.28 -12.32
CA ALA A 122 1.23 -1.94 -13.63
C ALA A 122 1.87 -0.70 -14.25
N PHE A 123 2.16 0.32 -13.45
CA PHE A 123 2.77 1.56 -13.91
C PHE A 123 3.99 1.83 -13.04
N PRO A 124 5.13 1.19 -13.37
CA PRO A 124 6.34 1.40 -12.61
C PRO A 124 6.80 2.85 -12.80
N GLY A 125 7.52 3.37 -11.81
CA GLY A 125 8.03 4.73 -11.77
C GLY A 125 7.24 5.57 -10.77
N TRP A 126 6.09 5.09 -10.29
CA TRP A 126 5.23 5.74 -9.31
C TRP A 126 5.25 4.93 -8.01
N PHE A 127 5.37 5.60 -6.88
CA PHE A 127 5.41 5.02 -5.54
C PHE A 127 4.27 5.62 -4.71
N ILE A 128 3.75 4.87 -3.75
CA ILE A 128 2.65 5.31 -2.88
C ILE A 128 3.19 6.22 -1.78
N ALA A 129 2.52 7.35 -1.52
CA ALA A 129 2.92 8.26 -0.46
C ALA A 129 1.97 8.11 0.75
N VAL A 130 2.51 7.83 1.95
CA VAL A 130 1.80 7.64 3.22
C VAL A 130 1.24 8.94 3.82
N SER A 131 1.76 10.08 3.37
CA SER A 131 1.35 11.42 3.80
C SER A 131 1.40 11.64 5.31
N SER A 132 2.60 11.60 5.89
CA SER A 132 2.76 11.77 7.32
C SER A 132 2.92 13.22 7.78
N GLU A 133 3.10 14.15 6.85
CA GLU A 133 3.31 15.58 7.06
C GLU A 133 2.23 16.34 7.82
N GLY A 134 1.09 16.64 7.18
CA GLY A 134 -0.03 17.38 7.74
C GLY A 134 -1.37 16.68 7.56
N GLY A 135 -1.33 15.38 7.24
CA GLY A 135 -2.52 14.57 7.04
C GLY A 135 -3.04 14.75 5.62
N CYS A 136 -2.20 14.51 4.61
CA CYS A 136 -2.58 14.64 3.21
C CYS A 136 -3.28 13.35 2.73
N PRO A 137 -3.94 13.39 1.56
CA PRO A 137 -4.59 12.23 1.00
C PRO A 137 -3.52 11.31 0.38
N LEU A 138 -3.80 10.01 0.36
CA LEU A 138 -2.91 9.00 -0.15
C LEU A 138 -2.98 9.04 -1.67
N ILE A 139 -1.84 9.39 -2.27
CA ILE A 139 -1.66 9.50 -3.71
C ILE A 139 -0.31 8.91 -4.13
N LEU A 140 -0.11 8.75 -5.44
CA LEU A 140 1.13 8.22 -5.97
C LEU A 140 2.06 9.43 -6.17
N THR A 141 3.34 9.17 -6.37
CA THR A 141 4.34 10.20 -6.64
C THR A 141 5.47 9.55 -7.41
N GLN A 142 5.93 10.26 -8.42
CA GLN A 142 7.03 9.81 -9.25
C GLN A 142 8.36 10.08 -8.53
N GLU A 143 8.46 11.25 -7.89
CA GLU A 143 9.62 11.75 -7.18
C GLU A 143 9.08 12.82 -6.27
N LEU A 144 8.96 12.43 -5.02
CA LEU A 144 8.51 13.31 -3.98
C LEU A 144 9.59 14.39 -3.90
N GLY A 145 9.16 15.58 -3.53
CA GLY A 145 10.04 16.73 -3.42
C GLY A 145 10.07 17.29 -2.01
N LYS A 146 9.26 16.73 -1.10
CA LYS A 146 9.14 17.14 0.28
C LYS A 146 9.22 15.90 1.18
N ALA A 147 8.42 15.84 2.24
CA ALA A 147 8.36 14.77 3.21
C ALA A 147 7.08 13.97 3.01
N ASN A 148 6.69 13.77 1.75
CA ASN A 148 5.50 13.04 1.32
C ASN A 148 5.41 11.60 1.86
N THR A 149 6.51 11.09 2.42
CA THR A 149 6.72 9.78 3.02
C THR A 149 6.42 8.62 2.07
N THR A 150 7.41 8.19 1.32
CA THR A 150 7.26 7.09 0.38
C THR A 150 8.04 5.83 0.81
N ASP A 151 8.80 5.91 1.92
CA ASP A 151 9.62 4.78 2.40
C ASP A 151 9.57 4.61 3.92
N PHE A 152 8.92 3.53 4.39
CA PHE A 152 8.74 3.18 5.80
C PHE A 152 8.44 1.68 5.99
N GLY A 153 8.19 1.26 7.23
CA GLY A 153 7.88 -0.12 7.61
C GLY A 153 6.38 -0.28 7.88
N LEU A 154 5.99 -1.46 8.37
CA LEU A 154 4.61 -1.80 8.70
C LEU A 154 4.57 -2.46 10.07
N THR A 155 3.49 -2.23 10.82
CA THR A 155 3.26 -2.77 12.15
C THR A 155 2.25 -3.94 12.00
N MET A 156 2.47 -4.80 11.00
CA MET A 156 1.62 -5.96 10.71
C MET A 156 1.73 -6.97 11.85
N LEU A 157 0.70 -7.78 12.05
CA LEU A 157 0.61 -8.79 13.10
C LEU A 157 0.23 -10.13 12.48
N PHE A 158 0.27 -11.18 13.31
CA PHE A 158 -0.05 -12.56 12.99
C PHE A 158 -0.72 -13.09 14.25
N MET A 1 0.48 -25.18 -1.75
CA MET A 1 1.19 -25.77 -0.60
C MET A 1 2.68 -25.49 -0.70
N GLU A 2 3.12 -24.61 0.18
CA GLU A 2 4.46 -24.12 0.34
C GLU A 2 5.25 -25.13 1.18
N LYS A 3 6.54 -24.86 1.38
CA LYS A 3 7.40 -25.74 2.17
C LYS A 3 7.53 -25.18 3.58
N ALA A 4 8.13 -23.99 3.73
CA ALA A 4 8.31 -23.32 5.00
C ALA A 4 8.80 -21.92 4.73
N LEU A 5 7.95 -20.96 5.01
CA LEU A 5 8.17 -19.54 4.84
C LEU A 5 7.28 -18.81 5.85
N LYS A 6 7.51 -17.52 6.02
CA LYS A 6 6.77 -16.67 6.95
C LYS A 6 5.93 -15.62 6.25
N ILE A 7 6.29 -15.26 5.03
CA ILE A 7 5.57 -14.25 4.29
C ILE A 7 4.17 -14.73 3.88
N ASP A 8 3.95 -16.04 3.76
CA ASP A 8 2.66 -16.61 3.37
C ASP A 8 1.58 -16.11 4.35
N THR A 9 1.86 -16.15 5.66
CA THR A 9 0.88 -15.68 6.64
C THR A 9 0.60 -14.18 6.46
N PRO A 10 -0.68 -13.76 6.39
CA PRO A 10 -1.04 -12.36 6.23
C PRO A 10 -0.63 -11.58 7.48
N GLN A 11 -0.04 -10.40 7.30
CA GLN A 11 0.39 -9.54 8.40
C GLN A 11 -0.43 -8.27 8.37
N GLN A 12 -1.31 -8.06 9.35
CA GLN A 12 -2.16 -6.88 9.41
C GLN A 12 -1.70 -5.97 10.56
N GLY A 13 -1.77 -4.65 10.44
CA GLY A 13 -1.35 -3.70 11.46
C GLY A 13 -1.69 -2.25 11.08
N SER A 14 -0.81 -1.27 11.36
CA SER A 14 -1.03 0.14 11.07
C SER A 14 0.21 0.84 10.48
N ILE A 15 0.12 2.15 10.25
CA ILE A 15 1.17 3.02 9.71
C ILE A 15 1.11 4.41 10.39
N GLN A 16 0.09 4.68 11.22
CA GLN A 16 -0.07 5.97 11.89
C GLN A 16 0.91 6.20 13.03
N ASP A 17 1.44 5.13 13.62
CA ASP A 17 2.38 5.05 14.73
C ASP A 17 3.79 5.49 14.29
N ILE A 18 3.84 6.49 13.41
CA ILE A 18 4.99 7.10 12.79
C ILE A 18 5.01 8.59 13.10
N ASN A 19 4.08 9.35 12.51
CA ASN A 19 4.02 10.78 12.69
C ASN A 19 2.64 11.23 13.13
N HIS A 20 1.88 10.34 13.78
CA HIS A 20 0.55 10.64 14.27
C HIS A 20 -0.39 10.91 13.08
N ARG A 21 -0.20 10.20 11.96
CA ARG A 21 -1.00 10.36 10.75
C ARG A 21 -1.97 9.21 10.62
N VAL A 22 -3.11 9.28 11.31
CA VAL A 22 -4.09 8.20 11.21
C VAL A 22 -4.72 8.28 9.84
N TRP A 23 -4.86 7.17 9.15
CA TRP A 23 -5.49 7.11 7.84
C TRP A 23 -6.98 6.86 8.06
N VAL A 24 -7.86 7.44 7.26
CA VAL A 24 -9.30 7.22 7.38
C VAL A 24 -9.89 7.20 5.98
N LEU A 25 -10.71 6.19 5.67
CA LEU A 25 -11.36 6.12 4.38
C LEU A 25 -12.40 7.25 4.43
N GLN A 26 -12.27 8.28 3.60
CA GLN A 26 -13.15 9.42 3.55
C GLN A 26 -13.51 9.67 2.09
N ASP A 27 -14.80 9.68 1.79
CA ASP A 27 -15.34 9.91 0.46
C ASP A 27 -14.63 9.10 -0.62
N GLN A 28 -14.50 7.80 -0.39
CA GLN A 28 -13.86 6.84 -1.29
C GLN A 28 -12.34 7.04 -1.51
N THR A 29 -11.63 7.80 -0.68
CA THR A 29 -10.18 8.02 -0.78
C THR A 29 -9.64 7.94 0.65
N LEU A 30 -8.38 7.55 0.86
CA LEU A 30 -7.82 7.48 2.21
C LEU A 30 -7.17 8.82 2.50
N ILE A 31 -7.50 9.42 3.64
CA ILE A 31 -6.97 10.74 4.04
C ILE A 31 -6.38 10.66 5.44
N ALA A 32 -5.23 11.32 5.64
CA ALA A 32 -4.51 11.37 6.89
C ALA A 32 -5.12 12.45 7.76
N VAL A 33 -5.46 12.08 8.99
CA VAL A 33 -6.07 12.96 9.98
C VAL A 33 -5.04 13.19 11.09
N PRO A 34 -4.31 14.33 11.09
CA PRO A 34 -3.31 14.62 12.11
C PRO A 34 -3.94 15.00 13.46
N ARG A 35 -5.11 15.65 13.45
CA ARG A 35 -5.83 16.10 14.63
C ARG A 35 -6.84 15.03 15.06
N LYS A 36 -7.32 15.10 16.30
CA LYS A 36 -8.29 14.17 16.87
C LYS A 36 -9.70 14.77 16.77
N ASP A 37 -9.95 15.77 15.92
CA ASP A 37 -11.29 16.37 15.79
C ASP A 37 -12.30 15.26 15.53
N ARG A 38 -12.02 14.41 14.54
CA ARG A 38 -12.87 13.28 14.19
C ARG A 38 -12.03 12.26 13.43
N MET A 39 -11.27 11.43 14.14
CA MET A 39 -10.45 10.38 13.54
C MET A 39 -11.09 9.04 13.88
N SER A 40 -10.63 7.96 13.24
CA SER A 40 -11.12 6.62 13.44
C SER A 40 -9.95 5.68 13.23
N PRO A 41 -9.69 4.72 14.14
CA PRO A 41 -8.61 3.78 13.95
C PRO A 41 -8.95 2.90 12.73
N VAL A 42 -7.91 2.45 12.03
CA VAL A 42 -8.00 1.62 10.84
C VAL A 42 -6.85 0.62 10.91
N THR A 43 -6.86 -0.35 10.00
CA THR A 43 -5.84 -1.36 9.93
C THR A 43 -5.44 -1.54 8.47
N ILE A 44 -4.24 -2.07 8.27
CA ILE A 44 -3.60 -2.36 7.00
C ILE A 44 -3.39 -3.86 6.99
N ALA A 45 -3.52 -4.52 5.85
CA ALA A 45 -3.33 -5.95 5.65
C ALA A 45 -2.24 -6.09 4.61
N LEU A 46 -1.20 -6.90 4.83
CA LEU A 46 -0.12 -7.09 3.88
C LEU A 46 0.05 -8.59 3.66
N ILE A 47 0.14 -8.99 2.40
CA ILE A 47 0.29 -10.37 1.96
C ILE A 47 1.17 -10.35 0.72
N SER A 48 1.92 -11.42 0.54
CA SER A 48 2.78 -11.54 -0.61
C SER A 48 1.90 -12.01 -1.78
N CYS A 49 2.38 -11.92 -3.01
CA CYS A 49 1.64 -12.41 -4.16
C CYS A 49 2.03 -13.87 -4.31
N ARG A 50 1.19 -14.66 -4.98
CA ARG A 50 1.53 -16.06 -5.20
C ARG A 50 1.70 -16.44 -6.67
N HIS A 51 1.44 -15.52 -7.59
CA HIS A 51 1.57 -15.75 -9.02
C HIS A 51 2.63 -14.77 -9.53
N VAL A 52 3.83 -14.85 -8.95
CA VAL A 52 4.96 -14.01 -9.31
C VAL A 52 5.70 -14.58 -10.53
N GLU A 53 5.39 -15.82 -10.92
CA GLU A 53 5.96 -16.54 -12.06
C GLU A 53 5.61 -15.88 -13.41
N THR A 54 4.75 -14.86 -13.42
CA THR A 54 4.34 -14.12 -14.61
C THR A 54 4.67 -12.63 -14.45
N LEU A 55 5.39 -12.24 -13.40
CA LEU A 55 5.75 -10.85 -13.14
C LEU A 55 7.21 -10.58 -13.39
N GLU A 56 7.58 -9.31 -13.31
CA GLU A 56 8.93 -8.84 -13.47
C GLU A 56 9.64 -9.08 -12.15
N LYS A 57 10.96 -9.21 -12.20
CA LYS A 57 11.77 -9.45 -11.00
C LYS A 57 12.89 -8.42 -10.90
N ASP A 58 13.53 -8.07 -12.01
CA ASP A 58 14.65 -7.12 -12.10
C ASP A 58 14.39 -5.80 -11.39
N ARG A 59 13.16 -5.27 -11.48
CA ARG A 59 12.81 -4.02 -10.84
C ARG A 59 12.87 -4.15 -9.31
N GLY A 60 12.54 -5.32 -8.80
CA GLY A 60 12.52 -5.67 -7.41
C GLY A 60 11.34 -6.60 -7.10
N ASN A 61 11.20 -6.95 -5.82
CA ASN A 61 10.16 -7.87 -5.34
C ASN A 61 8.74 -7.29 -5.18
N PRO A 62 7.74 -7.73 -5.98
CA PRO A 62 6.36 -7.27 -5.90
C PRO A 62 5.58 -7.98 -4.79
N ILE A 63 4.61 -7.33 -4.15
CA ILE A 63 3.74 -7.86 -3.08
C ILE A 63 2.37 -7.15 -3.14
N TYR A 64 1.50 -7.38 -2.15
CA TYR A 64 0.16 -6.83 -2.01
C TYR A 64 -0.11 -6.28 -0.61
N LEU A 65 -0.93 -5.23 -0.51
CA LEU A 65 -1.27 -4.56 0.75
C LEU A 65 -2.59 -3.82 0.59
N GLY A 66 -3.50 -3.96 1.54
CA GLY A 66 -4.79 -3.30 1.54
C GLY A 66 -5.16 -2.86 2.94
N LEU A 67 -6.41 -2.47 3.15
CA LEU A 67 -6.91 -2.04 4.45
C LEU A 67 -7.67 -3.23 5.03
N ASN A 68 -7.88 -3.28 6.34
CA ASN A 68 -8.57 -4.40 6.96
C ASN A 68 -9.79 -3.84 7.67
N GLY A 69 -10.92 -3.70 6.97
CA GLY A 69 -12.11 -3.15 7.61
C GLY A 69 -13.39 -3.19 6.79
N LEU A 70 -13.35 -2.96 5.47
CA LEU A 70 -14.54 -2.96 4.60
C LEU A 70 -14.26 -3.65 3.25
N ASN A 71 -13.18 -4.44 3.16
CA ASN A 71 -12.79 -5.17 1.94
C ASN A 71 -12.38 -4.13 0.89
N LEU A 72 -11.25 -3.47 1.15
CA LEU A 72 -10.70 -2.42 0.31
C LEU A 72 -9.19 -2.47 0.39
N CYS A 73 -8.52 -2.13 -0.70
CA CYS A 73 -7.08 -2.11 -0.81
C CYS A 73 -6.59 -0.99 -1.70
N LEU A 74 -5.28 -0.93 -1.95
CA LEU A 74 -4.73 0.09 -2.83
C LEU A 74 -5.24 -0.19 -4.24
N MET A 75 -5.22 0.78 -5.16
CA MET A 75 -5.70 0.50 -6.51
C MET A 75 -5.14 1.59 -7.39
N CYS A 76 -4.49 1.23 -8.49
CA CYS A 76 -3.92 2.21 -9.39
C CYS A 76 -4.86 2.46 -10.55
N ALA A 77 -5.28 3.71 -10.68
CA ALA A 77 -6.17 4.20 -11.73
C ALA A 77 -5.46 5.34 -12.43
N LYS A 78 -6.02 5.90 -13.49
CA LYS A 78 -5.44 7.02 -14.24
C LYS A 78 -6.60 7.93 -14.49
N VAL A 79 -6.54 9.18 -14.01
CA VAL A 79 -7.64 10.13 -14.21
C VAL A 79 -7.72 10.67 -15.65
N GLY A 80 -7.01 10.06 -16.59
CA GLY A 80 -6.95 10.44 -17.98
C GLY A 80 -5.67 11.24 -18.21
N ASP A 81 -5.12 11.86 -17.17
CA ASP A 81 -3.90 12.65 -17.27
C ASP A 81 -2.73 12.09 -16.50
N GLN A 82 -2.95 11.55 -15.30
CA GLN A 82 -1.90 10.99 -14.45
C GLN A 82 -2.45 9.84 -13.59
N PRO A 83 -1.57 8.95 -13.10
CA PRO A 83 -1.97 7.83 -12.27
C PRO A 83 -2.38 8.32 -10.87
N THR A 84 -3.37 7.66 -10.26
CA THR A 84 -3.89 8.05 -8.95
C THR A 84 -4.32 6.82 -8.18
N LEU A 85 -4.37 6.91 -6.86
CA LEU A 85 -4.82 5.80 -6.03
C LEU A 85 -6.35 5.84 -6.00
N GLN A 86 -7.01 4.68 -5.88
CA GLN A 86 -8.46 4.53 -5.84
C GLN A 86 -8.82 3.37 -4.91
N LEU A 87 -8.56 3.56 -3.62
CA LEU A 87 -8.75 2.65 -2.53
C LEU A 87 -10.17 2.74 -2.10
N LYS A 88 -10.90 1.66 -2.34
CA LYS A 88 -12.31 1.56 -1.98
C LYS A 88 -12.94 0.21 -2.32
N GLU A 89 -12.50 -0.50 -3.36
CA GLU A 89 -13.05 -1.78 -3.79
C GLU A 89 -11.99 -2.75 -4.36
N LYS A 90 -11.38 -3.58 -3.51
CA LYS A 90 -10.35 -4.58 -3.88
C LYS A 90 -10.18 -5.51 -2.67
N ASP A 91 -9.64 -6.71 -2.88
CA ASP A 91 -9.39 -7.74 -1.86
C ASP A 91 -8.04 -8.36 -2.14
N ILE A 92 -7.32 -8.75 -1.08
CA ILE A 92 -5.99 -9.36 -1.17
C ILE A 92 -6.09 -10.88 -1.13
N MET A 93 -6.96 -11.44 -0.28
CA MET A 93 -7.07 -12.89 -0.19
C MET A 93 -7.53 -13.47 -1.52
N ASP A 94 -8.26 -12.70 -2.35
CA ASP A 94 -8.70 -13.24 -3.64
C ASP A 94 -7.50 -13.59 -4.53
N LEU A 95 -6.56 -12.64 -4.62
CA LEU A 95 -5.31 -12.70 -5.38
C LEU A 95 -4.42 -13.81 -4.84
N TYR A 96 -4.54 -14.13 -3.55
CA TYR A 96 -3.79 -15.22 -2.94
C TYR A 96 -4.54 -16.54 -3.14
N ASN A 97 -5.85 -16.53 -3.41
CA ASN A 97 -6.67 -17.72 -3.62
C ASN A 97 -6.67 -18.16 -5.09
N GLN A 98 -6.45 -17.25 -6.04
CA GLN A 98 -6.42 -17.53 -7.47
C GLN A 98 -5.24 -16.80 -8.16
N PRO A 99 -4.77 -17.24 -9.33
CA PRO A 99 -3.64 -16.63 -10.04
C PRO A 99 -3.99 -15.31 -10.73
N GLU A 100 -4.27 -14.25 -9.95
CA GLU A 100 -4.60 -12.93 -10.48
C GLU A 100 -3.57 -11.87 -10.02
N PRO A 101 -2.35 -11.84 -10.55
CA PRO A 101 -1.34 -10.86 -10.18
C PRO A 101 -1.62 -9.56 -10.94
N VAL A 102 -2.61 -8.80 -10.47
CA VAL A 102 -3.06 -7.54 -11.02
C VAL A 102 -1.98 -6.48 -10.80
N LYS A 103 -1.20 -6.13 -11.83
CA LYS A 103 -0.15 -5.11 -11.72
C LYS A 103 -0.69 -3.78 -11.20
N SER A 104 -1.93 -3.41 -11.50
CA SER A 104 -2.51 -2.15 -11.02
C SER A 104 -2.72 -2.15 -9.49
N PHE A 105 -2.55 -3.29 -8.82
CA PHE A 105 -2.70 -3.38 -7.38
C PHE A 105 -1.37 -3.89 -6.77
N LEU A 106 -0.47 -4.50 -7.54
CA LEU A 106 0.80 -4.98 -7.01
C LEU A 106 1.75 -3.81 -6.78
N PHE A 107 2.62 -3.92 -5.78
CA PHE A 107 3.62 -2.89 -5.46
C PHE A 107 4.96 -3.52 -5.11
N TYR A 108 6.03 -3.05 -5.75
CA TYR A 108 7.39 -3.50 -5.53
C TYR A 108 7.84 -2.88 -4.19
N HIS A 109 8.33 -3.70 -3.25
CA HIS A 109 8.80 -3.23 -1.96
C HIS A 109 10.31 -3.01 -1.96
N SER A 110 10.75 -1.77 -1.76
CA SER A 110 12.17 -1.43 -1.70
C SER A 110 12.52 -1.00 -0.28
N GLN A 111 13.76 -0.60 -0.08
CA GLN A 111 14.34 -0.14 1.17
C GLN A 111 15.45 0.85 0.88
N SER A 112 15.60 1.81 1.80
CA SER A 112 16.60 2.85 1.71
C SER A 112 16.85 3.59 3.02
N GLY A 113 17.75 3.07 3.84
CA GLY A 113 18.18 3.64 5.09
C GLY A 113 17.18 3.41 6.20
N ARG A 114 17.07 2.15 6.65
CA ARG A 114 16.16 1.68 7.72
C ARG A 114 14.69 1.84 7.36
N ASN A 115 14.41 2.40 6.20
CA ASN A 115 13.07 2.64 5.69
C ASN A 115 12.77 1.76 4.50
N SER A 116 11.50 1.67 4.11
CA SER A 116 11.00 0.87 3.00
C SER A 116 10.05 1.70 2.13
N THR A 117 9.76 1.28 0.90
CA THR A 117 8.87 1.97 -0.04
C THR A 117 8.03 0.97 -0.80
N PHE A 118 7.02 1.46 -1.53
CA PHE A 118 6.10 0.68 -2.34
C PHE A 118 5.85 1.41 -3.66
N GLU A 119 6.38 0.86 -4.75
CA GLU A 119 6.26 1.38 -6.12
C GLU A 119 5.20 0.59 -6.89
N SER A 120 4.27 1.28 -7.55
CA SER A 120 3.21 0.62 -8.35
C SER A 120 3.87 -0.25 -9.43
N VAL A 121 3.52 -1.53 -9.50
CA VAL A 121 4.09 -2.41 -10.53
C VAL A 121 3.58 -2.02 -11.90
N ALA A 122 2.26 -1.83 -12.07
CA ALA A 122 1.67 -1.47 -13.34
C ALA A 122 2.34 -0.21 -13.91
N PHE A 123 2.68 0.74 -13.03
CA PHE A 123 3.31 2.00 -13.42
C PHE A 123 4.41 2.33 -12.42
N PRO A 124 5.65 1.89 -12.68
CA PRO A 124 6.78 2.14 -11.79
C PRO A 124 7.18 3.63 -11.77
N GLY A 125 8.13 3.96 -10.91
CA GLY A 125 8.66 5.30 -10.69
C GLY A 125 7.78 6.11 -9.75
N TRP A 126 6.56 5.63 -9.48
CA TRP A 126 5.61 6.28 -8.60
C TRP A 126 5.44 5.45 -7.32
N PHE A 127 5.81 6.05 -6.21
CA PHE A 127 5.77 5.52 -4.86
C PHE A 127 4.53 6.03 -4.15
N ILE A 128 3.78 5.16 -3.48
CA ILE A 128 2.57 5.55 -2.75
C ILE A 128 2.96 6.33 -1.51
N ALA A 129 2.50 7.58 -1.36
CA ALA A 129 2.87 8.31 -0.17
C ALA A 129 1.93 8.01 0.99
N VAL A 130 2.31 8.41 2.21
CA VAL A 130 1.55 8.21 3.44
C VAL A 130 0.93 9.50 3.96
N SER A 131 1.39 10.66 3.49
CA SER A 131 0.90 11.98 3.91
C SER A 131 1.39 12.31 5.31
N SER A 132 2.69 12.45 5.42
CA SER A 132 3.37 12.74 6.68
C SER A 132 3.97 14.15 6.64
N GLU A 133 3.28 15.06 5.95
CA GLU A 133 3.73 16.44 5.82
C GLU A 133 2.74 17.41 6.44
N GLY A 134 1.44 17.27 6.15
CA GLY A 134 0.41 18.14 6.70
C GLY A 134 -0.82 17.30 7.02
N GLY A 135 -1.39 16.64 6.02
CA GLY A 135 -2.56 15.79 6.15
C GLY A 135 -3.24 15.69 4.80
N CYS A 136 -2.47 15.33 3.76
CA CYS A 136 -3.02 15.20 2.42
C CYS A 136 -3.58 13.78 2.21
N PRO A 137 -4.19 13.44 1.06
CA PRO A 137 -4.72 12.10 0.80
C PRO A 137 -3.60 11.14 0.35
N LEU A 138 -3.90 9.85 0.29
CA LEU A 138 -2.98 8.81 -0.12
C LEU A 138 -3.00 8.64 -1.62
N ILE A 139 -1.90 8.99 -2.27
CA ILE A 139 -1.72 8.86 -3.71
C ILE A 139 -0.31 8.41 -4.03
N LEU A 140 0.03 8.34 -5.31
CA LEU A 140 1.35 7.95 -5.79
C LEU A 140 2.05 9.21 -6.29
N THR A 141 3.32 9.34 -5.95
CA THR A 141 4.18 10.47 -6.31
C THR A 141 5.49 9.92 -6.87
N GLN A 142 6.13 10.72 -7.71
CA GLN A 142 7.39 10.42 -8.34
C GLN A 142 8.52 11.02 -7.51
N GLU A 143 8.19 12.04 -6.72
CA GLU A 143 9.13 12.77 -5.90
C GLU A 143 8.55 12.88 -4.50
N LEU A 144 8.97 11.94 -3.67
CA LEU A 144 8.60 11.82 -2.26
C LEU A 144 9.41 12.80 -1.40
N GLY A 145 9.16 12.80 -0.09
CA GLY A 145 9.85 13.66 0.88
C GLY A 145 9.62 15.14 0.58
N LYS A 146 8.77 15.42 -0.41
CA LYS A 146 8.42 16.70 -0.90
C LYS A 146 7.12 17.13 -0.25
N ALA A 147 5.99 16.85 -0.89
CA ALA A 147 4.70 17.20 -0.34
C ALA A 147 4.17 16.05 0.52
N ASN A 148 4.73 14.83 0.42
CA ASN A 148 4.32 13.67 1.19
C ASN A 148 5.46 12.65 1.22
N THR A 149 5.60 11.95 2.35
CA THR A 149 6.60 10.92 2.60
C THR A 149 6.12 9.59 2.00
N THR A 150 6.99 8.81 1.34
CA THR A 150 6.64 7.50 0.77
C THR A 150 7.50 6.43 1.47
N ASP A 151 8.66 6.84 2.03
CA ASP A 151 9.61 5.96 2.68
C ASP A 151 9.44 5.89 4.18
N PHE A 152 8.99 4.74 4.65
CA PHE A 152 8.74 4.42 6.05
C PHE A 152 8.54 2.91 6.19
N GLY A 153 8.21 2.43 7.39
CA GLY A 153 7.96 1.02 7.69
C GLY A 153 6.47 0.81 7.94
N LEU A 154 6.09 -0.43 8.27
CA LEU A 154 4.71 -0.81 8.53
C LEU A 154 4.61 -1.46 9.90
N THR A 155 3.65 -1.02 10.71
CA THR A 155 3.37 -1.54 12.04
C THR A 155 2.57 -2.86 11.88
N MET A 156 2.81 -3.62 10.81
CA MET A 156 2.15 -4.88 10.49
C MET A 156 2.50 -5.88 11.60
N LEU A 157 1.48 -6.54 12.13
CA LEU A 157 1.57 -7.52 13.20
C LEU A 157 1.50 -8.92 12.60
N PHE A 158 1.64 -9.96 13.41
CA PHE A 158 1.61 -11.34 12.96
C PHE A 158 0.98 -12.20 14.03
N MET A 1 10.00 -29.79 -3.97
CA MET A 1 10.15 -28.79 -2.90
C MET A 1 9.14 -27.71 -3.19
N GLU A 2 8.46 -27.24 -2.17
CA GLU A 2 7.42 -26.23 -2.32
C GLU A 2 8.03 -24.89 -2.73
N LYS A 3 7.20 -24.03 -3.30
CA LYS A 3 7.59 -22.71 -3.76
C LYS A 3 7.50 -21.76 -2.55
N ALA A 4 6.37 -21.09 -2.33
CA ALA A 4 6.14 -20.17 -1.21
C ALA A 4 4.71 -20.30 -0.70
N LEU A 5 4.52 -21.16 0.28
CA LEU A 5 3.27 -21.45 0.97
C LEU A 5 3.60 -21.97 2.37
N LYS A 6 2.61 -22.04 3.27
CA LYS A 6 2.66 -22.47 4.67
C LYS A 6 3.82 -21.89 5.49
N ILE A 7 4.33 -20.74 5.07
CA ILE A 7 5.45 -20.05 5.69
C ILE A 7 5.20 -18.54 5.75
N ASP A 8 4.69 -17.95 4.67
CA ASP A 8 4.38 -16.53 4.56
C ASP A 8 2.97 -16.34 5.10
N THR A 9 2.78 -15.54 6.13
CA THR A 9 1.49 -15.24 6.78
C THR A 9 1.16 -13.77 6.57
N PRO A 10 -0.11 -13.37 6.75
CA PRO A 10 -0.52 -11.99 6.63
C PRO A 10 -0.18 -11.26 7.93
N GLN A 11 0.05 -9.95 7.84
CA GLN A 11 0.36 -9.12 8.98
C GLN A 11 -0.52 -7.88 8.86
N GLN A 12 -1.31 -7.59 9.89
CA GLN A 12 -2.22 -6.45 9.92
C GLN A 12 -1.83 -5.58 11.12
N GLY A 13 -1.73 -4.26 10.94
CA GLY A 13 -1.38 -3.35 12.01
C GLY A 13 -1.58 -1.90 11.55
N SER A 14 -0.64 -0.96 11.72
CA SER A 14 -0.90 0.41 11.28
C SER A 14 0.36 1.22 10.96
N ILE A 15 0.21 2.51 10.70
CA ILE A 15 1.30 3.43 10.37
C ILE A 15 1.08 4.74 11.15
N GLN A 16 -0.01 4.88 11.91
CA GLN A 16 -0.30 6.09 12.67
C GLN A 16 0.84 6.45 13.64
N ASP A 17 1.41 5.45 14.30
CA ASP A 17 2.49 5.56 15.28
C ASP A 17 3.71 6.35 14.83
N ILE A 18 3.89 6.51 13.53
CA ILE A 18 5.01 7.22 12.95
C ILE A 18 4.99 8.70 13.30
N ASN A 19 3.92 9.42 12.95
CA ASN A 19 3.83 10.86 13.23
C ASN A 19 2.42 11.23 13.69
N HIS A 20 1.69 10.27 14.24
CA HIS A 20 0.32 10.39 14.72
C HIS A 20 -0.58 10.73 13.52
N ARG A 21 -0.32 10.10 12.37
CA ARG A 21 -1.07 10.30 11.11
C ARG A 21 -1.91 9.05 10.81
N VAL A 22 -3.12 8.95 11.37
CA VAL A 22 -3.97 7.79 11.11
C VAL A 22 -4.60 8.01 9.74
N TRP A 23 -4.99 6.96 9.03
CA TRP A 23 -5.62 7.06 7.72
C TRP A 23 -7.11 6.76 7.89
N VAL A 24 -7.96 7.41 7.11
CA VAL A 24 -9.41 7.23 7.15
C VAL A 24 -9.92 7.30 5.72
N LEU A 25 -10.78 6.36 5.31
CA LEU A 25 -11.32 6.41 3.95
C LEU A 25 -12.36 7.56 4.01
N GLN A 26 -12.25 8.60 3.18
CA GLN A 26 -13.19 9.71 3.15
C GLN A 26 -13.57 9.92 1.68
N ASP A 27 -14.85 9.80 1.31
CA ASP A 27 -15.39 9.95 -0.04
C ASP A 27 -14.42 9.53 -1.15
N GLN A 28 -14.18 8.21 -1.16
CA GLN A 28 -13.31 7.52 -2.11
C GLN A 28 -11.84 7.96 -2.14
N THR A 29 -11.32 8.65 -1.11
CA THR A 29 -9.93 9.10 -1.01
C THR A 29 -9.41 8.86 0.41
N LEU A 30 -8.27 8.18 0.58
CA LEU A 30 -7.77 7.98 1.94
C LEU A 30 -7.13 9.29 2.37
N ILE A 31 -7.40 9.72 3.59
CA ILE A 31 -6.86 10.94 4.17
C ILE A 31 -6.18 10.68 5.51
N ALA A 32 -5.12 11.44 5.77
CA ALA A 32 -4.38 11.37 7.01
C ALA A 32 -5.11 12.29 7.99
N VAL A 33 -5.47 11.81 9.18
CA VAL A 33 -6.18 12.60 10.20
C VAL A 33 -5.16 13.00 11.28
N PRO A 34 -4.47 14.15 11.16
CA PRO A 34 -3.50 14.55 12.16
C PRO A 34 -4.13 14.91 13.51
N ARG A 35 -5.10 15.84 13.53
CA ARG A 35 -5.77 16.29 14.74
C ARG A 35 -7.16 16.84 14.47
N LYS A 36 -8.21 16.02 14.60
CA LYS A 36 -9.60 16.42 14.41
C LYS A 36 -10.46 15.45 15.19
N ASP A 37 -11.69 15.86 15.46
CA ASP A 37 -12.67 15.08 16.21
C ASP A 37 -13.15 13.86 15.42
N ARG A 38 -13.26 14.00 14.09
CA ARG A 38 -13.70 12.93 13.20
C ARG A 38 -12.54 11.99 12.88
N MET A 39 -11.94 11.40 13.90
CA MET A 39 -10.86 10.44 13.77
C MET A 39 -11.56 9.08 13.68
N SER A 40 -10.87 8.10 13.11
CA SER A 40 -11.34 6.74 12.90
C SER A 40 -10.09 5.88 12.77
N PRO A 41 -9.76 5.01 13.73
CA PRO A 41 -8.60 4.16 13.60
C PRO A 41 -8.89 3.14 12.50
N VAL A 42 -7.83 2.74 11.78
CA VAL A 42 -7.92 1.76 10.71
C VAL A 42 -6.70 0.85 10.85
N THR A 43 -6.79 -0.35 10.29
CA THR A 43 -5.73 -1.33 10.30
C THR A 43 -5.19 -1.39 8.84
N ILE A 44 -3.96 -1.83 8.64
CA ILE A 44 -3.24 -1.96 7.37
C ILE A 44 -2.81 -3.42 7.27
N ALA A 45 -3.37 -4.17 6.34
CA ALA A 45 -3.04 -5.57 6.12
C ALA A 45 -1.96 -5.66 5.05
N LEU A 46 -0.98 -6.53 5.23
CA LEU A 46 0.13 -6.74 4.29
C LEU A 46 0.38 -8.22 4.16
N ILE A 47 0.44 -8.68 2.91
CA ILE A 47 0.71 -10.07 2.55
C ILE A 47 1.61 -10.07 1.32
N SER A 48 2.62 -10.91 1.38
CA SER A 48 3.58 -11.07 0.30
C SER A 48 2.86 -11.69 -0.90
N CYS A 49 3.42 -11.52 -2.11
CA CYS A 49 2.77 -12.06 -3.30
C CYS A 49 2.79 -13.58 -3.34
N ARG A 50 1.66 -14.18 -3.72
CA ARG A 50 1.56 -15.63 -3.82
C ARG A 50 1.96 -16.14 -5.19
N HIS A 51 1.75 -15.39 -6.26
CA HIS A 51 2.09 -15.86 -7.60
C HIS A 51 3.08 -14.91 -8.28
N VAL A 52 4.31 -14.90 -7.78
CA VAL A 52 5.38 -14.05 -8.33
C VAL A 52 5.98 -14.68 -9.59
N GLU A 53 5.62 -15.94 -9.88
CA GLU A 53 6.07 -16.72 -11.00
C GLU A 53 5.85 -16.06 -12.37
N THR A 54 4.78 -15.28 -12.53
CA THR A 54 4.46 -14.61 -13.78
C THR A 54 4.79 -13.10 -13.68
N LEU A 55 5.47 -12.68 -12.62
CA LEU A 55 5.86 -11.29 -12.39
C LEU A 55 7.37 -11.13 -12.50
N GLU A 56 7.78 -9.87 -12.55
CA GLU A 56 9.16 -9.40 -12.62
C GLU A 56 9.72 -9.39 -11.20
N LYS A 57 11.05 -9.41 -11.09
CA LYS A 57 11.79 -9.37 -9.84
C LYS A 57 12.94 -8.35 -9.91
N ASP A 58 13.44 -8.02 -11.10
CA ASP A 58 14.53 -7.08 -11.38
C ASP A 58 14.26 -5.69 -10.84
N ARG A 59 12.99 -5.33 -10.71
CA ARG A 59 12.52 -4.04 -10.24
C ARG A 59 12.18 -3.99 -8.75
N GLY A 60 12.32 -5.11 -8.04
CA GLY A 60 12.02 -5.29 -6.63
C GLY A 60 11.03 -6.43 -6.52
N ASN A 61 10.90 -7.01 -5.32
CA ASN A 61 9.96 -8.11 -5.11
C ASN A 61 8.55 -7.54 -4.93
N PRO A 62 7.55 -7.95 -5.73
CA PRO A 62 6.17 -7.44 -5.61
C PRO A 62 5.47 -8.06 -4.41
N ILE A 63 4.50 -7.36 -3.82
CA ILE A 63 3.68 -7.77 -2.67
C ILE A 63 2.25 -7.17 -2.81
N TYR A 64 1.41 -7.38 -1.79
CA TYR A 64 0.02 -6.96 -1.64
C TYR A 64 -0.15 -6.20 -0.30
N LEU A 65 -0.99 -5.16 -0.24
CA LEU A 65 -1.25 -4.38 0.98
C LEU A 65 -2.63 -3.72 0.88
N GLY A 66 -3.32 -3.53 2.00
CA GLY A 66 -4.65 -2.94 2.01
C GLY A 66 -5.06 -2.45 3.39
N LEU A 67 -6.33 -2.09 3.57
CA LEU A 67 -6.89 -1.61 4.83
C LEU A 67 -7.73 -2.75 5.40
N ASN A 68 -7.82 -2.83 6.72
CA ASN A 68 -8.60 -3.85 7.40
C ASN A 68 -9.65 -3.08 8.19
N GLY A 69 -10.89 -3.03 7.69
CA GLY A 69 -11.99 -2.31 8.33
C GLY A 69 -13.30 -2.32 7.53
N LEU A 70 -13.25 -2.34 6.19
CA LEU A 70 -14.47 -2.33 5.35
C LEU A 70 -14.27 -3.04 3.99
N ASN A 71 -13.26 -3.92 3.86
CA ASN A 71 -12.96 -4.67 2.63
C ASN A 71 -12.51 -3.64 1.57
N LEU A 72 -11.36 -3.01 1.83
CA LEU A 72 -10.78 -1.98 0.97
C LEU A 72 -9.27 -2.06 0.94
N CYS A 73 -8.65 -2.02 -0.24
CA CYS A 73 -7.19 -2.07 -0.39
C CYS A 73 -6.76 -1.15 -1.53
N LEU A 74 -5.45 -1.03 -1.71
CA LEU A 74 -4.79 -0.19 -2.70
C LEU A 74 -5.24 -0.49 -4.12
N MET A 75 -5.06 0.49 -5.01
CA MET A 75 -5.43 0.33 -6.41
C MET A 75 -4.79 1.46 -7.22
N CYS A 76 -4.48 1.24 -8.50
CA CYS A 76 -3.86 2.22 -9.39
C CYS A 76 -4.72 2.47 -10.63
N ALA A 77 -5.30 3.66 -10.80
CA ALA A 77 -6.11 4.01 -11.97
C ALA A 77 -5.64 5.37 -12.50
N LYS A 78 -5.63 5.57 -13.81
CA LYS A 78 -5.19 6.80 -14.47
C LYS A 78 -6.39 7.70 -14.70
N VAL A 79 -6.32 8.93 -14.18
CA VAL A 79 -7.41 9.91 -14.33
C VAL A 79 -7.60 10.43 -15.76
N GLY A 80 -6.72 10.05 -16.69
CA GLY A 80 -6.75 10.49 -18.09
C GLY A 80 -5.56 11.42 -18.36
N ASP A 81 -4.57 11.38 -17.48
CA ASP A 81 -3.36 12.18 -17.50
C ASP A 81 -2.25 11.38 -16.81
N GLN A 82 -2.46 11.06 -15.53
CA GLN A 82 -1.52 10.34 -14.68
C GLN A 82 -2.23 9.35 -13.74
N PRO A 83 -1.51 8.36 -13.18
CA PRO A 83 -2.07 7.37 -12.27
C PRO A 83 -2.34 8.01 -10.90
N THR A 84 -3.33 7.46 -10.19
CA THR A 84 -3.77 7.88 -8.87
C THR A 84 -4.23 6.66 -8.06
N LEU A 85 -4.31 6.80 -6.73
CA LEU A 85 -4.73 5.75 -5.79
C LEU A 85 -6.25 5.60 -5.78
N GLN A 86 -6.78 4.37 -5.70
CA GLN A 86 -8.25 4.12 -5.70
C GLN A 86 -8.61 3.07 -4.64
N LEU A 87 -8.44 3.39 -3.36
CA LEU A 87 -8.71 2.52 -2.24
C LEU A 87 -10.11 2.72 -1.77
N LYS A 88 -10.89 1.65 -1.84
CA LYS A 88 -12.28 1.67 -1.40
C LYS A 88 -13.00 0.32 -1.57
N GLU A 89 -12.62 -0.48 -2.54
CA GLU A 89 -13.21 -1.77 -2.86
C GLU A 89 -12.09 -2.67 -3.36
N LYS A 90 -11.58 -3.59 -2.54
CA LYS A 90 -10.51 -4.51 -2.93
C LYS A 90 -10.14 -5.39 -1.74
N ASP A 91 -9.49 -6.50 -2.03
CA ASP A 91 -9.05 -7.46 -1.05
C ASP A 91 -7.62 -7.87 -1.34
N ILE A 92 -6.89 -8.28 -0.30
CA ILE A 92 -5.50 -8.75 -0.38
C ILE A 92 -5.50 -10.28 -0.25
N MET A 93 -6.34 -10.83 0.61
CA MET A 93 -6.40 -12.26 0.85
C MET A 93 -6.86 -13.00 -0.41
N ASP A 94 -7.73 -12.41 -1.23
CA ASP A 94 -8.19 -13.08 -2.46
C ASP A 94 -7.03 -13.24 -3.45
N LEU A 95 -6.18 -12.20 -3.59
CA LEU A 95 -5.02 -12.25 -4.49
C LEU A 95 -4.04 -13.32 -3.97
N TYR A 96 -3.99 -13.50 -2.65
CA TYR A 96 -3.15 -14.49 -2.00
C TYR A 96 -3.79 -15.88 -2.12
N ASN A 97 -5.11 -15.96 -2.18
CA ASN A 97 -5.84 -17.21 -2.27
C ASN A 97 -5.82 -17.82 -3.68
N GLN A 98 -5.81 -17.01 -4.73
CA GLN A 98 -5.83 -17.50 -6.12
C GLN A 98 -4.67 -16.93 -6.95
N PRO A 99 -4.38 -17.44 -8.16
CA PRO A 99 -3.31 -16.93 -9.01
C PRO A 99 -3.77 -15.67 -9.74
N GLU A 100 -3.98 -14.57 -9.01
CA GLU A 100 -4.40 -13.30 -9.61
C GLU A 100 -3.39 -12.20 -9.28
N PRO A 101 -2.20 -12.22 -9.91
CA PRO A 101 -1.18 -11.21 -9.73
C PRO A 101 -1.55 -9.97 -10.58
N VAL A 102 -2.66 -9.30 -10.23
CA VAL A 102 -3.17 -8.13 -10.92
C VAL A 102 -2.24 -6.96 -10.64
N LYS A 103 -1.31 -6.66 -11.54
CA LYS A 103 -0.32 -5.59 -11.42
C LYS A 103 -0.94 -4.26 -10.98
N SER A 104 -2.20 -4.03 -11.37
CA SER A 104 -2.97 -2.85 -11.04
C SER A 104 -3.23 -2.67 -9.53
N PHE A 105 -3.02 -3.72 -8.72
CA PHE A 105 -3.21 -3.74 -7.27
C PHE A 105 -1.94 -4.22 -6.54
N LEU A 106 -0.88 -4.63 -7.26
CA LEU A 106 0.38 -5.14 -6.71
C LEU A 106 1.39 -4.02 -6.62
N PHE A 107 2.33 -4.12 -5.66
CA PHE A 107 3.35 -3.09 -5.46
C PHE A 107 4.75 -3.66 -5.16
N TYR A 108 5.82 -3.17 -5.83
CA TYR A 108 7.19 -3.64 -5.56
C TYR A 108 7.67 -2.96 -4.28
N HIS A 109 8.34 -3.72 -3.40
CA HIS A 109 8.89 -3.16 -2.16
C HIS A 109 10.22 -2.45 -2.48
N SER A 110 10.69 -1.59 -1.58
CA SER A 110 11.94 -0.85 -1.66
C SER A 110 12.26 -0.38 -0.24
N GLN A 111 13.39 0.29 -0.07
CA GLN A 111 13.88 0.80 1.20
C GLN A 111 14.83 1.95 0.94
N SER A 112 15.00 2.79 1.95
CA SER A 112 15.84 3.98 1.93
C SER A 112 16.97 3.99 2.95
N GLY A 113 17.16 2.94 3.75
CA GLY A 113 18.23 2.87 4.76
C GLY A 113 17.66 2.43 6.10
N ARG A 114 16.58 3.09 6.53
CA ARG A 114 15.90 2.76 7.78
C ARG A 114 14.37 2.76 7.61
N ASN A 115 13.86 3.07 6.42
CA ASN A 115 12.44 3.11 6.11
C ASN A 115 12.18 2.30 4.84
N SER A 116 10.91 2.02 4.50
CA SER A 116 10.51 1.23 3.34
C SER A 116 9.44 1.93 2.51
N THR A 117 9.44 1.71 1.19
CA THR A 117 8.54 2.29 0.18
C THR A 117 7.78 1.22 -0.59
N PHE A 118 6.83 1.64 -1.44
CA PHE A 118 6.02 0.76 -2.27
C PHE A 118 5.75 1.52 -3.56
N GLU A 119 6.03 0.85 -4.67
CA GLU A 119 5.86 1.34 -6.02
C GLU A 119 4.76 0.49 -6.66
N SER A 120 3.92 1.10 -7.48
CA SER A 120 2.81 0.48 -8.22
C SER A 120 3.34 -0.42 -9.36
N VAL A 121 2.99 -1.72 -9.43
CA VAL A 121 3.51 -2.62 -10.49
C VAL A 121 2.97 -2.26 -11.88
N ALA A 122 1.67 -2.00 -11.99
CA ALA A 122 1.05 -1.64 -13.28
C ALA A 122 1.53 -0.30 -13.84
N PHE A 123 2.00 0.61 -12.98
CA PHE A 123 2.49 1.94 -13.31
C PHE A 123 3.74 2.18 -12.46
N PRO A 124 4.89 1.60 -12.84
CA PRO A 124 6.13 1.76 -12.10
C PRO A 124 6.66 3.18 -12.13
N GLY A 125 7.63 3.48 -11.25
CA GLY A 125 8.25 4.77 -11.11
C GLY A 125 7.45 5.68 -10.18
N TRP A 126 6.21 5.32 -9.85
CA TRP A 126 5.30 6.05 -8.97
C TRP A 126 5.18 5.33 -7.63
N PHE A 127 5.54 6.00 -6.54
CA PHE A 127 5.46 5.44 -5.19
C PHE A 127 4.26 6.01 -4.45
N ILE A 128 3.65 5.22 -3.55
CA ILE A 128 2.51 5.70 -2.78
C ILE A 128 2.97 6.59 -1.63
N ALA A 129 2.22 7.68 -1.39
CA ALA A 129 2.52 8.57 -0.30
C ALA A 129 1.75 8.12 0.95
N VAL A 130 2.32 8.43 2.11
CA VAL A 130 1.82 8.12 3.44
C VAL A 130 1.26 9.38 4.12
N SER A 131 1.63 10.56 3.60
CA SER A 131 1.22 11.87 4.08
C SER A 131 1.55 12.09 5.54
N SER A 132 2.79 12.46 5.81
CA SER A 132 3.22 12.70 7.18
C SER A 132 3.51 14.18 7.45
N GLU A 133 3.54 15.00 6.40
CA GLU A 133 3.81 16.44 6.46
C GLU A 133 2.85 17.14 7.43
N GLY A 134 1.56 17.06 7.14
CA GLY A 134 0.50 17.64 7.93
C GLY A 134 -0.62 16.62 7.95
N GLY A 135 -1.49 16.60 6.94
CA GLY A 135 -2.60 15.65 6.88
C GLY A 135 -3.20 15.65 5.47
N CYS A 136 -2.38 15.31 4.47
CA CYS A 136 -2.81 15.29 3.07
C CYS A 136 -3.35 13.91 2.65
N PRO A 137 -4.08 13.82 1.53
CA PRO A 137 -4.59 12.55 1.07
C PRO A 137 -3.45 11.68 0.55
N LEU A 138 -3.73 10.40 0.45
CA LEU A 138 -2.79 9.39 0.00
C LEU A 138 -2.90 9.34 -1.52
N ILE A 139 -1.86 9.74 -2.20
CA ILE A 139 -1.76 9.79 -3.66
C ILE A 139 -0.39 9.28 -4.08
N LEU A 140 -0.23 8.99 -5.38
CA LEU A 140 1.03 8.53 -5.90
C LEU A 140 1.89 9.76 -6.17
N THR A 141 3.19 9.56 -6.18
CA THR A 141 4.16 10.59 -6.46
C THR A 141 5.21 9.94 -7.33
N GLN A 142 5.90 10.77 -8.10
CA GLN A 142 6.91 10.32 -9.02
C GLN A 142 8.24 10.53 -8.33
N GLU A 143 8.38 11.72 -7.76
CA GLU A 143 9.52 12.16 -7.05
C GLU A 143 9.05 13.31 -6.19
N LEU A 144 9.62 13.32 -5.01
CA LEU A 144 9.43 14.23 -3.90
C LEU A 144 10.73 14.32 -3.11
N GLY A 145 10.68 15.17 -2.10
CA GLY A 145 11.75 15.44 -1.17
C GLY A 145 11.19 16.13 0.07
N LYS A 146 10.13 16.94 -0.08
CA LYS A 146 9.49 17.68 1.01
C LYS A 146 7.97 17.82 0.87
N ALA A 147 7.31 17.21 -0.12
CA ALA A 147 5.86 17.36 -0.28
C ALA A 147 5.04 16.29 0.44
N ASN A 148 5.65 15.13 0.71
CA ASN A 148 4.98 14.04 1.39
C ASN A 148 6.06 13.13 1.96
N THR A 149 5.68 11.90 2.28
CA THR A 149 6.55 10.87 2.85
C THR A 149 6.07 9.60 2.18
N THR A 150 6.88 8.98 1.35
CA THR A 150 6.59 7.75 0.63
C THR A 150 7.23 6.56 1.33
N ASP A 151 8.34 6.80 2.04
CA ASP A 151 9.08 5.77 2.74
C ASP A 151 8.98 6.00 4.23
N PHE A 152 8.50 4.98 4.93
CA PHE A 152 8.36 4.99 6.37
C PHE A 152 8.29 3.56 6.91
N GLY A 153 7.96 3.37 8.19
CA GLY A 153 7.84 2.06 8.81
C GLY A 153 6.38 1.60 8.72
N LEU A 154 6.07 0.39 9.18
CA LEU A 154 4.74 -0.21 9.16
C LEU A 154 4.61 -1.01 10.46
N THR A 155 3.76 -0.58 11.39
CA THR A 155 3.50 -1.25 12.66
C THR A 155 2.57 -2.46 12.35
N MET A 156 2.88 -3.26 11.33
CA MET A 156 2.10 -4.42 10.92
C MET A 156 2.36 -5.52 11.96
N LEU A 157 1.30 -5.98 12.61
CA LEU A 157 1.38 -7.00 13.66
C LEU A 157 1.01 -8.35 13.08
N PHE A 158 1.46 -9.42 13.70
CA PHE A 158 1.21 -10.80 13.30
C PHE A 158 0.98 -11.63 14.54
#